data_7PBI
#
_entry.id   7PBI
#
_cell.length_a   67.586
_cell.length_b   228.209
_cell.length_c   300.824
_cell.angle_alpha   90.000
_cell.angle_beta   90.000
_cell.angle_gamma   90.000
#
_symmetry.space_group_name_H-M   'P 21 21 21'
#
loop_
_entity.id
_entity.type
_entity.pdbx_description
1 polymer 'FAD-binding oxidoreductase'
2 non-polymer 'FLAVIN-ADENINE DINUCLEOTIDE'
3 non-polymer ISOEUGENOL
#
_entity_poly.entity_id   1
_entity_poly.type   'polypeptide(L)'
_entity_poly.pdbx_seq_one_letter_code
;MNFRTLPDGVSAEQFANAISEFSETIGSEYVRVDEATVSEYDDKFPVTDGDEFKGSAVIWPGSTEDVQVIVRIANKYGIP
LHAFSGGRNLGYGGSSPMLTGTVLLHLGKRMNRVLEINEKLAYAVVEPGVDYKTLYEAVRDSGAKLMIDPAELDWGSVMG
NTMEHGVGYTPYADHSMWRCGMEVVLADGEVLRTGMGGLPGSEAWHLYPGQLGPSIEGLFEQSNFGICTRMGMQLMPTPP
EMLSFAIYFENEDDLPAIMETTLPLRIGMAPLQAAPIVRNVTFDAACVSKREEWQTEPGPLTDEAKQRMVDELGIGHWIV
YGTCYGPRWQIDKYIEMIRDAYLQIPGARFETNETLPLREGDRASELLNARHELNTGVPNRHSAAVFDWFPNAGHFFYAP
VSAPSGEDAAKQYEDTKRISDDHGIDYLAQFIIGLREMHHICLPLYDTADPASRKETLDMTRELIRAGAEEGYGIYRAHN
VLADQVAETYSFNNHIQRRSHERIKDALDPNGILNPGKSGIWPERLRNK
;
_entity_poly.pdbx_strand_id   A,B,C,D,E,F,G,H
#
loop_
_chem_comp.id
_chem_comp.type
_chem_comp.name
_chem_comp.formula
FAD non-polymer 'FLAVIN-ADENINE DINUCLEOTIDE' 'C27 H33 N9 O15 P2'
H7Y non-polymer ISOEUGENOL 'C10 H12 O2'
#
# COMPACT_ATOMS: atom_id res chain seq x y z
N THR A 5 22.33 13.45 -81.22
CA THR A 5 20.91 13.23 -80.72
C THR A 5 20.27 14.59 -80.46
N LEU A 6 18.96 14.65 -80.23
CA LEU A 6 18.21 15.95 -80.18
C LEU A 6 16.94 15.82 -79.37
N PRO A 7 16.63 16.81 -78.50
CA PRO A 7 15.49 16.69 -77.59
C PRO A 7 14.18 16.73 -78.38
N ASP A 8 13.30 15.78 -78.12
CA ASP A 8 12.02 15.60 -78.84
C ASP A 8 11.24 16.92 -78.77
N GLY A 9 10.75 17.40 -79.91
CA GLY A 9 9.99 18.67 -80.01
C GLY A 9 10.89 19.87 -80.24
N VAL A 10 12.20 19.68 -80.40
CA VAL A 10 13.15 20.79 -80.69
C VAL A 10 13.83 20.52 -82.04
N SER A 11 13.80 21.51 -82.94
CA SER A 11 14.45 21.42 -84.27
C SER A 11 15.94 21.71 -84.13
N ALA A 12 16.74 21.38 -85.14
CA ALA A 12 18.21 21.49 -85.12
C ALA A 12 18.58 22.97 -85.15
N GLU A 13 17.71 23.83 -85.69
CA GLU A 13 17.99 25.28 -85.83
C GLU A 13 17.67 25.94 -84.49
N GLN A 14 16.57 25.52 -83.86
CA GLN A 14 16.16 25.95 -82.50
C GLN A 14 17.26 25.53 -81.53
N PHE A 15 17.74 24.29 -81.63
CA PHE A 15 18.85 23.74 -80.82
C PHE A 15 20.14 24.52 -81.11
N ALA A 16 20.44 24.80 -82.37
CA ALA A 16 21.69 25.50 -82.78
C ALA A 16 21.72 26.92 -82.21
N ASN A 17 20.56 27.60 -82.18
CA ASN A 17 20.45 29.02 -81.70
C ASN A 17 20.72 29.08 -80.19
N ALA A 18 20.15 28.14 -79.44
CA ALA A 18 20.40 27.98 -77.98
C ALA A 18 21.90 27.76 -77.77
N ILE A 19 22.50 26.82 -78.51
CA ILE A 19 23.95 26.50 -78.40
C ILE A 19 24.78 27.77 -78.69
N SER A 20 24.44 28.56 -79.70
CA SER A 20 25.27 29.74 -80.05
C SER A 20 25.14 30.76 -78.92
N GLU A 21 23.95 30.87 -78.29
CA GLU A 21 23.71 31.80 -77.15
C GLU A 21 24.41 31.28 -75.90
N PHE A 22 24.44 29.95 -75.67
CA PHE A 22 25.26 29.32 -74.61
C PHE A 22 26.73 29.66 -74.83
N SER A 23 27.16 29.62 -76.09
CA SER A 23 28.56 29.90 -76.47
C SER A 23 28.86 31.39 -76.34
N GLU A 24 27.90 32.31 -76.53
CA GLU A 24 28.33 33.71 -76.27
C GLU A 24 28.14 34.13 -74.82
N THR A 25 27.45 33.38 -73.98
CA THR A 25 27.31 33.84 -72.59
C THR A 25 28.46 33.24 -71.77
N ILE A 26 28.87 31.99 -72.02
CA ILE A 26 29.87 31.29 -71.16
C ILE A 26 31.23 31.22 -71.85
N GLY A 27 31.25 31.18 -73.19
CA GLY A 27 32.45 30.94 -74.01
C GLY A 27 32.40 29.56 -74.63
N SER A 28 32.69 29.44 -75.93
CA SER A 28 32.48 28.15 -76.66
C SER A 28 33.40 27.04 -76.12
N GLU A 29 34.48 27.38 -75.40
CA GLU A 29 35.42 26.36 -74.85
C GLU A 29 34.73 25.60 -73.72
N TYR A 30 33.64 26.14 -73.16
CA TYR A 30 32.87 25.55 -72.02
C TYR A 30 31.55 24.95 -72.50
N VAL A 31 31.24 25.03 -73.79
CA VAL A 31 29.97 24.49 -74.33
C VAL A 31 30.33 23.45 -75.39
N ARG A 32 30.12 22.18 -75.07
CA ARG A 32 30.67 21.02 -75.80
C ARG A 32 29.58 20.26 -76.52
N VAL A 33 29.72 20.13 -77.83
CA VAL A 33 28.81 19.33 -78.70
C VAL A 33 29.61 18.22 -79.38
N ASP A 34 30.95 18.23 -79.31
CA ASP A 34 31.81 17.16 -79.89
C ASP A 34 31.46 15.84 -79.22
N GLU A 35 31.21 14.79 -80.01
CA GLU A 35 30.79 13.45 -79.52
C GLU A 35 31.71 12.99 -78.38
N ALA A 36 33.05 13.09 -78.53
CA ALA A 36 34.04 12.61 -77.54
C ALA A 36 33.73 13.11 -76.12
N THR A 37 33.53 14.42 -75.98
CA THR A 37 33.25 15.08 -74.68
C THR A 37 31.87 14.67 -74.17
N VAL A 38 30.86 14.62 -75.04
CA VAL A 38 29.46 14.34 -74.64
C VAL A 38 29.33 12.84 -74.32
N SER A 39 30.07 11.98 -75.02
CA SER A 39 30.07 10.51 -74.81
C SER A 39 30.34 10.21 -73.34
N GLU A 40 31.25 10.97 -72.72
CA GLU A 40 31.74 10.70 -71.35
C GLU A 40 30.63 10.90 -70.31
N TYR A 41 29.56 11.62 -70.66
CA TYR A 41 28.43 11.88 -69.75
C TYR A 41 27.29 10.89 -69.96
N ASP A 42 27.49 9.90 -70.82
CA ASP A 42 26.53 8.78 -70.98
C ASP A 42 26.64 7.91 -69.74
N ASP A 43 25.58 7.17 -69.43
CA ASP A 43 25.53 6.23 -68.28
C ASP A 43 26.66 5.22 -68.45
N LYS A 44 27.66 5.23 -67.55
CA LYS A 44 28.79 4.25 -67.51
C LYS A 44 28.24 2.83 -67.32
N PHE A 45 27.19 2.67 -66.52
CA PHE A 45 26.50 1.39 -66.26
C PHE A 45 25.13 1.44 -66.93
N PRO A 46 25.06 1.32 -68.26
CA PRO A 46 23.78 1.25 -68.94
C PRO A 46 23.18 -0.14 -68.70
N VAL A 47 21.87 -0.23 -68.86
CA VAL A 47 21.07 -1.48 -68.86
C VAL A 47 20.14 -1.46 -70.09
N THR A 48 20.24 -0.43 -70.91
CA THR A 48 19.53 -0.33 -72.21
C THR A 48 20.59 -0.23 -73.32
N ASP A 49 20.17 -0.36 -74.58
CA ASP A 49 21.08 -0.63 -75.73
C ASP A 49 21.04 0.48 -76.79
N GLY A 50 20.03 1.35 -76.83
CA GLY A 50 19.89 2.31 -77.95
C GLY A 50 20.21 3.75 -77.58
N ASP A 51 19.29 4.67 -77.92
CA ASP A 51 19.46 6.14 -77.74
C ASP A 51 18.72 6.62 -76.49
N GLU A 52 18.33 5.72 -75.59
CA GLU A 52 17.74 6.12 -74.28
C GLU A 52 18.83 6.79 -73.44
N PHE A 53 18.50 7.94 -72.85
CA PHE A 53 19.29 8.60 -71.78
C PHE A 53 20.60 9.16 -72.30
N LYS A 54 20.56 9.78 -73.47
CA LYS A 54 21.76 10.34 -74.13
C LYS A 54 21.66 11.85 -74.12
N GLY A 55 22.67 12.51 -73.58
CA GLY A 55 22.82 13.98 -73.66
C GLY A 55 23.22 14.43 -75.06
N SER A 56 22.77 15.62 -75.45
CA SER A 56 23.07 16.26 -76.76
C SER A 56 24.30 17.16 -76.65
N ALA A 57 24.58 17.66 -75.46
CA ALA A 57 25.72 18.56 -75.19
C ALA A 57 25.95 18.65 -73.68
N VAL A 58 27.12 19.13 -73.27
CA VAL A 58 27.43 19.35 -71.83
C VAL A 58 28.08 20.72 -71.69
N ILE A 59 27.74 21.44 -70.62
CA ILE A 59 28.24 22.82 -70.35
C ILE A 59 29.00 22.79 -69.01
N TRP A 60 30.14 23.50 -68.92
CA TRP A 60 30.93 23.61 -67.68
C TRP A 60 30.87 25.04 -67.14
N PRO A 61 29.78 25.45 -66.47
CA PRO A 61 29.68 26.79 -65.92
C PRO A 61 30.72 26.98 -64.82
N GLY A 62 31.16 28.22 -64.61
CA GLY A 62 32.23 28.57 -63.67
C GLY A 62 31.73 29.41 -62.51
N SER A 63 30.45 29.76 -62.47
CA SER A 63 29.90 30.65 -61.41
C SER A 63 28.38 30.48 -61.33
N THR A 64 27.77 31.08 -60.32
CA THR A 64 26.29 31.10 -60.15
C THR A 64 25.69 31.96 -61.26
N GLU A 65 26.35 33.04 -61.69
CA GLU A 65 25.85 33.90 -62.81
C GLU A 65 25.77 33.06 -64.08
N ASP A 66 26.82 32.29 -64.40
CA ASP A 66 26.83 31.35 -65.56
C ASP A 66 25.59 30.46 -65.50
N VAL A 67 25.31 29.84 -64.36
CA VAL A 67 24.17 28.87 -64.25
C VAL A 67 22.88 29.63 -64.58
N GLN A 68 22.74 30.86 -64.09
CA GLN A 68 21.51 31.67 -64.27
C GLN A 68 21.28 31.89 -65.75
N VAL A 69 22.34 32.29 -66.46
CA VAL A 69 22.27 32.64 -67.90
C VAL A 69 21.83 31.38 -68.66
N ILE A 70 22.50 30.25 -68.44
CA ILE A 70 22.20 28.96 -69.12
C ILE A 70 20.73 28.65 -68.91
N VAL A 71 20.26 28.77 -67.67
CA VAL A 71 18.86 28.41 -67.33
C VAL A 71 17.91 29.31 -68.11
N ARG A 72 18.24 30.60 -68.22
CA ARG A 72 17.38 31.60 -68.90
C ARG A 72 17.31 31.23 -70.37
N ILE A 73 18.44 30.89 -70.97
CA ILE A 73 18.50 30.54 -72.42
C ILE A 73 17.69 29.26 -72.63
N ALA A 74 17.73 28.32 -71.69
CA ALA A 74 17.00 27.03 -71.78
C ALA A 74 15.49 27.29 -71.73
N ASN A 75 15.04 28.20 -70.88
CA ASN A 75 13.62 28.62 -70.85
C ASN A 75 13.24 29.23 -72.20
N LYS A 76 14.06 30.17 -72.67
CA LYS A 76 13.83 30.92 -73.93
C LYS A 76 13.54 29.95 -75.07
N TYR A 77 14.39 28.92 -75.24
CA TYR A 77 14.30 27.93 -76.34
C TYR A 77 13.67 26.59 -75.91
N GLY A 78 13.20 26.47 -74.67
CA GLY A 78 12.49 25.27 -74.20
C GLY A 78 13.34 24.02 -74.34
N ILE A 79 14.63 24.12 -74.00
CA ILE A 79 15.63 23.02 -74.09
C ILE A 79 15.75 22.36 -72.72
N PRO A 80 15.37 21.08 -72.54
CA PRO A 80 15.49 20.44 -71.24
C PRO A 80 16.96 20.43 -70.76
N LEU A 81 17.19 20.71 -69.48
CA LEU A 81 18.53 20.67 -68.81
C LEU A 81 18.59 19.52 -67.81
N HIS A 82 19.79 19.01 -67.54
CA HIS A 82 20.10 18.12 -66.39
C HIS A 82 21.41 18.55 -65.75
N ALA A 83 21.32 19.13 -64.56
CA ALA A 83 22.47 19.64 -63.76
C ALA A 83 22.89 18.57 -62.75
N PHE A 84 24.19 18.48 -62.51
CA PHE A 84 24.78 17.58 -61.49
C PHE A 84 26.14 18.14 -61.07
N SER A 85 26.60 17.68 -59.91
CA SER A 85 27.85 18.14 -59.26
C SER A 85 29.03 17.27 -59.73
N GLY A 86 29.05 15.98 -59.38
CA GLY A 86 30.12 15.04 -59.81
C GLY A 86 29.81 14.35 -61.13
N GLY A 87 28.56 13.90 -61.34
CA GLY A 87 28.16 13.09 -62.50
C GLY A 87 28.54 11.63 -62.35
N ARG A 88 28.78 11.17 -61.12
CA ARG A 88 29.32 9.81 -60.85
C ARG A 88 28.29 9.02 -60.02
N ASN A 89 27.00 9.17 -60.38
CA ASN A 89 25.83 8.51 -59.73
C ASN A 89 25.66 7.09 -60.26
N LEU A 90 26.73 6.30 -60.17
CA LEU A 90 26.81 4.90 -60.64
C LEU A 90 25.81 4.03 -59.87
N GLY A 91 25.08 3.20 -60.60
CA GLY A 91 24.01 2.37 -60.06
C GLY A 91 22.66 3.02 -60.31
N TYR A 92 22.63 4.35 -60.50
CA TYR A 92 21.37 5.11 -60.66
C TYR A 92 21.33 5.89 -61.98
N GLY A 93 22.33 5.73 -62.85
CA GLY A 93 22.34 6.37 -64.18
C GLY A 93 23.46 7.38 -64.34
N GLY A 94 24.29 7.52 -63.30
CA GLY A 94 25.54 8.31 -63.36
C GLY A 94 25.23 9.76 -63.68
N SER A 95 25.66 10.21 -64.85
CA SER A 95 25.44 11.60 -65.33
C SER A 95 24.41 11.63 -66.45
N SER A 96 23.74 10.51 -66.78
CA SER A 96 22.81 10.41 -67.93
C SER A 96 21.50 11.14 -67.61
N PRO A 97 20.92 11.90 -68.57
CA PRO A 97 19.65 12.57 -68.34
C PRO A 97 18.47 11.61 -68.49
N MET A 98 17.29 12.09 -68.11
CA MET A 98 16.05 11.29 -68.19
C MET A 98 15.59 11.25 -69.65
N LEU A 99 15.63 12.40 -70.35
CA LEU A 99 15.20 12.51 -71.76
C LEU A 99 16.43 12.55 -72.66
N THR A 100 16.34 11.88 -73.80
CA THR A 100 17.31 11.98 -74.92
C THR A 100 17.36 13.42 -75.44
N GLY A 101 18.57 13.95 -75.63
CA GLY A 101 18.79 15.27 -76.23
C GLY A 101 18.93 16.37 -75.19
N THR A 102 18.66 16.04 -73.92
CA THR A 102 18.79 16.98 -72.77
C THR A 102 20.19 17.59 -72.81
N VAL A 103 20.28 18.88 -72.50
CA VAL A 103 21.57 19.59 -72.31
C VAL A 103 21.99 19.34 -70.86
N LEU A 104 23.24 18.91 -70.67
CA LEU A 104 23.83 18.52 -69.38
C LEU A 104 24.64 19.69 -68.83
N LEU A 105 24.56 19.94 -67.52
CA LEU A 105 25.43 20.91 -66.82
C LEU A 105 26.29 20.17 -65.80
N HIS A 106 27.58 19.99 -66.07
CA HIS A 106 28.58 19.46 -65.11
C HIS A 106 29.17 20.66 -64.38
N LEU A 107 28.57 20.96 -63.22
CA LEU A 107 28.95 22.11 -62.36
C LEU A 107 30.32 21.82 -61.73
N GLY A 108 30.58 20.56 -61.40
CA GLY A 108 31.79 20.17 -60.64
C GLY A 108 33.09 20.44 -61.37
N LYS A 109 33.07 20.48 -62.70
CA LYS A 109 34.29 20.60 -63.53
C LYS A 109 35.05 21.85 -63.09
N ARG A 110 34.40 23.02 -62.98
CA ARG A 110 35.10 24.29 -62.65
C ARG A 110 34.68 24.80 -61.28
N MET A 111 33.40 24.71 -60.92
CA MET A 111 32.88 25.19 -59.61
C MET A 111 33.13 24.10 -58.55
N ASN A 112 34.34 24.05 -58.01
CA ASN A 112 34.82 22.90 -57.21
C ASN A 112 35.68 23.36 -56.01
N ARG A 113 35.34 24.50 -55.40
CA ARG A 113 36.12 25.08 -54.28
C ARG A 113 35.48 24.72 -52.93
N VAL A 114 36.31 24.41 -51.93
CA VAL A 114 35.91 24.37 -50.50
C VAL A 114 35.95 25.83 -50.05
N LEU A 115 34.80 26.44 -49.80
CA LEU A 115 34.67 27.91 -49.56
C LEU A 115 35.01 28.25 -48.12
N GLU A 116 34.61 27.42 -47.16
CA GLU A 116 34.76 27.73 -45.72
C GLU A 116 34.96 26.41 -44.99
N ILE A 117 35.87 26.39 -44.02
CA ILE A 117 35.89 25.36 -42.96
C ILE A 117 35.87 26.13 -41.65
N ASN A 118 34.82 25.94 -40.84
CA ASN A 118 34.64 26.66 -39.56
C ASN A 118 34.84 25.67 -38.42
N GLU A 119 35.94 25.80 -37.69
CA GLU A 119 36.24 24.81 -36.63
C GLU A 119 35.32 25.04 -35.43
N LYS A 120 35.23 26.27 -34.93
CA LYS A 120 34.45 26.61 -33.71
C LYS A 120 33.04 26.02 -33.82
N LEU A 121 32.38 26.20 -34.98
CA LEU A 121 30.96 25.82 -35.20
C LEU A 121 30.83 24.57 -36.09
N ALA A 122 31.93 23.93 -36.45
CA ALA A 122 31.97 22.53 -36.94
C ALA A 122 31.06 22.35 -38.16
N TYR A 123 31.36 23.03 -39.27
CA TYR A 123 30.67 22.89 -40.58
C TYR A 123 31.61 23.41 -41.66
N ALA A 124 31.35 23.03 -42.91
CA ALA A 124 32.06 23.56 -44.08
C ALA A 124 31.03 23.96 -45.13
N VAL A 125 31.45 24.83 -46.04
CA VAL A 125 30.64 25.26 -47.21
C VAL A 125 31.40 24.82 -48.45
N VAL A 126 30.74 24.08 -49.33
CA VAL A 126 31.36 23.44 -50.53
C VAL A 126 30.59 23.84 -51.78
N GLU A 127 31.30 23.86 -52.89
CA GLU A 127 30.73 23.99 -54.25
C GLU A 127 30.49 22.58 -54.79
N PRO A 128 29.75 22.45 -55.89
CA PRO A 128 29.40 21.13 -56.41
C PRO A 128 30.58 20.15 -56.59
N GLY A 129 31.74 20.65 -57.02
CA GLY A 129 32.86 19.77 -57.42
C GLY A 129 33.67 19.21 -56.27
N VAL A 130 33.53 19.74 -55.06
CA VAL A 130 34.27 19.18 -53.89
C VAL A 130 33.77 17.75 -53.68
N ASP A 131 34.66 16.78 -53.79
CA ASP A 131 34.37 15.36 -53.52
C ASP A 131 34.95 14.99 -52.15
N TYR A 132 34.64 13.81 -51.64
CA TYR A 132 35.02 13.38 -50.27
C TYR A 132 36.53 13.50 -50.12
N LYS A 133 37.32 13.09 -51.13
CA LYS A 133 38.80 13.14 -51.03
C LYS A 133 39.22 14.59 -50.75
N THR A 134 38.76 15.54 -51.57
CA THR A 134 39.19 16.96 -51.47
C THR A 134 38.79 17.53 -50.11
N LEU A 135 37.58 17.27 -49.65
CA LEU A 135 37.10 17.88 -48.39
C LEU A 135 37.91 17.27 -47.25
N TYR A 136 38.10 15.96 -47.28
CA TYR A 136 38.95 15.24 -46.29
C TYR A 136 40.30 15.94 -46.22
N GLU A 137 40.92 16.18 -47.37
CA GLU A 137 42.28 16.78 -47.45
C GLU A 137 42.24 18.23 -46.99
N ALA A 138 41.18 18.97 -47.31
CA ALA A 138 41.03 20.40 -46.96
C ALA A 138 40.86 20.58 -45.45
N VAL A 139 40.09 19.70 -44.79
CA VAL A 139 39.93 19.70 -43.31
C VAL A 139 41.30 19.42 -42.68
N ARG A 140 41.94 18.33 -43.11
CA ARG A 140 43.24 17.85 -42.56
C ARG A 140 44.26 18.98 -42.64
N ASP A 141 44.32 19.69 -43.78
CA ASP A 141 45.25 20.84 -44.00
C ASP A 141 44.86 22.04 -43.11
N SER A 142 43.58 22.20 -42.78
CA SER A 142 43.08 23.34 -41.95
C SER A 142 43.49 23.14 -40.48
N GLY A 143 43.72 21.90 -40.04
CA GLY A 143 44.08 21.57 -38.65
C GLY A 143 42.85 21.43 -37.76
N ALA A 144 41.66 21.72 -38.30
CA ALA A 144 40.35 21.58 -37.59
C ALA A 144 40.17 20.12 -37.13
N LYS A 145 39.82 19.90 -35.87
CA LYS A 145 39.53 18.56 -35.31
C LYS A 145 38.10 18.16 -35.71
N LEU A 146 37.85 18.05 -37.01
CA LEU A 146 36.54 17.66 -37.61
C LEU A 146 36.74 16.48 -38.54
N MET A 147 35.71 15.64 -38.69
CA MET A 147 35.72 14.51 -39.64
C MET A 147 34.55 14.65 -40.61
N ILE A 148 34.74 14.17 -41.85
CA ILE A 148 33.67 14.13 -42.88
C ILE A 148 32.88 12.84 -42.69
N ASP A 149 31.78 12.69 -43.43
CA ASP A 149 31.03 11.41 -43.53
C ASP A 149 30.94 11.02 -45.00
N PRO A 150 31.88 10.18 -45.49
CA PRO A 150 31.91 9.81 -46.90
C PRO A 150 31.04 8.59 -47.20
N ALA A 151 30.67 8.44 -48.46
CA ALA A 151 30.14 7.19 -49.05
C ALA A 151 31.31 6.33 -49.52
N GLU A 152 31.02 5.12 -50.02
CA GLU A 152 32.01 4.04 -50.17
C GLU A 152 33.07 4.43 -51.21
N LEU A 153 32.77 5.37 -52.09
CA LEU A 153 33.70 5.79 -53.19
C LEU A 153 34.05 7.28 -53.05
N ASP A 154 35.32 7.55 -52.77
CA ASP A 154 35.82 8.89 -52.39
C ASP A 154 35.67 9.93 -53.53
N TRP A 155 35.26 9.54 -54.74
CA TRP A 155 35.08 10.48 -55.88
C TRP A 155 33.69 11.11 -55.84
N GLY A 156 32.81 10.65 -54.96
CA GLY A 156 31.44 11.20 -54.82
C GLY A 156 31.46 12.67 -54.41
N SER A 157 30.58 13.47 -54.99
CA SER A 157 30.36 14.90 -54.65
C SER A 157 29.73 14.97 -53.27
N VAL A 158 30.25 15.82 -52.38
CA VAL A 158 29.64 16.04 -51.03
C VAL A 158 28.25 16.64 -51.24
N MET A 159 28.11 17.53 -52.21
CA MET A 159 26.80 18.15 -52.50
C MET A 159 25.91 17.15 -53.26
N GLY A 160 26.42 16.54 -54.33
CA GLY A 160 25.60 15.71 -55.23
C GLY A 160 25.00 14.54 -54.50
N ASN A 161 25.79 13.89 -53.64
CA ASN A 161 25.40 12.66 -52.89
C ASN A 161 24.26 13.03 -51.96
N THR A 162 24.35 14.20 -51.35
CA THR A 162 23.30 14.78 -50.49
C THR A 162 22.00 14.87 -51.29
N MET A 163 22.04 15.50 -52.46
CA MET A 163 20.87 15.72 -53.36
C MET A 163 20.12 14.40 -53.60
N GLU A 164 20.78 13.24 -53.53
CA GLU A 164 20.18 11.91 -53.81
C GLU A 164 19.68 11.26 -52.51
N HIS A 165 19.79 11.92 -51.37
CA HIS A 165 19.42 11.31 -50.06
C HIS A 165 20.43 10.18 -49.80
N GLY A 166 21.66 10.38 -50.23
CA GLY A 166 22.76 9.41 -50.06
C GLY A 166 23.26 9.40 -48.63
N VAL A 167 23.92 8.31 -48.22
CA VAL A 167 24.27 8.09 -46.79
C VAL A 167 25.71 7.57 -46.73
N GLY A 168 26.40 7.89 -45.63
CA GLY A 168 27.70 7.30 -45.25
C GLY A 168 27.54 6.33 -44.11
N TYR A 169 28.50 6.30 -43.18
CA TYR A 169 28.66 5.18 -42.19
C TYR A 169 29.09 5.64 -40.80
N THR A 170 29.35 6.93 -40.55
CA THR A 170 29.61 7.47 -39.18
C THR A 170 28.27 7.82 -38.56
N PRO A 171 28.23 8.28 -37.28
CA PRO A 171 27.00 8.84 -36.72
C PRO A 171 26.37 9.93 -37.59
N TYR A 172 27.14 10.62 -38.43
CA TYR A 172 26.64 11.69 -39.34
C TYR A 172 26.17 11.09 -40.67
N ALA A 173 25.85 9.78 -40.69
CA ALA A 173 25.63 9.00 -41.93
C ALA A 173 24.54 9.64 -42.81
N ASP A 174 23.50 10.21 -42.21
CA ASP A 174 22.35 10.78 -42.95
C ASP A 174 22.76 12.17 -43.44
N HIS A 175 23.32 12.27 -44.64
CA HIS A 175 23.91 13.53 -45.18
C HIS A 175 22.85 14.61 -45.30
N SER A 176 21.59 14.27 -45.60
CA SER A 176 20.51 15.28 -45.79
C SER A 176 20.27 15.98 -44.44
N MET A 177 20.41 15.25 -43.34
CA MET A 177 20.20 15.80 -41.97
C MET A 177 21.26 16.87 -41.66
N TRP A 178 22.49 16.72 -42.16
CA TRP A 178 23.62 17.64 -41.80
C TRP A 178 23.91 18.69 -42.87
N ARG A 179 23.37 18.56 -44.08
CA ARG A 179 23.42 19.71 -45.03
C ARG A 179 22.60 20.82 -44.39
N CYS A 180 23.01 22.07 -44.54
CA CYS A 180 22.31 23.21 -43.91
C CYS A 180 22.74 24.51 -44.62
N GLY A 181 21.84 25.07 -45.41
CA GLY A 181 22.10 26.31 -46.15
C GLY A 181 22.57 25.97 -47.53
N MET A 182 21.69 26.15 -48.51
CA MET A 182 21.94 25.92 -49.95
C MET A 182 21.78 27.26 -50.66
N GLU A 183 22.62 27.52 -51.67
CA GLU A 183 22.34 28.58 -52.68
C GLU A 183 21.85 27.87 -53.93
N VAL A 184 20.60 28.14 -54.31
CA VAL A 184 19.91 27.40 -55.41
C VAL A 184 19.49 28.38 -56.50
N VAL A 185 19.81 28.05 -57.75
CA VAL A 185 19.28 28.75 -58.95
C VAL A 185 17.97 28.06 -59.30
N LEU A 186 16.86 28.79 -59.20
CA LEU A 186 15.51 28.25 -59.45
C LEU A 186 15.31 28.16 -60.95
N ALA A 187 14.31 27.39 -61.38
CA ALA A 187 14.07 27.01 -62.79
C ALA A 187 13.88 28.23 -63.70
N ASP A 188 13.63 29.43 -63.15
CA ASP A 188 13.43 30.68 -63.94
C ASP A 188 14.67 31.58 -63.86
N GLY A 189 15.81 31.05 -63.39
CA GLY A 189 17.11 31.74 -63.40
C GLY A 189 17.35 32.62 -62.19
N GLU A 190 16.40 32.71 -61.26
CA GLU A 190 16.56 33.54 -60.03
C GLU A 190 17.32 32.75 -58.96
N VAL A 191 18.11 33.45 -58.16
CA VAL A 191 18.90 32.84 -57.06
C VAL A 191 18.03 32.87 -55.81
N LEU A 192 17.94 31.73 -55.12
CA LEU A 192 17.33 31.61 -53.78
C LEU A 192 18.41 31.21 -52.79
N ARG A 193 18.37 31.79 -51.60
CA ARG A 193 19.15 31.30 -50.44
C ARG A 193 18.19 30.73 -49.40
N THR A 194 18.33 29.45 -49.11
CA THR A 194 17.45 28.73 -48.15
C THR A 194 17.75 29.17 -46.72
N GLY A 195 16.79 28.97 -45.84
CA GLY A 195 16.94 29.15 -44.39
C GLY A 195 17.31 30.58 -44.04
N MET A 196 18.24 30.74 -43.09
CA MET A 196 18.64 32.06 -42.55
C MET A 196 19.51 32.82 -43.57
N GLY A 197 19.88 32.19 -44.67
CA GLY A 197 20.57 32.85 -45.79
C GLY A 197 19.68 33.88 -46.44
N GLY A 198 18.36 33.71 -46.33
CA GLY A 198 17.40 34.72 -46.80
C GLY A 198 17.49 36.02 -46.03
N LEU A 199 18.23 36.04 -44.91
CA LEU A 199 18.34 37.24 -44.02
C LEU A 199 19.68 37.92 -44.26
N PRO A 200 19.69 39.16 -44.77
CA PRO A 200 20.93 39.90 -44.94
C PRO A 200 21.70 39.98 -43.62
N GLY A 201 22.95 39.54 -43.63
CA GLY A 201 23.88 39.77 -42.52
C GLY A 201 23.86 38.65 -41.50
N SER A 202 22.97 37.66 -41.66
CA SER A 202 22.83 36.54 -40.69
C SER A 202 23.99 35.56 -40.84
N GLU A 203 24.56 35.16 -39.70
CA GLU A 203 25.63 34.14 -39.62
C GLU A 203 25.06 32.76 -39.30
N ALA A 204 23.75 32.55 -39.41
CA ALA A 204 23.13 31.24 -39.08
C ALA A 204 22.82 30.40 -40.32
N TRP A 205 23.17 30.88 -41.52
CA TRP A 205 22.82 30.21 -42.82
C TRP A 205 23.16 28.72 -42.75
N HIS A 206 24.30 28.34 -42.18
CA HIS A 206 24.79 26.93 -42.15
C HIS A 206 24.64 26.37 -40.72
N LEU A 207 23.89 27.05 -39.86
CA LEU A 207 23.74 26.71 -38.41
C LEU A 207 22.34 26.14 -38.15
N TYR A 208 21.29 26.84 -38.61
CA TYR A 208 19.86 26.50 -38.30
C TYR A 208 19.07 26.28 -39.60
N PRO A 209 18.62 25.02 -39.87
CA PRO A 209 17.77 24.73 -41.02
C PRO A 209 16.32 25.19 -40.83
N GLY A 210 16.10 26.50 -40.84
CA GLY A 210 14.79 27.08 -40.53
C GLY A 210 14.78 28.56 -40.80
N GLN A 211 13.59 29.13 -40.72
CA GLN A 211 13.22 30.52 -41.14
C GLN A 211 11.73 30.66 -40.93
N LEU A 212 11.21 31.87 -41.04
CA LEU A 212 9.76 32.02 -40.88
C LEU A 212 9.07 31.24 -42.00
N GLY A 213 8.11 30.42 -41.62
CA GLY A 213 7.36 29.58 -42.57
C GLY A 213 8.12 28.30 -42.87
N PRO A 214 7.76 27.57 -43.94
CA PRO A 214 8.23 26.21 -44.14
C PRO A 214 9.62 26.17 -44.77
N SER A 215 10.41 25.16 -44.41
CA SER A 215 11.72 24.86 -45.06
C SER A 215 11.42 24.18 -46.39
N ILE A 216 12.17 24.55 -47.42
CA ILE A 216 12.04 23.94 -48.78
C ILE A 216 13.35 23.26 -49.19
N GLU A 217 14.36 23.19 -48.31
CA GLU A 217 15.65 22.53 -48.61
C GLU A 217 15.39 21.09 -49.03
N GLY A 218 14.49 20.42 -48.31
CA GLY A 218 14.10 19.02 -48.57
C GLY A 218 13.44 18.86 -49.92
N LEU A 219 12.87 19.93 -50.47
CA LEU A 219 12.20 19.89 -51.79
C LEU A 219 13.23 19.61 -52.91
N PHE A 220 14.51 19.95 -52.69
CA PHE A 220 15.57 19.81 -53.73
C PHE A 220 16.24 18.43 -53.65
N GLU A 221 15.49 17.39 -53.26
CA GLU A 221 16.11 16.04 -53.16
C GLU A 221 15.37 15.04 -54.04
N GLN A 222 16.17 14.31 -54.82
CA GLN A 222 15.70 13.40 -55.88
C GLN A 222 14.60 14.13 -56.64
N SER A 223 14.84 15.41 -56.96
CA SER A 223 13.83 16.28 -57.58
C SER A 223 14.47 17.01 -58.76
N ASN A 224 13.68 17.81 -59.47
CA ASN A 224 14.09 18.56 -60.68
C ASN A 224 13.62 20.02 -60.55
N PHE A 225 13.82 20.65 -59.38
CA PHE A 225 13.20 21.97 -59.05
C PHE A 225 14.21 23.11 -59.15
N GLY A 226 15.51 22.79 -59.09
CA GLY A 226 16.55 23.82 -58.94
C GLY A 226 17.94 23.25 -59.09
N ILE A 227 18.90 24.15 -59.23
CA ILE A 227 20.33 23.81 -59.44
C ILE A 227 21.09 24.39 -58.26
N CYS A 228 21.78 23.57 -57.48
CA CYS A 228 22.51 24.02 -56.27
C CYS A 228 23.93 24.40 -56.66
N THR A 229 24.36 25.59 -56.26
CA THR A 229 25.67 26.16 -56.64
C THR A 229 26.55 26.29 -55.42
N ARG A 230 26.02 26.02 -54.23
CA ARG A 230 26.78 26.15 -52.96
C ARG A 230 25.96 25.54 -51.82
N MET A 231 26.60 24.84 -50.91
CA MET A 231 25.86 24.11 -49.87
C MET A 231 26.73 24.00 -48.62
N GLY A 232 26.12 24.22 -47.46
CA GLY A 232 26.72 24.01 -46.14
C GLY A 232 26.52 22.58 -45.66
N MET A 233 27.59 21.96 -45.16
CA MET A 233 27.59 20.59 -44.62
C MET A 233 28.18 20.63 -43.22
N GLN A 234 27.38 20.21 -42.23
CA GLN A 234 27.74 20.13 -40.79
C GLN A 234 28.59 18.87 -40.59
N LEU A 235 29.66 19.01 -39.81
CA LEU A 235 30.72 17.97 -39.62
C LEU A 235 30.81 17.60 -38.14
N MET A 236 30.90 16.30 -37.89
CA MET A 236 31.03 15.74 -36.53
C MET A 236 32.35 16.22 -35.98
N PRO A 237 32.40 16.77 -34.75
CA PRO A 237 33.67 17.02 -34.08
C PRO A 237 34.32 15.67 -33.77
N THR A 238 35.62 15.58 -34.05
CA THR A 238 36.45 14.36 -33.85
C THR A 238 36.44 13.96 -32.37
N PRO A 239 36.01 12.73 -32.05
CA PRO A 239 36.04 12.26 -30.66
C PRO A 239 37.48 11.91 -30.27
N PRO A 240 37.74 11.59 -28.98
CA PRO A 240 39.08 11.23 -28.54
C PRO A 240 39.60 9.92 -29.13
N GLU A 241 38.73 8.91 -29.28
CA GLU A 241 39.14 7.59 -29.81
C GLU A 241 38.03 7.00 -30.67
N MET A 242 38.40 6.06 -31.53
CA MET A 242 37.43 5.33 -32.38
C MET A 242 37.92 3.90 -32.56
N LEU A 243 37.01 2.94 -32.43
CA LEU A 243 37.38 1.52 -32.57
C LEU A 243 36.36 0.80 -33.44
N SER A 244 36.86 0.13 -34.47
CA SER A 244 36.04 -0.66 -35.41
C SER A 244 36.03 -2.11 -34.99
N PHE A 245 34.99 -2.83 -35.39
CA PHE A 245 34.86 -4.28 -35.16
C PHE A 245 34.25 -4.95 -36.40
N ALA A 246 34.52 -6.25 -36.55
CA ALA A 246 33.84 -7.14 -37.49
C ALA A 246 33.25 -8.28 -36.68
N ILE A 247 32.07 -8.77 -37.06
CA ILE A 247 31.45 -9.97 -36.47
C ILE A 247 31.14 -10.92 -37.61
N TYR A 248 31.67 -12.14 -37.53
CA TYR A 248 31.55 -13.21 -38.55
C TYR A 248 30.51 -14.23 -38.08
N PHE A 249 29.51 -14.53 -38.93
CA PHE A 249 28.45 -15.53 -38.68
C PHE A 249 28.58 -16.69 -39.67
N GLU A 250 28.46 -17.93 -39.17
CA GLU A 250 28.76 -19.15 -39.96
C GLU A 250 27.69 -19.44 -41.01
N ASN A 251 26.45 -19.00 -40.81
CA ASN A 251 25.29 -19.59 -41.51
C ASN A 251 24.47 -18.53 -42.22
N GLU A 252 24.06 -18.79 -43.45
CA GLU A 252 23.09 -17.94 -44.18
C GLU A 252 21.87 -17.72 -43.28
N ASP A 253 21.49 -18.72 -42.49
CA ASP A 253 20.26 -18.71 -41.67
C ASP A 253 20.38 -17.76 -40.48
N ASP A 254 21.59 -17.29 -40.17
CA ASP A 254 21.81 -16.33 -39.05
C ASP A 254 21.24 -14.96 -39.39
N LEU A 255 20.75 -14.72 -40.61
CA LEU A 255 20.36 -13.33 -41.03
C LEU A 255 19.29 -12.79 -40.11
N PRO A 256 18.13 -13.47 -39.90
CA PRO A 256 17.11 -12.94 -39.00
C PRO A 256 17.64 -12.61 -37.60
N ALA A 257 18.35 -13.54 -36.96
CA ALA A 257 18.92 -13.37 -35.60
C ALA A 257 19.75 -12.08 -35.56
N ILE A 258 20.57 -11.84 -36.59
CA ILE A 258 21.50 -10.67 -36.64
C ILE A 258 20.65 -9.39 -36.56
N MET A 259 19.52 -9.36 -37.26
CA MET A 259 18.64 -8.17 -37.30
C MET A 259 17.98 -8.00 -35.92
N GLU A 260 17.40 -9.08 -35.39
CA GLU A 260 16.68 -9.08 -34.10
C GLU A 260 17.64 -8.73 -32.97
N THR A 261 18.93 -9.05 -33.08
CA THR A 261 19.94 -8.64 -32.07
C THR A 261 20.18 -7.14 -32.19
N THR A 262 20.27 -6.64 -33.43
CA THR A 262 20.79 -5.28 -33.75
C THR A 262 19.79 -4.20 -33.32
N LEU A 263 18.50 -4.37 -33.59
CA LEU A 263 17.49 -3.30 -33.40
C LEU A 263 17.55 -2.72 -31.98
N PRO A 264 17.48 -3.52 -30.89
CA PRO A 264 17.46 -2.95 -29.54
C PRO A 264 18.82 -2.35 -29.14
N LEU A 265 19.91 -2.69 -29.84
CA LEU A 265 21.27 -2.12 -29.60
C LEU A 265 21.47 -0.83 -30.39
N ARG A 266 20.62 -0.57 -31.40
CA ARG A 266 20.76 0.59 -32.31
C ARG A 266 19.74 1.68 -31.92
N ILE A 267 18.52 1.30 -31.57
CA ILE A 267 17.36 2.24 -31.51
C ILE A 267 17.63 3.35 -30.49
N GLY A 268 18.37 3.06 -29.43
CA GLY A 268 18.68 4.02 -28.35
C GLY A 268 19.95 4.81 -28.61
N MET A 269 20.51 4.70 -29.82
CA MET A 269 21.76 5.40 -30.28
C MET A 269 22.98 4.94 -29.46
N ALA A 270 22.89 3.81 -28.77
CA ALA A 270 23.96 3.24 -27.92
C ALA A 270 23.58 1.81 -27.56
N PRO A 271 24.52 0.84 -27.50
CA PRO A 271 25.94 1.05 -27.78
C PRO A 271 26.35 1.18 -29.26
N LEU A 272 25.41 0.97 -30.19
CA LEU A 272 25.68 1.17 -31.63
C LEU A 272 25.46 2.65 -31.94
N GLN A 273 26.52 3.44 -31.88
CA GLN A 273 26.47 4.92 -32.07
C GLN A 273 26.36 5.26 -33.56
N ALA A 274 26.54 4.28 -34.44
CA ALA A 274 26.41 4.44 -35.90
C ALA A 274 25.69 3.22 -36.44
N ALA A 275 25.01 3.38 -37.57
CA ALA A 275 24.34 2.29 -38.27
C ALA A 275 25.39 1.24 -38.67
N PRO A 276 25.34 0.02 -38.13
CA PRO A 276 26.24 -1.02 -38.56
C PRO A 276 25.72 -1.59 -39.88
N ILE A 277 26.59 -2.18 -40.67
CA ILE A 277 26.22 -2.78 -41.98
C ILE A 277 26.27 -4.30 -41.81
N VAL A 278 25.41 -4.98 -42.55
CA VAL A 278 25.37 -6.47 -42.61
C VAL A 278 25.47 -6.85 -44.08
N ARG A 279 26.64 -7.33 -44.50
CA ARG A 279 26.82 -7.75 -45.90
C ARG A 279 27.06 -9.24 -45.93
N ASN A 280 26.57 -9.88 -46.97
CA ASN A 280 26.79 -11.31 -47.27
C ASN A 280 28.21 -11.45 -47.82
N VAL A 281 28.69 -12.69 -47.82
CA VAL A 281 30.10 -13.04 -48.14
C VAL A 281 30.42 -12.54 -49.55
N THR A 282 29.48 -12.66 -50.50
CA THR A 282 29.71 -12.30 -51.93
C THR A 282 30.17 -10.84 -52.03
N PHE A 283 29.57 -9.96 -51.22
CA PHE A 283 29.93 -8.52 -51.19
C PHE A 283 31.39 -8.37 -50.76
N ASP A 284 31.81 -9.05 -49.68
CA ASP A 284 33.17 -8.89 -49.11
C ASP A 284 34.15 -9.56 -50.08
N ALA A 285 33.85 -10.78 -50.54
CA ALA A 285 34.68 -11.51 -51.51
C ALA A 285 35.09 -10.56 -52.65
N ALA A 286 34.10 -9.90 -53.25
CA ALA A 286 34.25 -9.09 -54.47
C ALA A 286 35.18 -7.89 -54.26
N CYS A 287 35.44 -7.49 -53.00
CA CYS A 287 36.27 -6.29 -52.68
C CYS A 287 37.76 -6.68 -52.55
N VAL A 288 38.10 -7.97 -52.54
CA VAL A 288 39.50 -8.46 -52.30
C VAL A 288 39.88 -9.55 -53.29
N SER A 289 38.97 -9.96 -54.18
CA SER A 289 39.21 -11.11 -55.07
C SER A 289 38.29 -11.08 -56.29
N LYS A 290 38.63 -11.86 -57.30
CA LYS A 290 37.89 -11.93 -58.58
C LYS A 290 36.93 -13.13 -58.53
N ARG A 291 35.90 -13.15 -59.37
CA ARG A 291 34.88 -14.22 -59.32
C ARG A 291 35.55 -15.55 -59.70
N GLU A 292 36.20 -15.56 -60.87
CA GLU A 292 37.01 -16.70 -61.39
C GLU A 292 37.91 -17.30 -60.30
N GLU A 293 38.25 -16.60 -59.21
CA GLU A 293 39.10 -17.18 -58.13
C GLU A 293 38.33 -18.25 -57.35
N TRP A 294 37.01 -18.29 -57.46
CA TRP A 294 36.11 -19.04 -56.53
C TRP A 294 35.22 -20.00 -57.29
N GLN A 295 34.72 -19.57 -58.44
CA GLN A 295 33.97 -20.49 -59.33
C GLN A 295 34.74 -20.61 -60.64
N THR A 296 34.04 -20.76 -61.76
CA THR A 296 34.57 -20.89 -63.14
C THR A 296 33.37 -21.00 -64.11
N GLU A 297 32.37 -21.87 -63.89
CA GLU A 297 31.22 -21.90 -64.83
C GLU A 297 30.52 -20.55 -64.73
N PRO A 298 29.94 -20.03 -65.83
CA PRO A 298 29.32 -18.70 -65.83
C PRO A 298 27.94 -18.63 -65.16
N GLY A 299 27.40 -19.74 -64.65
CA GLY A 299 26.04 -19.76 -64.06
C GLY A 299 25.96 -19.07 -62.70
N PRO A 300 24.80 -19.18 -62.00
CA PRO A 300 24.68 -18.74 -60.61
C PRO A 300 25.79 -19.32 -59.72
N LEU A 301 26.23 -18.53 -58.74
CA LEU A 301 27.21 -18.98 -57.71
C LEU A 301 26.57 -20.07 -56.87
N THR A 302 27.19 -21.24 -56.85
CA THR A 302 26.71 -22.42 -56.09
C THR A 302 26.99 -22.20 -54.60
N ASP A 303 26.35 -23.00 -53.75
CA ASP A 303 26.62 -23.04 -52.29
C ASP A 303 28.07 -23.48 -52.06
N GLU A 304 28.58 -24.46 -52.82
CA GLU A 304 29.98 -24.95 -52.70
C GLU A 304 30.92 -23.75 -52.86
N ALA A 305 30.67 -22.87 -53.82
CA ALA A 305 31.54 -21.72 -54.17
C ALA A 305 31.51 -20.69 -53.04
N LYS A 306 30.31 -20.25 -52.64
CA LYS A 306 30.15 -19.31 -51.50
C LYS A 306 30.91 -19.85 -50.29
N GLN A 307 30.71 -21.13 -49.96
CA GLN A 307 31.38 -21.78 -48.81
C GLN A 307 32.89 -21.59 -48.90
N ARG A 308 33.48 -21.70 -50.10
CA ARG A 308 34.95 -21.53 -50.30
C ARG A 308 35.34 -20.10 -49.93
N MET A 309 34.52 -19.10 -50.25
CA MET A 309 34.82 -17.68 -49.94
C MET A 309 34.89 -17.49 -48.41
N VAL A 310 33.96 -18.11 -47.67
CA VAL A 310 33.87 -18.02 -46.18
C VAL A 310 35.13 -18.62 -45.54
N ASP A 311 35.48 -19.86 -45.95
CA ASP A 311 36.57 -20.66 -45.33
C ASP A 311 37.92 -20.05 -45.68
N GLU A 312 38.16 -19.80 -46.97
CA GLU A 312 39.46 -19.37 -47.54
C GLU A 312 39.82 -17.97 -47.00
N LEU A 313 38.84 -17.05 -46.97
CA LEU A 313 39.05 -15.63 -46.59
C LEU A 313 38.99 -15.51 -45.07
N GLY A 314 38.43 -16.52 -44.41
CA GLY A 314 38.34 -16.58 -42.93
C GLY A 314 37.37 -15.54 -42.43
N ILE A 315 36.22 -15.44 -43.09
CA ILE A 315 35.13 -14.50 -42.70
C ILE A 315 33.87 -15.32 -42.37
N GLY A 316 32.69 -14.78 -42.63
CA GLY A 316 31.40 -15.45 -42.35
C GLY A 316 30.46 -15.36 -43.54
N HIS A 317 29.34 -16.05 -43.47
CA HIS A 317 28.29 -16.01 -44.52
C HIS A 317 27.60 -14.65 -44.49
N TRP A 318 27.51 -14.06 -43.29
CA TRP A 318 27.13 -12.65 -43.07
C TRP A 318 28.24 -12.00 -42.28
N ILE A 319 28.54 -10.74 -42.55
CA ILE A 319 29.57 -9.99 -41.79
C ILE A 319 28.93 -8.68 -41.35
N VAL A 320 29.06 -8.36 -40.06
CA VAL A 320 28.58 -7.09 -39.45
C VAL A 320 29.80 -6.22 -39.27
N TYR A 321 29.76 -4.96 -39.72
CA TYR A 321 30.83 -3.97 -39.42
C TYR A 321 30.23 -2.78 -38.64
N GLY A 322 30.97 -2.30 -37.66
CA GLY A 322 30.55 -1.16 -36.84
C GLY A 322 31.73 -0.47 -36.22
N THR A 323 31.48 0.65 -35.55
CA THR A 323 32.51 1.50 -34.93
C THR A 323 31.92 2.14 -33.68
N CYS A 324 32.70 2.18 -32.60
CA CYS A 324 32.37 2.95 -31.38
C CYS A 324 33.30 4.16 -31.26
N TYR A 325 32.76 5.22 -30.66
CA TYR A 325 33.34 6.58 -30.64
C TYR A 325 33.33 7.08 -29.20
N GLY A 326 34.36 7.84 -28.83
CA GLY A 326 34.46 8.49 -27.52
C GLY A 326 35.73 8.05 -26.81
N PRO A 327 35.75 8.34 -25.46
CA PRO A 327 36.93 7.92 -24.78
C PRO A 327 36.84 6.46 -24.52
N ARG A 328 37.93 5.88 -24.07
CA ARG A 328 37.96 4.46 -23.88
C ARG A 328 36.91 3.93 -22.96
N TRP A 329 36.62 4.62 -21.87
CA TRP A 329 35.69 4.07 -20.91
C TRP A 329 34.41 3.74 -21.61
N GLN A 330 33.94 4.62 -22.45
CA GLN A 330 32.69 4.46 -23.24
C GLN A 330 32.88 3.34 -24.26
N ILE A 331 33.99 3.37 -25.01
CA ILE A 331 34.27 2.39 -26.09
C ILE A 331 34.31 0.99 -25.52
N ASP A 332 35.06 0.76 -24.43
CA ASP A 332 35.17 -0.54 -23.74
C ASP A 332 33.79 -1.02 -23.28
N LYS A 333 33.01 -0.15 -22.64
CA LYS A 333 31.65 -0.54 -22.19
C LYS A 333 30.85 -0.88 -23.46
N TYR A 334 30.85 -0.01 -24.47
CA TYR A 334 30.05 -0.20 -25.69
C TYR A 334 30.53 -1.47 -26.41
N ILE A 335 31.84 -1.59 -26.62
CA ILE A 335 32.41 -2.78 -27.32
C ILE A 335 32.04 -4.05 -26.53
N GLU A 336 32.05 -3.99 -25.20
CA GLU A 336 31.75 -5.19 -24.39
C GLU A 336 30.29 -5.64 -24.60
N MET A 337 29.35 -4.70 -24.67
CA MET A 337 27.90 -4.98 -24.83
C MET A 337 27.64 -5.51 -26.24
N ILE A 338 28.26 -4.90 -27.26
CA ILE A 338 28.13 -5.36 -28.67
C ILE A 338 28.64 -6.80 -28.77
N ARG A 339 29.87 -7.06 -28.30
CA ARG A 339 30.52 -8.41 -28.28
C ARG A 339 29.54 -9.35 -27.58
N ASP A 340 29.10 -8.97 -26.39
CA ASP A 340 28.26 -9.81 -25.50
C ASP A 340 26.98 -10.25 -26.23
N ALA A 341 26.28 -9.31 -26.88
CA ALA A 341 24.96 -9.54 -27.53
C ALA A 341 25.09 -10.46 -28.75
N TYR A 342 26.00 -10.15 -29.67
CA TYR A 342 26.08 -10.82 -30.99
C TYR A 342 26.55 -12.27 -30.81
N LEU A 343 27.50 -12.53 -29.90
CA LEU A 343 28.04 -13.89 -29.67
C LEU A 343 26.99 -14.82 -29.06
N GLN A 344 25.74 -14.41 -28.82
CA GLN A 344 24.68 -15.38 -28.42
C GLN A 344 24.43 -16.31 -29.59
N ILE A 345 24.69 -15.85 -30.82
CA ILE A 345 24.41 -16.61 -32.06
C ILE A 345 25.52 -17.63 -32.22
N PRO A 346 25.20 -18.95 -32.15
CA PRO A 346 26.21 -19.99 -32.20
C PRO A 346 27.13 -19.76 -33.40
N GLY A 347 28.45 -19.82 -33.18
CA GLY A 347 29.46 -19.80 -34.25
C GLY A 347 29.96 -18.40 -34.60
N ALA A 348 29.37 -17.36 -34.00
CA ALA A 348 29.72 -15.95 -34.26
C ALA A 348 31.15 -15.73 -33.78
N ARG A 349 31.88 -14.83 -34.45
CA ARG A 349 33.29 -14.52 -34.14
C ARG A 349 33.46 -12.99 -34.23
N PHE A 350 34.16 -12.42 -33.26
CA PHE A 350 34.28 -10.95 -33.05
C PHE A 350 35.74 -10.54 -33.11
N GLU A 351 36.09 -9.65 -34.03
CA GLU A 351 37.44 -9.05 -34.12
C GLU A 351 37.33 -7.52 -34.03
N THR A 352 38.43 -6.89 -33.68
CA THR A 352 38.60 -5.42 -33.62
C THR A 352 39.72 -5.06 -34.59
N ASN A 353 39.82 -3.81 -35.01
CA ASN A 353 40.92 -3.38 -35.91
C ASN A 353 42.26 -3.38 -35.14
N GLU A 354 42.24 -3.78 -33.86
CA GLU A 354 43.44 -4.01 -33.00
C GLU A 354 43.76 -5.51 -32.93
N THR A 355 42.75 -6.38 -32.87
CA THR A 355 42.93 -7.86 -32.85
C THR A 355 43.13 -8.38 -34.29
N LEU A 356 42.62 -7.64 -35.27
CA LEU A 356 42.77 -7.96 -36.70
C LEU A 356 43.25 -6.69 -37.40
N PRO A 357 44.46 -6.21 -37.07
CA PRO A 357 45.00 -5.01 -37.72
C PRO A 357 45.32 -5.32 -39.18
N LEU A 358 45.67 -4.29 -39.97
CA LEU A 358 46.03 -4.41 -41.40
C LEU A 358 47.40 -5.09 -41.54
N ARG A 359 47.44 -6.31 -42.08
CA ARG A 359 48.69 -7.06 -42.36
C ARG A 359 48.68 -7.54 -43.82
N GLU A 360 49.87 -7.59 -44.41
CA GLU A 360 50.05 -7.82 -45.86
C GLU A 360 49.67 -9.27 -46.19
N GLY A 361 48.76 -9.47 -47.14
CA GLY A 361 48.29 -10.81 -47.55
C GLY A 361 47.06 -11.26 -46.77
N ASP A 362 46.77 -10.62 -45.63
CA ASP A 362 45.55 -10.88 -44.82
C ASP A 362 44.38 -10.08 -45.40
N ARG A 363 43.52 -10.73 -46.19
CA ARG A 363 42.43 -10.05 -46.93
C ARG A 363 41.34 -9.61 -45.94
N ALA A 364 40.99 -10.46 -44.97
CA ALA A 364 39.96 -10.16 -43.95
C ALA A 364 40.34 -8.90 -43.15
N SER A 365 41.64 -8.66 -42.94
CA SER A 365 42.16 -7.44 -42.27
C SER A 365 42.05 -6.24 -43.21
N GLU A 366 42.21 -6.47 -44.52
CA GLU A 366 42.18 -5.41 -45.55
C GLU A 366 40.73 -4.88 -45.64
N LEU A 367 39.71 -5.76 -45.65
CA LEU A 367 38.33 -5.24 -45.80
C LEU A 367 37.74 -4.85 -44.44
N LEU A 368 38.37 -5.20 -43.32
CA LEU A 368 38.02 -4.53 -42.04
C LEU A 368 38.60 -3.12 -42.06
N ASN A 369 39.85 -2.95 -42.47
CA ASN A 369 40.53 -1.62 -42.47
C ASN A 369 39.75 -0.68 -43.37
N ALA A 370 39.14 -1.19 -44.45
CA ALA A 370 38.35 -0.39 -45.40
C ALA A 370 37.15 0.21 -44.65
N ARG A 371 36.42 -0.61 -43.89
CA ARG A 371 35.25 -0.18 -43.08
C ARG A 371 35.68 0.75 -41.95
N HIS A 372 36.77 0.43 -41.26
CA HIS A 372 37.34 1.29 -40.20
C HIS A 372 37.66 2.66 -40.79
N GLU A 373 38.22 2.68 -42.00
CA GLU A 373 38.63 3.92 -42.70
C GLU A 373 37.40 4.80 -42.96
N LEU A 374 36.35 4.25 -43.58
CA LEU A 374 35.11 5.01 -43.91
C LEU A 374 34.46 5.48 -42.61
N ASN A 375 34.40 4.59 -41.61
CA ASN A 375 33.64 4.79 -40.34
C ASN A 375 34.34 5.84 -39.48
N THR A 376 35.61 6.15 -39.72
CA THR A 376 36.35 7.19 -38.98
C THR A 376 36.62 8.40 -39.89
N GLY A 377 35.91 8.51 -41.03
CA GLY A 377 35.87 9.72 -41.85
C GLY A 377 37.05 9.83 -42.80
N VAL A 378 37.66 8.69 -43.14
CA VAL A 378 38.76 8.59 -44.13
C VAL A 378 38.19 7.97 -45.40
N PRO A 379 38.06 8.74 -46.49
CA PRO A 379 37.54 8.21 -47.75
C PRO A 379 38.60 7.37 -48.47
N ASN A 380 38.14 6.36 -49.20
CA ASN A 380 38.96 5.39 -49.98
C ASN A 380 38.12 4.87 -51.15
N ARG A 381 38.74 4.13 -52.06
CA ARG A 381 38.05 3.62 -53.28
C ARG A 381 38.07 2.09 -53.28
N HIS A 382 38.15 1.50 -52.09
CA HIS A 382 38.29 0.04 -51.87
C HIS A 382 37.14 -0.73 -52.52
N SER A 383 35.90 -0.25 -52.40
CA SER A 383 34.71 -0.89 -53.04
C SER A 383 34.83 -0.91 -54.57
N ALA A 384 35.62 -0.02 -55.18
CA ALA A 384 35.80 0.02 -56.65
C ALA A 384 36.34 -1.33 -57.14
N ALA A 385 37.02 -2.10 -56.27
CA ALA A 385 37.54 -3.46 -56.57
C ALA A 385 36.41 -4.37 -57.03
N VAL A 386 35.15 -4.08 -56.69
CA VAL A 386 34.05 -4.97 -57.14
C VAL A 386 33.94 -4.88 -58.67
N PHE A 387 34.36 -3.76 -59.28
CA PHE A 387 34.31 -3.56 -60.74
C PHE A 387 35.24 -4.52 -61.48
N ASP A 388 36.14 -5.20 -60.76
CA ASP A 388 37.05 -6.23 -61.33
C ASP A 388 36.57 -7.66 -61.01
N TRP A 389 35.51 -7.83 -60.22
CA TRP A 389 34.89 -9.16 -59.92
C TRP A 389 34.95 -10.03 -61.18
N PHE A 390 34.50 -9.48 -62.30
CA PHE A 390 34.73 -10.01 -63.67
C PHE A 390 34.91 -8.83 -64.60
N PRO A 391 35.33 -9.04 -65.86
CA PRO A 391 35.42 -7.97 -66.84
C PRO A 391 34.11 -7.18 -67.05
N ASN A 392 34.19 -5.86 -66.84
CA ASN A 392 33.12 -4.88 -67.15
C ASN A 392 32.00 -5.00 -66.11
N ALA A 393 32.31 -5.45 -64.90
CA ALA A 393 31.35 -5.58 -63.79
C ALA A 393 30.87 -4.18 -63.42
N GLY A 394 29.56 -3.99 -63.45
CA GLY A 394 28.87 -2.76 -63.02
C GLY A 394 27.58 -3.13 -62.34
N HIS A 395 26.90 -2.17 -61.74
CA HIS A 395 25.75 -2.47 -60.86
C HIS A 395 24.54 -1.59 -61.17
N PHE A 396 23.44 -1.95 -60.52
CA PHE A 396 22.08 -1.52 -60.89
C PHE A 396 21.17 -1.79 -59.70
N PHE A 397 21.03 -0.76 -58.86
CA PHE A 397 20.57 -0.87 -57.45
C PHE A 397 19.08 -1.13 -57.34
N TYR A 398 18.75 -2.16 -56.56
CA TYR A 398 17.42 -2.42 -55.96
C TYR A 398 17.54 -2.15 -54.45
N ALA A 399 16.97 -1.04 -53.96
CA ALA A 399 17.21 -0.51 -52.59
C ALA A 399 15.90 -0.25 -51.86
N PRO A 400 15.17 -1.31 -51.44
CA PRO A 400 13.93 -1.13 -50.69
C PRO A 400 14.17 -0.77 -49.22
N VAL A 401 13.19 -0.09 -48.62
CA VAL A 401 13.19 0.31 -47.19
C VAL A 401 12.03 -0.41 -46.51
N SER A 402 12.33 -1.01 -45.35
CA SER A 402 11.36 -1.81 -44.56
C SER A 402 11.70 -1.66 -43.08
N ALA A 403 10.78 -2.10 -42.21
CA ALA A 403 10.97 -2.16 -40.75
C ALA A 403 12.07 -3.17 -40.45
N PRO A 404 12.93 -2.91 -39.43
CA PRO A 404 14.03 -3.82 -39.08
C PRO A 404 13.48 -5.03 -38.33
N SER A 405 13.24 -6.12 -39.04
CA SER A 405 12.62 -7.35 -38.48
C SER A 405 13.39 -8.57 -39.01
N GLY A 406 13.64 -9.56 -38.14
CA GLY A 406 14.38 -10.78 -38.48
C GLY A 406 13.92 -11.31 -39.82
N GLU A 407 12.69 -11.84 -39.91
CA GLU A 407 12.27 -12.56 -41.14
C GLU A 407 11.56 -11.57 -42.08
N ASP A 408 11.60 -10.27 -41.78
CA ASP A 408 11.36 -9.20 -42.77
C ASP A 408 12.59 -9.10 -43.70
N ALA A 409 13.79 -9.27 -43.15
CA ALA A 409 15.07 -9.29 -43.89
C ALA A 409 15.24 -10.66 -44.58
N ALA A 410 14.78 -11.74 -43.95
CA ALA A 410 14.99 -13.11 -44.45
C ALA A 410 14.24 -13.31 -45.76
N LYS A 411 13.02 -12.78 -45.90
CA LYS A 411 12.23 -12.96 -47.14
C LYS A 411 12.85 -12.11 -48.24
N GLN A 412 13.33 -10.90 -47.93
CA GLN A 412 13.99 -10.03 -48.94
C GLN A 412 15.24 -10.73 -49.46
N TYR A 413 16.04 -11.34 -48.58
CA TYR A 413 17.23 -12.14 -48.99
C TYR A 413 16.78 -13.37 -49.78
N GLU A 414 15.80 -14.09 -49.23
CA GLU A 414 15.41 -15.44 -49.71
C GLU A 414 14.71 -15.25 -51.06
N ASP A 415 13.89 -14.20 -51.22
CA ASP A 415 13.20 -13.87 -52.50
C ASP A 415 14.17 -13.24 -53.49
N THR A 416 15.14 -12.45 -53.03
CA THR A 416 16.09 -11.73 -53.93
C THR A 416 17.12 -12.73 -54.51
N LYS A 417 17.63 -13.71 -53.76
CA LYS A 417 18.63 -14.67 -54.35
C LYS A 417 17.90 -15.57 -55.38
N ARG A 418 16.68 -16.03 -55.08
CA ARG A 418 15.77 -16.74 -56.03
C ARG A 418 15.75 -16.01 -57.37
N ILE A 419 15.41 -14.72 -57.37
CA ILE A 419 15.06 -13.92 -58.58
C ILE A 419 16.34 -13.57 -59.33
N SER A 420 17.42 -13.25 -58.63
CA SER A 420 18.76 -13.04 -59.22
C SER A 420 19.28 -14.35 -59.82
N ASP A 421 19.06 -15.49 -59.14
CA ASP A 421 19.50 -16.84 -59.59
C ASP A 421 18.77 -17.25 -60.87
N ASP A 422 17.49 -16.90 -61.00
CA ASP A 422 16.64 -17.15 -62.20
C ASP A 422 17.19 -16.44 -63.43
N HIS A 423 17.94 -15.35 -63.25
CA HIS A 423 18.49 -14.52 -64.35
C HIS A 423 20.01 -14.66 -64.42
N GLY A 424 20.58 -15.54 -63.58
CA GLY A 424 22.03 -15.83 -63.54
C GLY A 424 22.86 -14.63 -63.11
N ILE A 425 22.30 -13.73 -62.29
CA ILE A 425 22.96 -12.47 -61.84
C ILE A 425 23.50 -12.64 -60.42
N ASP A 426 24.72 -12.21 -60.18
CA ASP A 426 25.38 -12.29 -58.85
C ASP A 426 24.76 -11.27 -57.90
N TYR A 427 24.42 -11.73 -56.69
CA TYR A 427 23.67 -10.93 -55.71
C TYR A 427 24.58 -10.54 -54.53
N LEU A 428 25.05 -9.30 -54.53
CA LEU A 428 25.77 -8.68 -53.38
C LEU A 428 24.72 -7.97 -52.52
N ALA A 429 24.70 -8.24 -51.21
CA ALA A 429 23.67 -7.78 -50.26
C ALA A 429 24.32 -6.95 -49.16
N GLN A 430 23.77 -5.78 -48.85
CA GLN A 430 24.16 -4.95 -47.69
C GLN A 430 22.88 -4.48 -46.97
N PHE A 431 22.69 -4.88 -45.71
CA PHE A 431 21.60 -4.37 -44.85
C PHE A 431 22.15 -3.26 -43.93
N ILE A 432 21.32 -2.24 -43.67
CA ILE A 432 21.65 -1.17 -42.69
C ILE A 432 20.43 -0.90 -41.81
N ILE A 433 20.56 -1.02 -40.48
CA ILE A 433 19.53 -0.44 -39.58
C ILE A 433 19.93 0.99 -39.28
N GLY A 434 19.16 1.94 -39.80
CA GLY A 434 19.37 3.36 -39.51
C GLY A 434 19.18 3.60 -38.04
N LEU A 435 17.96 3.36 -37.54
CA LEU A 435 17.55 3.58 -36.13
C LEU A 435 16.26 2.81 -35.89
N ARG A 436 15.23 3.11 -36.68
CA ARG A 436 13.92 2.43 -36.65
C ARG A 436 13.60 1.79 -38.00
N GLU A 437 14.44 2.02 -39.02
CA GLU A 437 14.21 1.59 -40.43
C GLU A 437 15.35 0.66 -40.85
N MET A 438 15.09 -0.18 -41.86
CA MET A 438 16.09 -1.10 -42.45
C MET A 438 16.16 -0.85 -43.95
N HIS A 439 17.34 -0.49 -44.45
CA HIS A 439 17.68 -0.43 -45.89
C HIS A 439 18.24 -1.78 -46.37
N HIS A 440 17.58 -2.40 -47.34
CA HIS A 440 18.13 -3.52 -48.13
C HIS A 440 18.76 -2.92 -49.39
N ILE A 441 20.07 -3.06 -49.53
CA ILE A 441 20.77 -2.73 -50.80
C ILE A 441 21.12 -4.04 -51.49
N CYS A 442 20.36 -4.36 -52.54
CA CYS A 442 20.71 -5.40 -53.53
C CYS A 442 21.65 -4.80 -54.59
N LEU A 443 22.90 -5.26 -54.62
CA LEU A 443 23.98 -4.78 -55.52
C LEU A 443 24.26 -5.88 -56.54
N PRO A 444 23.58 -5.91 -57.70
CA PRO A 444 23.79 -6.98 -58.67
C PRO A 444 25.04 -6.65 -59.49
N LEU A 445 25.79 -7.68 -59.84
CA LEU A 445 26.97 -7.53 -60.70
C LEU A 445 26.67 -8.18 -62.04
N TYR A 446 26.70 -7.35 -63.10
CA TYR A 446 26.30 -7.71 -64.47
C TYR A 446 27.32 -7.09 -65.42
N ASP A 447 27.47 -7.72 -66.58
CA ASP A 447 28.45 -7.34 -67.62
C ASP A 447 27.89 -6.17 -68.43
N THR A 448 28.44 -4.97 -68.25
CA THR A 448 27.89 -3.71 -68.79
C THR A 448 28.04 -3.66 -70.30
N ALA A 449 28.95 -4.46 -70.85
CA ALA A 449 29.31 -4.42 -72.28
C ALA A 449 28.48 -5.44 -73.07
N ASP A 450 27.76 -6.35 -72.40
CA ASP A 450 26.98 -7.45 -73.06
C ASP A 450 25.48 -7.15 -72.95
N PRO A 451 24.78 -6.87 -74.07
CA PRO A 451 23.33 -6.63 -74.06
C PRO A 451 22.48 -7.73 -73.40
N ALA A 452 22.93 -8.98 -73.43
CA ALA A 452 22.23 -10.12 -72.80
C ALA A 452 22.14 -9.90 -71.28
N SER A 453 23.25 -9.45 -70.66
CA SER A 453 23.32 -9.13 -69.22
C SER A 453 22.48 -7.89 -68.92
N ARG A 454 22.48 -6.91 -69.81
CA ARG A 454 21.70 -5.67 -69.65
C ARG A 454 20.23 -6.04 -69.51
N LYS A 455 19.65 -6.73 -70.49
CA LYS A 455 18.21 -7.12 -70.47
C LYS A 455 17.95 -8.02 -69.26
N GLU A 456 18.85 -8.95 -68.94
CA GLU A 456 18.65 -9.92 -67.83
C GLU A 456 18.57 -9.14 -66.52
N THR A 457 19.41 -8.11 -66.36
CA THR A 457 19.47 -7.25 -65.15
C THR A 457 18.23 -6.36 -65.07
N LEU A 458 17.76 -5.79 -66.20
CA LEU A 458 16.54 -4.94 -66.20
C LEU A 458 15.32 -5.79 -65.84
N ASP A 459 15.10 -6.90 -66.52
CA ASP A 459 13.97 -7.83 -66.27
C ASP A 459 14.00 -8.26 -64.80
N MET A 460 15.19 -8.59 -64.27
CA MET A 460 15.36 -9.02 -62.85
C MET A 460 14.90 -7.88 -61.93
N THR A 461 15.48 -6.70 -62.07
CA THR A 461 15.20 -5.55 -61.18
C THR A 461 13.71 -5.16 -61.27
N ARG A 462 13.13 -5.18 -62.47
CA ARG A 462 11.68 -4.93 -62.63
C ARG A 462 10.86 -6.00 -61.88
N GLU A 463 11.32 -7.26 -61.80
CA GLU A 463 10.62 -8.34 -61.06
C GLU A 463 10.73 -8.11 -59.56
N LEU A 464 11.91 -7.70 -59.08
CA LEU A 464 12.18 -7.38 -57.65
C LEU A 464 11.26 -6.23 -57.22
N ILE A 465 11.07 -5.24 -58.10
CA ILE A 465 10.22 -4.06 -57.78
C ILE A 465 8.78 -4.52 -57.60
N ARG A 466 8.22 -5.39 -58.47
CA ARG A 466 6.85 -5.97 -58.27
C ARG A 466 6.83 -6.73 -56.94
N ALA A 467 7.90 -7.48 -56.67
CA ALA A 467 8.03 -8.38 -55.48
C ALA A 467 8.04 -7.55 -54.20
N GLY A 468 8.84 -6.48 -54.16
CA GLY A 468 8.92 -5.55 -53.02
C GLY A 468 7.59 -4.84 -52.78
N ALA A 469 7.00 -4.25 -53.81
CA ALA A 469 5.71 -3.52 -53.70
C ALA A 469 4.63 -4.47 -53.21
N GLU A 470 4.67 -5.74 -53.64
CA GLU A 470 3.69 -6.79 -53.28
C GLU A 470 3.79 -7.08 -51.78
N GLU A 471 4.99 -6.99 -51.21
CA GLU A 471 5.28 -7.38 -49.80
C GLU A 471 5.26 -6.12 -48.90
N GLY A 472 4.96 -4.95 -49.46
CA GLY A 472 4.92 -3.66 -48.73
C GLY A 472 6.28 -2.95 -48.63
N TYR A 473 7.27 -3.33 -49.47
CA TYR A 473 8.63 -2.71 -49.47
C TYR A 473 8.72 -1.68 -50.60
N GLY A 474 9.11 -0.46 -50.22
CA GLY A 474 9.18 0.71 -51.11
C GLY A 474 10.62 1.06 -51.38
N ILE A 475 10.93 1.41 -52.63
CA ILE A 475 12.28 1.84 -53.07
C ILE A 475 12.39 3.31 -52.70
N TYR A 476 13.52 3.75 -52.15
CA TYR A 476 13.72 5.17 -51.78
C TYR A 476 14.60 5.85 -52.83
N ARG A 477 15.25 5.09 -53.72
CA ARG A 477 16.19 5.64 -54.73
C ARG A 477 16.28 4.70 -55.93
N ALA A 478 16.25 5.24 -57.15
CA ALA A 478 16.08 4.43 -58.36
C ALA A 478 16.79 5.04 -59.58
N HIS A 479 17.40 4.15 -60.37
CA HIS A 479 17.97 4.45 -61.70
C HIS A 479 16.89 5.13 -62.56
N ASN A 480 17.34 5.93 -63.53
CA ASN A 480 16.49 6.62 -64.52
C ASN A 480 15.45 5.66 -65.10
N VAL A 481 15.86 4.46 -65.51
CA VAL A 481 14.95 3.53 -66.26
C VAL A 481 13.86 3.02 -65.33
N LEU A 482 14.05 3.09 -64.03
CA LEU A 482 13.09 2.52 -63.04
C LEU A 482 12.18 3.60 -62.50
N ALA A 483 12.50 4.88 -62.73
CA ALA A 483 11.76 6.02 -62.14
C ALA A 483 10.25 5.74 -62.17
N ASP A 484 9.65 5.64 -63.35
CA ASP A 484 8.17 5.53 -63.51
C ASP A 484 7.62 4.30 -62.79
N GLN A 485 8.25 3.13 -62.93
CA GLN A 485 7.72 1.90 -62.29
C GLN A 485 7.70 2.12 -60.77
N VAL A 486 8.78 2.68 -60.19
CA VAL A 486 8.90 2.87 -58.71
C VAL A 486 7.90 3.95 -58.29
N ALA A 487 7.93 5.12 -58.92
CA ALA A 487 6.94 6.18 -58.67
C ALA A 487 5.55 5.54 -58.56
N GLU A 488 5.21 4.61 -59.46
CA GLU A 488 3.84 4.02 -59.60
C GLU A 488 3.49 3.15 -58.39
N THR A 489 4.47 2.63 -57.64
CA THR A 489 4.19 1.75 -56.48
C THR A 489 3.67 2.59 -55.32
N TYR A 490 4.00 3.89 -55.26
CA TYR A 490 3.48 4.86 -54.25
C TYR A 490 2.09 5.32 -54.70
N SER A 491 1.14 4.39 -54.61
CA SER A 491 -0.13 4.38 -55.37
C SER A 491 -1.30 4.92 -54.55
N PHE A 492 -1.07 5.31 -53.28
CA PHE A 492 -2.19 5.63 -52.36
C PHE A 492 -3.00 6.77 -52.97
N ASN A 493 -4.33 6.64 -52.96
CA ASN A 493 -5.32 7.66 -53.41
C ASN A 493 -4.91 8.12 -54.81
N ASN A 494 -4.82 7.19 -55.77
CA ASN A 494 -4.50 7.50 -57.20
C ASN A 494 -3.24 8.39 -57.27
N HIS A 495 -2.15 7.89 -56.69
CA HIS A 495 -0.80 8.50 -56.75
C HIS A 495 -0.88 9.97 -56.35
N ILE A 496 -1.54 10.27 -55.23
CA ILE A 496 -1.66 11.67 -54.74
C ILE A 496 -0.25 12.24 -54.51
N GLN A 497 0.73 11.40 -54.15
CA GLN A 497 2.13 11.86 -53.93
C GLN A 497 2.72 12.36 -55.25
N ARG A 498 2.65 11.56 -56.31
CA ARG A 498 3.29 11.95 -57.59
C ARG A 498 2.60 13.22 -58.06
N ARG A 499 1.28 13.31 -57.87
CA ARG A 499 0.48 14.48 -58.30
C ARG A 499 0.80 15.71 -57.44
N SER A 500 1.12 15.53 -56.15
CA SER A 500 1.62 16.61 -55.26
C SER A 500 2.97 17.12 -55.78
N HIS A 501 3.93 16.22 -55.98
CA HIS A 501 5.26 16.52 -56.55
C HIS A 501 5.09 17.31 -57.85
N GLU A 502 4.09 16.95 -58.65
CA GLU A 502 3.87 17.53 -60.00
C GLU A 502 3.33 18.96 -59.84
N ARG A 503 2.42 19.22 -58.91
CA ARG A 503 1.92 20.59 -58.65
C ARG A 503 3.08 21.49 -58.23
N ILE A 504 3.97 20.98 -57.39
CA ILE A 504 5.17 21.74 -56.93
C ILE A 504 6.07 22.01 -58.14
N LYS A 505 6.33 20.96 -58.94
CA LYS A 505 7.10 21.01 -60.21
C LYS A 505 6.57 22.13 -61.11
N ASP A 506 5.26 22.17 -61.35
CA ASP A 506 4.63 23.18 -62.22
C ASP A 506 4.67 24.56 -61.55
N ALA A 507 4.71 24.64 -60.22
CA ALA A 507 4.82 25.93 -59.51
C ALA A 507 6.22 26.53 -59.68
N LEU A 508 7.27 25.70 -59.59
CA LEU A 508 8.70 26.11 -59.56
C LEU A 508 9.30 26.05 -60.96
N ASP A 509 8.75 25.21 -61.84
CA ASP A 509 9.30 25.00 -63.21
C ASP A 509 8.14 25.04 -64.20
N PRO A 510 7.46 26.21 -64.34
CA PRO A 510 6.27 26.29 -65.18
C PRO A 510 6.54 25.84 -66.62
N ASN A 511 7.79 25.93 -67.09
CA ASN A 511 8.18 25.65 -68.50
C ASN A 511 8.70 24.22 -68.68
N GLY A 512 8.86 23.45 -67.61
CA GLY A 512 9.23 22.02 -67.66
C GLY A 512 10.66 21.81 -68.14
N ILE A 513 11.59 22.63 -67.68
CA ILE A 513 13.01 22.68 -68.16
C ILE A 513 13.88 21.68 -67.39
N LEU A 514 13.75 21.53 -66.08
CA LEU A 514 14.73 20.74 -65.30
C LEU A 514 14.40 19.24 -65.37
N ASN A 515 15.34 18.50 -65.97
CA ASN A 515 15.42 17.02 -66.14
C ASN A 515 14.04 16.39 -66.07
N PRO A 516 13.14 16.70 -67.02
CA PRO A 516 11.77 16.20 -66.95
C PRO A 516 11.75 14.69 -66.67
N GLY A 517 10.86 14.28 -65.76
CA GLY A 517 10.59 12.87 -65.42
C GLY A 517 11.38 12.37 -64.23
N LYS A 518 12.32 13.15 -63.69
CA LYS A 518 13.13 12.71 -62.52
C LYS A 518 12.18 12.27 -61.41
N SER A 519 12.39 11.06 -60.87
CA SER A 519 11.63 10.46 -59.74
C SER A 519 10.13 10.35 -60.10
N GLY A 520 9.82 10.27 -61.39
CA GLY A 520 8.43 10.17 -61.89
C GLY A 520 7.67 11.49 -61.82
N ILE A 521 8.37 12.61 -61.63
CA ILE A 521 7.80 13.99 -61.58
C ILE A 521 7.90 14.59 -62.99
N TRP A 522 6.82 14.53 -63.76
CA TRP A 522 6.77 15.05 -65.16
C TRP A 522 6.16 16.44 -65.18
N PRO A 523 6.70 17.39 -65.99
CA PRO A 523 6.14 18.74 -66.07
C PRO A 523 4.76 18.65 -66.73
N GLU A 524 3.98 19.73 -66.69
CA GLU A 524 2.61 19.78 -67.25
C GLU A 524 2.67 19.53 -68.77
N ARG A 525 3.63 20.14 -69.46
CA ARG A 525 3.71 20.07 -70.95
C ARG A 525 4.06 18.65 -71.43
N LEU A 526 4.41 17.70 -70.55
CA LEU A 526 4.80 16.32 -70.96
C LEU A 526 3.73 15.31 -70.50
N ARG A 527 2.53 15.78 -70.15
CA ARG A 527 1.37 14.91 -69.82
C ARG A 527 0.23 15.16 -70.82
N PHE B 3 -24.25 37.21 -37.14
CA PHE B 3 -22.81 36.82 -37.25
C PHE B 3 -21.92 37.90 -36.62
N ARG B 4 -20.94 37.48 -35.81
CA ARG B 4 -20.09 38.39 -34.98
C ARG B 4 -19.10 39.16 -35.87
N THR B 5 -18.59 38.52 -36.91
CA THR B 5 -17.68 39.13 -37.91
C THR B 5 -17.84 38.38 -39.23
N LEU B 6 -17.36 38.96 -40.33
CA LEU B 6 -17.50 38.37 -41.68
C LEU B 6 -16.19 38.46 -42.45
N PRO B 7 -15.82 37.40 -43.20
CA PRO B 7 -14.64 37.45 -44.04
C PRO B 7 -14.92 38.51 -45.10
N ASP B 8 -13.92 39.36 -45.34
CA ASP B 8 -13.97 40.45 -46.36
C ASP B 8 -14.39 39.84 -47.71
N GLY B 9 -15.33 40.47 -48.41
CA GLY B 9 -15.79 40.04 -49.73
C GLY B 9 -16.89 38.99 -49.71
N VAL B 10 -17.27 38.47 -48.53
CA VAL B 10 -18.39 37.50 -48.35
C VAL B 10 -19.54 38.17 -47.60
N SER B 11 -20.72 38.25 -48.20
CA SER B 11 -21.94 38.89 -47.64
C SER B 11 -22.56 37.99 -46.58
N ALA B 12 -23.44 38.55 -45.77
CA ALA B 12 -24.08 37.84 -44.66
C ALA B 12 -24.86 36.64 -45.20
N GLU B 13 -25.49 36.76 -46.38
CA GLU B 13 -26.30 35.64 -46.93
C GLU B 13 -25.37 34.58 -47.51
N GLN B 14 -24.33 35.02 -48.23
CA GLN B 14 -23.30 34.12 -48.82
C GLN B 14 -22.71 33.31 -47.66
N PHE B 15 -22.44 33.95 -46.51
CA PHE B 15 -21.84 33.32 -45.30
C PHE B 15 -22.86 32.37 -44.68
N ALA B 16 -24.12 32.79 -44.57
CA ALA B 16 -25.21 31.99 -43.96
C ALA B 16 -25.44 30.71 -44.78
N ASN B 17 -25.38 30.83 -46.11
CA ASN B 17 -25.58 29.70 -47.04
C ASN B 17 -24.46 28.67 -46.82
N ALA B 18 -23.25 29.13 -46.52
CA ALA B 18 -22.07 28.26 -46.28
C ALA B 18 -22.25 27.54 -44.95
N ILE B 19 -22.78 28.23 -43.94
CA ILE B 19 -22.98 27.65 -42.58
C ILE B 19 -24.03 26.54 -42.65
N SER B 20 -25.06 26.69 -43.50
CA SER B 20 -26.12 25.67 -43.67
C SER B 20 -25.53 24.38 -44.23
N GLU B 21 -24.56 24.50 -45.15
CA GLU B 21 -23.95 23.32 -45.82
C GLU B 21 -23.02 22.60 -44.83
N PHE B 22 -22.22 23.35 -44.06
CA PHE B 22 -21.41 22.78 -42.95
C PHE B 22 -22.32 22.00 -42.01
N SER B 23 -23.48 22.58 -41.68
CA SER B 23 -24.47 21.98 -40.75
C SER B 23 -25.05 20.71 -41.37
N GLU B 24 -25.38 20.75 -42.66
CA GLU B 24 -26.06 19.63 -43.37
C GLU B 24 -25.15 18.40 -43.36
N THR B 25 -23.84 18.59 -43.54
CA THR B 25 -22.86 17.53 -43.87
C THR B 25 -22.11 17.04 -42.63
N ILE B 26 -21.95 17.88 -41.60
CA ILE B 26 -21.23 17.56 -40.34
C ILE B 26 -22.23 17.42 -39.18
N GLY B 27 -23.32 18.19 -39.21
CA GLY B 27 -24.34 18.23 -38.14
C GLY B 27 -24.27 19.58 -37.46
N SER B 28 -25.42 20.23 -37.24
CA SER B 28 -25.51 21.61 -36.72
C SER B 28 -24.85 21.72 -35.33
N GLU B 29 -24.90 20.68 -34.50
CA GLU B 29 -24.34 20.70 -33.13
C GLU B 29 -22.82 20.89 -33.18
N TYR B 30 -22.20 20.72 -34.35
CA TYR B 30 -20.72 20.81 -34.57
C TYR B 30 -20.36 22.07 -35.36
N VAL B 31 -21.34 22.92 -35.63
CA VAL B 31 -21.09 24.20 -36.36
C VAL B 31 -21.70 25.31 -35.52
N ARG B 32 -20.86 26.16 -34.91
CA ARG B 32 -21.26 27.14 -33.89
C ARG B 32 -20.85 28.55 -34.35
N VAL B 33 -21.82 29.47 -34.36
CA VAL B 33 -21.64 30.92 -34.69
C VAL B 33 -22.04 31.79 -33.50
N ASP B 34 -22.49 31.20 -32.40
CA ASP B 34 -22.94 31.97 -31.20
C ASP B 34 -21.73 32.68 -30.59
N GLU B 35 -21.91 33.90 -30.08
CA GLU B 35 -20.81 34.72 -29.50
C GLU B 35 -20.21 34.04 -28.26
N ALA B 36 -21.02 33.44 -27.40
CA ALA B 36 -20.55 32.72 -26.20
C ALA B 36 -19.51 31.66 -26.59
N THR B 37 -19.75 30.87 -27.65
CA THR B 37 -18.83 29.77 -28.05
C THR B 37 -17.64 30.31 -28.84
N VAL B 38 -17.84 31.17 -29.83
CA VAL B 38 -16.70 31.51 -30.74
C VAL B 38 -15.73 32.39 -29.97
N SER B 39 -16.24 33.34 -29.14
CA SER B 39 -15.41 34.28 -28.34
C SER B 39 -14.37 33.49 -27.55
N GLU B 40 -14.75 32.31 -27.06
CA GLU B 40 -13.88 31.28 -26.44
C GLU B 40 -12.58 31.10 -27.25
N TYR B 41 -12.61 31.29 -28.58
CA TYR B 41 -11.51 30.99 -29.52
C TYR B 41 -10.77 32.25 -29.99
N ASP B 42 -11.09 33.43 -29.44
CA ASP B 42 -10.28 34.66 -29.67
C ASP B 42 -8.93 34.52 -28.99
N ASP B 43 -7.94 35.29 -29.46
CA ASP B 43 -6.57 35.27 -28.91
C ASP B 43 -6.72 35.59 -27.42
N LYS B 44 -6.27 34.68 -26.53
CA LYS B 44 -6.31 34.90 -25.07
C LYS B 44 -5.32 36.01 -24.72
N PHE B 45 -4.23 36.15 -25.47
CA PHE B 45 -3.21 37.21 -25.22
C PHE B 45 -3.20 38.18 -26.40
N PRO B 46 -4.29 38.95 -26.63
CA PRO B 46 -4.32 39.88 -27.75
C PRO B 46 -3.32 40.99 -27.50
N VAL B 47 -2.94 41.69 -28.56
CA VAL B 47 -2.09 42.91 -28.48
C VAL B 47 -2.74 44.03 -29.30
N THR B 48 -3.95 43.78 -29.82
CA THR B 48 -4.83 44.74 -30.55
C THR B 48 -6.20 44.80 -29.88
N ASP B 49 -7.03 45.78 -30.25
CA ASP B 49 -8.20 46.21 -29.44
C ASP B 49 -9.54 46.00 -30.15
N GLY B 50 -9.55 45.71 -31.46
CA GLY B 50 -10.79 45.75 -32.26
C GLY B 50 -11.24 44.39 -32.76
N ASP B 51 -11.61 44.33 -34.05
CA ASP B 51 -12.10 43.12 -34.75
C ASP B 51 -10.92 42.25 -35.20
N GLU B 52 -9.69 42.77 -35.20
CA GLU B 52 -8.53 42.07 -35.81
C GLU B 52 -8.48 40.64 -35.26
N PHE B 53 -8.32 39.65 -36.14
CA PHE B 53 -8.00 38.23 -35.79
C PHE B 53 -9.16 37.56 -35.04
N LYS B 54 -10.41 37.89 -35.39
CA LYS B 54 -11.63 37.34 -34.76
C LYS B 54 -12.33 36.43 -35.78
N GLY B 55 -12.34 35.13 -35.48
CA GLY B 55 -13.08 34.13 -36.27
C GLY B 55 -14.56 34.41 -36.24
N SER B 56 -15.29 33.93 -37.25
CA SER B 56 -16.76 34.11 -37.42
C SER B 56 -17.50 32.92 -36.82
N ALA B 57 -16.88 31.76 -36.83
CA ALA B 57 -17.53 30.52 -36.40
C ALA B 57 -16.46 29.48 -36.08
N VAL B 58 -16.84 28.47 -35.33
CA VAL B 58 -15.96 27.32 -34.97
C VAL B 58 -16.72 26.06 -35.35
N ILE B 59 -16.01 25.10 -35.96
CA ILE B 59 -16.55 23.79 -36.40
C ILE B 59 -15.73 22.71 -35.72
N TRP B 60 -16.39 21.65 -35.27
CA TRP B 60 -15.74 20.49 -34.60
C TRP B 60 -15.93 19.27 -35.48
N PRO B 61 -15.04 19.09 -36.48
CA PRO B 61 -15.01 17.85 -37.23
C PRO B 61 -14.78 16.68 -36.28
N GLY B 62 -15.25 15.48 -36.66
CA GLY B 62 -15.10 14.22 -35.91
C GLY B 62 -14.32 13.15 -36.68
N SER B 63 -13.73 13.49 -37.81
CA SER B 63 -13.02 12.52 -38.69
C SER B 63 -12.35 13.25 -39.85
N THR B 64 -11.34 12.62 -40.45
CA THR B 64 -10.66 13.11 -41.67
C THR B 64 -11.69 13.48 -42.72
N GLU B 65 -12.65 12.59 -42.88
CA GLU B 65 -13.69 12.58 -43.94
C GLU B 65 -14.58 13.80 -43.75
N ASP B 66 -14.84 14.16 -42.49
CA ASP B 66 -15.50 15.43 -42.06
C ASP B 66 -14.61 16.60 -42.45
N VAL B 67 -13.31 16.53 -42.20
CA VAL B 67 -12.36 17.62 -42.60
C VAL B 67 -12.49 17.85 -44.12
N GLN B 68 -12.44 16.78 -44.93
CA GLN B 68 -12.46 16.87 -46.41
C GLN B 68 -13.72 17.62 -46.86
N VAL B 69 -14.86 17.20 -46.32
CA VAL B 69 -16.17 17.80 -46.68
C VAL B 69 -16.12 19.30 -46.38
N ILE B 70 -15.63 19.69 -45.20
CA ILE B 70 -15.59 21.11 -44.77
C ILE B 70 -14.77 21.91 -45.79
N VAL B 71 -13.62 21.37 -46.20
CA VAL B 71 -12.66 22.05 -47.12
C VAL B 71 -13.28 22.20 -48.52
N ARG B 72 -14.03 21.20 -49.01
CA ARG B 72 -14.69 21.27 -50.34
C ARG B 72 -15.76 22.37 -50.30
N ILE B 73 -16.61 22.35 -49.27
CA ILE B 73 -17.63 23.40 -49.03
C ILE B 73 -16.95 24.77 -49.08
N ALA B 74 -15.87 24.98 -48.33
CA ALA B 74 -15.15 26.28 -48.24
C ALA B 74 -14.68 26.75 -49.61
N ASN B 75 -14.23 25.84 -50.47
CA ASN B 75 -13.84 26.15 -51.88
C ASN B 75 -15.08 26.64 -52.64
N LYS B 76 -16.14 25.84 -52.68
CA LYS B 76 -17.40 26.26 -53.33
C LYS B 76 -17.78 27.67 -52.85
N TYR B 77 -17.76 27.95 -51.56
CA TYR B 77 -18.38 29.17 -50.96
C TYR B 77 -17.36 30.31 -50.79
N GLY B 78 -16.06 30.02 -50.97
CA GLY B 78 -15.00 31.04 -50.96
C GLY B 78 -14.84 31.60 -49.56
N ILE B 79 -14.75 30.70 -48.59
CA ILE B 79 -14.70 31.06 -47.15
C ILE B 79 -13.40 30.57 -46.55
N PRO B 80 -12.58 31.49 -46.01
CA PRO B 80 -11.25 31.13 -45.54
C PRO B 80 -11.37 30.28 -44.25
N LEU B 81 -10.50 29.28 -44.11
CA LEU B 81 -10.45 28.37 -42.95
C LEU B 81 -9.14 28.60 -42.19
N HIS B 82 -9.15 28.36 -40.89
CA HIS B 82 -7.93 28.25 -40.08
C HIS B 82 -8.09 27.02 -39.18
N ALA B 83 -7.34 25.96 -39.45
CA ALA B 83 -7.39 24.69 -38.72
C ALA B 83 -6.21 24.64 -37.75
N PHE B 84 -6.46 24.08 -36.58
CA PHE B 84 -5.46 23.90 -35.51
C PHE B 84 -5.86 22.64 -34.75
N SER B 85 -5.01 22.18 -33.84
CA SER B 85 -5.17 20.88 -33.16
C SER B 85 -5.82 21.13 -31.80
N GLY B 86 -5.10 21.81 -30.90
CA GLY B 86 -5.58 22.21 -29.57
C GLY B 86 -5.95 23.68 -29.50
N GLY B 87 -5.39 24.50 -30.38
CA GLY B 87 -5.67 25.95 -30.46
C GLY B 87 -5.12 26.74 -29.28
N ARG B 88 -4.09 26.24 -28.60
CA ARG B 88 -3.54 26.86 -27.35
C ARG B 88 -2.14 27.41 -27.65
N ASN B 89 -1.94 27.97 -28.85
CA ASN B 89 -0.64 28.55 -29.32
C ASN B 89 -0.46 29.95 -28.71
N LEU B 90 -0.45 30.02 -27.37
CA LEU B 90 -0.32 31.28 -26.59
C LEU B 90 1.04 31.91 -26.88
N GLY B 91 1.09 33.24 -26.99
CA GLY B 91 2.31 34.01 -27.31
C GLY B 91 2.52 34.11 -28.81
N TYR B 92 1.71 33.40 -29.60
CA TYR B 92 1.78 33.39 -31.07
C TYR B 92 0.41 33.63 -31.71
N GLY B 93 -0.65 33.90 -30.92
CA GLY B 93 -2.01 34.18 -31.43
C GLY B 93 -3.07 33.19 -30.95
N GLY B 94 -2.70 32.23 -30.11
CA GLY B 94 -3.64 31.27 -29.52
C GLY B 94 -4.34 30.46 -30.61
N SER B 95 -5.64 30.66 -30.78
CA SER B 95 -6.47 29.97 -31.80
C SER B 95 -6.96 31.00 -32.83
N SER B 96 -6.53 32.26 -32.72
CA SER B 96 -6.96 33.36 -33.62
C SER B 96 -6.37 33.13 -35.02
N PRO B 97 -7.14 33.44 -36.09
CA PRO B 97 -6.63 33.40 -37.46
C PRO B 97 -6.06 34.75 -37.93
N MET B 98 -5.40 34.77 -39.08
CA MET B 98 -4.76 35.99 -39.63
C MET B 98 -5.84 36.99 -40.05
N LEU B 99 -6.93 36.49 -40.63
CA LEU B 99 -8.00 37.31 -41.23
C LEU B 99 -9.24 37.28 -40.34
N THR B 100 -9.87 38.44 -40.16
CA THR B 100 -11.19 38.59 -39.49
C THR B 100 -12.24 37.80 -40.30
N GLY B 101 -13.16 37.13 -39.60
CA GLY B 101 -14.29 36.42 -40.23
C GLY B 101 -13.93 35.04 -40.72
N THR B 102 -12.68 34.59 -40.49
CA THR B 102 -12.24 33.22 -40.85
C THR B 102 -13.03 32.20 -40.03
N VAL B 103 -13.38 31.08 -40.64
CA VAL B 103 -14.02 29.94 -39.93
C VAL B 103 -12.90 29.08 -39.36
N LEU B 104 -12.97 28.78 -38.07
CA LEU B 104 -11.92 28.02 -37.36
C LEU B 104 -12.37 26.56 -37.31
N LEU B 105 -11.43 25.64 -37.54
CA LEU B 105 -11.58 24.18 -37.37
C LEU B 105 -10.76 23.75 -36.16
N HIS B 106 -11.43 23.32 -35.10
CA HIS B 106 -10.81 22.80 -33.85
C HIS B 106 -10.81 21.28 -33.93
N LEU B 107 -9.80 20.70 -34.58
CA LEU B 107 -9.77 19.25 -34.86
C LEU B 107 -9.68 18.47 -33.54
N GLY B 108 -9.05 19.04 -32.51
CA GLY B 108 -8.75 18.33 -31.26
C GLY B 108 -9.96 18.04 -30.38
N LYS B 109 -11.06 18.79 -30.48
CA LYS B 109 -12.19 18.56 -29.54
C LYS B 109 -12.67 17.11 -29.70
N ARG B 110 -12.81 16.60 -30.93
CA ARG B 110 -13.32 15.22 -31.16
C ARG B 110 -12.24 14.31 -31.74
N MET B 111 -11.27 14.84 -32.48
CA MET B 111 -10.22 13.97 -33.07
C MET B 111 -9.03 13.96 -32.10
N ASN B 112 -9.13 13.16 -31.04
CA ASN B 112 -8.22 13.24 -29.88
C ASN B 112 -7.76 11.86 -29.38
N ARG B 113 -7.78 10.83 -30.22
CA ARG B 113 -7.40 9.45 -29.84
C ARG B 113 -5.88 9.32 -30.01
N VAL B 114 -5.23 8.61 -29.08
CA VAL B 114 -3.91 7.98 -29.32
C VAL B 114 -4.16 6.71 -30.13
N LEU B 115 -3.68 6.63 -31.36
CA LEU B 115 -4.08 5.53 -32.28
C LEU B 115 -3.17 4.32 -32.10
N GLU B 116 -1.93 4.51 -31.65
CA GLU B 116 -1.00 3.37 -31.49
C GLU B 116 0.19 3.80 -30.61
N ILE B 117 0.67 2.85 -29.80
CA ILE B 117 1.99 2.94 -29.12
C ILE B 117 2.79 1.69 -29.47
N ASN B 118 3.89 1.85 -30.20
CA ASN B 118 4.76 0.74 -30.68
C ASN B 118 6.06 0.78 -29.87
N GLU B 119 6.25 -0.18 -28.97
CA GLU B 119 7.41 -0.24 -28.07
C GLU B 119 8.64 -0.73 -28.85
N LYS B 120 8.45 -1.79 -29.66
CA LYS B 120 9.55 -2.45 -30.41
C LYS B 120 10.28 -1.37 -31.23
N LEU B 121 9.53 -0.50 -31.91
CA LEU B 121 10.05 0.52 -32.88
C LEU B 121 9.90 1.93 -32.31
N ALA B 122 9.50 2.07 -31.05
CA ALA B 122 9.66 3.32 -30.28
C ALA B 122 9.01 4.48 -31.02
N TYR B 123 7.72 4.37 -31.32
CA TYR B 123 6.93 5.49 -31.88
C TYR B 123 5.49 5.39 -31.39
N ALA B 124 4.75 6.48 -31.52
CA ALA B 124 3.30 6.49 -31.30
C ALA B 124 2.66 7.24 -32.46
N VAL B 125 1.37 7.00 -32.67
CA VAL B 125 0.59 7.74 -33.70
C VAL B 125 -0.57 8.42 -32.99
N VAL B 126 -0.73 9.72 -33.20
CA VAL B 126 -1.72 10.53 -32.45
C VAL B 126 -2.64 11.26 -33.43
N GLU B 127 -3.85 11.56 -32.98
CA GLU B 127 -4.77 12.51 -33.65
C GLU B 127 -4.51 13.89 -33.08
N PRO B 128 -4.99 14.95 -33.75
CA PRO B 128 -4.73 16.34 -33.33
C PRO B 128 -5.03 16.71 -31.87
N GLY B 129 -6.01 16.05 -31.25
CA GLY B 129 -6.51 16.42 -29.92
C GLY B 129 -5.60 15.99 -28.78
N VAL B 130 -4.66 15.10 -29.05
CA VAL B 130 -3.76 14.48 -28.02
C VAL B 130 -2.77 15.53 -27.53
N ASP B 131 -2.78 15.81 -26.23
CA ASP B 131 -1.81 16.72 -25.58
C ASP B 131 -0.81 15.90 -24.76
N TYR B 132 0.31 16.53 -24.39
CA TYR B 132 1.47 15.88 -23.76
C TYR B 132 0.99 15.07 -22.55
N LYS B 133 0.18 15.67 -21.68
CA LYS B 133 -0.33 14.95 -20.48
C LYS B 133 -1.00 13.65 -20.93
N THR B 134 -1.93 13.73 -21.88
CA THR B 134 -2.69 12.58 -22.42
C THR B 134 -1.71 11.51 -22.92
N LEU B 135 -0.73 11.91 -23.73
CA LEU B 135 0.15 10.92 -24.40
C LEU B 135 0.98 10.23 -23.32
N TYR B 136 1.54 11.00 -22.38
CA TYR B 136 2.31 10.49 -21.23
C TYR B 136 1.48 9.43 -20.50
N GLU B 137 0.23 9.73 -20.19
CA GLU B 137 -0.64 8.83 -19.42
C GLU B 137 -0.87 7.55 -20.24
N ALA B 138 -1.01 7.66 -21.57
CA ALA B 138 -1.25 6.54 -22.50
C ALA B 138 0.01 5.66 -22.57
N VAL B 139 1.18 6.28 -22.63
CA VAL B 139 2.48 5.56 -22.67
C VAL B 139 2.59 4.79 -21.36
N ARG B 140 2.46 5.47 -20.22
CA ARG B 140 2.63 4.89 -18.86
C ARG B 140 1.66 3.70 -18.68
N ASP B 141 0.42 3.81 -19.15
CA ASP B 141 -0.60 2.73 -19.03
C ASP B 141 -0.21 1.53 -19.89
N SER B 142 0.51 1.77 -20.98
CA SER B 142 0.97 0.73 -21.94
C SER B 142 2.09 -0.11 -21.31
N GLY B 143 2.86 0.49 -20.40
CA GLY B 143 4.04 -0.16 -19.79
C GLY B 143 5.25 -0.18 -20.72
N ALA B 144 5.17 0.46 -21.90
CA ALA B 144 6.31 0.64 -22.83
C ALA B 144 7.39 1.52 -22.18
N LYS B 145 8.65 1.09 -22.22
CA LYS B 145 9.80 1.88 -21.70
C LYS B 145 10.13 2.93 -22.76
N LEU B 146 9.21 3.89 -22.95
CA LEU B 146 9.35 5.01 -23.92
C LEU B 146 9.07 6.30 -23.18
N MET B 147 9.72 7.40 -23.58
CA MET B 147 9.39 8.69 -22.97
C MET B 147 9.10 9.75 -24.03
N ILE B 148 8.12 10.60 -23.71
CA ILE B 148 7.68 11.67 -24.64
C ILE B 148 8.63 12.84 -24.45
N ASP B 149 8.47 13.86 -25.28
CA ASP B 149 9.24 15.11 -25.21
C ASP B 149 8.23 16.24 -25.22
N PRO B 150 7.82 16.75 -24.04
CA PRO B 150 6.83 17.81 -23.95
C PRO B 150 7.50 19.18 -24.01
N ALA B 151 6.68 20.17 -24.37
CA ALA B 151 6.92 21.62 -24.16
C ALA B 151 6.61 21.93 -22.69
N GLU B 152 6.64 23.21 -22.32
CA GLU B 152 6.48 23.66 -20.91
C GLU B 152 5.11 23.22 -20.40
N LEU B 153 4.07 23.42 -21.21
CA LEU B 153 2.66 23.30 -20.74
C LEU B 153 2.02 22.05 -21.31
N ASP B 154 1.54 21.17 -20.43
CA ASP B 154 1.09 19.80 -20.81
C ASP B 154 -0.20 19.85 -21.63
N TRP B 155 -0.93 20.97 -21.68
CA TRP B 155 -2.16 21.10 -22.49
C TRP B 155 -1.83 21.33 -23.97
N GLY B 156 -0.56 21.64 -24.29
CA GLY B 156 -0.05 21.73 -25.67
C GLY B 156 -0.32 20.45 -26.45
N SER B 157 -0.68 20.57 -27.73
CA SER B 157 -0.93 19.41 -28.64
C SER B 157 0.41 18.87 -29.14
N VAL B 158 0.62 17.55 -29.05
CA VAL B 158 1.79 16.87 -29.68
C VAL B 158 1.86 17.32 -31.15
N MET B 159 0.74 17.19 -31.88
CA MET B 159 0.70 17.45 -33.34
C MET B 159 0.81 18.95 -33.60
N GLY B 160 -0.03 19.75 -32.94
CA GLY B 160 -0.12 21.20 -33.12
C GLY B 160 1.22 21.85 -32.88
N ASN B 161 1.90 21.44 -31.82
CA ASN B 161 3.22 22.01 -31.44
C ASN B 161 4.20 21.73 -32.58
N THR B 162 4.29 20.47 -33.02
CA THR B 162 5.24 20.03 -34.07
C THR B 162 5.09 20.92 -35.30
N MET B 163 3.86 21.27 -35.66
CA MET B 163 3.57 22.01 -36.92
C MET B 163 3.92 23.50 -36.79
N GLU B 164 4.24 23.96 -35.58
CA GLU B 164 4.67 25.35 -35.30
C GLU B 164 6.19 25.36 -35.18
N HIS B 165 6.83 24.20 -35.40
CA HIS B 165 8.30 23.97 -35.34
C HIS B 165 8.77 24.12 -33.88
N GLY B 166 7.87 23.79 -32.96
CA GLY B 166 8.08 23.96 -31.51
C GLY B 166 9.00 22.87 -31.00
N VAL B 167 9.52 23.05 -29.78
CA VAL B 167 10.65 22.25 -29.22
C VAL B 167 10.40 21.95 -27.74
N GLY B 168 10.93 20.83 -27.27
CA GLY B 168 11.00 20.47 -25.84
C GLY B 168 12.41 20.59 -25.34
N TYR B 169 12.83 19.69 -24.45
CA TYR B 169 14.09 19.85 -23.68
C TYR B 169 14.83 18.54 -23.42
N THR B 170 14.37 17.39 -23.93
CA THR B 170 15.09 16.10 -23.85
C THR B 170 15.98 16.07 -25.08
N PRO B 171 16.79 15.02 -25.33
CA PRO B 171 17.49 14.91 -26.60
C PRO B 171 16.54 14.84 -27.80
N TYR B 172 15.25 14.56 -27.58
CA TYR B 172 14.19 14.59 -28.62
C TYR B 172 13.51 15.97 -28.64
N ALA B 173 14.28 17.03 -28.36
CA ALA B 173 13.78 18.42 -28.24
C ALA B 173 13.20 18.89 -29.59
N ASP B 174 13.84 18.54 -30.71
CA ASP B 174 13.40 18.97 -32.08
C ASP B 174 12.18 18.15 -32.51
N HIS B 175 10.97 18.68 -32.30
CA HIS B 175 9.72 17.89 -32.48
C HIS B 175 9.56 17.57 -33.96
N SER B 176 9.91 18.51 -34.84
CA SER B 176 9.75 18.37 -36.32
C SER B 176 10.71 17.29 -36.81
N MET B 177 11.84 17.10 -36.13
CA MET B 177 12.82 16.05 -36.49
C MET B 177 12.19 14.67 -36.31
N TRP B 178 11.44 14.45 -35.24
CA TRP B 178 10.99 13.10 -34.78
C TRP B 178 9.57 12.82 -35.26
N ARG B 179 8.91 13.81 -35.85
CA ARG B 179 7.69 13.60 -36.68
C ARG B 179 8.03 12.64 -37.81
N CYS B 180 7.18 11.64 -38.08
CA CYS B 180 7.38 10.69 -39.19
C CYS B 180 6.02 10.09 -39.58
N GLY B 181 5.52 10.49 -40.75
CA GLY B 181 4.31 9.94 -41.37
C GLY B 181 3.09 10.77 -41.04
N MET B 182 2.65 11.60 -41.95
CA MET B 182 1.44 12.45 -41.76
C MET B 182 0.37 12.01 -42.73
N GLU B 183 -0.87 12.02 -42.27
CA GLU B 183 -2.06 12.01 -43.15
C GLU B 183 -2.60 13.44 -43.16
N VAL B 184 -2.72 14.03 -44.34
CA VAL B 184 -3.00 15.48 -44.54
C VAL B 184 -4.20 15.59 -45.48
N VAL B 185 -5.19 16.39 -45.09
CA VAL B 185 -6.27 16.83 -46.01
C VAL B 185 -5.73 18.05 -46.72
N LEU B 186 -5.65 17.99 -48.05
CA LEU B 186 -5.10 19.10 -48.86
C LEU B 186 -6.21 20.12 -49.07
N ALA B 187 -5.87 21.25 -49.70
CA ALA B 187 -6.72 22.46 -49.80
C ALA B 187 -7.92 22.21 -50.71
N ASP B 188 -7.91 21.13 -51.50
CA ASP B 188 -9.05 20.78 -52.39
C ASP B 188 -9.86 19.64 -51.79
N GLY B 189 -9.51 19.16 -50.58
CA GLY B 189 -10.28 18.14 -49.84
C GLY B 189 -9.79 16.72 -50.07
N GLU B 190 -8.60 16.59 -50.66
CA GLU B 190 -7.99 15.31 -51.09
C GLU B 190 -6.98 14.84 -50.03
N VAL B 191 -6.98 13.55 -49.70
CA VAL B 191 -6.14 12.98 -48.62
C VAL B 191 -4.77 12.60 -49.17
N LEU B 192 -3.70 13.09 -48.55
CA LEU B 192 -2.30 12.68 -48.86
C LEU B 192 -1.76 11.92 -47.67
N ARG B 193 -0.99 10.85 -47.94
CA ARG B 193 -0.17 10.13 -46.93
C ARG B 193 1.30 10.34 -47.27
N THR B 194 2.07 10.93 -46.35
CA THR B 194 3.45 11.37 -46.61
C THR B 194 4.40 10.16 -46.60
N GLY B 195 5.53 10.29 -47.27
CA GLY B 195 6.61 9.28 -47.27
C GLY B 195 6.05 7.90 -47.56
N MET B 196 6.42 6.91 -46.75
CA MET B 196 6.14 5.49 -47.02
C MET B 196 4.65 5.19 -46.81
N GLY B 197 3.90 6.15 -46.29
CA GLY B 197 2.43 6.05 -46.22
C GLY B 197 1.83 5.86 -47.60
N GLY B 198 2.49 6.40 -48.64
CA GLY B 198 2.03 6.30 -50.05
C GLY B 198 1.98 4.86 -50.54
N LEU B 199 2.80 3.97 -49.98
CA LEU B 199 2.92 2.57 -50.45
C LEU B 199 1.92 1.70 -49.71
N PRO B 200 0.88 1.18 -50.38
CA PRO B 200 0.01 0.19 -49.76
C PRO B 200 0.86 -0.95 -49.19
N GLY B 201 0.57 -1.33 -47.95
CA GLY B 201 1.17 -2.48 -47.27
C GLY B 201 2.38 -2.09 -46.43
N SER B 202 2.94 -0.89 -46.61
CA SER B 202 4.21 -0.47 -45.96
C SER B 202 4.01 -0.36 -44.45
N GLU B 203 4.96 -0.88 -43.69
CA GLU B 203 4.99 -0.73 -42.22
C GLU B 203 6.02 0.32 -41.83
N ALA B 204 6.51 1.12 -42.78
CA ALA B 204 7.58 2.10 -42.55
C ALA B 204 7.02 3.53 -42.50
N TRP B 205 5.70 3.70 -42.56
CA TRP B 205 5.09 5.05 -42.67
C TRP B 205 5.61 5.95 -41.54
N HIS B 206 5.79 5.41 -40.33
CA HIS B 206 6.27 6.17 -39.15
C HIS B 206 7.70 5.76 -38.79
N LEU B 207 8.45 5.16 -39.71
CA LEU B 207 9.84 4.67 -39.47
C LEU B 207 10.86 5.52 -40.22
N TYR B 208 10.70 5.64 -41.54
CA TYR B 208 11.67 6.36 -42.42
C TYR B 208 10.96 7.54 -43.07
N PRO B 209 11.37 8.79 -42.72
CA PRO B 209 10.74 9.99 -43.27
C PRO B 209 11.25 10.22 -44.69
N GLY B 210 10.93 9.26 -45.58
CA GLY B 210 11.43 9.25 -46.95
C GLY B 210 10.61 8.37 -47.86
N GLN B 211 10.90 8.49 -49.16
CA GLN B 211 10.19 7.87 -50.30
C GLN B 211 10.94 8.31 -51.55
N LEU B 212 10.59 7.75 -52.71
CA LEU B 212 11.16 8.21 -53.99
C LEU B 212 10.72 9.66 -54.22
N GLY B 213 11.69 10.56 -54.44
CA GLY B 213 11.44 11.98 -54.72
C GLY B 213 11.49 12.83 -53.46
N PRO B 214 11.04 14.11 -53.51
CA PRO B 214 11.22 15.02 -52.39
C PRO B 214 10.31 14.62 -51.23
N SER B 215 10.78 14.79 -49.99
CA SER B 215 9.89 14.80 -48.81
C SER B 215 9.13 16.13 -48.83
N ILE B 216 7.83 16.11 -48.57
CA ILE B 216 7.00 17.36 -48.46
C ILE B 216 6.47 17.53 -47.03
N GLU B 217 6.79 16.63 -46.10
CA GLU B 217 6.41 16.82 -44.68
C GLU B 217 6.83 18.23 -44.22
N GLY B 218 8.02 18.68 -44.65
CA GLY B 218 8.60 19.98 -44.28
C GLY B 218 7.69 21.15 -44.63
N LEU B 219 6.86 21.00 -45.66
CA LEU B 219 6.01 22.11 -46.20
C LEU B 219 4.85 22.46 -45.26
N PHE B 220 4.40 21.55 -44.40
CA PHE B 220 3.20 21.76 -43.57
C PHE B 220 3.59 22.39 -42.24
N GLU B 221 4.77 23.01 -42.18
CA GLU B 221 5.37 23.65 -40.98
C GLU B 221 5.28 25.17 -41.10
N GLN B 222 4.61 25.81 -40.15
CA GLN B 222 4.39 27.29 -40.10
C GLN B 222 3.89 27.76 -41.47
N SER B 223 2.90 27.06 -42.02
CA SER B 223 2.37 27.30 -43.39
C SER B 223 0.85 27.23 -43.34
N ASN B 224 0.21 27.30 -44.51
CA ASN B 224 -1.26 27.22 -44.71
C ASN B 224 -1.53 26.41 -45.98
N PHE B 225 -0.92 25.22 -46.10
CA PHE B 225 -1.04 24.36 -47.31
C PHE B 225 -1.96 23.17 -47.04
N GLY B 226 -2.07 22.72 -45.80
CA GLY B 226 -2.83 21.49 -45.52
C GLY B 226 -3.30 21.44 -44.09
N ILE B 227 -4.17 20.47 -43.83
CA ILE B 227 -4.78 20.19 -42.51
C ILE B 227 -4.40 18.75 -42.16
N CYS B 228 -3.62 18.59 -41.11
CA CYS B 228 -3.15 17.27 -40.66
C CYS B 228 -4.20 16.65 -39.74
N THR B 229 -4.58 15.40 -40.03
CA THR B 229 -5.57 14.64 -39.23
C THR B 229 -4.89 13.49 -38.48
N ARG B 230 -3.64 13.16 -38.80
CA ARG B 230 -2.93 12.04 -38.14
C ARG B 230 -1.44 12.18 -38.32
N MET B 231 -0.66 11.84 -37.31
CA MET B 231 0.80 12.07 -37.31
C MET B 231 1.52 11.08 -36.40
N GLY B 232 2.60 10.50 -36.92
CA GLY B 232 3.51 9.64 -36.16
C GLY B 232 4.55 10.51 -35.47
N MET B 233 4.90 10.17 -34.23
CA MET B 233 5.94 10.87 -33.47
C MET B 233 6.84 9.81 -32.84
N GLN B 234 8.12 9.82 -33.23
CA GLN B 234 9.09 8.82 -32.73
C GLN B 234 9.42 9.22 -31.29
N LEU B 235 9.52 8.23 -30.41
CA LEU B 235 9.67 8.42 -28.95
C LEU B 235 11.00 7.87 -28.48
N MET B 236 11.75 8.67 -27.73
CA MET B 236 13.06 8.28 -27.17
C MET B 236 12.84 7.07 -26.26
N PRO B 237 13.58 5.96 -26.47
CA PRO B 237 13.62 4.88 -25.49
C PRO B 237 14.20 5.35 -24.16
N THR B 238 13.60 4.90 -23.07
CA THR B 238 13.95 5.30 -21.68
C THR B 238 15.35 4.80 -21.39
N PRO B 239 16.29 5.68 -21.00
CA PRO B 239 17.62 5.25 -20.55
C PRO B 239 17.57 4.56 -19.19
N PRO B 240 18.69 3.96 -18.72
CA PRO B 240 18.74 3.29 -17.43
C PRO B 240 18.70 4.27 -16.25
N GLU B 241 19.18 5.50 -16.43
CA GLU B 241 19.06 6.58 -15.40
C GLU B 241 19.14 7.97 -16.04
N MET B 242 18.68 8.96 -15.28
CA MET B 242 18.58 10.38 -15.68
C MET B 242 18.84 11.19 -14.42
N LEU B 243 19.67 12.23 -14.53
CA LEU B 243 20.01 13.09 -13.36
C LEU B 243 20.09 14.53 -13.86
N SER B 244 19.24 15.40 -13.32
CA SER B 244 19.11 16.82 -13.72
C SER B 244 20.02 17.66 -12.83
N PHE B 245 20.39 18.85 -13.31
CA PHE B 245 21.27 19.80 -12.60
C PHE B 245 20.83 21.25 -12.84
N ALA B 246 21.12 22.11 -11.87
CA ALA B 246 21.03 23.58 -11.98
C ALA B 246 22.38 24.19 -11.60
N ILE B 247 22.77 25.25 -12.31
CA ILE B 247 24.03 26.00 -12.01
C ILE B 247 23.70 27.49 -11.87
N TYR B 248 24.02 28.03 -10.70
CA TYR B 248 23.66 29.42 -10.30
C TYR B 248 24.87 30.30 -10.58
N PHE B 249 24.65 31.42 -11.27
CA PHE B 249 25.72 32.38 -11.64
C PHE B 249 25.41 33.71 -11.01
N GLU B 250 26.46 34.38 -10.54
CA GLU B 250 26.26 35.36 -9.45
C GLU B 250 26.08 36.75 -10.04
N ASN B 251 26.81 37.06 -11.09
CA ASN B 251 26.71 38.36 -11.80
C ASN B 251 25.80 38.17 -13.01
N GLU B 252 24.98 39.15 -13.36
CA GLU B 252 24.22 39.05 -14.62
C GLU B 252 25.21 39.39 -15.74
N ASP B 253 26.47 39.64 -15.39
CA ASP B 253 27.61 39.76 -16.35
C ASP B 253 28.19 38.39 -16.70
N ASP B 254 27.77 37.30 -16.05
CA ASP B 254 28.31 35.94 -16.28
C ASP B 254 27.83 35.35 -17.63
N LEU B 255 26.94 36.03 -18.36
CA LEU B 255 26.26 35.42 -19.53
C LEU B 255 27.26 35.06 -20.62
N PRO B 256 28.16 35.97 -21.08
CA PRO B 256 29.16 35.60 -22.09
C PRO B 256 30.04 34.38 -21.72
N ALA B 257 30.45 34.25 -20.46
CA ALA B 257 31.25 33.11 -19.96
C ALA B 257 30.43 31.83 -20.02
N ILE B 258 29.14 31.90 -19.68
CA ILE B 258 28.22 30.72 -19.67
C ILE B 258 28.13 30.17 -21.09
N MET B 259 28.00 31.07 -22.07
CA MET B 259 27.77 30.68 -23.48
C MET B 259 29.04 30.02 -24.02
N GLU B 260 30.21 30.67 -23.85
CA GLU B 260 31.52 30.16 -24.33
C GLU B 260 31.81 28.78 -23.70
N THR B 261 31.53 28.61 -22.41
CA THR B 261 31.71 27.32 -21.70
C THR B 261 30.79 26.27 -22.34
N THR B 262 29.55 26.63 -22.68
CA THR B 262 28.50 25.67 -23.10
C THR B 262 28.80 25.08 -24.48
N LEU B 263 29.32 25.89 -25.42
CA LEU B 263 29.36 25.50 -26.86
C LEU B 263 30.25 24.28 -27.06
N PRO B 264 31.53 24.28 -26.59
CA PRO B 264 32.35 23.08 -26.68
C PRO B 264 31.81 21.90 -25.86
N LEU B 265 30.90 22.13 -24.93
CA LEU B 265 30.29 21.01 -24.15
C LEU B 265 29.09 20.40 -24.90
N ARG B 266 28.50 21.11 -25.86
CA ARG B 266 27.20 20.74 -26.48
C ARG B 266 27.39 20.28 -27.95
N ILE B 267 28.34 20.84 -28.68
CA ILE B 267 28.42 20.68 -30.17
C ILE B 267 28.65 19.20 -30.51
N GLY B 268 29.30 18.43 -29.63
CA GLY B 268 29.63 17.02 -29.89
C GLY B 268 28.60 16.07 -29.29
N MET B 269 27.47 16.60 -28.81
CA MET B 269 26.34 15.79 -28.28
C MET B 269 26.73 15.15 -26.93
N ALA B 270 27.89 15.47 -26.38
CA ALA B 270 28.32 15.01 -25.04
C ALA B 270 29.34 16.02 -24.52
N PRO B 271 29.41 16.28 -23.20
CA PRO B 271 28.55 15.67 -22.20
C PRO B 271 27.14 16.27 -22.07
N LEU B 272 26.88 17.39 -22.73
CA LEU B 272 25.51 17.98 -22.80
C LEU B 272 24.70 17.22 -23.83
N GLN B 273 24.00 16.17 -23.38
CA GLN B 273 23.29 15.21 -24.26
C GLN B 273 21.99 15.83 -24.75
N ALA B 274 21.52 16.87 -24.08
CA ALA B 274 20.35 17.68 -24.47
C ALA B 274 20.74 19.14 -24.32
N ALA B 275 20.07 20.04 -25.04
CA ALA B 275 20.37 21.49 -25.01
C ALA B 275 19.99 22.03 -23.64
N PRO B 276 20.95 22.48 -22.80
CA PRO B 276 20.58 23.18 -21.58
C PRO B 276 19.97 24.51 -21.98
N ILE B 277 19.19 25.08 -21.06
CA ILE B 277 18.61 26.45 -21.12
C ILE B 277 19.43 27.36 -20.22
N VAL B 278 19.42 28.66 -20.50
CA VAL B 278 20.04 29.70 -19.64
C VAL B 278 18.96 30.73 -19.35
N ARG B 279 18.36 30.65 -18.17
CA ARG B 279 17.25 31.54 -17.74
C ARG B 279 17.81 32.71 -16.92
N ASN B 280 17.19 33.88 -17.02
CA ASN B 280 17.46 35.00 -16.11
C ASN B 280 16.63 34.79 -14.84
N VAL B 281 16.86 35.64 -13.85
CA VAL B 281 16.28 35.46 -12.50
C VAL B 281 14.78 35.76 -12.59
N THR B 282 14.38 36.77 -13.38
CA THR B 282 12.96 37.20 -13.50
C THR B 282 12.12 36.02 -13.99
N PHE B 283 12.64 35.21 -14.91
CA PHE B 283 11.89 34.04 -15.43
C PHE B 283 11.62 33.09 -14.28
N ASP B 284 12.65 32.75 -13.50
CA ASP B 284 12.53 31.71 -12.45
C ASP B 284 11.63 32.24 -11.34
N ALA B 285 11.76 33.51 -10.97
CA ALA B 285 10.90 34.14 -9.95
C ALA B 285 9.42 33.89 -10.29
N ALA B 286 9.01 34.26 -11.51
CA ALA B 286 7.61 34.25 -12.01
C ALA B 286 6.99 32.85 -11.95
N CYS B 287 7.79 31.79 -11.90
CA CYS B 287 7.27 30.40 -11.81
C CYS B 287 6.96 29.99 -10.37
N VAL B 288 7.39 30.78 -9.38
CA VAL B 288 7.28 30.43 -7.94
C VAL B 288 6.87 31.67 -7.13
N SER B 289 6.48 32.79 -7.78
CA SER B 289 6.16 34.03 -7.04
C SER B 289 5.58 35.14 -7.91
N LYS B 290 5.00 36.13 -7.25
CA LYS B 290 4.30 37.27 -7.90
C LYS B 290 5.17 38.51 -7.79
N ARG B 291 4.97 39.41 -8.74
CA ARG B 291 5.85 40.58 -8.94
C ARG B 291 5.91 41.42 -7.65
N GLU B 292 4.78 41.60 -6.97
CA GLU B 292 4.62 42.68 -5.95
C GLU B 292 5.32 42.22 -4.66
N GLU B 293 5.67 40.93 -4.62
CA GLU B 293 6.48 40.33 -3.53
C GLU B 293 7.92 40.84 -3.63
N TRP B 294 8.32 41.50 -4.74
CA TRP B 294 9.66 42.13 -4.91
C TRP B 294 9.60 43.59 -5.33
N GLN B 295 8.54 44.01 -5.99
CA GLN B 295 8.38 45.43 -6.40
C GLN B 295 6.90 45.78 -6.48
N THR B 296 6.53 46.86 -5.79
CA THR B 296 5.15 47.40 -5.74
C THR B 296 5.00 48.50 -6.79
N GLU B 297 6.06 49.29 -7.00
CA GLU B 297 6.10 50.43 -7.96
C GLU B 297 6.02 49.84 -9.36
N PRO B 298 5.04 50.27 -10.19
CA PRO B 298 4.74 49.58 -11.46
C PRO B 298 5.69 49.70 -12.66
N GLY B 299 6.71 50.56 -12.62
CA GLY B 299 7.67 50.75 -13.73
C GLY B 299 8.59 49.54 -13.91
N PRO B 300 9.65 49.67 -14.74
CA PRO B 300 10.62 48.59 -14.95
C PRO B 300 11.18 48.05 -13.62
N LEU B 301 11.44 46.74 -13.55
CA LEU B 301 12.05 46.11 -12.35
C LEU B 301 13.43 46.75 -12.14
N THR B 302 13.67 47.29 -10.94
CA THR B 302 14.94 47.95 -10.57
C THR B 302 16.00 46.89 -10.28
N ASP B 303 17.25 47.32 -10.17
CA ASP B 303 18.38 46.38 -9.89
C ASP B 303 18.14 45.70 -8.55
N GLU B 304 17.59 46.39 -7.54
CA GLU B 304 17.45 45.72 -6.23
C GLU B 304 16.35 44.67 -6.31
N ALA B 305 15.28 44.91 -7.07
CA ALA B 305 14.15 43.95 -7.14
C ALA B 305 14.73 42.60 -7.60
N LYS B 306 15.57 42.63 -8.65
CA LYS B 306 16.19 41.38 -9.15
C LYS B 306 17.11 40.83 -8.05
N GLN B 307 17.88 41.67 -7.37
CA GLN B 307 18.85 41.18 -6.33
C GLN B 307 18.06 40.53 -5.19
N ARG B 308 16.95 41.14 -4.78
CA ARG B 308 16.04 40.55 -3.77
C ARG B 308 15.60 39.16 -4.25
N MET B 309 15.21 39.02 -5.51
CA MET B 309 14.79 37.71 -6.08
C MET B 309 15.96 36.73 -5.93
N VAL B 310 17.14 37.12 -6.37
CA VAL B 310 18.37 36.28 -6.35
C VAL B 310 18.55 35.72 -4.92
N ASP B 311 18.53 36.62 -3.93
CA ASP B 311 19.01 36.36 -2.55
C ASP B 311 17.96 35.55 -1.77
N GLU B 312 16.66 35.80 -1.94
CA GLU B 312 15.61 35.17 -1.08
C GLU B 312 15.31 33.77 -1.59
N LEU B 313 15.23 33.61 -2.92
CA LEU B 313 15.00 32.32 -3.62
C LEU B 313 16.26 31.44 -3.56
N GLY B 314 17.44 32.05 -3.41
CA GLY B 314 18.71 31.34 -3.28
C GLY B 314 19.13 30.76 -4.61
N ILE B 315 19.00 31.56 -5.66
CA ILE B 315 19.40 31.19 -7.05
C ILE B 315 20.42 32.24 -7.51
N GLY B 316 20.64 32.34 -8.82
CA GLY B 316 21.61 33.26 -9.42
C GLY B 316 20.92 34.20 -10.37
N HIS B 317 21.66 35.18 -10.86
CA HIS B 317 21.18 36.16 -11.87
C HIS B 317 20.86 35.43 -13.18
N TRP B 318 21.67 34.40 -13.49
CA TRP B 318 21.45 33.42 -14.59
C TRP B 318 21.44 32.02 -13.99
N ILE B 319 20.51 31.17 -14.42
CA ILE B 319 20.49 29.74 -14.02
C ILE B 319 20.54 28.91 -15.30
N VAL B 320 21.43 27.93 -15.32
CA VAL B 320 21.52 26.86 -16.36
C VAL B 320 20.85 25.61 -15.79
N TYR B 321 19.95 25.01 -16.57
CA TYR B 321 19.31 23.72 -16.25
C TYR B 321 19.60 22.74 -17.38
N GLY B 322 19.98 21.52 -17.02
CA GLY B 322 20.32 20.46 -17.99
C GLY B 322 20.06 19.10 -17.39
N THR B 323 20.31 18.04 -18.16
CA THR B 323 20.09 16.64 -17.73
C THR B 323 20.98 15.66 -18.50
N CYS B 324 21.53 14.69 -17.79
CA CYS B 324 22.34 13.60 -18.38
C CYS B 324 21.50 12.32 -18.37
N TYR B 325 21.74 11.47 -19.36
CA TYR B 325 20.97 10.23 -19.62
C TYR B 325 21.98 9.10 -19.78
N GLY B 326 21.60 7.91 -19.35
CA GLY B 326 22.36 6.67 -19.58
C GLY B 326 22.65 5.92 -18.29
N PRO B 327 23.45 4.84 -18.38
CA PRO B 327 23.89 4.11 -17.18
C PRO B 327 24.56 5.05 -16.16
N ARG B 328 24.59 4.62 -14.90
CA ARG B 328 25.11 5.44 -13.78
C ARG B 328 26.58 5.78 -14.01
N TRP B 329 27.35 4.88 -14.62
CA TRP B 329 28.80 5.11 -14.92
C TRP B 329 28.99 6.22 -15.97
N GLN B 330 28.02 6.41 -16.87
CA GLN B 330 28.06 7.46 -17.93
C GLN B 330 27.67 8.81 -17.30
N ILE B 331 26.55 8.84 -16.59
CA ILE B 331 26.02 10.07 -15.95
C ILE B 331 27.11 10.65 -15.03
N ASP B 332 27.86 9.81 -14.32
CA ASP B 332 28.85 10.25 -13.30
C ASP B 332 30.01 10.97 -14.01
N LYS B 333 30.47 10.42 -15.13
CA LYS B 333 31.55 11.05 -15.92
C LYS B 333 31.03 12.39 -16.47
N TYR B 334 29.83 12.41 -17.07
CA TYR B 334 29.32 13.62 -17.79
C TYR B 334 29.07 14.75 -16.79
N ILE B 335 28.37 14.43 -15.69
CA ILE B 335 27.99 15.41 -14.64
C ILE B 335 29.25 16.15 -14.17
N GLU B 336 30.39 15.46 -14.16
CA GLU B 336 31.60 16.03 -13.55
C GLU B 336 32.36 16.89 -14.55
N MET B 337 32.33 16.56 -15.85
CA MET B 337 32.85 17.47 -16.89
C MET B 337 32.05 18.78 -16.82
N ILE B 338 30.72 18.65 -16.79
CA ILE B 338 29.80 19.81 -16.77
C ILE B 338 30.12 20.65 -15.52
N ARG B 339 30.16 20.03 -14.34
CA ARG B 339 30.43 20.71 -13.04
C ARG B 339 31.76 21.46 -13.16
N ASP B 340 32.85 20.75 -13.50
CA ASP B 340 34.22 21.33 -13.53
C ASP B 340 34.26 22.47 -14.54
N ALA B 341 33.58 22.36 -15.68
CA ALA B 341 33.68 23.36 -16.75
C ALA B 341 33.01 24.66 -16.27
N TYR B 342 31.82 24.57 -15.69
CA TYR B 342 31.02 25.77 -15.30
C TYR B 342 31.56 26.37 -13.99
N LEU B 343 31.90 25.54 -12.98
CA LEU B 343 32.40 26.00 -11.66
C LEU B 343 33.69 26.85 -11.83
N GLN B 344 34.35 26.83 -13.01
CA GLN B 344 35.50 27.73 -13.29
C GLN B 344 35.03 29.17 -13.44
N ILE B 345 33.73 29.42 -13.58
CA ILE B 345 33.18 30.80 -13.52
C ILE B 345 33.07 31.18 -12.05
N PRO B 346 33.78 32.22 -11.58
CA PRO B 346 33.79 32.57 -10.15
C PRO B 346 32.41 32.94 -9.60
N GLY B 347 32.02 32.29 -8.50
CA GLY B 347 30.75 32.52 -7.79
C GLY B 347 29.68 31.50 -8.19
N ALA B 348 29.96 30.64 -9.17
CA ALA B 348 29.01 29.64 -9.68
C ALA B 348 28.78 28.59 -8.59
N ARG B 349 27.57 28.06 -8.50
CA ARG B 349 27.19 26.95 -7.59
C ARG B 349 26.42 25.91 -8.40
N PHE B 350 26.64 24.64 -8.09
CA PHE B 350 26.09 23.47 -8.82
C PHE B 350 25.23 22.68 -7.85
N GLU B 351 24.03 22.28 -8.28
CA GLU B 351 23.20 21.30 -7.54
C GLU B 351 22.70 20.28 -8.57
N THR B 352 22.39 19.07 -8.10
CA THR B 352 21.64 18.04 -8.84
C THR B 352 20.33 17.83 -8.09
N ASN B 353 19.34 17.17 -8.70
CA ASN B 353 18.02 16.94 -8.06
C ASN B 353 18.15 15.89 -6.94
N GLU B 354 19.34 15.33 -6.72
CA GLU B 354 19.67 14.54 -5.51
C GLU B 354 20.25 15.49 -4.44
N THR B 355 21.14 16.41 -4.83
CA THR B 355 21.79 17.43 -3.96
C THR B 355 20.78 18.47 -3.47
N LEU B 356 19.72 18.72 -4.26
CA LEU B 356 18.65 19.72 -3.96
C LEU B 356 17.29 19.11 -4.29
N PRO B 357 16.89 18.06 -3.47
CA PRO B 357 15.62 17.45 -3.84
C PRO B 357 14.38 18.23 -3.43
N LEU B 358 13.24 17.87 -3.99
CA LEU B 358 12.03 18.63 -3.73
C LEU B 358 11.62 18.70 -2.31
N ARG B 359 11.59 19.91 -1.78
CA ARG B 359 11.15 20.11 -0.44
C ARG B 359 10.06 21.12 -0.51
N GLU B 360 9.17 21.09 0.46
CA GLU B 360 8.08 22.03 0.49
C GLU B 360 8.58 23.30 1.05
N GLY B 361 8.48 24.36 0.27
CA GLY B 361 8.97 25.65 0.71
C GLY B 361 10.28 25.97 0.07
N ASP B 362 11.05 24.95 -0.26
CA ASP B 362 12.28 25.20 -0.96
C ASP B 362 11.87 25.46 -2.37
N ARG B 363 11.82 26.73 -2.70
CA ARG B 363 11.44 27.13 -4.08
C ARG B 363 12.54 26.78 -5.09
N ALA B 364 13.80 27.03 -4.76
CA ALA B 364 14.94 26.57 -5.59
C ALA B 364 14.72 25.08 -5.96
N SER B 365 14.21 24.27 -5.03
CA SER B 365 14.05 22.80 -5.25
C SER B 365 12.81 22.55 -6.12
N GLU B 366 11.80 23.42 -6.04
CA GLU B 366 10.61 23.36 -6.93
C GLU B 366 11.01 23.71 -8.37
N LEU B 367 11.72 24.83 -8.57
CA LEU B 367 12.13 25.24 -9.92
C LEU B 367 12.91 24.08 -10.56
N LEU B 368 13.86 23.48 -9.84
CA LEU B 368 14.74 22.42 -10.39
C LEU B 368 13.91 21.17 -10.66
N ASN B 369 12.97 20.89 -9.76
CA ASN B 369 12.11 19.69 -9.90
C ASN B 369 11.29 19.84 -11.20
N ALA B 370 10.83 21.06 -11.52
CA ALA B 370 10.03 21.35 -12.73
C ALA B 370 10.84 21.02 -13.97
N ARG B 371 12.09 21.49 -14.02
CA ARG B 371 13.00 21.22 -15.16
C ARG B 371 13.31 19.72 -15.20
N HIS B 372 13.60 19.11 -14.05
CA HIS B 372 13.90 17.67 -14.00
C HIS B 372 12.73 16.89 -14.63
N GLU B 373 11.49 17.33 -14.37
CA GLU B 373 10.28 16.68 -14.90
C GLU B 373 10.27 16.81 -16.44
N LEU B 374 10.39 18.04 -16.98
CA LEU B 374 10.34 18.29 -18.46
C LEU B 374 11.43 17.46 -19.14
N ASN B 375 12.66 17.54 -18.62
CA ASN B 375 13.89 16.96 -19.21
C ASN B 375 13.87 15.42 -19.15
N THR B 376 12.96 14.82 -18.39
CA THR B 376 12.85 13.34 -18.27
C THR B 376 11.51 12.88 -18.85
N GLY B 377 10.77 13.80 -19.48
CA GLY B 377 9.54 13.50 -20.25
C GLY B 377 8.31 13.44 -19.38
N VAL B 378 8.32 14.08 -18.22
CA VAL B 378 7.12 14.16 -17.34
C VAL B 378 6.45 15.52 -17.56
N PRO B 379 5.37 15.61 -18.35
CA PRO B 379 4.73 16.91 -18.58
C PRO B 379 4.11 17.51 -17.31
N ASN B 380 4.19 18.82 -17.16
CA ASN B 380 3.55 19.54 -16.02
C ASN B 380 3.04 20.90 -16.50
N ARG B 381 2.47 21.69 -15.60
CA ARG B 381 2.01 23.09 -15.84
C ARG B 381 2.83 24.07 -15.00
N HIS B 382 3.93 23.65 -14.39
CA HIS B 382 4.68 24.52 -13.44
C HIS B 382 4.90 25.90 -14.06
N SER B 383 5.31 25.97 -15.33
CA SER B 383 5.58 27.26 -16.03
C SER B 383 4.29 28.10 -16.21
N ALA B 384 3.09 27.52 -16.04
CA ALA B 384 1.81 28.26 -16.17
C ALA B 384 1.70 29.34 -15.07
N ALA B 385 2.48 29.25 -13.99
CA ALA B 385 2.46 30.21 -12.87
C ALA B 385 2.80 31.63 -13.35
N VAL B 386 3.48 31.77 -14.48
CA VAL B 386 3.88 33.12 -14.97
C VAL B 386 2.62 33.95 -15.29
N PHE B 387 1.47 33.32 -15.46
CA PHE B 387 0.21 34.07 -15.78
C PHE B 387 -0.23 34.84 -14.54
N ASP B 388 0.25 34.44 -13.36
CA ASP B 388 -0.08 35.08 -12.06
C ASP B 388 1.01 36.08 -11.61
N TRP B 389 2.09 36.31 -12.37
CA TRP B 389 3.13 37.33 -12.03
C TRP B 389 2.45 38.62 -11.57
N PHE B 390 1.43 39.06 -12.30
CA PHE B 390 0.43 40.07 -11.88
C PHE B 390 -0.90 39.69 -12.51
N PRO B 391 -2.03 40.30 -12.07
CA PRO B 391 -3.33 40.06 -12.72
C PRO B 391 -3.31 40.29 -14.24
N ASN B 392 -3.74 39.28 -15.01
CA ASN B 392 -3.87 39.33 -16.50
C ASN B 392 -2.52 39.26 -17.22
N ALA B 393 -1.48 38.74 -16.58
CA ALA B 393 -0.14 38.61 -17.17
C ALA B 393 -0.19 37.61 -18.30
N GLY B 394 0.09 38.07 -19.52
CA GLY B 394 0.28 37.22 -20.69
C GLY B 394 1.54 37.62 -21.44
N HIS B 395 1.99 36.78 -22.38
CA HIS B 395 3.24 36.98 -23.14
C HIS B 395 2.98 37.07 -24.65
N PHE B 396 4.06 37.36 -25.37
CA PHE B 396 4.09 37.82 -26.78
C PHE B 396 5.52 37.74 -27.29
N PHE B 397 5.87 36.59 -27.89
CA PHE B 397 7.27 36.13 -28.05
C PHE B 397 8.03 36.92 -29.12
N TYR B 398 9.26 37.29 -28.76
CA TYR B 398 10.34 37.68 -29.68
C TYR B 398 11.41 36.59 -29.58
N ALA B 399 11.58 35.75 -30.62
CA ALA B 399 12.44 34.56 -30.55
C ALA B 399 13.43 34.51 -31.71
N PRO B 400 14.48 35.37 -31.73
CA PRO B 400 15.48 35.31 -32.79
C PRO B 400 16.42 34.13 -32.63
N VAL B 401 17.03 33.72 -33.75
CA VAL B 401 18.08 32.66 -33.82
C VAL B 401 19.39 33.30 -34.28
N SER B 402 20.49 32.91 -33.67
CA SER B 402 21.82 33.51 -33.92
C SER B 402 22.92 32.47 -33.76
N ALA B 403 24.12 32.82 -34.21
CA ALA B 403 25.35 32.03 -34.03
C ALA B 403 25.64 31.98 -32.53
N PRO B 404 25.88 30.78 -31.95
CA PRO B 404 26.02 30.63 -30.50
C PRO B 404 27.36 31.25 -30.12
N SER B 405 27.28 32.42 -29.52
CA SER B 405 28.43 33.32 -29.25
C SER B 405 28.10 34.09 -27.97
N GLY B 406 29.00 34.07 -26.98
CA GLY B 406 28.80 34.83 -25.74
C GLY B 406 28.73 36.31 -26.06
N GLU B 407 29.42 36.73 -27.12
CA GLU B 407 29.46 38.16 -27.53
C GLU B 407 28.09 38.50 -28.13
N ASP B 408 27.44 37.53 -28.79
CA ASP B 408 26.04 37.67 -29.31
C ASP B 408 25.05 37.74 -28.15
N ALA B 409 25.15 36.82 -27.19
CA ALA B 409 24.18 36.67 -26.08
C ALA B 409 24.10 37.96 -25.26
N ALA B 410 25.24 38.57 -24.92
CA ALA B 410 25.29 39.79 -24.10
C ALA B 410 24.64 40.92 -24.88
N LYS B 411 24.95 41.01 -26.17
CA LYS B 411 24.42 42.00 -27.13
C LYS B 411 22.90 41.91 -27.13
N GLN B 412 22.36 40.71 -27.38
CA GLN B 412 20.91 40.43 -27.42
C GLN B 412 20.26 40.71 -26.06
N TYR B 413 20.90 40.36 -24.94
CA TYR B 413 20.33 40.58 -23.58
C TYR B 413 20.30 42.08 -23.29
N GLU B 414 21.42 42.77 -23.51
CA GLU B 414 21.54 44.21 -23.15
C GLU B 414 20.53 44.98 -24.01
N ASP B 415 20.46 44.67 -25.31
CA ASP B 415 19.59 45.41 -26.25
C ASP B 415 18.12 45.16 -25.91
N THR B 416 17.71 43.92 -25.68
CA THR B 416 16.29 43.57 -25.39
C THR B 416 15.87 44.20 -24.05
N LYS B 417 16.81 44.32 -23.11
CA LYS B 417 16.53 44.91 -21.76
C LYS B 417 16.29 46.41 -21.89
N ARG B 418 17.20 47.10 -22.60
CA ARG B 418 17.16 48.58 -22.79
C ARG B 418 15.87 48.92 -23.53
N ILE B 419 15.48 48.07 -24.46
CA ILE B 419 14.28 48.25 -25.32
C ILE B 419 13.03 47.96 -24.47
N SER B 420 12.99 46.85 -23.73
CA SER B 420 11.79 46.50 -22.92
C SER B 420 11.59 47.51 -21.78
N ASP B 421 12.70 48.02 -21.20
CA ASP B 421 12.69 49.07 -20.13
C ASP B 421 12.09 50.37 -20.68
N ASP B 422 12.40 50.72 -21.93
CA ASP B 422 11.87 51.95 -22.55
C ASP B 422 10.35 51.91 -22.60
N HIS B 423 9.76 50.71 -22.71
CA HIS B 423 8.29 50.50 -22.84
C HIS B 423 7.69 49.95 -21.53
N GLY B 424 8.48 49.81 -20.47
CA GLY B 424 7.97 49.44 -19.14
C GLY B 424 7.43 48.02 -19.07
N ILE B 425 7.87 47.12 -19.95
CA ILE B 425 7.40 45.71 -19.99
C ILE B 425 8.47 44.85 -19.33
N ASP B 426 8.05 43.96 -18.43
CA ASP B 426 8.94 42.99 -17.77
C ASP B 426 9.53 42.08 -18.86
N TYR B 427 10.79 41.68 -18.68
CA TYR B 427 11.56 40.91 -19.69
C TYR B 427 12.09 39.63 -19.04
N LEU B 428 11.40 38.53 -19.33
CA LEU B 428 11.84 37.16 -18.96
C LEU B 428 12.67 36.60 -20.10
N ALA B 429 13.89 36.14 -19.82
CA ALA B 429 14.92 35.78 -20.83
C ALA B 429 15.33 34.33 -20.66
N GLN B 430 15.36 33.58 -21.76
CA GLN B 430 15.82 32.18 -21.76
C GLN B 430 16.60 31.91 -23.06
N PHE B 431 17.90 31.64 -22.94
CA PHE B 431 18.75 31.16 -24.06
C PHE B 431 18.77 29.64 -24.02
N ILE B 432 18.68 29.05 -25.21
CA ILE B 432 18.79 27.59 -25.43
C ILE B 432 19.82 27.40 -26.53
N ILE B 433 20.81 26.55 -26.30
CA ILE B 433 21.88 26.37 -27.32
C ILE B 433 21.74 24.97 -27.91
N GLY B 434 21.36 24.98 -29.19
CA GLY B 434 20.84 23.81 -29.89
C GLY B 434 21.94 22.77 -30.00
N LEU B 435 23.01 23.16 -30.68
CA LEU B 435 24.11 22.26 -31.09
C LEU B 435 25.15 23.13 -31.78
N ARG B 436 24.71 23.86 -32.82
CA ARG B 436 25.50 24.88 -33.54
C ARG B 436 24.73 26.21 -33.60
N GLU B 437 23.56 26.31 -32.96
CA GLU B 437 22.68 27.51 -33.04
C GLU B 437 22.13 27.83 -31.67
N MET B 438 21.84 29.11 -31.47
CA MET B 438 21.29 29.65 -30.20
C MET B 438 19.96 30.34 -30.50
N HIS B 439 18.89 29.84 -29.88
CA HIS B 439 17.59 30.54 -29.73
C HIS B 439 17.69 31.52 -28.57
N HIS B 440 17.28 32.76 -28.79
CA HIS B 440 16.95 33.72 -27.71
C HIS B 440 15.43 33.78 -27.60
N ILE B 441 14.88 33.31 -26.48
CA ILE B 441 13.44 33.49 -26.14
C ILE B 441 13.28 34.76 -25.30
N CYS B 442 12.73 35.82 -25.88
CA CYS B 442 12.26 37.01 -25.12
C CYS B 442 10.77 36.83 -24.80
N LEU B 443 10.44 36.54 -23.53
CA LEU B 443 9.06 36.32 -23.05
C LEU B 443 8.63 37.54 -22.23
N PRO B 444 7.99 38.56 -22.87
CA PRO B 444 7.52 39.73 -22.12
C PRO B 444 6.28 39.34 -21.31
N LEU B 445 6.07 40.00 -20.19
CA LEU B 445 4.81 39.84 -19.42
C LEU B 445 4.11 41.19 -19.38
N TYR B 446 2.94 41.28 -20.01
CA TYR B 446 2.16 42.53 -20.10
C TYR B 446 0.73 42.24 -19.62
N ASP B 447 -0.01 43.30 -19.34
CA ASP B 447 -1.42 43.28 -18.86
C ASP B 447 -2.35 43.09 -20.05
N THR B 448 -2.78 41.86 -20.31
CA THR B 448 -3.57 41.50 -21.52
C THR B 448 -4.92 42.21 -21.52
N ALA B 449 -5.38 42.74 -20.38
CA ALA B 449 -6.68 43.44 -20.25
C ALA B 449 -6.51 44.96 -20.33
N ASP B 450 -5.32 45.49 -20.64
CA ASP B 450 -5.06 46.96 -20.64
C ASP B 450 -4.63 47.42 -22.03
N PRO B 451 -5.43 48.26 -22.72
CA PRO B 451 -5.09 48.70 -24.08
C PRO B 451 -3.73 49.41 -24.14
N ALA B 452 -3.38 50.19 -23.12
CA ALA B 452 -2.09 50.90 -23.01
C ALA B 452 -0.91 49.91 -23.07
N SER B 453 -0.99 48.78 -22.35
CA SER B 453 0.08 47.74 -22.25
C SER B 453 0.19 47.00 -23.58
N ARG B 454 -0.93 46.74 -24.24
CA ARG B 454 -0.98 46.05 -25.55
C ARG B 454 -0.19 46.90 -26.55
N LYS B 455 -0.45 48.21 -26.60
CA LYS B 455 0.22 49.12 -27.56
C LYS B 455 1.71 49.18 -27.20
N GLU B 456 2.05 49.20 -25.90
CA GLU B 456 3.46 49.22 -25.44
C GLU B 456 4.17 47.95 -25.90
N THR B 457 3.58 46.79 -25.64
CA THR B 457 4.13 45.47 -26.05
C THR B 457 4.31 45.39 -27.57
N LEU B 458 3.28 45.68 -28.37
CA LEU B 458 3.35 45.59 -29.86
C LEU B 458 4.45 46.54 -30.36
N ASP B 459 4.49 47.80 -29.88
CA ASP B 459 5.55 48.78 -30.29
C ASP B 459 6.91 48.24 -29.85
N MET B 460 7.01 47.68 -28.64
CA MET B 460 8.27 47.10 -28.11
C MET B 460 8.74 45.98 -29.04
N THR B 461 7.85 45.11 -29.52
CA THR B 461 8.26 43.92 -30.31
C THR B 461 8.68 44.36 -31.71
N ARG B 462 7.98 45.33 -32.28
CA ARG B 462 8.36 45.89 -33.59
C ARG B 462 9.74 46.55 -33.48
N GLU B 463 10.00 47.26 -32.36
CA GLU B 463 11.34 47.66 -31.85
C GLU B 463 12.40 46.56 -32.09
N LEU B 464 12.11 45.38 -31.52
CA LEU B 464 13.06 44.28 -31.25
C LEU B 464 13.33 43.54 -32.55
N ILE B 465 12.30 43.42 -33.39
CA ILE B 465 12.41 42.78 -34.73
C ILE B 465 13.29 43.67 -35.62
N ARG B 466 13.15 44.99 -35.57
CA ARG B 466 14.00 45.92 -36.36
C ARG B 466 15.46 45.74 -35.91
N ALA B 467 15.71 45.65 -34.61
CA ALA B 467 17.06 45.62 -34.02
C ALA B 467 17.70 44.25 -34.27
N GLY B 468 16.96 43.16 -34.08
CA GLY B 468 17.43 41.81 -34.45
C GLY B 468 17.81 41.77 -35.92
N ALA B 469 16.92 42.23 -36.79
CA ALA B 469 17.17 42.28 -38.25
C ALA B 469 18.41 43.13 -38.52
N GLU B 470 18.67 44.13 -37.68
CA GLU B 470 19.78 45.10 -37.91
C GLU B 470 21.10 44.36 -37.67
N GLU B 471 21.12 43.41 -36.74
CA GLU B 471 22.32 42.68 -36.27
C GLU B 471 22.40 41.31 -36.93
N GLY B 472 21.45 40.97 -37.81
CA GLY B 472 21.44 39.68 -38.52
C GLY B 472 20.84 38.54 -37.70
N TYR B 473 19.90 38.84 -36.80
CA TYR B 473 19.18 37.83 -35.97
C TYR B 473 17.75 37.68 -36.52
N GLY B 474 17.43 36.48 -36.99
CA GLY B 474 16.15 36.18 -37.67
C GLY B 474 15.21 35.41 -36.75
N ILE B 475 13.95 35.81 -36.72
CA ILE B 475 12.87 35.14 -35.95
C ILE B 475 12.41 33.92 -36.76
N TYR B 476 12.25 32.79 -36.09
CA TYR B 476 11.79 31.52 -36.73
C TYR B 476 10.31 31.25 -36.39
N ARG B 477 9.72 32.07 -35.52
CA ARG B 477 8.32 31.89 -35.08
C ARG B 477 7.79 33.22 -34.54
N ALA B 478 6.61 33.63 -34.98
CA ALA B 478 6.05 34.97 -34.67
C ALA B 478 4.53 34.90 -34.58
N HIS B 479 3.97 35.77 -33.75
CA HIS B 479 2.52 36.03 -33.59
C HIS B 479 1.92 36.47 -34.91
N ASN B 480 0.64 36.17 -35.12
CA ASN B 480 -0.16 36.56 -36.32
C ASN B 480 0.17 37.99 -36.70
N VAL B 481 0.16 38.89 -35.70
CA VAL B 481 0.19 40.36 -35.95
C VAL B 481 1.61 40.78 -36.35
N LEU B 482 2.58 39.87 -36.23
CA LEU B 482 4.01 40.12 -36.51
C LEU B 482 4.41 39.52 -37.86
N ALA B 483 3.61 38.61 -38.41
CA ALA B 483 3.91 37.83 -39.65
C ALA B 483 4.51 38.72 -40.74
N ASP B 484 3.82 39.77 -41.21
CA ASP B 484 4.33 40.52 -42.40
C ASP B 484 5.70 41.13 -42.06
N GLN B 485 5.84 41.79 -40.92
CA GLN B 485 7.11 42.47 -40.56
C GLN B 485 8.27 41.46 -40.56
N VAL B 486 8.04 40.25 -40.07
CA VAL B 486 9.09 39.21 -39.90
C VAL B 486 9.44 38.64 -41.28
N ALA B 487 8.43 38.32 -42.09
CA ALA B 487 8.59 37.78 -43.46
C ALA B 487 9.43 38.77 -44.30
N GLU B 488 9.22 40.08 -44.13
CA GLU B 488 9.96 41.16 -44.86
C GLU B 488 11.45 41.14 -44.48
N THR B 489 11.81 40.65 -43.30
CA THR B 489 13.22 40.61 -42.84
C THR B 489 14.01 39.61 -43.70
N TYR B 490 13.37 38.61 -44.29
CA TYR B 490 13.99 37.61 -45.19
C TYR B 490 13.98 38.19 -46.59
N SER B 491 14.68 39.32 -46.75
CA SER B 491 14.56 40.25 -47.90
C SER B 491 15.46 39.86 -49.07
N PHE B 492 16.35 38.87 -48.92
CA PHE B 492 17.36 38.52 -49.95
C PHE B 492 16.67 38.31 -51.30
N ASN B 493 17.17 39.02 -52.33
CA ASN B 493 16.75 38.93 -53.75
C ASN B 493 15.26 39.24 -53.87
N ASN B 494 14.83 40.42 -53.41
CA ASN B 494 13.44 40.90 -53.51
C ASN B 494 12.51 39.80 -52.99
N HIS B 495 12.81 39.26 -51.80
CA HIS B 495 11.93 38.36 -51.03
C HIS B 495 11.65 37.09 -51.84
N ILE B 496 12.69 36.48 -52.41
CA ILE B 496 12.55 35.22 -53.19
C ILE B 496 11.98 34.14 -52.26
N GLN B 497 12.29 34.16 -50.96
CA GLN B 497 11.71 33.16 -50.01
C GLN B 497 10.19 33.31 -49.94
N ARG B 498 9.71 34.54 -49.72
CA ARG B 498 8.25 34.83 -49.60
C ARG B 498 7.60 34.43 -50.93
N ARG B 499 8.16 34.88 -52.06
CA ARG B 499 7.57 34.64 -53.39
C ARG B 499 7.56 33.12 -53.68
N SER B 500 8.61 32.38 -53.32
CA SER B 500 8.64 30.89 -53.45
C SER B 500 7.48 30.30 -52.63
N HIS B 501 7.37 30.70 -51.36
CA HIS B 501 6.24 30.27 -50.49
C HIS B 501 4.92 30.46 -51.25
N GLU B 502 4.74 31.58 -51.91
CA GLU B 502 3.48 31.87 -52.55
C GLU B 502 3.20 31.07 -53.79
N ARG B 503 4.22 30.65 -54.49
CA ARG B 503 4.06 29.85 -55.67
C ARG B 503 3.58 28.49 -55.26
N ILE B 504 4.15 27.96 -54.21
CA ILE B 504 3.73 26.68 -53.66
C ILE B 504 2.34 26.81 -53.08
N LYS B 505 2.08 27.92 -52.44
CA LYS B 505 0.75 28.18 -51.84
C LYS B 505 -0.31 28.10 -52.95
N ASP B 506 -0.08 28.79 -54.07
CA ASP B 506 -1.06 28.90 -55.19
C ASP B 506 -1.22 27.54 -55.87
N ALA B 507 -0.16 26.72 -55.92
CA ALA B 507 -0.18 25.39 -56.56
C ALA B 507 -1.04 24.42 -55.74
N LEU B 508 -0.89 24.45 -54.40
CA LEU B 508 -1.61 23.55 -53.47
C LEU B 508 -2.92 24.16 -53.00
N ASP B 509 -3.15 25.46 -53.20
CA ASP B 509 -4.38 26.13 -52.68
C ASP B 509 -4.86 27.16 -53.69
N PRO B 510 -5.32 26.69 -54.88
CA PRO B 510 -5.65 27.57 -56.00
C PRO B 510 -6.77 28.58 -55.70
N ASN B 511 -7.55 28.34 -54.64
CA ASN B 511 -8.64 29.25 -54.22
C ASN B 511 -8.20 30.12 -53.04
N GLY B 512 -7.07 29.82 -52.40
CA GLY B 512 -6.57 30.61 -51.25
C GLY B 512 -7.49 30.51 -50.04
N ILE B 513 -7.96 29.30 -49.73
CA ILE B 513 -8.91 28.99 -48.63
C ILE B 513 -8.17 28.94 -47.28
N LEU B 514 -7.01 28.29 -47.20
CA LEU B 514 -6.36 27.98 -45.90
C LEU B 514 -5.59 29.19 -45.34
N ASN B 515 -6.08 29.68 -44.19
CA ASN B 515 -5.50 30.68 -43.25
C ASN B 515 -4.59 31.67 -43.96
N PRO B 516 -5.15 32.46 -44.90
CA PRO B 516 -4.35 33.38 -45.69
C PRO B 516 -3.42 34.25 -44.83
N GLY B 517 -2.19 34.45 -45.29
CA GLY B 517 -1.25 35.43 -44.70
C GLY B 517 -0.39 34.81 -43.60
N LYS B 518 -0.67 33.56 -43.20
CA LYS B 518 0.16 32.81 -42.23
C LYS B 518 1.63 32.84 -42.70
N SER B 519 2.50 33.48 -41.93
CA SER B 519 3.96 33.54 -42.16
C SER B 519 4.29 34.43 -43.37
N GLY B 520 3.37 35.32 -43.75
CA GLY B 520 3.56 36.24 -44.89
C GLY B 520 3.15 35.59 -46.19
N ILE B 521 2.62 34.36 -46.13
CA ILE B 521 2.22 33.55 -47.33
C ILE B 521 0.77 33.89 -47.69
N TRP B 522 0.59 34.84 -48.60
CA TRP B 522 -0.74 35.32 -49.03
C TRP B 522 -1.14 34.59 -50.31
N PRO B 523 -2.42 34.16 -50.44
CA PRO B 523 -2.88 33.51 -51.66
C PRO B 523 -2.93 34.58 -52.76
N GLU B 524 -2.81 34.17 -54.03
CA GLU B 524 -2.67 35.11 -55.18
C GLU B 524 -3.76 36.18 -55.07
N ARG B 525 -4.97 35.78 -54.68
CA ARG B 525 -6.23 36.58 -54.84
C ARG B 525 -6.22 37.79 -53.90
N LEU B 526 -5.26 37.88 -52.99
CA LEU B 526 -5.19 38.99 -52.00
C LEU B 526 -3.94 39.84 -52.22
N ARG B 527 -3.19 39.65 -53.30
CA ARG B 527 -1.80 40.18 -53.39
C ARG B 527 -1.77 41.48 -54.20
N THR C 5 -52.94 46.43 39.54
CA THR C 5 -51.50 46.28 39.11
C THR C 5 -51.08 47.40 38.17
N LEU C 6 -49.78 47.58 37.95
CA LEU C 6 -49.24 48.74 37.18
C LEU C 6 -47.92 48.37 36.54
N PRO C 7 -47.67 48.77 35.27
CA PRO C 7 -46.52 48.29 34.51
C PRO C 7 -45.26 49.04 34.95
N ASP C 8 -44.17 48.29 35.13
CA ASP C 8 -42.90 48.81 35.69
C ASP C 8 -42.41 50.01 34.86
N GLY C 9 -42.01 51.08 35.54
CA GLY C 9 -41.48 52.31 34.91
C GLY C 9 -42.59 53.27 34.52
N VAL C 10 -43.85 52.92 34.74
CA VAL C 10 -45.00 53.80 34.41
C VAL C 10 -45.71 54.18 35.72
N SER C 11 -46.06 55.46 35.83
CA SER C 11 -46.74 56.03 37.03
C SER C 11 -48.25 55.91 36.87
N ALA C 12 -48.95 55.94 37.99
CA ALA C 12 -50.43 55.94 38.05
C ALA C 12 -50.93 57.20 37.33
N GLU C 13 -50.11 58.24 37.24
CA GLU C 13 -50.38 59.45 36.41
C GLU C 13 -50.57 59.06 34.94
N GLN C 14 -49.45 58.85 34.24
CA GLN C 14 -49.37 58.74 32.77
C GLN C 14 -50.24 57.58 32.32
N PHE C 15 -50.38 56.57 33.17
CA PHE C 15 -51.29 55.43 32.95
C PHE C 15 -52.72 55.98 32.86
N ALA C 16 -53.10 56.87 33.78
CA ALA C 16 -54.45 57.48 33.81
C ALA C 16 -54.61 58.46 32.64
N ASN C 17 -53.56 59.16 32.23
CA ASN C 17 -53.66 60.09 31.06
C ASN C 17 -53.89 59.25 29.82
N ALA C 18 -53.15 58.13 29.71
CA ALA C 18 -53.24 57.13 28.61
C ALA C 18 -54.66 56.55 28.54
N ILE C 19 -55.15 56.03 29.67
CA ILE C 19 -56.52 55.44 29.74
C ILE C 19 -57.51 56.49 29.24
N SER C 20 -57.38 57.74 29.67
CA SER C 20 -58.30 58.84 29.25
C SER C 20 -58.12 59.11 27.75
N GLU C 21 -56.92 58.89 27.21
CA GLU C 21 -56.67 59.03 25.76
C GLU C 21 -57.23 57.80 25.03
N PHE C 22 -57.03 56.59 25.57
CA PHE C 22 -57.69 55.35 25.07
C PHE C 22 -59.19 55.61 25.03
N SER C 23 -59.74 56.13 26.15
CA SER C 23 -61.19 56.26 26.45
C SER C 23 -61.86 57.19 25.44
N GLU C 24 -61.22 58.31 25.13
CA GLU C 24 -61.82 59.41 24.32
C GLU C 24 -61.73 59.06 22.82
N THR C 25 -60.98 58.00 22.50
CA THR C 25 -60.58 57.59 21.12
C THR C 25 -61.42 56.39 20.66
N ILE C 26 -61.58 55.40 21.53
CA ILE C 26 -62.18 54.08 21.27
C ILE C 26 -63.66 54.07 21.69
N GLY C 27 -64.02 54.88 22.70
CA GLY C 27 -65.33 54.88 23.39
C GLY C 27 -65.14 54.38 24.82
N SER C 28 -65.64 55.13 25.82
CA SER C 28 -65.33 54.88 27.26
C SER C 28 -65.79 53.47 27.66
N GLU C 29 -66.85 52.98 27.02
CA GLU C 29 -67.47 51.63 27.23
C GLU C 29 -66.58 50.49 26.74
N TYR C 30 -65.51 50.77 25.98
CA TYR C 30 -64.62 49.74 25.36
C TYR C 30 -63.23 49.71 26.01
N VAL C 31 -62.97 50.66 26.90
CA VAL C 31 -61.72 50.73 27.71
C VAL C 31 -62.14 50.48 29.14
N ARG C 32 -61.48 49.54 29.80
CA ARG C 32 -62.08 48.89 30.99
C ARG C 32 -61.00 48.52 31.98
N VAL C 33 -61.11 48.99 33.23
CA VAL C 33 -60.03 48.90 34.26
C VAL C 33 -60.53 48.23 35.54
N ASP C 34 -61.84 48.02 35.71
CA ASP C 34 -62.44 47.45 36.95
C ASP C 34 -61.95 46.02 37.17
N GLU C 35 -61.66 45.67 38.42
CA GLU C 35 -61.15 44.33 38.81
C GLU C 35 -62.11 43.23 38.33
N ALA C 36 -63.42 43.48 38.30
CA ALA C 36 -64.45 42.52 37.85
C ALA C 36 -64.18 42.06 36.40
N THR C 37 -63.97 42.99 35.47
CA THR C 37 -63.79 42.69 34.04
C THR C 37 -62.36 42.22 33.76
N VAL C 38 -61.36 42.85 34.38
CA VAL C 38 -59.93 42.60 34.03
C VAL C 38 -59.49 41.27 34.66
N SER C 39 -60.07 40.84 35.78
CA SER C 39 -59.69 39.56 36.42
C SER C 39 -60.14 38.37 35.54
N GLU C 40 -61.19 38.54 34.73
CA GLU C 40 -61.64 37.48 33.78
C GLU C 40 -60.47 37.13 32.82
N TYR C 41 -59.50 38.04 32.65
CA TYR C 41 -58.33 37.89 31.74
C TYR C 41 -57.05 37.49 32.46
N ASP C 42 -57.13 37.05 33.70
CA ASP C 42 -55.98 36.36 34.36
C ASP C 42 -55.89 34.96 33.76
N ASP C 43 -54.71 34.36 33.83
CA ASP C 43 -54.45 32.97 33.38
C ASP C 43 -55.39 32.04 34.14
N LYS C 44 -56.34 31.39 33.46
CA LYS C 44 -57.26 30.41 34.10
C LYS C 44 -56.44 29.28 34.74
N PHE C 45 -55.30 28.89 34.16
CA PHE C 45 -54.46 27.76 34.65
C PHE C 45 -53.11 28.29 35.12
N PRO C 46 -53.07 29.09 36.21
CA PRO C 46 -51.83 29.69 36.66
C PRO C 46 -51.00 28.62 37.38
N VAL C 47 -49.71 28.87 37.46
CA VAL C 47 -48.72 28.00 38.17
C VAL C 47 -47.91 28.88 39.14
N THR C 48 -48.27 30.16 39.22
CA THR C 48 -47.67 31.18 40.13
C THR C 48 -48.80 31.79 40.95
N ASP C 49 -48.46 32.32 42.13
CA ASP C 49 -49.43 32.61 43.22
C ASP C 49 -49.68 34.13 43.34
N GLY C 50 -48.78 34.98 42.85
CA GLY C 50 -48.77 36.40 43.25
C GLY C 50 -49.25 37.36 42.17
N ASP C 51 -48.41 38.35 41.84
CA ASP C 51 -48.73 39.48 40.94
C ASP C 51 -48.16 39.22 39.54
N GLU C 52 -47.56 38.05 39.30
CA GLU C 52 -46.98 37.71 37.97
C GLU C 52 -48.10 37.57 36.93
N PHE C 53 -47.92 38.23 35.79
CA PHE C 53 -48.66 37.99 34.52
C PHE C 53 -50.10 38.49 34.62
N LYS C 54 -50.35 39.56 35.38
CA LYS C 54 -51.71 40.12 35.54
C LYS C 54 -51.75 41.46 34.83
N GLY C 55 -52.54 41.56 33.77
CA GLY C 55 -52.74 42.81 33.02
C GLY C 55 -53.47 43.86 33.84
N SER C 56 -53.30 45.13 33.49
CA SER C 56 -53.79 46.32 34.23
C SER C 56 -55.11 46.83 33.65
N ALA C 57 -55.45 46.50 32.41
CA ALA C 57 -56.67 46.98 31.76
C ALA C 57 -56.98 46.07 30.57
N VAL C 58 -58.14 46.23 29.98
CA VAL C 58 -58.50 45.50 28.74
C VAL C 58 -59.25 46.47 27.83
N ILE C 59 -59.03 46.35 26.53
CA ILE C 59 -59.72 47.19 25.53
C ILE C 59 -60.32 46.27 24.48
N TRP C 60 -61.52 46.60 24.02
CA TRP C 60 -62.25 45.82 22.98
C TRP C 60 -62.29 46.67 21.72
N PRO C 61 -61.17 46.73 20.96
CA PRO C 61 -61.14 47.51 19.73
C PRO C 61 -62.21 46.96 18.78
N GLY C 62 -62.75 47.83 17.93
CA GLY C 62 -63.85 47.51 17.00
C GLY C 62 -63.42 47.52 15.56
N SER C 63 -62.21 47.98 15.25
CA SER C 63 -61.72 48.08 13.86
C SER C 63 -60.20 48.02 13.83
N THR C 64 -59.63 47.91 12.64
CA THR C 64 -58.18 48.01 12.40
C THR C 64 -57.73 49.42 12.82
N GLU C 65 -58.51 50.48 12.57
CA GLU C 65 -57.99 51.82 12.99
C GLU C 65 -58.04 51.96 14.51
N ASP C 66 -59.09 51.47 15.18
CA ASP C 66 -59.10 51.48 16.67
C ASP C 66 -57.76 50.93 17.16
N VAL C 67 -57.29 49.83 16.55
CA VAL C 67 -56.03 49.12 16.93
C VAL C 67 -54.84 50.06 16.69
N GLN C 68 -54.78 50.68 15.51
CA GLN C 68 -53.70 51.62 15.09
C GLN C 68 -53.53 52.69 16.16
N VAL C 69 -54.64 53.32 16.54
CA VAL C 69 -54.64 54.47 17.51
C VAL C 69 -54.16 53.96 18.87
N ILE C 70 -54.69 52.85 19.35
CA ILE C 70 -54.25 52.20 20.62
C ILE C 70 -52.73 52.03 20.59
N VAL C 71 -52.19 51.60 19.45
CA VAL C 71 -50.74 51.31 19.31
C VAL C 71 -49.94 52.60 19.45
N ARG C 72 -50.40 53.70 18.84
CA ARG C 72 -49.68 54.99 18.85
C ARG C 72 -49.68 55.56 20.28
N ILE C 73 -50.82 55.51 20.95
CA ILE C 73 -51.00 55.96 22.37
C ILE C 73 -50.02 55.15 23.24
N ALA C 74 -49.98 53.83 23.09
CA ALA C 74 -49.07 52.93 23.84
C ALA C 74 -47.61 53.37 23.64
N ASN C 75 -47.27 53.77 22.42
CA ASN C 75 -45.92 54.29 22.04
C ASN C 75 -45.67 55.62 22.77
N LYS C 76 -46.62 56.55 22.67
CA LYS C 76 -46.53 57.90 23.30
C LYS C 76 -46.16 57.76 24.79
N TYR C 77 -46.85 56.91 25.56
CA TYR C 77 -46.75 56.82 27.05
C TYR C 77 -45.80 55.68 27.49
N GLY C 78 -45.30 54.88 26.54
CA GLY C 78 -44.34 53.79 26.80
C GLY C 78 -44.98 52.64 27.57
N ILE C 79 -46.21 52.29 27.22
CA ILE C 79 -47.03 51.27 27.95
C ILE C 79 -47.05 49.97 27.15
N PRO C 80 -46.68 48.83 27.78
CA PRO C 80 -46.71 47.54 27.10
C PRO C 80 -48.14 47.07 26.80
N LEU C 81 -48.35 46.54 25.59
CA LEU C 81 -49.63 45.93 25.11
C LEU C 81 -49.45 44.41 24.94
N HIS C 82 -50.55 43.68 25.08
CA HIS C 82 -50.65 42.24 24.72
C HIS C 82 -51.94 42.02 23.94
N ALA C 83 -51.83 41.85 22.63
CA ALA C 83 -52.98 41.57 21.74
C ALA C 83 -53.14 40.06 21.62
N PHE C 84 -54.40 39.61 21.68
CA PHE C 84 -54.77 38.20 21.44
C PHE C 84 -56.11 38.22 20.72
N SER C 85 -56.51 37.06 20.21
CA SER C 85 -57.73 36.90 19.39
C SER C 85 -58.85 36.39 20.29
N GLY C 86 -58.75 35.15 20.78
CA GLY C 86 -59.71 34.55 21.72
C GLY C 86 -59.25 34.71 23.16
N GLY C 87 -57.93 34.70 23.38
CA GLY C 87 -57.31 34.71 24.71
C GLY C 87 -57.53 33.40 25.45
N ARG C 88 -57.71 32.29 24.73
CA ARG C 88 -58.01 30.97 25.38
C ARG C 88 -56.84 30.01 25.16
N ASN C 89 -55.61 30.54 25.22
CA ASN C 89 -54.35 29.76 25.04
C ASN C 89 -54.07 29.02 26.35
N LEU C 90 -55.05 28.25 26.83
CA LEU C 90 -54.93 27.44 28.07
C LEU C 90 -53.77 26.45 27.91
N GLY C 91 -52.97 26.32 28.95
CA GLY C 91 -51.78 25.43 28.99
C GLY C 91 -50.53 26.20 28.62
N TYR C 92 -50.70 27.38 27.99
CA TYR C 92 -49.61 28.29 27.53
C TYR C 92 -49.83 29.72 28.04
N GLY C 93 -50.77 29.94 28.97
CA GLY C 93 -50.90 31.23 29.68
C GLY C 93 -52.22 31.93 29.41
N GLY C 94 -53.15 31.28 28.72
CA GLY C 94 -54.50 31.82 28.52
C GLY C 94 -54.46 33.17 27.84
N SER C 95 -54.94 34.22 28.51
CA SER C 95 -54.89 35.61 27.96
C SER C 95 -53.85 36.46 28.72
N SER C 96 -53.17 35.87 29.72
CA SER C 96 -52.21 36.59 30.59
C SER C 96 -51.05 37.11 29.74
N PRO C 97 -50.54 38.34 30.02
CA PRO C 97 -49.32 38.84 29.40
C PRO C 97 -48.04 38.32 30.07
N MET C 98 -46.90 38.65 29.46
CA MET C 98 -45.55 38.28 29.97
C MET C 98 -45.19 39.21 31.13
N LEU C 99 -45.58 40.48 31.03
CA LEU C 99 -45.24 41.56 32.00
C LEU C 99 -46.49 42.00 32.77
N THR C 100 -46.38 42.09 34.09
CA THR C 100 -47.43 42.67 34.96
C THR C 100 -47.71 44.09 34.49
N GLY C 101 -48.98 44.49 34.51
CA GLY C 101 -49.43 45.86 34.23
C GLY C 101 -49.61 46.10 32.75
N THR C 102 -49.34 45.10 31.90
CA THR C 102 -49.54 45.20 30.43
C THR C 102 -51.01 45.47 30.16
N VAL C 103 -51.31 46.42 29.27
CA VAL C 103 -52.69 46.67 28.73
C VAL C 103 -53.02 45.57 27.70
N LEU C 104 -54.15 44.86 27.91
CA LEU C 104 -54.58 43.70 27.09
C LEU C 104 -55.56 44.18 26.01
N LEU C 105 -55.33 43.77 24.77
CA LEU C 105 -56.24 44.02 23.62
C LEU C 105 -56.92 42.71 23.24
N HIS C 106 -58.18 42.55 23.61
CA HIS C 106 -59.03 41.40 23.23
C HIS C 106 -59.74 41.77 21.94
N LEU C 107 -59.10 41.50 20.81
CA LEU C 107 -59.63 41.85 19.47
C LEU C 107 -60.91 41.04 19.22
N GLY C 108 -60.97 39.81 19.73
CA GLY C 108 -62.04 38.86 19.40
C GLY C 108 -63.41 39.34 19.87
N LYS C 109 -63.48 40.05 20.99
CA LYS C 109 -64.75 40.45 21.64
C LYS C 109 -65.64 41.17 20.62
N ARG C 110 -65.13 42.12 19.85
CA ARG C 110 -65.97 42.86 18.86
C ARG C 110 -65.58 42.58 17.41
N MET C 111 -64.31 42.27 17.12
CA MET C 111 -63.86 42.01 15.73
C MET C 111 -63.93 40.50 15.47
N ASN C 112 -65.10 40.02 15.04
CA ASN C 112 -65.36 38.55 14.91
C ASN C 112 -66.24 38.23 13.69
N ARG C 113 -66.15 39.01 12.61
CA ARG C 113 -66.92 38.69 11.38
C ARG C 113 -66.12 37.64 10.60
N VAL C 114 -66.76 36.57 10.15
CA VAL C 114 -66.24 35.75 9.02
C VAL C 114 -66.40 36.61 7.79
N LEU C 115 -65.34 37.21 7.27
CA LEU C 115 -65.50 38.27 6.24
C LEU C 115 -65.91 37.71 4.88
N GLU C 116 -65.53 36.48 4.56
CA GLU C 116 -65.61 36.04 3.15
C GLU C 116 -65.46 34.52 3.10
N ILE C 117 -66.27 33.85 2.30
CA ILE C 117 -66.09 32.39 2.03
C ILE C 117 -66.14 32.20 0.53
N ASN C 118 -65.05 31.67 -0.02
CA ASN C 118 -64.85 31.47 -1.48
C ASN C 118 -64.78 29.96 -1.76
N GLU C 119 -65.87 29.38 -2.28
CA GLU C 119 -65.91 27.92 -2.59
C GLU C 119 -65.02 27.58 -3.80
N LYS C 120 -65.03 28.40 -4.86
CA LYS C 120 -64.29 28.16 -6.13
C LYS C 120 -62.79 27.99 -5.82
N LEU C 121 -62.25 28.80 -4.90
CA LEU C 121 -60.81 28.80 -4.55
C LEU C 121 -60.59 28.38 -3.10
N ALA C 122 -61.63 27.85 -2.42
CA ALA C 122 -61.50 27.04 -1.19
C ALA C 122 -60.65 27.75 -0.15
N TYR C 123 -61.07 28.94 0.27
CA TYR C 123 -60.41 29.75 1.32
C TYR C 123 -61.45 30.63 2.01
N ALA C 124 -61.18 31.04 3.24
CA ALA C 124 -62.06 31.96 3.99
C ALA C 124 -61.21 33.08 4.56
N VAL C 125 -61.84 34.20 4.88
CA VAL C 125 -61.14 35.38 5.46
C VAL C 125 -61.82 35.68 6.78
N VAL C 126 -61.04 35.73 7.86
CA VAL C 126 -61.60 35.71 9.24
C VAL C 126 -61.03 36.87 10.04
N GLU C 127 -61.81 37.35 11.01
CA GLU C 127 -61.36 38.35 11.99
C GLU C 127 -60.89 37.61 13.22
N PRO C 128 -60.16 38.28 14.13
CA PRO C 128 -59.59 37.60 15.29
C PRO C 128 -60.62 36.81 16.09
N GLY C 129 -61.86 37.29 16.15
CA GLY C 129 -62.87 36.74 17.07
C GLY C 129 -63.47 35.43 16.56
N VAL C 130 -63.28 35.11 15.28
CA VAL C 130 -63.89 33.88 14.70
C VAL C 130 -63.18 32.68 15.34
N ASP C 131 -63.94 31.90 16.09
CA ASP C 131 -63.51 30.57 16.62
C ASP C 131 -64.00 29.49 15.67
N TYR C 132 -63.55 28.25 15.88
CA TYR C 132 -63.80 27.10 14.97
C TYR C 132 -65.32 26.84 14.87
N LYS C 133 -66.05 26.94 15.98
CA LYS C 133 -67.51 26.70 15.98
C LYS C 133 -68.14 27.64 14.94
N THR C 134 -67.82 28.93 14.99
CA THR C 134 -68.45 29.96 14.11
C THR C 134 -68.06 29.70 12.66
N LEU C 135 -66.79 29.37 12.38
CA LEU C 135 -66.35 29.08 10.98
C LEU C 135 -67.06 27.81 10.52
N TYR C 136 -67.43 26.88 11.36
CA TYR C 136 -68.05 25.65 10.86
C TYR C 136 -69.42 25.93 10.38
N GLU C 137 -70.13 26.72 11.15
CA GLU C 137 -71.48 27.01 10.82
C GLU C 137 -71.58 27.99 9.71
N ALA C 138 -70.62 28.87 9.59
CA ALA C 138 -70.58 29.79 8.49
C ALA C 138 -70.47 29.07 7.19
N VAL C 139 -69.59 28.08 7.13
CA VAL C 139 -69.39 27.31 5.93
C VAL C 139 -70.61 26.46 5.64
N ARG C 140 -71.21 25.91 6.67
CA ARG C 140 -72.44 25.16 6.47
C ARG C 140 -73.56 26.08 6.09
N ASP C 141 -73.56 27.29 6.61
CA ASP C 141 -74.63 28.23 6.15
C ASP C 141 -74.38 28.64 4.69
N SER C 142 -73.13 28.67 4.22
CA SER C 142 -72.77 29.10 2.84
C SER C 142 -73.05 27.96 1.84
N GLY C 143 -73.27 26.73 2.33
CA GLY C 143 -73.42 25.56 1.46
C GLY C 143 -72.13 25.22 0.72
N ALA C 144 -71.10 26.08 0.77
CA ALA C 144 -69.73 25.83 0.25
C ALA C 144 -69.33 24.42 0.66
N LYS C 145 -68.65 23.68 -0.21
CA LYS C 145 -68.40 22.25 0.11
C LYS C 145 -66.95 22.06 0.56
N LEU C 146 -66.62 22.80 1.62
CA LEU C 146 -65.28 22.87 2.23
C LEU C 146 -65.37 22.39 3.67
N MET C 147 -64.22 22.10 4.27
CA MET C 147 -64.16 21.73 5.71
C MET C 147 -63.02 22.51 6.37
N ILE C 148 -63.22 22.84 7.64
CA ILE C 148 -62.24 23.57 8.50
C ILE C 148 -61.26 22.53 9.05
N ASP C 149 -60.19 22.99 9.71
CA ASP C 149 -59.28 22.12 10.50
C ASP C 149 -59.18 22.65 11.92
N PRO C 150 -60.07 22.16 12.82
CA PRO C 150 -60.08 22.61 14.22
C PRO C 150 -59.09 21.88 15.11
N ALA C 151 -58.66 22.55 16.17
CA ALA C 151 -57.96 21.96 17.33
C ALA C 151 -58.98 21.23 18.22
N GLU C 152 -58.52 20.70 19.36
CA GLU C 152 -59.33 19.83 20.25
C GLU C 152 -60.49 20.63 20.87
N LEU C 153 -60.39 21.95 20.99
CA LEU C 153 -61.46 22.76 21.61
C LEU C 153 -62.03 23.76 20.60
N ASP C 154 -63.35 23.74 20.42
CA ASP C 154 -64.09 24.51 19.38
C ASP C 154 -64.14 26.02 19.68
N TRP C 155 -63.67 26.49 20.84
CA TRP C 155 -63.67 27.93 21.18
C TRP C 155 -62.33 28.59 20.80
N GLY C 156 -61.36 27.80 20.37
CA GLY C 156 -60.09 28.35 19.86
C GLY C 156 -60.34 29.28 18.68
N SER C 157 -59.65 30.41 18.65
CA SER C 157 -59.66 31.37 17.52
C SER C 157 -58.97 30.71 16.34
N VAL C 158 -59.58 30.75 15.15
CA VAL C 158 -58.95 30.26 13.89
C VAL C 158 -57.60 30.98 13.72
N MET C 159 -57.59 32.29 13.96
CA MET C 159 -56.41 33.16 13.79
C MET C 159 -55.41 32.95 14.95
N GLY C 160 -55.89 33.13 16.17
CA GLY C 160 -55.07 32.99 17.40
C GLY C 160 -54.33 31.66 17.45
N ASN C 161 -54.99 30.55 17.10
CA ASN C 161 -54.38 29.20 17.11
C ASN C 161 -53.24 29.13 16.09
N THR C 162 -53.44 29.72 14.91
CA THR C 162 -52.40 29.84 13.85
C THR C 162 -51.18 30.62 14.35
N MET C 163 -51.39 31.82 14.90
CA MET C 163 -50.34 32.72 15.49
C MET C 163 -49.40 31.93 16.39
N GLU C 164 -49.91 30.90 17.06
CA GLU C 164 -49.25 30.15 18.15
C GLU C 164 -48.58 28.92 17.54
N HIS C 165 -48.62 28.78 16.22
CA HIS C 165 -48.11 27.59 15.48
C HIS C 165 -48.93 26.36 15.90
N GLY C 166 -50.22 26.58 16.15
CA GLY C 166 -51.15 25.52 16.57
C GLY C 166 -51.39 24.54 15.44
N VAL C 167 -51.91 23.36 15.77
CA VAL C 167 -52.16 22.28 14.77
C VAL C 167 -53.52 21.66 15.10
N GLY C 168 -54.12 21.02 14.09
CA GLY C 168 -55.30 20.16 14.20
C GLY C 168 -54.99 18.74 13.74
N TYR C 169 -55.95 18.07 13.12
CA TYR C 169 -55.96 16.59 12.98
C TYR C 169 -56.42 16.09 11.60
N THR C 170 -56.77 16.98 10.66
CA THR C 170 -57.09 16.62 9.26
C THR C 170 -55.78 16.71 8.47
N PRO C 171 -55.77 16.36 7.16
CA PRO C 171 -54.60 16.64 6.34
C PRO C 171 -54.18 18.11 6.30
N TYR C 172 -55.11 19.03 6.60
CA TYR C 172 -54.83 20.48 6.67
C TYR C 172 -54.45 20.84 8.11
N ALA C 173 -53.80 19.92 8.84
CA ALA C 173 -53.51 20.06 10.28
C ALA C 173 -52.55 21.21 10.54
N ASP C 174 -51.54 21.39 9.68
CA ASP C 174 -50.46 22.37 9.95
C ASP C 174 -50.99 23.77 9.65
N HIS C 175 -51.64 24.40 10.64
CA HIS C 175 -52.39 25.66 10.44
C HIS C 175 -51.50 26.73 9.81
N SER C 176 -50.23 26.82 10.21
CA SER C 176 -49.26 27.80 9.67
C SER C 176 -49.23 27.67 8.15
N MET C 177 -49.25 26.45 7.63
CA MET C 177 -49.12 26.18 6.18
C MET C 177 -50.30 26.83 5.42
N TRP C 178 -51.54 26.70 5.92
CA TRP C 178 -52.77 27.08 5.18
C TRP C 178 -53.15 28.53 5.47
N ARG C 179 -52.42 29.18 6.37
CA ARG C 179 -52.44 30.65 6.53
C ARG C 179 -51.98 31.28 5.22
N CYS C 180 -52.67 32.32 4.75
CA CYS C 180 -52.27 33.03 3.52
C CYS C 180 -52.98 34.38 3.43
N GLY C 181 -52.20 35.44 3.59
CA GLY C 181 -52.69 36.82 3.52
C GLY C 181 -53.10 37.30 4.88
N MET C 182 -52.27 38.14 5.49
CA MET C 182 -52.59 38.80 6.78
C MET C 182 -52.67 40.29 6.55
N GLU C 183 -53.59 40.96 7.21
CA GLU C 183 -53.44 42.42 7.49
C GLU C 183 -52.93 42.58 8.92
N VAL C 184 -51.80 43.29 9.08
CA VAL C 184 -51.12 43.42 10.41
C VAL C 184 -50.89 44.90 10.72
N VAL C 185 -51.23 45.30 11.93
CA VAL C 185 -50.86 46.64 12.50
C VAL C 185 -49.48 46.48 13.12
N LEU C 186 -48.50 47.22 12.62
CA LEU C 186 -47.09 47.20 13.09
C LEU C 186 -46.95 48.07 14.35
N ALA C 187 -45.87 47.85 15.11
CA ALA C 187 -45.71 48.41 16.47
C ALA C 187 -45.71 49.96 16.44
N ASP C 188 -45.64 50.61 15.27
CA ASP C 188 -45.66 52.09 15.16
C ASP C 188 -47.02 52.62 14.64
N GLY C 189 -47.95 51.75 14.22
CA GLY C 189 -49.35 52.14 13.90
C GLY C 189 -49.64 52.14 12.40
N GLU C 190 -48.68 51.72 11.57
CA GLU C 190 -48.90 51.58 10.10
C GLU C 190 -49.46 50.18 9.85
N VAL C 191 -50.39 50.10 8.90
CA VAL C 191 -51.05 48.83 8.50
C VAL C 191 -50.23 48.23 7.37
N LEU C 192 -49.80 46.98 7.56
CA LEU C 192 -49.11 46.16 6.54
C LEU C 192 -50.06 45.06 6.08
N ARG C 193 -50.14 44.84 4.77
CA ARG C 193 -50.77 43.65 4.16
C ARG C 193 -49.68 42.77 3.58
N THR C 194 -49.59 41.52 4.05
CA THR C 194 -48.53 40.57 3.66
C THR C 194 -48.76 40.08 2.23
N GLY C 195 -47.73 39.49 1.63
CA GLY C 195 -47.77 38.82 0.32
C GLY C 195 -48.41 39.68 -0.76
N MET C 196 -49.21 39.08 -1.62
CA MET C 196 -49.84 39.78 -2.77
C MET C 196 -50.84 40.83 -2.28
N GLY C 197 -51.09 40.92 -0.98
CA GLY C 197 -51.91 42.01 -0.42
C GLY C 197 -51.23 43.34 -0.63
N GLY C 198 -49.91 43.32 -0.79
CA GLY C 198 -49.11 44.54 -0.98
C GLY C 198 -49.30 45.14 -2.37
N LEU C 199 -49.97 44.43 -3.29
CA LEU C 199 -50.14 44.90 -4.67
C LEU C 199 -51.61 45.19 -4.95
N PRO C 200 -51.98 46.49 -5.13
CA PRO C 200 -53.38 46.88 -5.28
C PRO C 200 -54.04 46.22 -6.51
N GLY C 201 -55.20 45.60 -6.29
CA GLY C 201 -56.01 44.93 -7.33
C GLY C 201 -55.76 43.44 -7.36
N SER C 202 -54.79 42.94 -6.59
CA SER C 202 -54.43 41.50 -6.60
C SER C 202 -55.55 40.67 -5.99
N GLU C 203 -55.94 39.66 -6.75
CA GLU C 203 -56.89 38.56 -6.41
C GLU C 203 -56.22 37.55 -5.48
N ALA C 204 -54.90 37.63 -5.27
CA ALA C 204 -54.05 36.49 -4.80
C ALA C 204 -53.58 36.65 -3.34
N TRP C 205 -54.13 37.59 -2.58
CA TRP C 205 -53.76 37.81 -1.16
C TRP C 205 -53.84 36.50 -0.35
N HIS C 206 -54.87 35.68 -0.61
CA HIS C 206 -55.16 34.44 0.17
C HIS C 206 -55.00 33.20 -0.70
N LEU C 207 -54.42 33.35 -1.90
CA LEU C 207 -54.12 32.24 -2.84
C LEU C 207 -52.64 31.85 -2.75
N TYR C 208 -51.74 32.84 -2.81
CA TYR C 208 -50.27 32.68 -2.94
C TYR C 208 -49.59 33.34 -1.74
N PRO C 209 -48.79 32.58 -0.96
CA PRO C 209 -48.05 33.14 0.17
C PRO C 209 -46.71 33.69 -0.32
N GLY C 210 -46.74 34.70 -1.17
CA GLY C 210 -45.53 35.17 -1.86
C GLY C 210 -45.68 36.57 -2.40
N GLN C 211 -44.57 37.07 -2.92
CA GLN C 211 -44.31 38.47 -3.31
C GLN C 211 -42.85 38.52 -3.72
N LEU C 212 -42.40 39.61 -4.33
CA LEU C 212 -40.96 39.81 -4.59
C LEU C 212 -40.26 39.99 -3.24
N GLY C 213 -39.15 39.28 -3.05
CA GLY C 213 -38.35 39.33 -1.83
C GLY C 213 -38.92 38.39 -0.76
N PRO C 214 -38.45 38.48 0.49
CA PRO C 214 -38.75 37.48 1.51
C PRO C 214 -40.17 37.60 2.09
N SER C 215 -40.81 36.44 2.33
CA SER C 215 -42.12 36.29 2.99
C SER C 215 -41.90 36.55 4.47
N ILE C 216 -42.68 37.44 5.08
CA ILE C 216 -42.51 37.81 6.50
C ILE C 216 -43.67 37.31 7.35
N GLU C 217 -44.62 36.55 6.80
CA GLU C 217 -45.80 36.07 7.57
C GLU C 217 -45.33 35.21 8.74
N GLY C 218 -44.43 34.27 8.49
CA GLY C 218 -43.88 33.38 9.52
C GLY C 218 -43.28 34.14 10.70
N LEU C 219 -42.91 35.41 10.52
CA LEU C 219 -42.32 36.26 11.60
C LEU C 219 -43.35 36.54 12.69
N PHE C 220 -44.65 36.54 12.34
CA PHE C 220 -45.75 36.85 13.29
C PHE C 220 -46.22 35.57 14.01
N GLU C 221 -45.45 34.49 13.98
CA GLU C 221 -45.70 33.28 14.81
C GLU C 221 -44.95 33.39 16.14
N GLN C 222 -45.65 33.12 17.24
CA GLN C 222 -45.05 32.94 18.59
C GLN C 222 -44.07 34.08 18.85
N SER C 223 -44.43 35.28 18.46
CA SER C 223 -43.55 36.47 18.53
C SER C 223 -44.32 37.62 19.16
N ASN C 224 -43.75 38.82 19.14
CA ASN C 224 -44.35 40.06 19.65
C ASN C 224 -43.94 41.19 18.72
N PHE C 225 -44.21 41.06 17.41
CA PHE C 225 -43.82 42.05 16.36
C PHE C 225 -45.01 42.86 15.87
N GLY C 226 -46.25 42.38 16.03
CA GLY C 226 -47.42 43.01 15.38
C GLY C 226 -48.74 42.40 15.80
N ILE C 227 -49.82 43.09 15.46
CA ILE C 227 -51.21 42.75 15.86
C ILE C 227 -52.01 42.53 14.58
N CYS C 228 -52.45 41.30 14.34
CA CYS C 228 -53.15 40.91 13.08
C CYS C 228 -54.65 41.10 13.26
N THR C 229 -55.28 41.81 12.33
CA THR C 229 -56.70 42.23 12.39
C THR C 229 -57.55 41.49 11.35
N ARG C 230 -56.91 40.75 10.43
CA ARG C 230 -57.60 39.97 9.38
C ARG C 230 -56.64 38.89 8.88
N MET C 231 -57.14 37.73 8.45
CA MET C 231 -56.28 36.57 8.05
C MET C 231 -57.02 35.61 7.12
N GLY C 232 -56.35 35.22 6.03
CA GLY C 232 -56.78 34.17 5.09
C GLY C 232 -56.45 32.78 5.61
N MET C 233 -57.43 31.89 5.59
CA MET C 233 -57.28 30.48 6.02
C MET C 233 -57.82 29.58 4.90
N GLN C 234 -56.92 28.86 4.23
CA GLN C 234 -57.27 27.96 3.10
C GLN C 234 -57.92 26.71 3.70
N LEU C 235 -58.95 26.18 3.04
CA LEU C 235 -59.81 25.09 3.60
C LEU C 235 -59.79 23.89 2.65
N MET C 236 -59.63 22.69 3.20
CA MET C 236 -59.65 21.42 2.43
C MET C 236 -61.01 21.30 1.73
N PRO C 237 -61.05 21.06 0.40
CA PRO C 237 -62.25 20.61 -0.28
C PRO C 237 -62.74 19.28 0.27
N THR C 238 -64.04 19.20 0.54
CA THR C 238 -64.69 18.05 1.21
C THR C 238 -64.56 16.83 0.31
N PRO C 239 -63.84 15.78 0.74
CA PRO C 239 -63.68 14.58 -0.08
C PRO C 239 -65.00 13.84 -0.23
N PRO C 240 -65.08 12.85 -1.14
CA PRO C 240 -66.31 12.05 -1.30
C PRO C 240 -66.73 11.25 -0.06
N GLU C 241 -65.77 10.78 0.73
CA GLU C 241 -66.04 9.83 1.84
C GLU C 241 -64.94 9.96 2.88
N MET C 242 -65.22 9.59 4.13
CA MET C 242 -64.26 9.72 5.26
C MET C 242 -64.53 8.60 6.27
N LEU C 243 -63.49 7.93 6.72
CA LEU C 243 -63.63 6.84 7.71
C LEU C 243 -62.54 6.90 8.78
N SER C 244 -62.94 7.10 10.04
CA SER C 244 -62.03 7.12 11.21
C SER C 244 -61.85 5.70 11.74
N PHE C 245 -60.69 5.43 12.33
CA PHE C 245 -60.39 4.15 13.01
C PHE C 245 -59.84 4.42 14.42
N ALA C 246 -60.00 3.42 15.27
CA ALA C 246 -59.26 3.29 16.54
C ALA C 246 -58.47 1.98 16.48
N ILE C 247 -57.27 1.97 17.06
CA ILE C 247 -56.45 0.74 17.25
C ILE C 247 -56.04 0.70 18.71
N TYR C 248 -56.55 -0.29 19.45
CA TYR C 248 -56.28 -0.49 20.89
C TYR C 248 -55.08 -1.42 21.02
N PHE C 249 -54.13 -1.04 21.87
CA PHE C 249 -52.88 -1.80 22.12
C PHE C 249 -52.84 -2.22 23.60
N GLU C 250 -52.48 -3.47 23.81
CA GLU C 250 -52.82 -4.25 25.02
C GLU C 250 -51.82 -3.99 26.15
N ASN C 251 -50.57 -3.62 25.79
CA ASN C 251 -49.44 -3.47 26.74
C ASN C 251 -48.86 -2.06 26.61
N GLU C 252 -48.47 -1.48 27.74
CA GLU C 252 -47.71 -0.21 27.85
C GLU C 252 -46.43 -0.32 27.01
N ASP C 253 -45.86 -1.53 26.88
CA ASP C 253 -44.58 -1.83 26.19
C ASP C 253 -44.74 -1.77 24.66
N ASP C 254 -45.97 -1.74 24.13
CA ASP C 254 -46.24 -1.75 22.66
C ASP C 254 -45.85 -0.43 22.01
N LEU C 255 -45.50 0.62 22.78
CA LEU C 255 -45.32 2.00 22.23
C LEU C 255 -44.24 1.99 21.16
N PRO C 256 -43.01 1.46 21.42
CA PRO C 256 -41.96 1.48 20.40
C PRO C 256 -42.40 0.86 19.07
N ALA C 257 -43.02 -0.32 19.09
CA ALA C 257 -43.55 -1.00 17.89
C ALA C 257 -44.62 -0.13 17.21
N ILE C 258 -45.41 0.64 17.96
CA ILE C 258 -46.47 1.50 17.36
C ILE C 258 -45.80 2.58 16.51
N MET C 259 -44.81 3.30 17.06
CA MET C 259 -44.14 4.39 16.30
C MET C 259 -43.41 3.79 15.08
N GLU C 260 -42.79 2.61 15.21
CA GLU C 260 -42.04 1.99 14.09
C GLU C 260 -43.01 1.66 12.96
N THR C 261 -44.16 1.08 13.29
CA THR C 261 -45.18 0.76 12.26
C THR C 261 -45.58 2.06 11.54
N THR C 262 -45.83 3.14 12.28
CA THR C 262 -46.43 4.38 11.74
C THR C 262 -45.54 4.95 10.64
N LEU C 263 -44.24 5.09 10.88
CA LEU C 263 -43.35 5.94 10.04
C LEU C 263 -43.51 5.56 8.56
N PRO C 264 -43.21 4.32 8.10
CA PRO C 264 -43.38 3.99 6.70
C PRO C 264 -44.81 4.16 6.14
N LEU C 265 -45.85 4.23 6.98
CA LEU C 265 -47.26 4.43 6.54
C LEU C 265 -47.64 5.93 6.53
N ARG C 266 -46.80 6.81 7.07
CA ARG C 266 -47.09 8.27 7.10
C ARG C 266 -46.20 9.03 6.10
N ILE C 267 -44.92 8.66 5.99
CA ILE C 267 -43.88 9.52 5.37
C ILE C 267 -44.22 9.82 3.90
N GLY C 268 -44.90 8.90 3.21
CA GLY C 268 -45.33 9.06 1.81
C GLY C 268 -46.70 9.70 1.68
N MET C 269 -47.29 10.18 2.79
CA MET C 269 -48.63 10.86 2.85
C MET C 269 -49.76 9.87 2.50
N ALA C 270 -49.46 8.56 2.62
CA ALA C 270 -50.33 7.43 2.28
C ALA C 270 -49.69 6.18 2.85
N PRO C 271 -50.46 5.22 3.42
CA PRO C 271 -51.91 5.34 3.57
C PRO C 271 -52.42 6.23 4.72
N LEU C 272 -51.54 6.76 5.57
CA LEU C 272 -51.95 7.75 6.58
C LEU C 272 -51.91 9.14 5.94
N GLN C 273 -53.09 9.60 5.49
CA GLN C 273 -53.27 10.86 4.72
C GLN C 273 -53.24 12.04 5.69
N ALA C 274 -53.39 11.78 6.98
CA ALA C 274 -53.34 12.77 8.08
C ALA C 274 -52.54 12.17 9.22
N ALA C 275 -51.94 13.03 10.03
CA ALA C 275 -51.12 12.61 11.18
C ALA C 275 -52.02 11.87 12.15
N PRO C 276 -51.83 10.55 12.36
CA PRO C 276 -52.56 9.86 13.41
C PRO C 276 -52.00 10.36 14.74
N ILE C 277 -52.76 10.14 15.81
CA ILE C 277 -52.32 10.40 17.22
C ILE C 277 -52.20 9.05 17.89
N VAL C 278 -51.31 8.97 18.86
CA VAL C 278 -51.14 7.82 19.78
C VAL C 278 -51.23 8.39 21.19
N ARG C 279 -52.35 8.16 21.88
CA ARG C 279 -52.52 8.65 23.27
C ARG C 279 -52.59 7.45 24.22
N ASN C 280 -52.17 7.69 25.46
CA ASN C 280 -52.15 6.68 26.55
C ASN C 280 -53.55 6.60 27.16
N VAL C 281 -53.76 5.60 28.00
CA VAL C 281 -55.08 5.25 28.58
C VAL C 281 -55.56 6.40 29.48
N THR C 282 -54.68 6.99 30.28
CA THR C 282 -55.03 8.10 31.19
C THR C 282 -55.76 9.20 30.41
N PHE C 283 -55.30 9.49 29.19
CA PHE C 283 -55.82 10.61 28.35
C PHE C 283 -57.29 10.31 28.01
N ASP C 284 -57.55 9.16 27.37
CA ASP C 284 -58.92 8.76 26.98
C ASP C 284 -59.79 8.67 28.23
N ALA C 285 -59.27 8.10 29.31
CA ALA C 285 -60.00 7.95 30.57
C ALA C 285 -60.54 9.32 30.98
N ALA C 286 -59.67 10.35 31.00
CA ALA C 286 -60.01 11.69 31.52
C ALA C 286 -61.09 12.35 30.63
N CYS C 287 -61.34 11.80 29.44
CA CYS C 287 -62.28 12.39 28.45
C CYS C 287 -63.70 11.85 28.65
N VAL C 288 -63.89 10.82 29.49
CA VAL C 288 -65.19 10.09 29.61
C VAL C 288 -65.44 9.68 31.06
N SER C 289 -64.68 10.19 32.02
CA SER C 289 -64.76 9.73 33.44
C SER C 289 -63.88 10.57 34.33
N LYS C 290 -64.06 10.36 35.64
CA LYS C 290 -63.33 11.09 36.71
C LYS C 290 -62.29 10.14 37.33
N ARG C 291 -61.23 10.73 37.87
CA ARG C 291 -60.09 9.99 38.46
C ARG C 291 -60.59 9.07 39.57
N GLU C 292 -61.56 9.55 40.37
CA GLU C 292 -62.09 8.84 41.56
C GLU C 292 -62.68 7.48 41.15
N GLU C 293 -63.23 7.35 39.94
CA GLU C 293 -63.80 6.06 39.44
C GLU C 293 -62.73 4.96 39.44
N TRP C 294 -61.44 5.30 39.41
CA TRP C 294 -60.36 4.28 39.29
C TRP C 294 -59.36 4.35 40.43
N GLN C 295 -59.14 5.53 40.99
CA GLN C 295 -58.22 5.66 42.14
C GLN C 295 -58.78 6.74 43.09
N THR C 296 -59.02 6.32 44.32
CA THR C 296 -59.45 7.19 45.45
C THR C 296 -58.18 7.71 46.14
N GLU C 297 -57.11 6.92 46.16
CA GLU C 297 -55.79 7.22 46.78
C GLU C 297 -55.13 8.43 46.06
N PRO C 298 -54.85 9.56 46.75
CA PRO C 298 -54.50 10.81 46.07
C PRO C 298 -53.06 10.90 45.50
N GLY C 299 -52.23 9.87 45.71
CA GLY C 299 -50.86 9.82 45.19
C GLY C 299 -50.83 9.53 43.69
N PRO C 300 -49.63 9.28 43.12
CA PRO C 300 -49.50 8.75 41.76
C PRO C 300 -50.42 7.56 41.42
N LEU C 301 -50.92 7.53 40.17
CA LEU C 301 -51.78 6.45 39.61
C LEU C 301 -50.99 5.15 39.56
N THR C 302 -51.57 4.09 40.14
CA THR C 302 -50.98 2.73 40.24
C THR C 302 -51.24 2.02 38.92
N ASP C 303 -50.50 0.94 38.64
CA ASP C 303 -50.55 0.21 37.35
C ASP C 303 -51.91 -0.47 37.21
N GLU C 304 -52.33 -1.14 38.27
CA GLU C 304 -53.67 -1.76 38.46
C GLU C 304 -54.79 -0.75 38.21
N ALA C 305 -54.67 0.51 38.66
CA ALA C 305 -55.67 1.56 38.35
C ALA C 305 -55.74 1.77 36.82
N LYS C 306 -54.59 1.90 36.15
CA LYS C 306 -54.51 2.07 34.69
C LYS C 306 -55.13 0.86 33.99
N GLN C 307 -54.94 -0.33 34.56
CA GLN C 307 -55.46 -1.60 33.97
C GLN C 307 -56.99 -1.60 34.06
N ARG C 308 -57.54 -1.09 35.18
CA ARG C 308 -59.01 -1.00 35.41
C ARG C 308 -59.62 -0.07 34.37
N MET C 309 -58.94 1.04 34.06
CA MET C 309 -59.34 2.02 33.01
C MET C 309 -59.44 1.28 31.67
N VAL C 310 -58.41 0.50 31.31
CA VAL C 310 -58.42 -0.32 30.08
C VAL C 310 -59.65 -1.24 30.08
N ASP C 311 -59.85 -1.98 31.17
CA ASP C 311 -60.81 -3.12 31.22
C ASP C 311 -62.24 -2.57 31.21
N GLU C 312 -62.58 -1.63 32.11
CA GLU C 312 -63.90 -0.94 32.17
C GLU C 312 -64.26 -0.38 30.78
N LEU C 313 -63.39 0.47 30.22
CA LEU C 313 -63.69 1.32 29.04
C LEU C 313 -63.61 0.49 27.76
N GLY C 314 -62.85 -0.61 27.78
CA GLY C 314 -62.70 -1.53 26.63
C GLY C 314 -61.80 -0.94 25.56
N ILE C 315 -60.66 -0.36 25.97
CA ILE C 315 -59.66 0.29 25.07
C ILE C 315 -58.30 -0.38 25.27
N GLY C 316 -57.21 0.37 25.13
CA GLY C 316 -55.84 -0.15 25.29
C GLY C 316 -55.02 0.73 26.21
N HIS C 317 -53.84 0.26 26.58
CA HIS C 317 -52.83 1.07 27.31
C HIS C 317 -52.40 2.21 26.40
N TRP C 318 -52.33 1.93 25.09
CA TRP C 318 -52.14 2.91 24.01
C TRP C 318 -53.31 2.83 23.03
N ILE C 319 -53.77 3.97 22.54
CA ILE C 319 -54.78 4.03 21.45
C ILE C 319 -54.24 4.93 20.34
N VAL C 320 -54.37 4.43 19.10
CA VAL C 320 -54.09 5.17 17.85
C VAL C 320 -55.43 5.57 17.21
N TYR C 321 -55.59 6.86 16.93
CA TYR C 321 -56.78 7.39 16.21
C TYR C 321 -56.32 7.95 14.87
N GLY C 322 -57.16 7.82 13.86
CA GLY C 322 -56.82 8.26 12.50
C GLY C 322 -58.03 8.17 11.60
N THR C 323 -57.88 8.72 10.40
CA THR C 323 -58.96 8.86 9.42
C THR C 323 -58.37 8.70 8.02
N CYS C 324 -59.16 8.17 7.09
CA CYS C 324 -58.84 8.11 5.65
C CYS C 324 -59.89 8.92 4.88
N TYR C 325 -59.48 9.52 3.78
CA TYR C 325 -60.28 10.47 2.98
C TYR C 325 -60.29 9.98 1.54
N GLY C 326 -61.38 10.24 0.82
CA GLY C 326 -61.47 9.99 -0.64
C GLY C 326 -62.69 9.15 -1.02
N PRO C 327 -62.69 8.55 -2.23
CA PRO C 327 -63.69 7.57 -2.63
C PRO C 327 -63.52 6.27 -1.83
N ARG C 328 -64.60 5.49 -1.64
CA ARG C 328 -64.57 4.20 -0.91
C ARG C 328 -63.45 3.32 -1.51
N TRP C 329 -63.31 3.31 -2.83
CA TRP C 329 -62.31 2.43 -3.47
C TRP C 329 -60.92 2.74 -2.91
N GLN C 330 -60.63 4.02 -2.62
CA GLN C 330 -59.34 4.49 -2.02
C GLN C 330 -59.31 4.19 -0.52
N ILE C 331 -60.38 4.53 0.18
CA ILE C 331 -60.51 4.32 1.65
C ILE C 331 -60.36 2.82 1.96
N ASP C 332 -61.00 1.97 1.15
CA ASP C 332 -61.05 0.50 1.41
C ASP C 332 -59.67 -0.12 1.18
N LYS C 333 -58.86 0.41 0.28
CA LYS C 333 -57.46 -0.05 0.06
C LYS C 333 -56.59 0.49 1.21
N TYR C 334 -56.79 1.74 1.62
CA TYR C 334 -55.96 2.40 2.67
C TYR C 334 -56.20 1.73 4.02
N ILE C 335 -57.44 1.71 4.53
CA ILE C 335 -57.78 1.07 5.84
C ILE C 335 -57.20 -0.34 5.86
N GLU C 336 -57.35 -1.05 4.73
CA GLU C 336 -56.82 -2.41 4.44
C GLU C 336 -55.36 -2.49 4.89
N MET C 337 -54.51 -1.62 4.35
CA MET C 337 -53.04 -1.62 4.61
C MET C 337 -52.79 -1.27 6.08
N ILE C 338 -53.52 -0.28 6.62
CA ILE C 338 -53.30 0.27 8.00
C ILE C 338 -53.60 -0.84 9.01
N ARG C 339 -54.73 -1.51 8.83
CA ARG C 339 -55.20 -2.57 9.74
C ARG C 339 -54.18 -3.70 9.77
N ASP C 340 -53.70 -4.14 8.60
CA ASP C 340 -52.77 -5.31 8.52
C ASP C 340 -51.49 -4.98 9.27
N ALA C 341 -50.91 -3.80 9.01
CA ALA C 341 -49.61 -3.37 9.57
C ALA C 341 -49.71 -3.31 11.09
N TYR C 342 -50.61 -2.48 11.62
CA TYR C 342 -50.76 -2.24 13.08
C TYR C 342 -51.13 -3.55 13.81
N LEU C 343 -51.85 -4.48 13.16
CA LEU C 343 -52.28 -5.75 13.80
C LEU C 343 -51.17 -6.81 13.72
N GLN C 344 -49.95 -6.53 13.25
CA GLN C 344 -48.84 -7.49 13.53
C GLN C 344 -48.55 -7.44 15.03
N ILE C 345 -48.84 -6.32 15.66
CA ILE C 345 -48.50 -6.14 17.10
C ILE C 345 -49.46 -7.03 17.87
N PRO C 346 -48.95 -8.04 18.61
CA PRO C 346 -49.80 -9.03 19.27
C PRO C 346 -50.80 -8.34 20.21
N GLY C 347 -52.08 -8.70 20.11
CA GLY C 347 -53.14 -8.22 21.02
C GLY C 347 -53.79 -6.92 20.59
N ALA C 348 -53.37 -6.36 19.45
CA ALA C 348 -53.97 -5.12 18.88
C ALA C 348 -55.37 -5.47 18.38
N ARG C 349 -56.32 -4.54 18.53
CA ARG C 349 -57.72 -4.66 18.03
C ARG C 349 -58.01 -3.41 17.20
N PHE C 350 -58.83 -3.59 16.16
CA PHE C 350 -59.15 -2.54 15.16
C PHE C 350 -60.64 -2.26 15.20
N GLU C 351 -61.01 -0.98 15.10
CA GLU C 351 -62.41 -0.53 15.02
C GLU C 351 -62.52 0.68 14.09
N THR C 352 -63.69 0.81 13.50
CA THR C 352 -64.08 1.89 12.57
C THR C 352 -65.25 2.61 13.24
N ASN C 353 -65.56 3.85 12.86
CA ASN C 353 -66.77 4.54 13.37
C ASN C 353 -68.04 3.90 12.79
N GLU C 354 -67.88 2.94 11.87
CA GLU C 354 -68.95 2.07 11.30
C GLU C 354 -69.15 0.81 12.16
N THR C 355 -68.06 0.16 12.62
CA THR C 355 -68.13 -1.08 13.44
C THR C 355 -68.28 -0.74 14.93
N LEU C 356 -68.02 0.52 15.31
CA LEU C 356 -68.22 1.03 16.70
C LEU C 356 -68.90 2.39 16.64
N PRO C 357 -70.11 2.50 16.05
CA PRO C 357 -70.77 3.78 15.93
C PRO C 357 -71.06 4.34 17.32
N LEU C 358 -71.52 5.58 17.37
CA LEU C 358 -71.79 6.29 18.63
C LEU C 358 -73.04 5.70 19.27
N ARG C 359 -72.87 5.15 20.47
CA ARG C 359 -73.96 4.70 21.38
C ARG C 359 -73.77 5.37 22.73
N GLU C 360 -74.84 5.83 23.38
CA GLU C 360 -74.74 6.38 24.76
C GLU C 360 -74.66 5.21 25.75
N GLY C 361 -73.73 5.28 26.72
CA GLY C 361 -73.37 4.20 27.65
C GLY C 361 -72.13 3.43 27.20
N ASP C 362 -71.76 3.58 25.92
CA ASP C 362 -70.55 2.99 25.32
C ASP C 362 -69.47 4.07 25.25
N ARG C 363 -68.54 4.07 26.20
CA ARG C 363 -67.60 5.20 26.37
C ARG C 363 -66.51 5.15 25.29
N ALA C 364 -66.12 3.95 24.83
CA ALA C 364 -65.12 3.76 23.74
C ALA C 364 -65.60 4.47 22.47
N SER C 365 -66.91 4.41 22.19
CA SER C 365 -67.54 5.01 20.99
C SER C 365 -67.64 6.54 21.13
N GLU C 366 -67.77 7.07 22.35
CA GLU C 366 -67.82 8.53 22.55
C GLU C 366 -66.51 9.12 22.01
N LEU C 367 -65.40 8.56 22.49
CA LEU C 367 -64.05 9.15 22.31
C LEU C 367 -63.55 8.83 20.89
N LEU C 368 -64.05 7.79 20.25
CA LEU C 368 -63.79 7.57 18.79
C LEU C 368 -64.64 8.57 18.00
N ASN C 369 -65.90 8.77 18.39
CA ASN C 369 -66.82 9.73 17.74
C ASN C 369 -66.26 11.14 17.91
N ALA C 370 -65.52 11.41 18.99
CA ALA C 370 -64.87 12.71 19.28
C ALA C 370 -63.75 12.93 18.25
N ARG C 371 -62.88 11.93 18.13
CA ARG C 371 -61.79 11.89 17.13
C ARG C 371 -62.37 11.96 15.72
N HIS C 372 -63.38 11.13 15.43
CA HIS C 372 -64.03 11.09 14.09
C HIS C 372 -64.52 12.50 13.74
N GLU C 373 -65.12 13.22 14.69
CA GLU C 373 -65.66 14.58 14.48
C GLU C 373 -64.53 15.54 14.12
N LEU C 374 -63.45 15.51 14.91
CA LEU C 374 -62.31 16.45 14.74
C LEU C 374 -61.65 16.18 13.40
N ASN C 375 -61.36 14.90 13.13
CA ASN C 375 -60.62 14.45 11.93
C ASN C 375 -61.43 14.74 10.67
N THR C 376 -62.75 14.96 10.76
CA THR C 376 -63.63 15.18 9.58
C THR C 376 -64.14 16.64 9.54
N GLY C 377 -63.56 17.54 10.35
CA GLY C 377 -63.77 18.99 10.21
C GLY C 377 -64.98 19.47 10.98
N VAL C 378 -65.44 18.65 11.93
CA VAL C 378 -66.60 18.94 12.82
C VAL C 378 -66.03 19.30 14.18
N PRO C 379 -66.01 20.60 14.59
CA PRO C 379 -65.44 20.98 15.88
C PRO C 379 -66.38 20.54 17.01
N ASN C 380 -65.81 20.33 18.19
CA ASN C 380 -66.55 19.90 19.39
C ASN C 380 -65.73 20.32 20.62
N ARG C 381 -66.27 20.15 21.82
CA ARG C 381 -65.54 20.49 23.06
C ARG C 381 -65.47 19.26 23.96
N HIS C 382 -65.34 18.06 23.39
CA HIS C 382 -65.31 16.77 24.16
C HIS C 382 -64.02 16.67 24.99
N SER C 383 -62.90 17.23 24.50
CA SER C 383 -61.62 17.28 25.25
C SER C 383 -61.74 18.10 26.54
N ALA C 384 -62.78 18.95 26.67
CA ALA C 384 -62.96 19.80 27.87
C ALA C 384 -63.25 18.95 29.11
N ALA C 385 -63.69 17.70 28.91
CA ALA C 385 -64.03 16.74 29.97
C ALA C 385 -62.85 16.52 30.91
N VAL C 386 -61.60 16.76 30.48
CA VAL C 386 -60.41 16.51 31.36
C VAL C 386 -60.44 17.51 32.53
N PHE C 387 -61.09 18.66 32.36
CA PHE C 387 -61.21 19.68 33.44
C PHE C 387 -62.00 19.11 34.62
N ASP C 388 -62.78 18.04 34.42
CA ASP C 388 -63.61 17.41 35.48
C ASP C 388 -63.01 16.10 35.98
N TRP C 389 -61.83 15.70 35.48
CA TRP C 389 -61.05 14.54 35.99
C TRP C 389 -61.01 14.59 37.52
N PHE C 390 -60.69 15.76 38.07
CA PHE C 390 -60.83 16.08 39.51
C PHE C 390 -61.03 17.58 39.65
N PRO C 391 -61.59 18.06 40.79
CA PRO C 391 -61.92 19.48 40.93
C PRO C 391 -60.74 20.40 40.58
N ASN C 392 -60.98 21.36 39.68
CA ASN C 392 -60.03 22.45 39.32
C ASN C 392 -58.87 21.92 38.47
N ALA C 393 -59.02 20.74 37.84
CA ALA C 393 -57.99 20.12 36.97
C ALA C 393 -57.70 21.05 35.80
N GLY C 394 -56.43 21.40 35.64
CA GLY C 394 -55.92 22.23 34.54
C GLY C 394 -54.63 21.64 34.04
N HIS C 395 -54.10 22.17 32.93
CA HIS C 395 -52.87 21.62 32.31
C HIS C 395 -51.84 22.73 32.07
N PHE C 396 -50.64 22.29 31.71
CA PHE C 396 -49.40 23.11 31.66
C PHE C 396 -48.35 22.35 30.83
N PHE C 397 -48.31 22.65 29.53
CA PHE C 397 -47.79 21.74 28.48
C PHE C 397 -46.27 21.67 28.50
N TYR C 398 -45.78 20.43 28.37
CA TYR C 398 -44.41 20.08 27.93
C TYR C 398 -44.56 19.42 26.56
N ALA C 399 -44.12 20.11 25.50
CA ALA C 399 -44.36 19.72 24.09
C ALA C 399 -43.05 19.73 23.33
N PRO C 400 -42.18 18.70 23.50
CA PRO C 400 -40.97 18.58 22.69
C PRO C 400 -41.25 18.00 21.30
N VAL C 401 -40.34 18.25 20.36
CA VAL C 401 -40.34 17.65 18.99
C VAL C 401 -39.09 16.77 18.89
N SER C 402 -39.22 15.64 18.21
CA SER C 402 -38.12 14.67 18.04
C SER C 402 -38.30 13.89 16.74
N ALA C 403 -37.25 13.18 16.36
CA ALA C 403 -37.26 12.25 15.21
C ALA C 403 -38.15 11.07 15.57
N PRO C 404 -39.08 10.66 14.68
CA PRO C 404 -40.01 9.57 14.96
C PRO C 404 -39.27 8.23 15.03
N SER C 405 -39.04 7.76 16.26
CA SER C 405 -38.31 6.54 16.52
C SER C 405 -39.03 6.03 17.73
N GLY C 406 -39.27 4.73 17.79
CA GLY C 406 -39.99 4.17 18.91
C GLY C 406 -39.08 4.19 20.08
N GLU C 407 -37.81 4.33 19.82
CA GLU C 407 -36.81 4.34 20.87
C GLU C 407 -36.82 5.68 21.54
N ASP C 408 -37.06 6.71 20.76
CA ASP C 408 -37.13 8.04 21.30
C ASP C 408 -38.39 8.20 22.07
N ALA C 409 -39.46 7.62 21.59
CA ALA C 409 -40.74 7.79 22.22
C ALA C 409 -40.73 7.14 23.53
N ALA C 410 -40.20 5.94 23.57
CA ALA C 410 -40.15 5.22 24.80
C ALA C 410 -39.39 6.01 25.81
N LYS C 411 -38.27 6.55 25.41
CA LYS C 411 -37.46 7.31 26.33
C LYS C 411 -38.25 8.44 26.87
N GLN C 412 -38.90 9.18 26.02
CA GLN C 412 -39.63 10.40 26.48
C GLN C 412 -40.84 10.00 27.32
N TYR C 413 -41.64 9.02 26.88
CA TYR C 413 -42.76 8.47 27.67
C TYR C 413 -42.25 8.12 29.08
N GLU C 414 -41.19 7.32 29.11
CA GLU C 414 -40.77 6.54 30.31
C GLU C 414 -39.94 7.44 31.24
N ASP C 415 -39.25 8.44 30.71
CA ASP C 415 -38.55 9.47 31.52
C ASP C 415 -39.58 10.48 32.06
N THR C 416 -40.62 10.82 31.32
CA THR C 416 -41.71 11.75 31.75
C THR C 416 -42.57 11.07 32.81
N LYS C 417 -42.93 9.80 32.60
CA LYS C 417 -43.66 8.98 33.60
C LYS C 417 -42.90 9.06 34.94
N ARG C 418 -41.60 8.71 34.92
CA ARG C 418 -40.62 8.80 36.05
C ARG C 418 -40.77 10.13 36.80
N ILE C 419 -40.66 11.27 36.12
CA ILE C 419 -40.57 12.63 36.75
C ILE C 419 -41.95 13.08 37.24
N SER C 420 -43.01 12.81 36.48
CA SER C 420 -44.40 13.18 36.82
C SER C 420 -44.79 12.50 38.12
N ASP C 421 -44.44 11.22 38.28
CA ASP C 421 -44.73 10.43 39.52
C ASP C 421 -44.00 11.03 40.72
N ASP C 422 -42.73 11.43 40.56
CA ASP C 422 -41.89 11.99 41.64
C ASP C 422 -42.52 13.29 42.19
N HIS C 423 -43.31 14.01 41.41
CA HIS C 423 -44.01 15.25 41.84
C HIS C 423 -45.51 14.97 42.04
N GLY C 424 -45.93 13.72 41.82
CA GLY C 424 -47.30 13.23 42.04
C GLY C 424 -48.32 13.85 41.10
N ILE C 425 -47.90 14.26 39.90
CA ILE C 425 -48.79 14.87 38.86
C ILE C 425 -49.22 13.78 37.88
N ASP C 426 -50.50 13.77 37.51
CA ASP C 426 -51.03 12.79 36.52
C ASP C 426 -50.58 13.23 35.14
N TYR C 427 -50.11 12.27 34.35
CA TYR C 427 -49.42 12.48 33.05
C TYR C 427 -50.27 11.88 31.93
N LEU C 428 -50.91 12.77 31.19
CA LEU C 428 -51.65 12.44 29.95
C LEU C 428 -50.67 12.61 28.78
N ALA C 429 -50.53 11.56 27.96
CA ALA C 429 -49.55 11.49 26.85
C ALA C 429 -50.30 11.41 25.51
N GLN C 430 -49.88 12.25 24.57
CA GLN C 430 -50.28 12.19 23.14
C GLN C 430 -49.04 12.36 22.26
N PHE C 431 -48.73 11.34 21.46
CA PHE C 431 -47.75 11.39 20.36
C PHE C 431 -48.49 11.63 19.05
N ILE C 432 -47.95 12.50 18.20
CA ILE C 432 -48.46 12.75 16.82
C ILE C 432 -47.32 12.58 15.83
N ILE C 433 -47.41 11.61 14.94
CA ILE C 433 -46.45 11.46 13.81
C ILE C 433 -46.87 12.42 12.70
N GLY C 434 -46.09 13.48 12.51
CA GLY C 434 -46.31 14.55 11.52
C GLY C 434 -46.10 14.04 10.09
N LEU C 435 -44.88 13.65 9.77
CA LEU C 435 -44.44 13.16 8.43
C LEU C 435 -43.00 12.66 8.59
N ARG C 436 -42.12 13.55 9.04
CA ARG C 436 -40.69 13.27 9.34
C ARG C 436 -40.36 13.62 10.80
N GLU C 437 -41.32 14.21 11.54
CA GLU C 437 -41.12 14.67 12.93
C GLU C 437 -42.21 14.08 13.83
N MET C 438 -41.93 14.01 15.13
CA MET C 438 -42.84 13.43 16.15
C MET C 438 -43.03 14.46 17.26
N HIS C 439 -44.27 14.90 17.48
CA HIS C 439 -44.69 15.75 18.63
C HIS C 439 -44.97 14.86 19.84
N HIS C 440 -44.30 15.09 20.97
CA HIS C 440 -44.72 14.54 22.29
C HIS C 440 -45.47 15.63 23.04
N ILE C 441 -46.78 15.47 23.24
CA ILE C 441 -47.59 16.36 24.11
C ILE C 441 -47.70 15.71 25.48
N CYS C 442 -46.98 16.27 26.46
CA CYS C 442 -47.14 15.96 27.90
C CYS C 442 -48.23 16.88 28.45
N LEU C 443 -49.37 16.29 28.79
CA LEU C 443 -50.55 16.99 29.34
C LEU C 443 -50.65 16.63 30.82
N PRO C 444 -50.14 17.47 31.75
CA PRO C 444 -50.26 17.17 33.17
C PRO C 444 -51.60 17.69 33.71
N LEU C 445 -52.28 16.92 34.57
CA LEU C 445 -53.45 17.44 35.30
C LEU C 445 -53.08 17.67 36.77
N TYR C 446 -53.28 18.91 37.21
CA TYR C 446 -52.93 19.43 38.56
C TYR C 446 -54.06 20.36 38.99
N ASP C 447 -54.17 20.59 40.29
CA ASP C 447 -55.22 21.43 40.92
C ASP C 447 -54.81 22.90 40.75
N THR C 448 -55.53 23.63 39.89
CA THR C 448 -55.26 25.06 39.57
C THR C 448 -55.63 25.96 40.77
N ALA C 449 -56.28 25.43 41.81
CA ALA C 449 -56.71 26.20 43.00
C ALA C 449 -55.74 26.05 44.18
N ASP C 450 -54.78 25.10 44.13
CA ASP C 450 -53.85 24.82 45.27
C ASP C 450 -52.45 25.34 44.94
N PRO C 451 -51.92 26.33 45.71
CA PRO C 451 -50.55 26.80 45.51
C PRO C 451 -49.52 25.64 45.58
N ALA C 452 -49.72 24.71 46.51
CA ALA C 452 -48.86 23.52 46.65
C ALA C 452 -48.82 22.75 45.33
N SER C 453 -50.00 22.53 44.71
CA SER C 453 -50.19 21.75 43.47
C SER C 453 -49.52 22.47 42.30
N ARG C 454 -49.62 23.80 42.24
CA ARG C 454 -48.96 24.64 41.21
C ARG C 454 -47.45 24.49 41.32
N LYS C 455 -46.90 24.59 42.54
CA LYS C 455 -45.43 24.53 42.81
C LYS C 455 -44.88 23.20 42.29
N GLU C 456 -45.54 22.09 42.61
CA GLU C 456 -45.11 20.73 42.19
C GLU C 456 -45.02 20.69 40.65
N THR C 457 -45.99 21.30 39.95
CA THR C 457 -46.09 21.23 38.47
C THR C 457 -44.95 22.04 37.85
N LEU C 458 -44.82 23.31 38.23
CA LEU C 458 -43.78 24.21 37.67
C LEU C 458 -42.43 23.52 37.79
N ASP C 459 -42.09 23.06 38.99
CA ASP C 459 -40.80 22.37 39.26
C ASP C 459 -40.70 21.16 38.33
N MET C 460 -41.79 20.40 38.16
CA MET C 460 -41.77 19.18 37.32
C MET C 460 -41.46 19.56 35.88
N THR C 461 -42.17 20.54 35.32
CA THR C 461 -42.01 20.95 33.90
C THR C 461 -40.57 21.46 33.70
N ARG C 462 -40.04 22.23 34.65
CA ARG C 462 -38.64 22.76 34.59
C ARG C 462 -37.65 21.60 34.52
N GLU C 463 -37.92 20.49 35.19
CA GLU C 463 -37.09 19.25 35.11
C GLU C 463 -37.31 18.58 33.75
N LEU C 464 -38.55 18.53 33.26
CA LEU C 464 -38.86 17.88 31.97
C LEU C 464 -38.12 18.64 30.85
N ILE C 465 -38.17 19.97 30.88
CA ILE C 465 -37.48 20.84 29.90
C ILE C 465 -35.99 20.50 29.92
N ARG C 466 -35.35 20.51 31.11
CA ARG C 466 -33.88 20.33 31.22
C ARG C 466 -33.55 18.88 30.82
N ALA C 467 -34.47 17.94 31.04
CA ALA C 467 -34.28 16.51 30.73
C ALA C 467 -34.36 16.28 29.21
N GLY C 468 -35.33 16.93 28.55
CA GLY C 468 -35.49 16.89 27.09
C GLY C 468 -34.37 17.64 26.39
N ALA C 469 -34.03 18.83 26.91
CA ALA C 469 -32.96 19.69 26.36
C ALA C 469 -31.65 18.91 26.33
N GLU C 470 -31.30 18.12 27.35
CA GLU C 470 -30.00 17.39 27.31
C GLU C 470 -30.15 16.06 26.56
N GLU C 471 -31.35 15.67 26.15
CA GLU C 471 -31.54 14.43 25.37
C GLU C 471 -31.65 14.77 23.87
N GLY C 472 -31.54 16.03 23.49
CA GLY C 472 -31.67 16.49 22.09
C GLY C 472 -33.12 16.81 21.68
N TYR C 473 -34.01 17.09 22.63
CA TYR C 473 -35.45 17.38 22.35
C TYR C 473 -35.79 18.85 22.68
N GLY C 474 -36.27 19.57 21.68
CA GLY C 474 -36.59 21.01 21.74
C GLY C 474 -38.07 21.25 21.88
N ILE C 475 -38.44 22.15 22.79
CA ILE C 475 -39.84 22.62 22.96
C ILE C 475 -40.14 23.59 21.81
N TYR C 476 -41.30 23.46 21.17
CA TYR C 476 -41.75 24.41 20.13
C TYR C 476 -42.84 25.34 20.65
N ARG C 477 -43.37 25.09 21.85
CA ARG C 477 -44.43 25.92 22.47
C ARG C 477 -44.34 25.86 23.99
N ALA C 478 -44.42 27.02 24.66
CA ALA C 478 -44.18 27.12 26.12
C ALA C 478 -45.04 28.21 26.75
N HIS C 479 -45.51 27.92 27.97
CA HIS C 479 -46.20 28.87 28.87
C HIS C 479 -45.35 30.15 28.98
N ASN C 480 -45.99 31.29 29.27
CA ASN C 480 -45.32 32.55 29.66
C ASN C 480 -44.15 32.27 30.63
N VAL C 481 -44.38 31.54 31.73
CA VAL C 481 -43.34 31.28 32.78
C VAL C 481 -42.16 30.51 32.21
N LEU C 482 -42.32 29.84 31.07
CA LEU C 482 -41.32 28.89 30.52
C LEU C 482 -40.47 29.53 29.40
N ALA C 483 -40.91 30.65 28.85
CA ALA C 483 -40.24 31.33 27.71
C ALA C 483 -38.71 31.31 27.95
N ASP C 484 -38.21 32.11 28.88
CA ASP C 484 -36.76 32.26 29.15
C ASP C 484 -36.11 30.88 29.28
N GLN C 485 -36.65 29.96 30.09
CA GLN C 485 -35.94 28.67 30.27
C GLN C 485 -35.87 27.91 28.93
N VAL C 486 -36.94 27.95 28.13
CA VAL C 486 -37.04 27.18 26.86
C VAL C 486 -36.13 27.85 25.81
N ALA C 487 -36.29 29.17 25.64
CA ALA C 487 -35.49 29.98 24.70
C ALA C 487 -34.00 29.74 24.99
N GLU C 488 -33.65 29.56 26.26
CA GLU C 488 -32.25 29.35 26.71
C GLU C 488 -31.71 28.01 26.18
N THR C 489 -32.57 27.07 25.78
CA THR C 489 -32.16 25.70 25.36
C THR C 489 -31.68 25.73 23.90
N TYR C 490 -32.10 26.72 23.11
CA TYR C 490 -31.63 26.94 21.70
C TYR C 490 -30.31 27.72 21.73
N SER C 491 -29.30 27.08 22.31
CA SER C 491 -28.09 27.73 22.90
C SER C 491 -26.95 27.84 21.90
N PHE C 492 -27.08 27.24 20.72
CA PHE C 492 -26.02 27.21 19.66
C PHE C 492 -25.49 28.63 19.42
N ASN C 493 -24.15 28.73 19.43
CA ASN C 493 -23.39 29.97 19.19
C ASN C 493 -23.93 31.06 20.12
N ASN C 494 -23.96 30.79 21.43
CA ASN C 494 -24.35 31.79 22.45
C ASN C 494 -25.71 32.38 22.06
N HIS C 495 -26.70 31.51 21.84
CA HIS C 495 -28.12 31.89 21.65
C HIS C 495 -28.26 32.86 20.46
N ILE C 496 -27.64 32.51 19.33
CA ILE C 496 -27.66 33.38 18.13
C ILE C 496 -29.10 33.48 17.62
N GLN C 497 -29.88 32.42 17.80
CA GLN C 497 -31.31 32.39 17.39
C GLN C 497 -32.07 33.51 18.11
N ARG C 498 -31.98 33.55 19.44
CA ARG C 498 -32.74 34.52 20.26
C ARG C 498 -32.19 35.93 20.02
N ARG C 499 -30.87 36.09 19.85
CA ARG C 499 -30.27 37.41 19.52
C ARG C 499 -30.71 37.87 18.12
N SER C 500 -30.93 36.92 17.20
CA SER C 500 -31.47 37.22 15.84
C SER C 500 -32.90 37.74 15.98
N HIS C 501 -33.72 37.02 16.75
CA HIS C 501 -35.12 37.40 17.09
C HIS C 501 -35.15 38.82 17.68
N GLU C 502 -34.12 39.18 18.46
CA GLU C 502 -34.06 40.43 19.25
C GLU C 502 -33.69 41.60 18.35
N ARG C 503 -32.78 41.42 17.38
CA ARG C 503 -32.47 42.46 16.37
C ARG C 503 -33.76 42.90 15.66
N ILE C 504 -34.53 41.92 15.14
CA ILE C 504 -35.79 42.16 14.38
C ILE C 504 -36.79 42.88 15.28
N LYS C 505 -37.00 42.37 16.50
CA LYS C 505 -37.86 43.03 17.53
C LYS C 505 -37.49 44.51 17.60
N ASP C 506 -36.20 44.81 17.80
CA ASP C 506 -35.72 46.20 17.98
C ASP C 506 -35.97 46.99 16.69
N ALA C 507 -35.88 46.36 15.53
CA ALA C 507 -36.12 47.01 14.23
C ALA C 507 -37.61 47.34 14.06
N LEU C 508 -38.50 46.40 14.38
CA LEU C 508 -39.97 46.51 14.16
C LEU C 508 -40.65 47.16 15.38
N ASP C 509 -40.02 47.13 16.56
CA ASP C 509 -40.57 47.64 17.83
C ASP C 509 -39.51 48.41 18.59
N PRO C 510 -39.11 49.61 18.08
CA PRO C 510 -38.04 50.38 18.69
C PRO C 510 -38.35 50.84 20.13
N ASN C 511 -39.63 50.98 20.49
CA ASN C 511 -40.03 51.39 21.86
C ASN C 511 -40.22 50.13 22.73
N GLY C 512 -40.29 48.94 22.13
CA GLY C 512 -40.43 47.67 22.86
C GLY C 512 -41.80 47.57 23.53
N ILE C 513 -42.85 47.93 22.79
CA ILE C 513 -44.26 48.02 23.26
C ILE C 513 -44.90 46.63 23.32
N LEU C 514 -44.68 45.77 22.34
CA LEU C 514 -45.53 44.57 22.12
C LEU C 514 -45.02 43.40 22.97
N ASN C 515 -45.94 42.92 23.85
CA ASN C 515 -45.80 41.85 24.86
C ASN C 515 -44.34 41.44 25.08
N PRO C 516 -43.50 42.34 25.68
CA PRO C 516 -42.09 42.07 25.85
C PRO C 516 -41.80 40.72 26.52
N GLY C 517 -40.84 39.98 25.98
CA GLY C 517 -40.34 38.71 26.50
C GLY C 517 -41.03 37.50 25.89
N LYS C 518 -42.06 37.68 25.06
CA LYS C 518 -42.75 36.55 24.37
C LYS C 518 -41.67 35.70 23.68
N SER C 519 -41.65 34.40 23.95
CA SER C 519 -40.69 33.40 23.42
C SER C 519 -39.25 33.76 23.77
N GLY C 520 -39.04 34.63 24.76
CA GLY C 520 -37.69 35.00 25.24
C GLY C 520 -37.13 36.17 24.45
N ILE C 521 -37.95 36.82 23.65
CA ILE C 521 -37.54 37.97 22.79
C ILE C 521 -37.83 39.25 23.57
N TRP C 522 -36.80 39.78 24.23
CA TRP C 522 -36.87 41.01 25.03
C TRP C 522 -36.42 42.19 24.18
N PRO C 523 -37.10 43.35 24.27
CA PRO C 523 -36.68 44.55 23.55
C PRO C 523 -35.43 45.15 24.22
N GLU C 524 -34.78 46.08 23.50
CA GLU C 524 -33.48 46.75 23.85
C GLU C 524 -33.54 47.35 25.26
N ARG C 525 -34.65 47.98 25.67
CA ARG C 525 -34.75 48.74 26.95
C ARG C 525 -34.98 47.82 28.15
N LEU C 526 -35.07 46.49 27.95
CA LEU C 526 -35.21 45.51 29.06
C LEU C 526 -34.01 44.56 29.06
N ARG C 527 -32.82 45.03 28.65
CA ARG C 527 -31.58 44.22 28.65
C ARG C 527 -30.42 45.00 29.29
N PHE D 3 -7.78 46.43 -11.97
CA PHE D 3 -9.19 46.18 -11.53
C PHE D 3 -10.17 46.53 -12.64
N ARG D 4 -11.15 45.66 -12.92
CA ARG D 4 -12.07 45.81 -14.07
C ARG D 4 -13.22 46.73 -13.68
N THR D 5 -13.63 46.71 -12.42
CA THR D 5 -14.63 47.66 -11.87
C THR D 5 -14.33 47.89 -10.39
N LEU D 6 -14.86 48.97 -9.84
CA LEU D 6 -14.67 49.30 -8.41
C LEU D 6 -16.02 49.66 -7.84
N PRO D 7 -16.36 49.16 -6.63
CA PRO D 7 -17.62 49.51 -5.98
C PRO D 7 -17.59 51.01 -5.68
N ASP D 8 -18.71 51.70 -5.89
CA ASP D 8 -18.78 53.17 -5.73
C ASP D 8 -18.36 53.51 -4.30
N GLY D 9 -17.63 54.61 -4.12
CA GLY D 9 -17.18 55.10 -2.79
C GLY D 9 -15.96 54.35 -2.26
N VAL D 10 -15.50 53.32 -2.94
CA VAL D 10 -14.31 52.58 -2.56
C VAL D 10 -13.25 52.84 -3.60
N SER D 11 -12.06 53.22 -3.18
CA SER D 11 -10.99 53.53 -4.12
C SER D 11 -10.25 52.30 -4.49
N ALA D 12 -9.27 52.43 -5.36
CA ALA D 12 -8.55 51.28 -5.84
C ALA D 12 -7.52 50.90 -4.85
N GLU D 13 -7.16 51.84 -4.02
CA GLU D 13 -6.12 51.61 -3.06
C GLU D 13 -6.73 50.93 -1.88
N GLN D 14 -8.00 51.16 -1.68
CA GLN D 14 -8.68 50.52 -0.59
C GLN D 14 -9.18 49.19 -1.03
N PHE D 15 -9.55 49.08 -2.29
CA PHE D 15 -9.99 47.81 -2.81
C PHE D 15 -8.85 46.86 -2.81
N ALA D 16 -7.69 47.35 -3.18
CA ALA D 16 -6.54 46.51 -3.22
C ALA D 16 -6.12 46.08 -1.85
N ASN D 17 -6.23 46.96 -0.87
CA ASN D 17 -5.88 46.56 0.51
C ASN D 17 -6.79 45.40 0.93
N ALA D 18 -8.08 45.51 0.61
CA ALA D 18 -9.14 44.54 0.94
C ALA D 18 -8.88 43.23 0.21
N ILE D 19 -8.62 43.29 -1.10
CA ILE D 19 -8.27 42.08 -1.92
C ILE D 19 -7.03 41.44 -1.29
N SER D 20 -6.07 42.27 -0.89
CA SER D 20 -4.84 41.80 -0.24
C SER D 20 -5.18 40.98 1.01
N GLU D 21 -6.17 41.38 1.84
CA GLU D 21 -6.51 40.60 3.07
C GLU D 21 -7.27 39.33 2.70
N PHE D 22 -8.21 39.41 1.75
CA PHE D 22 -8.94 38.21 1.24
C PHE D 22 -7.90 37.16 0.91
N SER D 23 -6.85 37.55 0.19
CA SER D 23 -5.79 36.62 -0.29
C SER D 23 -5.09 36.00 0.91
N GLU D 24 -4.73 36.81 1.90
CA GLU D 24 -3.97 36.37 3.10
C GLU D 24 -4.79 35.30 3.84
N THR D 25 -6.10 35.50 4.00
CA THR D 25 -6.96 34.68 4.89
C THR D 25 -7.51 33.46 4.15
N ILE D 26 -7.70 33.53 2.83
CA ILE D 26 -8.28 32.43 2.00
C ILE D 26 -7.16 31.74 1.22
N GLY D 27 -6.14 32.47 0.77
CA GLY D 27 -5.11 31.96 -0.14
C GLY D 27 -5.29 32.63 -1.49
N SER D 28 -4.20 32.93 -2.18
CA SER D 28 -4.22 33.66 -3.48
C SER D 28 -4.93 32.86 -4.56
N GLU D 29 -4.81 31.52 -4.55
CA GLU D 29 -5.50 30.59 -5.48
C GLU D 29 -7.01 30.87 -5.56
N TYR D 30 -7.63 31.36 -4.48
CA TYR D 30 -9.11 31.43 -4.32
C TYR D 30 -9.59 32.88 -4.32
N VAL D 31 -8.73 33.85 -4.63
CA VAL D 31 -9.15 35.27 -4.76
C VAL D 31 -8.66 35.76 -6.12
N ARG D 32 -9.57 36.03 -7.07
CA ARG D 32 -9.23 36.28 -8.49
C ARG D 32 -9.83 37.62 -8.92
N VAL D 33 -8.99 38.52 -9.43
CA VAL D 33 -9.40 39.84 -9.99
C VAL D 33 -9.02 39.89 -11.47
N ASP D 34 -8.49 38.81 -12.03
CA ASP D 34 -8.08 38.74 -13.46
C ASP D 34 -9.33 38.74 -14.35
N GLU D 35 -9.30 39.47 -15.46
CA GLU D 35 -10.47 39.70 -16.36
C GLU D 35 -11.01 38.37 -16.91
N ALA D 36 -10.13 37.43 -17.27
CA ALA D 36 -10.53 36.13 -17.86
C ALA D 36 -11.49 35.42 -16.90
N THR D 37 -11.15 35.36 -15.59
CA THR D 37 -11.95 34.62 -14.59
C THR D 37 -13.22 35.41 -14.29
N VAL D 38 -13.10 36.70 -13.98
CA VAL D 38 -14.27 37.46 -13.45
C VAL D 38 -15.32 37.57 -14.56
N SER D 39 -14.92 37.70 -15.82
CA SER D 39 -15.88 37.85 -16.96
C SER D 39 -16.77 36.61 -17.05
N GLU D 40 -16.27 35.44 -16.66
CA GLU D 40 -17.05 34.15 -16.64
C GLU D 40 -18.28 34.30 -15.73
N TYR D 41 -18.27 35.24 -14.78
CA TYR D 41 -19.32 35.46 -13.78
C TYR D 41 -20.19 36.69 -14.15
N ASP D 42 -20.00 37.28 -15.32
CA ASP D 42 -20.93 38.30 -15.86
C ASP D 42 -22.21 37.62 -16.33
N ASP D 43 -23.31 38.38 -16.36
CA ASP D 43 -24.65 37.90 -16.78
C ASP D 43 -24.55 37.37 -18.21
N LYS D 44 -24.72 36.06 -18.41
CA LYS D 44 -24.76 35.44 -19.76
C LYS D 44 -25.90 36.03 -20.60
N PHE D 45 -27.04 36.37 -20.00
CA PHE D 45 -28.20 36.98 -20.71
C PHE D 45 -28.39 38.42 -20.26
N PRO D 46 -27.47 39.35 -20.57
CA PRO D 46 -27.66 40.75 -20.18
C PRO D 46 -28.70 41.41 -21.09
N VAL D 47 -29.32 42.48 -20.60
CA VAL D 47 -30.17 43.39 -21.43
C VAL D 47 -29.58 44.79 -21.39
N THR D 48 -28.42 44.97 -20.74
CA THR D 48 -27.73 46.28 -20.67
C THR D 48 -26.37 46.12 -21.33
N ASP D 49 -25.79 47.24 -21.75
CA ASP D 49 -24.66 47.24 -22.71
C ASP D 49 -23.34 47.52 -22.00
N GLY D 50 -23.35 48.24 -20.88
CA GLY D 50 -22.11 48.83 -20.34
C GLY D 50 -21.58 48.13 -19.10
N ASP D 51 -21.37 48.93 -18.06
CA ASP D 51 -20.59 48.63 -16.84
C ASP D 51 -21.54 48.10 -15.75
N GLU D 52 -22.86 48.17 -15.99
CA GLU D 52 -23.91 47.79 -15.00
C GLU D 52 -23.74 46.30 -14.67
N PHE D 53 -23.87 45.95 -13.40
CA PHE D 53 -24.00 44.56 -12.90
C PHE D 53 -22.77 43.73 -13.24
N LYS D 54 -21.58 44.33 -13.27
CA LYS D 54 -20.30 43.61 -13.53
C LYS D 54 -19.48 43.56 -12.24
N GLY D 55 -19.24 42.35 -11.73
CA GLY D 55 -18.46 42.13 -10.50
C GLY D 55 -17.01 42.53 -10.66
N SER D 56 -16.36 42.95 -9.57
CA SER D 56 -14.95 43.37 -9.56
C SER D 56 -14.03 42.16 -9.36
N ALA D 57 -14.46 41.13 -8.66
CA ALA D 57 -13.62 39.98 -8.30
C ALA D 57 -14.51 38.78 -7.93
N VAL D 58 -13.92 37.60 -7.93
CA VAL D 58 -14.65 36.40 -7.47
C VAL D 58 -13.76 35.62 -6.52
N ILE D 59 -14.37 35.10 -5.47
CA ILE D 59 -13.67 34.34 -4.41
C ILE D 59 -14.33 32.98 -4.38
N TRP D 60 -13.53 31.93 -4.19
CA TRP D 60 -13.98 30.53 -4.10
C TRP D 60 -13.72 30.04 -2.68
N PRO D 61 -14.54 30.43 -1.68
CA PRO D 61 -14.41 29.86 -0.34
C PRO D 61 -14.55 28.34 -0.38
N GLY D 62 -13.91 27.68 0.59
CA GLY D 62 -13.75 26.22 0.69
C GLY D 62 -14.40 25.66 1.94
N SER D 63 -14.99 26.52 2.78
CA SER D 63 -15.65 26.12 4.05
C SER D 63 -16.52 27.25 4.58
N THR D 64 -17.45 26.89 5.48
CA THR D 64 -18.34 27.82 6.19
C THR D 64 -17.47 28.92 6.80
N GLU D 65 -16.24 28.59 7.13
CA GLU D 65 -15.34 29.39 8.00
C GLU D 65 -14.57 30.42 7.17
N ASP D 66 -14.23 30.07 5.93
CA ASP D 66 -13.74 31.04 4.91
C ASP D 66 -14.83 32.09 4.67
N VAL D 67 -16.10 31.68 4.62
CA VAL D 67 -17.22 32.60 4.35
C VAL D 67 -17.29 33.67 5.44
N GLN D 68 -17.12 33.27 6.71
CA GLN D 68 -17.17 34.17 7.90
C GLN D 68 -16.06 35.21 7.78
N VAL D 69 -14.86 34.75 7.46
CA VAL D 69 -13.67 35.66 7.45
C VAL D 69 -13.84 36.69 6.32
N ILE D 70 -14.33 36.28 5.15
CA ILE D 70 -14.61 37.18 3.98
C ILE D 70 -15.68 38.22 4.35
N VAL D 71 -16.71 37.84 5.09
CA VAL D 71 -17.82 38.75 5.48
C VAL D 71 -17.25 39.80 6.43
N ARG D 72 -16.36 39.41 7.33
CA ARG D 72 -15.80 40.33 8.35
C ARG D 72 -14.87 41.34 7.67
N ILE D 73 -14.07 40.90 6.68
CA ILE D 73 -13.19 41.80 5.89
C ILE D 73 -14.08 42.77 5.11
N ALA D 74 -15.19 42.30 4.53
CA ALA D 74 -16.15 43.15 3.76
C ALA D 74 -16.68 44.28 4.63
N ASN D 75 -16.94 44.01 5.92
CA ASN D 75 -17.52 44.99 6.88
C ASN D 75 -16.50 46.10 7.18
N LYS D 76 -15.26 45.69 7.46
CA LYS D 76 -14.15 46.59 7.86
C LYS D 76 -13.76 47.48 6.68
N TYR D 77 -13.71 46.96 5.45
CA TYR D 77 -13.35 47.76 4.25
C TYR D 77 -14.59 48.34 3.56
N GLY D 78 -15.80 48.01 4.01
CA GLY D 78 -17.06 48.53 3.43
C GLY D 78 -17.21 48.17 1.96
N ILE D 79 -17.10 46.89 1.63
CA ILE D 79 -17.06 46.36 0.24
C ILE D 79 -18.26 45.45 0.00
N PRO D 80 -19.17 45.79 -0.95
CA PRO D 80 -20.36 44.98 -1.18
C PRO D 80 -20.03 43.56 -1.68
N LEU D 81 -20.72 42.55 -1.12
CA LEU D 81 -20.66 41.12 -1.52
C LEU D 81 -21.94 40.68 -2.24
N HIS D 82 -21.83 39.70 -3.12
CA HIS D 82 -22.95 38.92 -3.67
C HIS D 82 -22.54 37.45 -3.75
N ALA D 83 -23.03 36.66 -2.80
CA ALA D 83 -22.82 35.20 -2.72
C ALA D 83 -23.97 34.53 -3.47
N PHE D 84 -23.63 33.47 -4.18
CA PHE D 84 -24.56 32.56 -4.90
C PHE D 84 -23.99 31.14 -4.82
N SER D 85 -24.77 30.13 -5.20
CA SER D 85 -24.45 28.70 -4.98
C SER D 85 -23.83 28.10 -6.24
N GLY D 86 -24.60 27.95 -7.32
CA GLY D 86 -24.09 27.64 -8.67
C GLY D 86 -23.84 28.89 -9.51
N GLY D 87 -24.60 29.95 -9.28
CA GLY D 87 -24.51 31.21 -10.06
C GLY D 87 -25.04 31.07 -11.50
N ARG D 88 -25.91 30.09 -11.75
CA ARG D 88 -26.47 29.79 -13.10
C ARG D 88 -27.94 30.21 -13.16
N ASN D 89 -28.27 31.31 -12.47
CA ASN D 89 -29.64 31.89 -12.32
C ASN D 89 -29.99 32.68 -13.58
N LEU D 90 -29.97 32.00 -14.73
CA LEU D 90 -30.18 32.60 -16.07
C LEU D 90 -31.63 33.07 -16.16
N GLY D 91 -31.86 34.22 -16.79
CA GLY D 91 -33.18 34.86 -16.91
C GLY D 91 -33.44 35.83 -15.77
N TYR D 92 -32.66 35.73 -14.69
CA TYR D 92 -32.81 36.58 -13.48
C TYR D 92 -31.50 37.31 -13.14
N GLY D 93 -30.50 37.28 -14.02
CA GLY D 93 -29.20 37.96 -13.81
C GLY D 93 -28.03 37.00 -13.69
N GLY D 94 -28.26 35.68 -13.76
CA GLY D 94 -27.20 34.65 -13.72
C GLY D 94 -26.39 34.71 -12.43
N SER D 95 -25.11 35.08 -12.53
CA SER D 95 -24.21 35.29 -11.37
C SER D 95 -23.89 36.78 -11.20
N SER D 96 -24.52 37.65 -11.99
CA SER D 96 -24.27 39.11 -11.90
C SER D 96 -24.82 39.64 -10.58
N PRO D 97 -24.15 40.66 -9.99
CA PRO D 97 -24.64 41.31 -8.78
C PRO D 97 -25.52 42.50 -9.15
N MET D 98 -26.08 43.18 -8.16
CA MET D 98 -26.95 44.37 -8.34
C MET D 98 -26.06 45.57 -8.67
N LEU D 99 -24.91 45.71 -8.00
CA LEU D 99 -24.06 46.93 -8.03
C LEU D 99 -22.74 46.65 -8.75
N THR D 100 -22.32 47.55 -9.62
CA THR D 100 -20.99 47.54 -10.26
C THR D 100 -19.89 47.54 -9.19
N GLY D 101 -18.92 46.63 -9.33
CA GLY D 101 -17.71 46.54 -8.48
C GLY D 101 -17.89 45.59 -7.31
N THR D 102 -19.01 44.89 -7.22
CA THR D 102 -19.32 43.95 -6.10
C THR D 102 -18.36 42.75 -6.13
N VAL D 103 -17.81 42.38 -4.98
CA VAL D 103 -17.01 41.13 -4.88
C VAL D 103 -18.03 39.98 -4.90
N LEU D 104 -17.78 38.96 -5.75
CA LEU D 104 -18.69 37.80 -5.92
C LEU D 104 -18.13 36.62 -5.12
N LEU D 105 -19.01 35.91 -4.41
CA LEU D 105 -18.67 34.65 -3.70
C LEU D 105 -19.32 33.47 -4.42
N HIS D 106 -18.55 32.60 -5.06
CA HIS D 106 -19.09 31.37 -5.68
C HIS D 106 -18.82 30.19 -4.76
N LEU D 107 -19.72 29.97 -3.79
CA LEU D 107 -19.51 28.94 -2.75
C LEU D 107 -19.46 27.57 -3.43
N GLY D 108 -20.24 27.38 -4.48
CA GLY D 108 -20.46 26.08 -5.13
C GLY D 108 -19.16 25.47 -5.62
N LYS D 109 -18.26 26.30 -6.15
CA LYS D 109 -16.99 25.87 -6.78
C LYS D 109 -16.36 24.75 -5.94
N ARG D 110 -16.18 24.98 -4.65
CA ARG D 110 -15.51 24.01 -3.74
C ARG D 110 -16.52 23.36 -2.80
N MET D 111 -17.46 24.13 -2.23
CA MET D 111 -18.39 23.61 -1.20
C MET D 111 -19.55 22.90 -1.91
N ASN D 112 -19.26 21.73 -2.45
CA ASN D 112 -20.15 21.09 -3.44
C ASN D 112 -20.36 19.62 -3.12
N ARG D 113 -20.21 19.19 -1.87
CA ARG D 113 -20.38 17.75 -1.55
C ARG D 113 -21.75 17.53 -0.89
N VAL D 114 -22.37 16.38 -1.21
CA VAL D 114 -23.64 15.85 -0.62
C VAL D 114 -23.32 15.27 0.77
N LEU D 115 -23.79 15.90 1.84
CA LEU D 115 -23.32 15.59 3.21
C LEU D 115 -24.06 14.37 3.81
N GLU D 116 -25.35 14.17 3.53
CA GLU D 116 -26.10 13.00 4.06
C GLU D 116 -27.21 12.59 3.08
N ILE D 117 -27.52 11.30 3.05
CA ILE D 117 -28.82 10.80 2.50
C ILE D 117 -29.40 9.83 3.51
N ASN D 118 -30.51 10.24 4.10
CA ASN D 118 -31.24 9.53 5.18
C ASN D 118 -32.49 8.89 4.55
N GLU D 119 -32.48 7.57 4.34
CA GLU D 119 -33.62 6.86 3.70
C GLU D 119 -34.82 6.82 4.66
N LYS D 120 -34.60 6.40 5.91
CA LYS D 120 -35.67 6.15 6.92
C LYS D 120 -36.56 7.40 7.03
N LEU D 121 -35.95 8.59 7.04
CA LEU D 121 -36.62 9.90 7.22
C LEU D 121 -36.60 10.72 5.93
N ALA D 122 -36.18 10.14 4.81
CA ALA D 122 -36.43 10.67 3.46
C ALA D 122 -35.97 12.13 3.37
N TYR D 123 -34.68 12.38 3.55
CA TYR D 123 -34.08 13.72 3.31
C TYR D 123 -32.62 13.59 2.94
N ALA D 124 -32.08 14.67 2.40
CA ALA D 124 -30.64 14.81 2.12
C ALA D 124 -30.16 16.12 2.75
N VAL D 125 -28.86 16.22 2.99
CA VAL D 125 -28.21 17.50 3.39
C VAL D 125 -27.14 17.83 2.35
N VAL D 126 -27.20 19.05 1.82
CA VAL D 126 -26.38 19.46 0.66
C VAL D 126 -25.61 20.73 0.99
N GLU D 127 -24.48 20.90 0.32
CA GLU D 127 -23.70 22.16 0.31
C GLU D 127 -24.12 22.98 -0.89
N PRO D 128 -23.67 24.25 -0.97
CA PRO D 128 -24.11 25.16 -2.05
C PRO D 128 -23.90 24.62 -3.48
N GLY D 129 -22.84 23.86 -3.72
CA GLY D 129 -22.43 23.49 -5.09
C GLY D 129 -23.12 22.26 -5.62
N VAL D 130 -23.84 21.52 -4.80
CA VAL D 130 -24.55 20.29 -5.26
C VAL D 130 -25.65 20.72 -6.23
N ASP D 131 -25.61 20.24 -7.47
CA ASP D 131 -26.68 20.50 -8.47
C ASP D 131 -27.56 19.26 -8.59
N TYR D 132 -28.73 19.41 -9.20
CA TYR D 132 -29.78 18.37 -9.32
C TYR D 132 -29.17 17.05 -9.82
N LYS D 133 -28.37 17.10 -10.87
CA LYS D 133 -27.67 15.93 -11.44
C LYS D 133 -26.78 15.25 -10.38
N THR D 134 -25.95 16.03 -9.68
CA THR D 134 -25.04 15.50 -8.64
C THR D 134 -25.90 14.83 -7.55
N LEU D 135 -26.96 15.50 -7.11
CA LEU D 135 -27.77 14.98 -5.98
C LEU D 135 -28.52 13.75 -6.48
N TYR D 136 -29.01 13.79 -7.71
CA TYR D 136 -29.71 12.66 -8.37
C TYR D 136 -28.79 11.44 -8.36
N GLU D 137 -27.60 11.55 -8.95
CA GLU D 137 -26.61 10.44 -9.00
C GLU D 137 -26.27 9.95 -7.59
N ALA D 138 -26.10 10.87 -6.64
CA ALA D 138 -25.74 10.50 -5.27
C ALA D 138 -26.82 9.55 -4.71
N VAL D 139 -28.08 9.91 -4.93
CA VAL D 139 -29.27 9.21 -4.38
C VAL D 139 -29.38 7.82 -5.03
N ARG D 140 -29.06 7.69 -6.32
CA ARG D 140 -29.05 6.36 -6.98
C ARG D 140 -28.01 5.49 -6.27
N ASP D 141 -26.79 6.01 -6.13
CA ASP D 141 -25.61 5.22 -5.68
C ASP D 141 -25.79 4.78 -4.23
N SER D 142 -26.57 5.53 -3.45
CA SER D 142 -26.90 5.20 -2.03
C SER D 142 -27.90 4.04 -2.00
N GLY D 143 -28.62 3.80 -3.10
CA GLY D 143 -29.65 2.74 -3.16
C GLY D 143 -30.93 3.12 -2.46
N ALA D 144 -31.03 4.32 -1.87
CA ALA D 144 -32.25 4.82 -1.20
C ALA D 144 -33.39 4.96 -2.21
N LYS D 145 -34.58 4.47 -1.88
CA LYS D 145 -35.79 4.62 -2.72
C LYS D 145 -36.37 6.02 -2.50
N LEU D 146 -35.58 7.06 -2.81
CA LEU D 146 -36.02 8.48 -2.73
C LEU D 146 -35.91 9.07 -4.13
N MET D 147 -36.64 10.16 -4.38
CA MET D 147 -36.52 10.90 -5.65
C MET D 147 -36.39 12.40 -5.37
N ILE D 148 -35.50 13.06 -6.14
CA ILE D 148 -35.27 14.53 -6.05
C ILE D 148 -36.36 15.23 -6.85
N ASP D 149 -36.39 16.55 -6.77
CA ASP D 149 -37.34 17.40 -7.51
C ASP D 149 -36.55 18.42 -8.31
N PRO D 150 -36.15 18.10 -9.56
CA PRO D 150 -35.29 19.01 -10.32
C PRO D 150 -36.14 20.10 -10.96
N ALA D 151 -35.55 21.26 -11.19
CA ALA D 151 -36.06 22.24 -12.16
C ALA D 151 -35.71 21.71 -13.55
N GLU D 152 -35.92 22.51 -14.59
CA GLU D 152 -35.77 22.06 -15.99
C GLU D 152 -34.31 21.74 -16.33
N LEU D 153 -33.36 22.51 -15.80
CA LEU D 153 -31.94 22.40 -16.16
C LEU D 153 -31.19 21.75 -15.00
N ASP D 154 -30.53 20.61 -15.27
CA ASP D 154 -29.93 19.73 -14.24
C ASP D 154 -28.74 20.41 -13.56
N TRP D 155 -28.21 21.48 -14.16
CA TRP D 155 -27.03 22.18 -13.60
C TRP D 155 -27.43 23.12 -12.46
N GLY D 156 -28.71 23.34 -12.23
CA GLY D 156 -29.19 24.22 -11.15
C GLY D 156 -28.70 23.73 -9.79
N SER D 157 -28.49 24.65 -8.86
CA SER D 157 -28.15 24.29 -7.46
C SER D 157 -29.43 24.00 -6.68
N VAL D 158 -29.53 22.81 -6.10
CA VAL D 158 -30.60 22.43 -5.13
C VAL D 158 -30.82 23.59 -4.16
N MET D 159 -29.75 24.05 -3.52
CA MET D 159 -29.82 25.12 -2.49
C MET D 159 -30.13 26.44 -3.17
N GLY D 160 -29.33 26.79 -4.18
CA GLY D 160 -29.40 28.06 -4.92
C GLY D 160 -30.80 28.32 -5.45
N ASN D 161 -31.38 27.32 -6.13
CA ASN D 161 -32.77 27.37 -6.68
C ASN D 161 -33.75 27.65 -5.52
N THR D 162 -33.60 26.95 -4.41
CA THR D 162 -34.51 27.08 -3.24
C THR D 162 -34.52 28.53 -2.78
N MET D 163 -33.36 29.15 -2.65
CA MET D 163 -33.25 30.51 -2.05
C MET D 163 -33.79 31.58 -3.01
N GLU D 164 -34.02 31.23 -4.27
CA GLU D 164 -34.60 32.14 -5.31
C GLU D 164 -36.11 31.90 -5.38
N HIS D 165 -36.62 31.01 -4.52
CA HIS D 165 -38.05 30.62 -4.41
C HIS D 165 -38.45 29.79 -5.62
N GLY D 166 -37.47 29.12 -6.23
CA GLY D 166 -37.63 28.28 -7.42
C GLY D 166 -38.57 27.11 -7.17
N VAL D 167 -38.93 26.42 -8.25
CA VAL D 167 -39.97 25.35 -8.22
C VAL D 167 -39.61 24.30 -9.27
N GLY D 168 -40.03 23.06 -9.06
CA GLY D 168 -39.90 21.92 -9.99
C GLY D 168 -41.27 21.41 -10.39
N TYR D 169 -41.48 20.10 -10.50
CA TYR D 169 -42.68 19.56 -11.21
C TYR D 169 -43.25 18.28 -10.58
N THR D 170 -42.65 17.71 -9.54
CA THR D 170 -43.19 16.54 -8.80
C THR D 170 -44.18 17.12 -7.79
N PRO D 171 -44.86 16.30 -6.97
CA PRO D 171 -45.64 16.88 -5.87
C PRO D 171 -44.79 17.64 -4.84
N TYR D 172 -43.45 17.54 -4.91
CA TYR D 172 -42.50 18.33 -4.08
C TYR D 172 -42.00 19.56 -4.86
N ALA D 173 -42.81 20.08 -5.77
CA ALA D 173 -42.40 21.14 -6.73
C ALA D 173 -42.09 22.43 -5.95
N ASP D 174 -42.83 22.72 -4.87
CA ASP D 174 -42.60 23.95 -4.05
C ASP D 174 -41.35 23.73 -3.20
N HIS D 175 -40.20 24.20 -3.69
CA HIS D 175 -38.86 23.90 -3.12
C HIS D 175 -38.69 24.52 -1.73
N SER D 176 -39.30 25.68 -1.47
CA SER D 176 -39.25 26.36 -0.15
C SER D 176 -39.98 25.50 0.89
N MET D 177 -41.03 24.80 0.47
CA MET D 177 -41.85 23.94 1.36
C MET D 177 -40.97 22.82 1.95
N TRP D 178 -40.06 22.23 1.17
CA TRP D 178 -39.35 20.98 1.56
C TRP D 178 -37.90 21.27 1.99
N ARG D 179 -37.46 22.52 1.87
CA ARG D 179 -36.29 23.07 2.62
C ARG D 179 -36.59 22.88 4.11
N CYS D 180 -35.57 22.54 4.90
CA CYS D 180 -35.68 22.37 6.37
C CYS D 180 -34.28 22.25 6.94
N GLY D 181 -33.86 23.28 7.68
CA GLY D 181 -32.58 23.29 8.41
C GLY D 181 -31.48 23.87 7.55
N MET D 182 -31.11 25.12 7.83
CA MET D 182 -30.06 25.87 7.10
C MET D 182 -28.98 26.28 8.10
N GLU D 183 -27.73 26.25 7.65
CA GLU D 183 -26.59 26.96 8.30
C GLU D 183 -26.34 28.21 7.48
N VAL D 184 -26.41 29.36 8.16
CA VAL D 184 -26.31 30.72 7.54
C VAL D 184 -25.18 31.47 8.23
N VAL D 185 -24.32 32.10 7.44
CA VAL D 185 -23.40 33.16 7.93
C VAL D 185 -24.11 34.50 7.80
N LEU D 186 -24.36 35.16 8.92
CA LEU D 186 -25.07 36.47 8.94
C LEU D 186 -24.07 37.53 8.48
N ALA D 187 -24.55 38.73 8.17
CA ALA D 187 -23.76 39.83 7.56
C ALA D 187 -22.65 40.32 8.52
N ASP D 188 -22.70 39.95 9.80
CA ASP D 188 -21.66 40.28 10.82
C ASP D 188 -20.70 39.08 11.05
N GLY D 189 -20.83 38.00 10.28
CA GLY D 189 -19.87 36.87 10.30
C GLY D 189 -20.31 35.72 11.21
N GLU D 190 -21.40 35.88 11.95
CA GLU D 190 -21.83 34.86 12.94
C GLU D 190 -22.62 33.76 12.24
N VAL D 191 -22.31 32.51 12.61
CA VAL D 191 -23.03 31.30 12.12
C VAL D 191 -24.37 31.21 12.86
N LEU D 192 -25.44 31.02 12.09
CA LEU D 192 -26.77 30.69 12.64
C LEU D 192 -27.19 29.32 12.11
N ARG D 193 -27.75 28.49 12.99
CA ARG D 193 -28.46 27.24 12.62
C ARG D 193 -29.95 27.44 12.90
N THR D 194 -30.76 27.37 11.84
CA THR D 194 -32.20 27.65 11.86
C THR D 194 -32.92 26.49 12.57
N GLY D 195 -34.10 26.79 13.10
CA GLY D 195 -35.01 25.77 13.66
C GLY D 195 -34.36 24.99 14.78
N MET D 196 -34.53 23.67 14.76
CA MET D 196 -34.00 22.74 15.80
C MET D 196 -32.46 22.64 15.71
N GLY D 197 -31.84 23.25 14.70
CA GLY D 197 -30.37 23.41 14.66
C GLY D 197 -29.87 24.23 15.83
N GLY D 198 -30.72 25.13 16.35
CA GLY D 198 -30.45 25.92 17.56
C GLY D 198 -30.31 25.04 18.80
N LEU D 199 -30.82 23.80 18.77
CA LEU D 199 -30.70 22.88 19.94
C LEU D 199 -29.55 21.92 19.72
N PRO D 200 -28.47 22.00 20.53
CA PRO D 200 -27.37 21.05 20.45
C PRO D 200 -27.87 19.63 20.70
N GLY D 201 -27.49 18.69 19.83
CA GLY D 201 -27.84 17.26 19.93
C GLY D 201 -29.18 16.95 19.30
N SER D 202 -29.97 17.96 18.88
CA SER D 202 -31.30 17.75 18.23
C SER D 202 -31.12 17.10 16.86
N GLU D 203 -31.72 15.93 16.66
CA GLU D 203 -31.72 15.18 15.39
C GLU D 203 -32.83 15.68 14.46
N ALA D 204 -33.51 16.77 14.82
CA ALA D 204 -34.75 17.28 14.14
C ALA D 204 -34.43 18.44 13.20
N TRP D 205 -33.18 18.86 13.09
CA TRP D 205 -32.79 20.09 12.35
C TRP D 205 -33.41 20.08 10.95
N HIS D 206 -33.41 18.91 10.28
CA HIS D 206 -33.90 18.78 8.89
C HIS D 206 -35.26 18.06 8.84
N LEU D 207 -35.93 17.85 9.99
CA LEU D 207 -37.22 17.10 10.07
C LEU D 207 -38.39 18.06 10.28
N TYR D 208 -38.24 18.99 11.20
CA TYR D 208 -39.34 19.89 11.66
C TYR D 208 -38.88 21.33 11.52
N PRO D 209 -39.46 22.10 10.56
CA PRO D 209 -39.11 23.51 10.38
C PRO D 209 -39.73 24.41 11.45
N GLY D 210 -39.27 24.28 12.69
CA GLY D 210 -39.81 25.05 13.83
C GLY D 210 -38.85 25.10 15.01
N GLN D 211 -39.31 25.76 16.08
CA GLN D 211 -38.51 26.22 17.24
C GLN D 211 -39.35 27.22 18.02
N LEU D 212 -39.01 27.46 19.27
CA LEU D 212 -39.68 28.50 20.07
C LEU D 212 -39.50 29.83 19.35
N GLY D 213 -40.61 30.52 19.13
CA GLY D 213 -40.62 31.85 18.49
C GLY D 213 -40.64 31.72 16.97
N PRO D 214 -40.40 32.84 16.25
CA PRO D 214 -40.62 32.89 14.82
C PRO D 214 -39.59 32.05 14.09
N SER D 215 -40.01 31.48 12.96
CA SER D 215 -39.15 30.88 11.91
C SER D 215 -38.60 32.01 11.03
N ILE D 216 -37.29 32.05 10.81
CA ILE D 216 -36.65 33.12 9.99
C ILE D 216 -36.10 32.53 8.69
N GLU D 217 -36.26 31.23 8.43
CA GLU D 217 -35.77 30.61 7.17
C GLU D 217 -36.37 31.40 6.00
N GLY D 218 -37.67 31.71 6.08
CA GLY D 218 -38.36 32.50 5.04
C GLY D 218 -37.58 33.75 4.70
N LEU D 219 -36.86 34.35 5.65
CA LEU D 219 -36.18 35.66 5.50
C LEU D 219 -35.07 35.58 4.44
N PHE D 220 -34.47 34.41 4.25
CA PHE D 220 -33.27 34.26 3.38
C PHE D 220 -33.67 33.99 1.93
N GLU D 221 -34.96 34.14 1.59
CA GLU D 221 -35.50 33.86 0.25
C GLU D 221 -35.58 35.16 -0.52
N GLN D 222 -34.97 35.20 -1.71
CA GLN D 222 -34.90 36.39 -2.61
C GLN D 222 -34.51 37.61 -1.78
N SER D 223 -33.56 37.46 -0.86
CA SER D 223 -33.13 38.55 0.04
C SER D 223 -31.60 38.62 0.07
N ASN D 224 -31.09 39.64 0.76
CA ASN D 224 -29.66 39.96 0.90
C ASN D 224 -29.32 40.08 2.39
N PHE D 225 -29.69 39.07 3.19
CA PHE D 225 -29.60 39.08 4.67
C PHE D 225 -28.55 38.08 5.17
N GLY D 226 -28.19 37.08 4.39
CA GLY D 226 -27.29 36.02 4.87
C GLY D 226 -26.65 35.27 3.74
N ILE D 227 -25.71 34.40 4.08
CA ILE D 227 -24.97 33.54 3.10
C ILE D 227 -25.06 32.13 3.63
N CYS D 228 -25.88 31.32 2.98
CA CYS D 228 -26.19 29.94 3.40
C CYS D 228 -25.05 29.05 2.93
N THR D 229 -24.50 28.22 3.82
CA THR D 229 -23.35 27.32 3.52
C THR D 229 -23.76 25.86 3.62
N ARG D 230 -24.98 25.58 4.09
CA ARG D 230 -25.51 24.21 4.21
C ARG D 230 -27.04 24.24 4.28
N MET D 231 -27.69 23.28 3.62
CA MET D 231 -29.17 23.23 3.58
C MET D 231 -29.63 21.77 3.50
N GLY D 232 -30.69 21.46 4.25
CA GLY D 232 -31.37 20.15 4.22
C GLY D 232 -32.56 20.21 3.28
N MET D 233 -32.72 19.18 2.47
CA MET D 233 -33.80 19.10 1.47
C MET D 233 -34.55 17.80 1.74
N GLN D 234 -35.85 17.91 2.00
CA GLN D 234 -36.73 16.73 2.15
C GLN D 234 -37.02 16.19 0.74
N LEU D 235 -37.02 14.86 0.62
CA LEU D 235 -37.22 14.13 -0.65
C LEU D 235 -38.46 13.23 -0.52
N MET D 236 -39.32 13.27 -1.54
CA MET D 236 -40.54 12.45 -1.61
C MET D 236 -40.14 10.97 -1.68
N PRO D 237 -40.69 10.11 -0.81
CA PRO D 237 -40.49 8.67 -0.95
C PRO D 237 -41.00 8.20 -2.32
N THR D 238 -40.17 7.46 -3.03
CA THR D 238 -40.45 6.98 -4.40
C THR D 238 -41.74 6.18 -4.38
N PRO D 239 -42.73 6.54 -5.28
CA PRO D 239 -43.92 5.70 -5.36
C PRO D 239 -43.75 4.39 -6.11
N PRO D 240 -44.73 3.48 -5.97
CA PRO D 240 -44.68 2.23 -6.72
C PRO D 240 -44.63 2.42 -8.22
N GLU D 241 -45.46 3.30 -8.76
CA GLU D 241 -45.38 3.59 -10.18
C GLU D 241 -45.66 5.02 -10.51
N MET D 242 -45.23 5.45 -11.69
CA MET D 242 -45.53 6.80 -12.17
C MET D 242 -45.82 6.81 -13.68
N LEU D 243 -46.89 7.48 -14.10
CA LEU D 243 -47.34 7.50 -15.52
C LEU D 243 -47.63 8.93 -15.94
N SER D 244 -46.88 9.43 -16.91
CA SER D 244 -46.96 10.81 -17.40
C SER D 244 -47.90 10.84 -18.60
N PHE D 245 -48.44 12.01 -18.89
CA PHE D 245 -49.38 12.22 -20.03
C PHE D 245 -49.11 13.57 -20.71
N ALA D 246 -49.43 13.64 -22.00
CA ALA D 246 -49.56 14.88 -22.76
C ALA D 246 -51.00 14.98 -23.25
N ILE D 247 -51.53 16.21 -23.30
CA ILE D 247 -52.85 16.51 -23.93
C ILE D 247 -52.68 17.69 -24.89
N TYR D 248 -52.97 17.44 -26.16
CA TYR D 248 -52.80 18.39 -27.29
C TYR D 248 -54.14 19.04 -27.59
N PHE D 249 -54.18 20.37 -27.62
CA PHE D 249 -55.38 21.19 -27.94
C PHE D 249 -55.11 21.95 -29.25
N GLU D 250 -56.10 21.97 -30.14
CA GLU D 250 -55.88 22.33 -31.55
C GLU D 250 -56.13 23.82 -31.78
N ASN D 251 -56.78 24.50 -30.84
CA ASN D 251 -57.14 25.93 -31.04
C ASN D 251 -56.42 26.78 -30.01
N GLU D 252 -55.76 27.82 -30.50
CA GLU D 252 -55.14 28.86 -29.65
C GLU D 252 -56.17 29.35 -28.62
N ASP D 253 -57.46 29.31 -28.96
CA ASP D 253 -58.54 29.80 -28.07
C ASP D 253 -58.90 28.79 -26.99
N ASP D 254 -58.24 27.62 -26.95
CA ASP D 254 -58.60 26.53 -26.01
C ASP D 254 -58.07 26.86 -24.61
N LEU D 255 -57.27 27.92 -24.47
CA LEU D 255 -56.56 28.18 -23.18
C LEU D 255 -57.60 28.35 -22.09
N PRO D 256 -58.58 29.28 -22.20
CA PRO D 256 -59.59 29.44 -21.16
C PRO D 256 -60.25 28.14 -20.69
N ALA D 257 -60.61 27.24 -21.60
CA ALA D 257 -61.22 25.92 -21.25
C ALA D 257 -60.19 25.06 -20.53
N ILE D 258 -58.91 25.16 -20.90
CA ILE D 258 -57.83 24.32 -20.29
C ILE D 258 -57.73 24.64 -18.78
N MET D 259 -57.72 25.93 -18.42
CA MET D 259 -57.61 26.43 -17.02
C MET D 259 -58.86 26.06 -16.21
N GLU D 260 -60.04 26.45 -16.70
CA GLU D 260 -61.31 26.30 -15.96
C GLU D 260 -61.53 24.79 -15.71
N THR D 261 -61.04 23.92 -16.62
CA THR D 261 -61.09 22.44 -16.47
C THR D 261 -60.11 21.99 -15.39
N THR D 262 -58.91 22.59 -15.38
CA THR D 262 -57.74 22.15 -14.58
C THR D 262 -58.03 22.34 -13.08
N LEU D 263 -58.59 23.51 -12.71
CA LEU D 263 -58.65 23.99 -11.32
C LEU D 263 -59.40 22.99 -10.43
N PRO D 264 -60.65 22.60 -10.72
CA PRO D 264 -61.35 21.63 -9.86
C PRO D 264 -60.66 20.26 -9.78
N LEU D 265 -59.90 19.86 -10.80
CA LEU D 265 -59.14 18.58 -10.79
C LEU D 265 -57.83 18.73 -9.99
N ARG D 266 -57.41 19.96 -9.68
CA ARG D 266 -56.08 20.23 -9.04
C ARG D 266 -56.25 20.61 -7.57
N ILE D 267 -57.23 21.44 -7.25
CA ILE D 267 -57.37 22.09 -5.92
C ILE D 267 -57.34 21.03 -4.80
N GLY D 268 -57.94 19.86 -4.98
CA GLY D 268 -58.06 18.81 -3.95
C GLY D 268 -56.89 17.84 -3.96
N MET D 269 -55.85 18.10 -4.75
CA MET D 269 -54.60 17.31 -4.77
C MET D 269 -54.84 15.91 -5.37
N ALA D 270 -55.96 15.73 -6.06
CA ALA D 270 -56.31 14.51 -6.82
C ALA D 270 -57.41 14.87 -7.80
N PRO D 271 -57.43 14.30 -9.02
CA PRO D 271 -56.41 13.36 -9.48
C PRO D 271 -55.10 13.99 -9.97
N LEU D 272 -55.05 15.32 -10.09
CA LEU D 272 -53.78 16.06 -10.35
C LEU D 272 -52.99 16.16 -9.04
N GLN D 273 -52.06 15.22 -8.81
CA GLN D 273 -51.22 15.13 -7.58
C GLN D 273 -50.06 16.13 -7.69
N ALA D 274 -49.74 16.58 -8.89
CA ALA D 274 -48.70 17.59 -9.12
C ALA D 274 -49.25 18.68 -10.04
N ALA D 275 -48.69 19.89 -9.94
CA ALA D 275 -49.06 21.04 -10.79
C ALA D 275 -48.74 20.69 -12.24
N PRO D 276 -49.75 20.57 -13.12
CA PRO D 276 -49.49 20.34 -14.53
C PRO D 276 -49.02 21.66 -15.13
N ILE D 277 -48.32 21.58 -16.25
CA ILE D 277 -47.91 22.79 -17.02
C ILE D 277 -48.83 22.89 -18.23
N VAL D 278 -49.04 24.12 -18.70
CA VAL D 278 -49.73 24.41 -19.98
C VAL D 278 -48.78 25.23 -20.85
N ARG D 279 -48.16 24.54 -21.83
CA ARG D 279 -47.17 25.06 -22.82
C ARG D 279 -47.88 25.53 -24.10
N ASN D 280 -47.37 26.61 -24.72
CA ASN D 280 -47.73 26.94 -26.13
C ASN D 280 -46.79 26.18 -27.07
N VAL D 281 -47.11 26.17 -28.35
CA VAL D 281 -46.35 25.37 -29.36
C VAL D 281 -44.91 25.92 -29.48
N THR D 282 -44.72 27.24 -29.49
CA THR D 282 -43.39 27.86 -29.70
C THR D 282 -42.40 27.29 -28.67
N PHE D 283 -42.84 27.10 -27.42
CA PHE D 283 -42.00 26.58 -26.32
C PHE D 283 -41.59 25.13 -26.59
N ASP D 284 -42.56 24.31 -26.99
CA ASP D 284 -42.31 22.89 -27.35
C ASP D 284 -41.46 22.85 -28.63
N ALA D 285 -41.79 23.68 -29.63
CA ALA D 285 -41.02 23.75 -30.88
C ALA D 285 -39.54 23.97 -30.57
N ALA D 286 -39.23 25.02 -29.81
CA ALA D 286 -37.85 25.48 -29.50
C ALA D 286 -37.06 24.40 -28.75
N CYS D 287 -37.70 23.40 -28.16
CA CYS D 287 -37.01 22.35 -27.37
C CYS D 287 -36.54 21.20 -28.27
N VAL D 288 -36.94 21.18 -29.55
CA VAL D 288 -36.63 20.07 -30.51
C VAL D 288 -36.33 20.61 -31.91
N SER D 289 -36.26 21.93 -32.10
CA SER D 289 -36.07 22.52 -33.45
C SER D 289 -35.65 23.98 -33.38
N LYS D 290 -35.21 24.52 -34.51
CA LYS D 290 -34.73 25.91 -34.63
C LYS D 290 -35.76 26.75 -35.39
N ARG D 291 -35.81 28.03 -35.04
CA ARG D 291 -36.83 29.00 -35.51
C ARG D 291 -36.94 28.94 -37.04
N GLU D 292 -35.81 28.84 -37.74
CA GLU D 292 -35.72 28.99 -39.22
C GLU D 292 -36.45 27.82 -39.92
N GLU D 293 -36.60 26.66 -39.28
CA GLU D 293 -37.39 25.53 -39.82
C GLU D 293 -38.83 26.00 -40.08
N TRP D 294 -39.30 27.06 -39.41
CA TRP D 294 -40.72 27.49 -39.42
C TRP D 294 -40.91 28.86 -40.07
N GLN D 295 -39.89 29.70 -40.05
CA GLN D 295 -39.95 31.07 -40.61
C GLN D 295 -38.53 31.60 -40.74
N THR D 296 -38.16 32.07 -41.93
CA THR D 296 -36.80 32.58 -42.23
C THR D 296 -36.80 34.11 -42.09
N GLU D 297 -37.94 34.71 -42.37
CA GLU D 297 -38.16 36.18 -42.34
C GLU D 297 -38.17 36.60 -40.86
N PRO D 298 -37.24 37.48 -40.42
CA PRO D 298 -36.95 37.66 -38.99
C PRO D 298 -37.87 38.48 -38.07
N GLY D 299 -38.99 39.01 -38.54
CA GLY D 299 -39.96 39.72 -37.67
C GLY D 299 -40.72 38.79 -36.72
N PRO D 300 -41.86 39.24 -36.14
CA PRO D 300 -42.70 38.40 -35.29
C PRO D 300 -43.07 37.10 -35.99
N LEU D 301 -43.28 36.04 -35.21
CA LEU D 301 -43.76 34.72 -35.69
C LEU D 301 -45.21 34.89 -36.16
N THR D 302 -45.46 34.61 -37.44
CA THR D 302 -46.81 34.70 -38.07
C THR D 302 -47.62 33.48 -37.66
N ASP D 303 -48.94 33.60 -37.74
CA ASP D 303 -49.89 32.51 -37.39
C ASP D 303 -49.56 31.30 -38.26
N GLU D 304 -49.14 31.54 -39.50
CA GLU D 304 -48.80 30.44 -40.44
C GLU D 304 -47.60 29.67 -39.87
N ALA D 305 -46.61 30.37 -39.32
CA ALA D 305 -45.38 29.75 -38.80
C ALA D 305 -45.76 28.81 -37.65
N LYS D 306 -46.61 29.24 -36.73
CA LYS D 306 -47.01 28.43 -35.55
C LYS D 306 -47.85 27.22 -35.98
N GLN D 307 -48.79 27.40 -36.92
CA GLN D 307 -49.68 26.31 -37.44
C GLN D 307 -48.82 25.20 -38.02
N ARG D 308 -47.79 25.57 -38.78
CA ARG D 308 -46.84 24.58 -39.38
C ARG D 308 -46.20 23.76 -38.26
N MET D 309 -45.83 24.43 -37.16
CA MET D 309 -45.22 23.77 -35.98
C MET D 309 -46.20 22.70 -35.48
N VAL D 310 -47.48 23.05 -35.34
CA VAL D 310 -48.53 22.14 -34.77
C VAL D 310 -48.56 20.86 -35.60
N ASP D 311 -48.56 21.04 -36.92
CA ASP D 311 -48.88 19.98 -37.92
C ASP D 311 -47.62 19.17 -38.21
N GLU D 312 -46.45 19.82 -38.24
CA GLU D 312 -45.17 19.10 -38.43
C GLU D 312 -44.95 18.15 -37.25
N LEU D 313 -45.05 18.67 -36.03
CA LEU D 313 -44.53 18.02 -34.81
C LEU D 313 -45.54 17.02 -34.24
N GLY D 314 -46.82 17.15 -34.67
CA GLY D 314 -47.94 16.31 -34.22
C GLY D 314 -48.32 16.62 -32.79
N ILE D 315 -48.46 17.90 -32.47
CA ILE D 315 -48.84 18.42 -31.12
C ILE D 315 -49.95 19.45 -31.35
N GLY D 316 -50.21 20.33 -30.39
CA GLY D 316 -51.29 21.33 -30.48
C GLY D 316 -50.78 22.72 -30.20
N HIS D 317 -51.63 23.73 -30.39
CA HIS D 317 -51.34 25.17 -30.09
C HIS D 317 -51.09 25.36 -28.60
N TRP D 318 -51.68 24.51 -27.76
CA TRP D 318 -51.39 24.36 -26.31
C TRP D 318 -51.13 22.90 -25.99
N ILE D 319 -50.21 22.63 -25.08
CA ILE D 319 -49.91 21.24 -24.63
C ILE D 319 -49.98 21.21 -23.11
N VAL D 320 -50.70 20.23 -22.55
CA VAL D 320 -50.75 19.98 -21.09
C VAL D 320 -49.86 18.79 -20.80
N TYR D 321 -49.00 18.90 -19.80
CA TYR D 321 -48.13 17.79 -19.32
C TYR D 321 -48.41 17.55 -17.84
N GLY D 322 -48.51 16.29 -17.44
CA GLY D 322 -48.76 15.91 -16.05
C GLY D 322 -48.30 14.49 -15.79
N THR D 323 -48.37 14.07 -14.54
CA THR D 323 -47.91 12.71 -14.13
C THR D 323 -48.71 12.26 -12.92
N CYS D 324 -49.09 10.98 -12.89
CA CYS D 324 -49.81 10.38 -11.77
C CYS D 324 -48.89 9.41 -11.03
N TYR D 325 -49.09 9.33 -9.72
CA TYR D 325 -48.22 8.61 -8.74
C TYR D 325 -49.14 7.78 -7.85
N GLY D 326 -48.65 6.63 -7.41
CA GLY D 326 -49.42 5.69 -6.58
C GLY D 326 -49.23 4.26 -7.07
N PRO D 327 -50.11 3.32 -6.66
CA PRO D 327 -50.19 2.00 -7.32
C PRO D 327 -51.04 2.06 -8.60
N ARG D 328 -50.96 1.03 -9.46
CA ARG D 328 -51.65 1.02 -10.79
C ARG D 328 -53.14 1.32 -10.59
N TRP D 329 -53.77 0.75 -9.54
CA TRP D 329 -55.23 0.89 -9.27
C TRP D 329 -55.57 2.37 -9.06
N GLN D 330 -54.66 3.12 -8.44
CA GLN D 330 -54.86 4.55 -8.18
C GLN D 330 -54.53 5.35 -9.44
N ILE D 331 -53.41 5.05 -10.11
CA ILE D 331 -53.02 5.81 -11.33
C ILE D 331 -54.11 5.63 -12.38
N ASP D 332 -54.58 4.39 -12.59
CA ASP D 332 -55.61 4.06 -13.60
C ASP D 332 -56.88 4.88 -13.34
N LYS D 333 -57.38 4.89 -12.09
CA LYS D 333 -58.57 5.69 -11.70
C LYS D 333 -58.33 7.17 -11.99
N TYR D 334 -57.13 7.69 -11.70
CA TYR D 334 -56.78 9.13 -11.89
C TYR D 334 -56.68 9.46 -13.38
N ILE D 335 -55.95 8.62 -14.14
CA ILE D 335 -55.70 8.87 -15.58
C ILE D 335 -57.05 8.96 -16.29
N GLU D 336 -58.00 8.11 -15.87
CA GLU D 336 -59.39 8.05 -16.41
C GLU D 336 -60.07 9.41 -16.12
N MET D 337 -60.06 9.89 -14.87
CA MET D 337 -60.75 11.15 -14.49
C MET D 337 -60.16 12.32 -15.30
N ILE D 338 -58.82 12.40 -15.38
CA ILE D 338 -58.09 13.49 -16.09
C ILE D 338 -58.47 13.46 -17.58
N ARG D 339 -58.39 12.28 -18.20
CA ARG D 339 -58.69 12.02 -19.64
C ARG D 339 -60.12 12.47 -19.92
N ASP D 340 -61.10 11.94 -19.17
CA ASP D 340 -62.54 12.25 -19.38
C ASP D 340 -62.74 13.76 -19.32
N ALA D 341 -62.06 14.46 -18.40
CA ALA D 341 -62.24 15.91 -18.17
C ALA D 341 -61.74 16.72 -19.38
N TYR D 342 -60.51 16.48 -19.84
CA TYR D 342 -59.85 17.35 -20.84
C TYR D 342 -60.40 17.05 -22.23
N LEU D 343 -60.71 15.78 -22.52
CA LEU D 343 -61.22 15.35 -23.85
C LEU D 343 -62.65 15.88 -24.09
N GLN D 344 -63.17 16.77 -23.25
CA GLN D 344 -64.48 17.42 -23.47
C GLN D 344 -64.26 18.73 -24.22
N ILE D 345 -63.01 19.12 -24.44
CA ILE D 345 -62.71 20.31 -25.28
C ILE D 345 -62.53 19.81 -26.71
N PRO D 346 -63.39 20.24 -27.65
CA PRO D 346 -63.40 19.65 -28.99
C PRO D 346 -61.98 19.68 -29.59
N GLY D 347 -61.50 18.53 -30.04
CA GLY D 347 -60.22 18.40 -30.75
C GLY D 347 -59.09 17.98 -29.84
N ALA D 348 -59.33 17.95 -28.53
CA ALA D 348 -58.34 17.48 -27.54
C ALA D 348 -57.92 16.05 -27.89
N ARG D 349 -56.66 15.72 -27.69
CA ARG D 349 -56.13 14.33 -27.84
C ARG D 349 -55.21 14.04 -26.65
N PHE D 350 -55.27 12.82 -26.14
CA PHE D 350 -54.56 12.40 -24.91
C PHE D 350 -53.56 11.28 -25.26
N GLU D 351 -52.30 11.45 -24.89
CA GLU D 351 -51.30 10.35 -24.96
C GLU D 351 -50.73 10.15 -23.56
N THR D 352 -50.23 8.95 -23.26
CA THR D 352 -49.40 8.68 -22.08
C THR D 352 -48.00 8.32 -22.58
N ASN D 353 -47.05 8.14 -21.67
CA ASN D 353 -45.66 7.73 -22.02
C ASN D 353 -45.64 6.24 -22.35
N GLU D 354 -46.75 5.50 -22.19
CA GLU D 354 -46.89 4.09 -22.66
C GLU D 354 -47.46 4.05 -24.09
N THR D 355 -48.45 4.88 -24.38
CA THR D 355 -49.09 5.00 -25.72
C THR D 355 -48.22 5.87 -26.65
N LEU D 356 -47.23 6.58 -26.13
CA LEU D 356 -46.30 7.43 -26.93
C LEU D 356 -44.90 7.32 -26.34
N PRO D 357 -44.27 6.12 -26.41
CA PRO D 357 -42.97 5.87 -25.77
C PRO D 357 -41.84 6.55 -26.53
N LEU D 358 -40.64 6.61 -25.93
CA LEU D 358 -39.50 7.29 -26.60
C LEU D 358 -39.09 6.46 -27.81
N ARG D 359 -38.91 7.16 -28.93
CA ARG D 359 -39.02 6.61 -30.30
C ARG D 359 -38.00 7.32 -31.18
N GLU D 360 -37.44 6.58 -32.14
CA GLU D 360 -36.36 7.05 -33.04
C GLU D 360 -36.93 8.17 -33.92
N GLY D 361 -36.62 9.42 -33.60
CA GLY D 361 -36.98 10.59 -34.43
C GLY D 361 -38.44 11.01 -34.30
N ASP D 362 -39.22 10.38 -33.40
CA ASP D 362 -40.58 10.86 -33.05
C ASP D 362 -40.43 12.00 -32.03
N ARG D 363 -40.74 13.23 -32.44
CA ARG D 363 -40.41 14.46 -31.66
C ARG D 363 -41.41 14.63 -30.51
N ALA D 364 -42.70 14.45 -30.77
CA ALA D 364 -43.74 14.48 -29.71
C ALA D 364 -43.34 13.50 -28.59
N SER D 365 -42.72 12.37 -28.94
CA SER D 365 -42.29 11.36 -27.94
C SER D 365 -41.12 11.91 -27.11
N GLU D 366 -40.26 12.73 -27.73
CA GLU D 366 -39.06 13.30 -27.04
C GLU D 366 -39.53 14.41 -26.10
N LEU D 367 -40.42 15.29 -26.57
CA LEU D 367 -41.01 16.39 -25.73
C LEU D 367 -41.71 15.79 -24.50
N LEU D 368 -42.48 14.71 -24.67
CA LEU D 368 -43.18 14.03 -23.55
C LEU D 368 -42.12 13.48 -22.60
N ASN D 369 -41.21 12.67 -23.13
CA ASN D 369 -40.20 11.91 -22.33
C ASN D 369 -39.35 12.85 -21.49
N ALA D 370 -39.06 14.06 -21.99
CA ALA D 370 -38.35 15.14 -21.26
C ALA D 370 -39.17 15.55 -20.03
N ARG D 371 -40.48 15.77 -20.23
CA ARG D 371 -41.41 16.10 -19.14
C ARG D 371 -41.52 14.93 -18.18
N HIS D 372 -41.65 13.71 -18.70
CA HIS D 372 -41.71 12.48 -17.87
C HIS D 372 -40.47 12.37 -17.00
N GLU D 373 -39.30 12.73 -17.54
CA GLU D 373 -38.00 12.67 -16.81
C GLU D 373 -38.06 13.64 -15.62
N LEU D 374 -38.48 14.89 -15.85
CA LEU D 374 -38.58 15.92 -14.80
C LEU D 374 -39.62 15.48 -13.75
N ASN D 375 -40.81 15.05 -14.19
CA ASN D 375 -41.97 14.80 -13.29
C ASN D 375 -41.75 13.52 -12.48
N THR D 376 -40.73 12.72 -12.79
CA THR D 376 -40.41 11.47 -12.06
C THR D 376 -39.05 11.59 -11.36
N GLY D 377 -38.47 12.80 -11.33
CA GLY D 377 -37.27 13.13 -10.53
C GLY D 377 -35.99 12.82 -11.26
N VAL D 378 -36.03 12.77 -12.58
CA VAL D 378 -34.81 12.56 -13.41
C VAL D 378 -34.44 13.89 -14.06
N PRO D 379 -33.33 14.52 -13.63
CA PRO D 379 -32.94 15.81 -14.17
C PRO D 379 -32.39 15.57 -15.57
N ASN D 380 -32.45 16.57 -16.43
CA ASN D 380 -31.91 16.53 -17.80
C ASN D 380 -31.61 17.97 -18.24
N ARG D 381 -31.24 18.16 -19.51
CA ARG D 381 -30.98 19.50 -20.11
C ARG D 381 -31.85 19.70 -21.36
N HIS D 382 -32.92 18.93 -21.53
CA HIS D 382 -33.71 19.00 -22.78
C HIS D 382 -34.11 20.46 -23.04
N SER D 383 -34.62 21.21 -22.05
CA SER D 383 -35.05 22.62 -22.25
C SER D 383 -33.89 23.52 -22.69
N ALA D 384 -32.63 23.12 -22.49
CA ALA D 384 -31.45 23.96 -22.86
C ALA D 384 -31.36 24.09 -24.39
N ALA D 385 -32.11 23.28 -25.14
CA ALA D 385 -32.20 23.34 -26.62
C ALA D 385 -32.81 24.68 -27.08
N VAL D 386 -33.53 25.38 -26.21
CA VAL D 386 -34.18 26.68 -26.60
C VAL D 386 -33.09 27.73 -26.89
N PHE D 387 -31.86 27.53 -26.39
CA PHE D 387 -30.70 28.45 -26.63
C PHE D 387 -30.27 28.39 -28.10
N ASP D 388 -30.66 27.35 -28.85
CA ASP D 388 -30.37 27.20 -30.31
C ASP D 388 -31.55 27.61 -31.18
N TRP D 389 -32.64 28.13 -30.59
CA TRP D 389 -33.79 28.64 -31.38
C TRP D 389 -33.22 29.43 -32.56
N PHE D 390 -32.30 30.34 -32.24
CA PHE D 390 -31.41 31.06 -33.18
C PHE D 390 -30.07 31.31 -32.48
N PRO D 391 -29.01 31.72 -33.20
CA PRO D 391 -27.71 32.03 -32.56
C PRO D 391 -27.85 33.06 -31.42
N ASN D 392 -27.24 32.78 -30.26
CA ASN D 392 -27.22 33.67 -29.07
C ASN D 392 -28.62 33.82 -28.45
N ALA D 393 -29.54 32.90 -28.67
CA ALA D 393 -30.88 32.97 -28.06
C ALA D 393 -30.73 32.88 -26.55
N GLY D 394 -31.22 33.90 -25.84
CA GLY D 394 -31.32 33.90 -24.37
C GLY D 394 -32.64 34.49 -23.92
N HIS D 395 -32.98 34.31 -22.64
CA HIS D 395 -34.31 34.68 -22.09
C HIS D 395 -34.16 35.64 -20.91
N PHE D 396 -35.30 36.18 -20.49
CA PHE D 396 -35.43 37.34 -19.60
C PHE D 396 -36.87 37.39 -19.10
N PHE D 397 -37.13 36.80 -17.93
CA PHE D 397 -38.47 36.36 -17.47
C PHE D 397 -39.38 37.51 -17.05
N TYR D 398 -40.61 37.45 -17.51
CA TYR D 398 -41.80 38.11 -16.92
C TYR D 398 -42.68 37.00 -16.34
N ALA D 399 -42.75 36.91 -15.01
CA ALA D 399 -43.36 35.77 -14.29
C ALA D 399 -44.34 36.28 -13.26
N PRO D 400 -45.54 36.78 -13.66
CA PRO D 400 -46.56 37.20 -12.70
C PRO D 400 -47.35 36.02 -12.11
N VAL D 401 -47.90 36.22 -10.92
CA VAL D 401 -48.79 35.24 -10.24
C VAL D 401 -50.20 35.84 -10.19
N SER D 402 -51.23 35.02 -10.41
CA SER D 402 -52.64 35.46 -10.39
C SER D 402 -53.58 34.31 -10.01
N ALA D 403 -54.84 34.67 -9.78
CA ALA D 403 -55.94 33.71 -9.52
C ALA D 403 -56.28 32.97 -10.81
N PRO D 404 -56.34 31.63 -10.79
CA PRO D 404 -56.61 30.86 -12.02
C PRO D 404 -58.02 31.11 -12.57
N SER D 405 -58.11 31.54 -13.82
CA SER D 405 -59.38 31.77 -14.56
C SER D 405 -59.15 31.44 -16.03
N GLY D 406 -60.20 31.48 -16.83
CA GLY D 406 -60.08 31.59 -18.28
C GLY D 406 -59.78 33.03 -18.63
N GLU D 407 -60.63 33.94 -18.16
CA GLU D 407 -60.53 35.41 -18.40
C GLU D 407 -59.11 35.86 -18.00
N ASP D 408 -58.60 35.36 -16.86
CA ASP D 408 -57.23 35.67 -16.39
C ASP D 408 -56.22 35.11 -17.38
N ALA D 409 -56.08 33.78 -17.47
CA ALA D 409 -55.06 33.13 -18.30
C ALA D 409 -55.10 33.71 -19.73
N ALA D 410 -56.30 33.89 -20.28
CA ALA D 410 -56.49 34.36 -21.68
C ALA D 410 -56.03 35.80 -21.76
N LYS D 411 -56.44 36.66 -20.83
CA LYS D 411 -56.09 38.10 -20.90
C LYS D 411 -54.56 38.28 -20.97
N GLN D 412 -53.80 37.45 -20.25
CA GLN D 412 -52.33 37.60 -20.14
C GLN D 412 -51.65 37.08 -21.41
N TYR D 413 -52.09 35.96 -21.99
CA TYR D 413 -51.55 35.44 -23.27
C TYR D 413 -51.80 36.49 -24.37
N GLU D 414 -52.99 37.08 -24.33
CA GLU D 414 -53.48 38.03 -25.36
C GLU D 414 -52.62 39.30 -25.28
N ASP D 415 -52.40 39.83 -24.07
CA ASP D 415 -51.57 41.04 -23.83
C ASP D 415 -50.09 40.75 -24.11
N THR D 416 -49.54 39.65 -23.57
CA THR D 416 -48.10 39.30 -23.75
C THR D 416 -47.82 39.10 -25.23
N LYS D 417 -48.73 38.45 -25.97
CA LYS D 417 -48.60 38.25 -27.44
C LYS D 417 -48.54 39.63 -28.11
N ARG D 418 -49.45 40.53 -27.76
CA ARG D 418 -49.53 41.88 -28.39
C ARG D 418 -48.22 42.62 -28.12
N ILE D 419 -47.74 42.60 -26.88
CA ILE D 419 -46.63 43.48 -26.42
C ILE D 419 -45.30 42.93 -26.93
N SER D 420 -45.12 41.61 -26.91
CA SER D 420 -43.89 40.98 -27.45
C SER D 420 -43.86 41.20 -28.96
N ASP D 421 -44.99 40.98 -29.66
CA ASP D 421 -45.12 41.19 -31.13
C ASP D 421 -44.77 42.65 -31.46
N ASP D 422 -45.26 43.60 -30.65
CA ASP D 422 -44.98 45.04 -30.84
C ASP D 422 -43.47 45.33 -30.74
N HIS D 423 -42.69 44.47 -30.09
CA HIS D 423 -41.22 44.68 -29.90
C HIS D 423 -40.47 43.64 -30.72
N GLY D 424 -41.17 42.82 -31.48
CA GLY D 424 -40.57 41.80 -32.35
C GLY D 424 -39.83 40.72 -31.58
N ILE D 425 -40.22 40.43 -30.33
CA ILE D 425 -39.53 39.39 -29.50
C ILE D 425 -40.43 38.15 -29.38
N ASP D 426 -39.87 36.99 -29.72
CA ASP D 426 -40.56 35.67 -29.62
C ASP D 426 -40.98 35.43 -28.17
N TYR D 427 -42.18 34.91 -27.96
CA TYR D 427 -42.86 34.75 -26.66
C TYR D 427 -43.20 33.27 -26.46
N LEU D 428 -42.42 32.63 -25.60
CA LEU D 428 -42.66 31.24 -25.11
C LEU D 428 -43.44 31.35 -23.79
N ALA D 429 -44.60 30.69 -23.74
CA ALA D 429 -45.62 30.81 -22.68
C ALA D 429 -45.80 29.45 -22.01
N GLN D 430 -45.91 29.46 -20.68
CA GLN D 430 -46.08 28.25 -19.82
C GLN D 430 -46.81 28.71 -18.55
N PHE D 431 -48.04 28.22 -18.38
CA PHE D 431 -48.86 28.40 -17.16
C PHE D 431 -48.70 27.17 -16.28
N ILE D 432 -48.71 27.40 -14.96
CA ILE D 432 -48.80 26.33 -13.94
C ILE D 432 -49.98 26.65 -13.02
N ILE D 433 -50.86 25.68 -12.83
CA ILE D 433 -51.84 25.72 -11.71
C ILE D 433 -51.14 25.11 -10.49
N GLY D 434 -50.90 25.92 -9.48
CA GLY D 434 -50.33 25.46 -8.20
C GLY D 434 -51.34 24.61 -7.47
N LEU D 435 -52.35 25.28 -6.90
CA LEU D 435 -53.40 24.65 -6.05
C LEU D 435 -54.59 25.61 -5.99
N ARG D 436 -54.29 26.88 -5.70
CA ARG D 436 -55.28 27.99 -5.71
C ARG D 436 -54.73 29.18 -6.52
N GLU D 437 -53.51 29.07 -7.04
CA GLU D 437 -52.82 30.19 -7.70
C GLU D 437 -52.24 29.70 -9.02
N MET D 438 -52.03 30.64 -9.93
CA MET D 438 -51.53 30.38 -11.28
C MET D 438 -50.29 31.25 -11.52
N HIS D 439 -49.17 30.59 -11.86
CA HIS D 439 -47.95 31.26 -12.36
C HIS D 439 -48.06 31.40 -13.88
N HIS D 440 -47.87 32.60 -14.40
CA HIS D 440 -47.69 32.84 -15.86
C HIS D 440 -46.21 33.09 -16.12
N ILE D 441 -45.55 32.17 -16.82
CA ILE D 441 -44.11 32.33 -17.17
C ILE D 441 -43.98 32.76 -18.62
N CYS D 442 -43.66 34.04 -18.84
CA CYS D 442 -43.29 34.61 -20.16
C CYS D 442 -41.77 34.51 -20.34
N LEU D 443 -41.34 33.60 -21.22
CA LEU D 443 -39.93 33.32 -21.55
C LEU D 443 -39.68 33.88 -22.95
N PRO D 444 -39.26 35.16 -23.08
CA PRO D 444 -38.89 35.68 -24.40
C PRO D 444 -37.57 35.04 -24.84
N LEU D 445 -37.37 34.91 -26.14
CA LEU D 445 -36.06 34.57 -26.71
C LEU D 445 -35.61 35.77 -27.54
N TYR D 446 -34.44 36.30 -27.19
CA TYR D 446 -33.82 37.48 -27.85
C TYR D 446 -32.34 37.19 -28.09
N ASP D 447 -31.75 38.02 -28.95
CA ASP D 447 -30.32 37.98 -29.33
C ASP D 447 -29.52 38.66 -28.22
N THR D 448 -28.93 37.86 -27.31
CA THR D 448 -28.12 38.34 -26.17
C THR D 448 -26.85 39.02 -26.67
N ALA D 449 -26.50 38.83 -27.94
CA ALA D 449 -25.28 39.43 -28.53
C ALA D 449 -25.61 40.74 -29.24
N ASP D 450 -26.87 41.16 -29.31
CA ASP D 450 -27.31 42.31 -30.16
C ASP D 450 -27.86 43.44 -29.27
N PRO D 451 -27.17 44.59 -29.16
CA PRO D 451 -27.67 45.72 -28.37
C PRO D 451 -29.10 46.20 -28.69
N ALA D 452 -29.51 46.20 -29.97
CA ALA D 452 -30.84 46.68 -30.41
C ALA D 452 -31.93 45.74 -29.85
N SER D 453 -31.68 44.43 -29.88
CA SER D 453 -32.57 43.38 -29.34
C SER D 453 -32.57 43.45 -27.81
N ARG D 454 -31.46 43.87 -27.18
CA ARG D 454 -31.35 44.00 -25.71
C ARG D 454 -32.28 45.12 -25.24
N LYS D 455 -32.20 46.27 -25.88
CA LYS D 455 -33.07 47.43 -25.54
C LYS D 455 -34.53 47.02 -25.76
N GLU D 456 -34.83 46.36 -26.88
CA GLU D 456 -36.21 45.91 -27.23
C GLU D 456 -36.78 45.00 -26.12
N THR D 457 -35.97 44.10 -25.58
CA THR D 457 -36.44 43.11 -24.57
C THR D 457 -36.68 43.83 -23.24
N LEU D 458 -35.80 44.76 -22.85
CA LEU D 458 -35.98 45.51 -21.57
C LEU D 458 -37.24 46.38 -21.69
N ASP D 459 -37.38 47.16 -22.77
CA ASP D 459 -38.56 48.03 -22.99
C ASP D 459 -39.84 47.17 -22.97
N MET D 460 -39.81 46.02 -23.66
CA MET D 460 -40.93 45.04 -23.70
C MET D 460 -41.34 44.68 -22.27
N THR D 461 -40.36 44.25 -21.44
CA THR D 461 -40.62 43.71 -20.09
C THR D 461 -41.07 44.82 -19.14
N ARG D 462 -40.52 46.01 -19.24
CA ARG D 462 -41.04 47.12 -18.41
C ARG D 462 -42.47 47.44 -18.84
N GLU D 463 -42.88 47.04 -20.04
CA GLU D 463 -44.27 47.31 -20.49
C GLU D 463 -45.20 46.20 -20.02
N LEU D 464 -44.73 44.95 -19.98
CA LEU D 464 -45.48 43.83 -19.37
C LEU D 464 -45.70 44.06 -17.87
N ILE D 465 -44.72 44.66 -17.17
CA ILE D 465 -44.79 44.86 -15.69
C ILE D 465 -45.86 45.91 -15.37
N ARG D 466 -45.85 47.05 -16.07
CA ARG D 466 -46.96 48.04 -16.04
C ARG D 466 -48.27 47.31 -16.35
N ALA D 467 -48.32 46.52 -17.43
CA ALA D 467 -49.54 45.85 -17.93
C ALA D 467 -50.11 44.88 -16.87
N GLY D 468 -49.24 44.10 -16.23
CA GLY D 468 -49.60 43.19 -15.11
C GLY D 468 -50.00 43.95 -13.86
N ALA D 469 -49.28 45.01 -13.49
CA ALA D 469 -49.56 45.82 -12.28
C ALA D 469 -50.92 46.52 -12.43
N GLU D 470 -51.32 46.86 -13.66
CA GLU D 470 -52.60 47.58 -13.90
C GLU D 470 -53.77 46.65 -13.61
N GLU D 471 -53.61 45.33 -13.73
CA GLU D 471 -54.72 44.36 -13.60
C GLU D 471 -54.52 43.49 -12.36
N GLY D 472 -53.63 43.90 -11.46
CA GLY D 472 -53.37 43.20 -10.19
C GLY D 472 -52.59 41.91 -10.38
N TYR D 473 -51.67 41.85 -11.32
CA TYR D 473 -50.75 40.68 -11.47
C TYR D 473 -49.37 41.08 -10.96
N GLY D 474 -48.99 40.51 -9.82
CA GLY D 474 -47.71 40.76 -9.14
C GLY D 474 -46.66 39.75 -9.57
N ILE D 475 -45.42 40.22 -9.74
CA ILE D 475 -44.23 39.39 -10.08
C ILE D 475 -43.68 38.82 -8.79
N TYR D 476 -43.24 37.57 -8.79
CA TYR D 476 -42.64 36.93 -7.59
C TYR D 476 -41.13 36.76 -7.78
N ARG D 477 -40.61 36.99 -9.00
CA ARG D 477 -39.18 36.80 -9.31
C ARG D 477 -38.79 37.60 -10.56
N ALA D 478 -37.72 38.38 -10.47
CA ALA D 478 -37.37 39.36 -11.52
C ALA D 478 -35.85 39.50 -11.62
N HIS D 479 -35.37 39.74 -12.82
CA HIS D 479 -33.97 40.11 -13.12
C HIS D 479 -33.54 41.27 -12.21
N ASN D 480 -32.24 41.34 -11.96
CA ASN D 480 -31.59 42.45 -11.20
C ASN D 480 -32.11 43.78 -11.70
N VAL D 481 -32.21 43.94 -13.03
CA VAL D 481 -32.51 45.26 -13.68
C VAL D 481 -34.01 45.57 -13.56
N LEU D 482 -34.86 44.62 -13.15
CA LEU D 482 -36.33 44.84 -12.93
C LEU D 482 -36.69 45.08 -11.45
N ALA D 483 -35.78 44.83 -10.49
CA ALA D 483 -36.10 44.75 -9.05
C ALA D 483 -36.80 46.04 -8.59
N ASP D 484 -36.23 47.19 -8.89
CA ASP D 484 -36.75 48.49 -8.37
C ASP D 484 -38.18 48.68 -8.86
N GLN D 485 -38.43 48.50 -10.16
CA GLN D 485 -39.76 48.68 -10.79
C GLN D 485 -40.78 47.73 -10.16
N VAL D 486 -40.42 46.45 -10.00
CA VAL D 486 -41.32 45.39 -9.47
C VAL D 486 -41.60 45.65 -7.98
N ALA D 487 -40.58 45.97 -7.18
CA ALA D 487 -40.73 46.34 -5.76
C ALA D 487 -41.68 47.54 -5.64
N GLU D 488 -41.63 48.48 -6.58
CA GLU D 488 -42.46 49.71 -6.60
C GLU D 488 -43.94 49.38 -6.83
N THR D 489 -44.23 48.24 -7.48
CA THR D 489 -45.63 47.83 -7.79
C THR D 489 -46.36 47.44 -6.50
N TYR D 490 -45.63 47.03 -5.45
CA TYR D 490 -46.20 46.63 -4.12
C TYR D 490 -46.41 47.88 -3.26
N SER D 491 -47.24 48.79 -3.77
CA SER D 491 -47.30 50.21 -3.34
C SER D 491 -48.18 50.42 -2.12
N PHE D 492 -48.92 49.40 -1.67
CA PHE D 492 -49.90 49.53 -0.56
C PHE D 492 -49.26 50.31 0.59
N ASN D 493 -49.99 51.31 1.07
CA ASN D 493 -49.67 52.18 2.25
C ASN D 493 -48.25 52.73 2.12
N ASN D 494 -47.97 53.40 1.00
CA ASN D 494 -46.65 54.02 0.74
C ASN D 494 -45.58 52.95 0.94
N HIS D 495 -45.66 51.86 0.15
CA HIS D 495 -44.65 50.79 -0.02
C HIS D 495 -44.21 50.25 1.33
N ILE D 496 -45.19 49.96 2.20
CA ILE D 496 -44.94 49.48 3.59
C ILE D 496 -44.16 48.16 3.56
N GLN D 497 -44.37 47.32 2.53
CA GLN D 497 -43.65 46.01 2.38
C GLN D 497 -42.14 46.22 2.26
N ARG D 498 -41.65 47.06 1.35
CA ARG D 498 -40.17 47.17 1.18
C ARG D 498 -39.58 47.89 2.39
N ARG D 499 -40.23 48.94 2.89
CA ARG D 499 -39.75 49.68 4.08
C ARG D 499 -39.57 48.70 5.24
N SER D 500 -40.42 47.67 5.32
CA SER D 500 -40.32 46.59 6.32
C SER D 500 -39.14 45.68 5.96
N HIS D 501 -39.02 45.30 4.70
CA HIS D 501 -37.83 44.54 4.20
C HIS D 501 -36.56 45.31 4.56
N GLU D 502 -36.57 46.65 4.49
CA GLU D 502 -35.37 47.52 4.69
C GLU D 502 -35.13 47.74 6.19
N ARG D 503 -36.18 47.77 7.00
CA ARG D 503 -36.03 47.88 8.47
C ARG D 503 -35.41 46.56 8.97
N ILE D 504 -35.73 45.43 8.34
CA ILE D 504 -35.13 44.09 8.69
C ILE D 504 -33.70 44.04 8.16
N LYS D 505 -33.49 44.55 6.94
CA LYS D 505 -32.14 44.63 6.29
C LYS D 505 -31.18 45.39 7.20
N ASP D 506 -31.57 46.59 7.65
CA ASP D 506 -30.68 47.46 8.47
C ASP D 506 -30.44 46.78 9.81
N ALA D 507 -31.40 46.00 10.32
CA ALA D 507 -31.26 45.26 11.59
C ALA D 507 -30.20 44.16 11.43
N LEU D 508 -30.20 43.45 10.29
CA LEU D 508 -29.35 42.25 10.06
C LEU D 508 -28.04 42.60 9.36
N ASP D 509 -27.96 43.75 8.68
CA ASP D 509 -26.76 44.15 7.88
C ASP D 509 -26.47 45.64 8.08
N PRO D 510 -26.04 46.03 9.30
CA PRO D 510 -25.87 47.44 9.65
C PRO D 510 -24.95 48.20 8.68
N ASN D 511 -23.98 47.51 8.07
CA ASN D 511 -22.97 48.12 7.18
C ASN D 511 -23.45 48.15 5.73
N GLY D 512 -24.56 47.46 5.42
CA GLY D 512 -25.13 47.35 4.06
C GLY D 512 -24.24 46.58 3.13
N ILE D 513 -23.61 45.51 3.61
CA ILE D 513 -22.59 44.70 2.88
C ILE D 513 -23.25 43.84 1.80
N LEU D 514 -24.28 43.06 2.13
CA LEU D 514 -24.75 41.95 1.25
C LEU D 514 -25.64 42.47 0.12
N ASN D 515 -25.23 42.18 -1.12
CA ASN D 515 -25.89 42.47 -2.42
C ASN D 515 -26.93 43.57 -2.29
N PRO D 516 -26.50 44.82 -2.02
CA PRO D 516 -27.41 45.96 -1.94
C PRO D 516 -28.41 46.07 -3.09
N GLY D 517 -29.71 46.11 -2.79
CA GLY D 517 -30.79 46.33 -3.77
C GLY D 517 -31.50 45.07 -4.22
N LYS D 518 -31.01 43.89 -3.82
CA LYS D 518 -31.73 42.63 -4.11
C LYS D 518 -33.22 42.86 -3.82
N SER D 519 -34.09 42.56 -4.78
CA SER D 519 -35.56 42.62 -4.64
C SER D 519 -36.00 44.02 -4.20
N GLY D 520 -35.27 45.06 -4.58
CA GLY D 520 -35.60 46.46 -4.26
C GLY D 520 -35.19 46.86 -2.85
N ILE D 521 -34.57 45.95 -2.09
CA ILE D 521 -34.20 46.15 -0.66
C ILE D 521 -32.84 46.85 -0.61
N TRP D 522 -32.85 48.17 -0.42
CA TRP D 522 -31.59 48.95 -0.31
C TRP D 522 -31.20 49.11 1.15
N PRO D 523 -29.89 49.07 1.47
CA PRO D 523 -29.42 49.35 2.82
C PRO D 523 -29.57 50.85 3.14
N GLU D 524 -29.54 51.18 4.43
CA GLU D 524 -29.83 52.56 4.94
C GLU D 524 -28.82 53.53 4.32
N ARG D 525 -27.57 53.11 4.16
CA ARG D 525 -26.45 53.99 3.74
C ARG D 525 -26.64 54.46 2.29
N LEU D 526 -27.63 53.94 1.56
CA LEU D 526 -27.80 54.19 0.10
C LEU D 526 -29.17 54.81 -0.22
N ARG D 527 -30.00 55.18 0.77
CA ARG D 527 -31.30 55.85 0.47
C ARG D 527 -31.09 57.37 0.52
N THR E 5 12.60 3.99 20.74
CA THR E 5 11.43 4.68 21.39
C THR E 5 11.65 4.83 22.91
N LEU E 6 10.94 5.74 23.57
CA LEU E 6 11.18 6.07 25.00
C LEU E 6 9.90 6.45 25.74
N PRO E 7 9.68 5.93 26.97
CA PRO E 7 8.41 6.08 27.67
C PRO E 7 8.22 7.56 28.01
N ASP E 8 7.02 8.08 27.78
CA ASP E 8 6.75 9.53 27.87
C ASP E 8 7.10 10.00 29.29
N GLY E 9 7.63 11.22 29.41
CA GLY E 9 8.04 11.84 30.69
C GLY E 9 9.38 11.31 31.16
N VAL E 10 9.96 10.33 30.46
CA VAL E 10 11.29 9.73 30.74
C VAL E 10 12.24 10.10 29.59
N SER E 11 13.40 10.68 29.94
CA SER E 11 14.48 11.16 29.05
C SER E 11 15.48 10.03 28.80
N ALA E 12 16.27 10.19 27.74
CA ALA E 12 17.33 9.25 27.30
C ALA E 12 18.31 9.04 28.45
N GLU E 13 18.58 10.08 29.25
CA GLU E 13 19.54 10.05 30.38
C GLU E 13 18.88 9.33 31.58
N GLN E 14 17.62 9.69 31.82
CA GLN E 14 16.70 9.07 32.81
C GLN E 14 16.78 7.56 32.60
N PHE E 15 16.48 7.11 31.38
CA PHE E 15 16.32 5.69 30.99
C PHE E 15 17.61 4.90 31.22
N ALA E 16 18.73 5.42 30.71
CA ALA E 16 20.06 4.77 30.76
C ALA E 16 20.39 4.38 32.20
N ASN E 17 20.09 5.25 33.18
CA ASN E 17 20.34 4.98 34.62
C ASN E 17 19.50 3.77 35.05
N ALA E 18 18.22 3.74 34.67
CA ALA E 18 17.31 2.60 34.97
C ALA E 18 17.88 1.33 34.35
N ILE E 19 18.25 1.39 33.07
CA ILE E 19 18.75 0.24 32.25
C ILE E 19 20.03 -0.31 32.89
N SER E 20 20.83 0.56 33.50
CA SER E 20 22.12 0.20 34.13
C SER E 20 21.83 -0.51 35.46
N GLU E 21 20.97 0.09 36.29
CA GLU E 21 20.44 -0.53 37.54
C GLU E 21 19.83 -1.88 37.16
N PHE E 22 19.04 -1.92 36.08
CA PHE E 22 18.38 -3.16 35.57
C PHE E 22 19.44 -4.21 35.30
N SER E 23 20.40 -3.96 34.39
CA SER E 23 21.38 -4.99 33.98
C SER E 23 22.19 -5.44 35.18
N GLU E 24 22.56 -4.53 36.07
CA GLU E 24 23.64 -4.79 37.04
C GLU E 24 23.07 -5.56 38.24
N THR E 25 21.73 -5.65 38.31
CA THR E 25 20.95 -6.44 39.29
C THR E 25 20.53 -7.78 38.65
N ILE E 26 20.16 -7.77 37.37
CA ILE E 26 19.54 -8.91 36.64
C ILE E 26 20.60 -9.70 35.85
N GLY E 27 21.65 -9.03 35.35
CA GLY E 27 22.60 -9.55 34.35
C GLY E 27 22.50 -8.77 33.05
N SER E 28 23.62 -8.54 32.37
CA SER E 28 23.75 -7.61 31.21
C SER E 28 22.96 -8.15 30.01
N GLU E 29 23.15 -9.42 29.68
CA GLU E 29 22.54 -10.15 28.54
C GLU E 29 21.01 -10.17 28.66
N TYR E 30 20.49 -10.16 29.89
CA TYR E 30 19.07 -10.35 30.23
C TYR E 30 18.32 -9.02 30.17
N VAL E 31 19.01 -7.94 29.82
CA VAL E 31 18.43 -6.58 29.66
C VAL E 31 18.84 -6.09 28.27
N ARG E 32 17.87 -5.94 27.37
CA ARG E 32 18.13 -5.76 25.93
C ARG E 32 17.42 -4.50 25.44
N VAL E 33 18.17 -3.66 24.72
CA VAL E 33 17.68 -2.40 24.10
C VAL E 33 17.95 -2.43 22.59
N ASP E 34 18.66 -3.43 22.10
CA ASP E 34 19.01 -3.58 20.66
C ASP E 34 17.72 -3.79 19.86
N GLU E 35 17.59 -3.10 18.72
CA GLU E 35 16.38 -3.11 17.86
C GLU E 35 16.03 -4.54 17.42
N ALA E 36 17.04 -5.35 17.05
CA ALA E 36 16.86 -6.74 16.55
C ALA E 36 16.03 -7.57 17.55
N THR E 37 16.28 -7.42 18.86
CA THR E 37 15.60 -8.23 19.91
C THR E 37 14.26 -7.60 20.30
N VAL E 38 14.21 -6.28 20.48
CA VAL E 38 13.03 -5.59 21.09
C VAL E 38 11.87 -5.65 20.10
N SER E 39 12.10 -5.43 18.80
CA SER E 39 11.00 -5.31 17.80
C SER E 39 10.46 -6.70 17.44
N GLU E 40 11.11 -7.77 17.90
CA GLU E 40 10.53 -9.14 17.90
C GLU E 40 9.32 -9.16 18.86
N TYR E 41 9.23 -8.16 19.75
CA TYR E 41 8.13 -8.01 20.73
C TYR E 41 7.15 -6.90 20.31
N ASP E 42 7.29 -6.35 19.11
CA ASP E 42 6.22 -5.50 18.50
C ASP E 42 5.04 -6.43 18.15
N ASP E 43 3.84 -5.85 18.00
CA ASP E 43 2.59 -6.59 17.68
C ASP E 43 2.78 -7.33 16.35
N LYS E 44 2.73 -8.66 16.36
CA LYS E 44 2.84 -9.50 15.14
C LYS E 44 1.71 -9.17 14.17
N PHE E 45 0.50 -8.84 14.67
CA PHE E 45 -0.68 -8.51 13.85
C PHE E 45 -1.09 -7.06 14.06
N PRO E 46 -0.24 -6.06 13.76
CA PRO E 46 -0.58 -4.68 14.09
C PRO E 46 -1.71 -4.23 13.17
N VAL E 47 -2.40 -3.17 13.57
CA VAL E 47 -3.49 -2.51 12.80
C VAL E 47 -3.29 -0.98 12.84
N THR E 48 -2.16 -0.51 13.34
CA THR E 48 -1.67 0.89 13.22
C THR E 48 -0.24 0.89 12.69
N ASP E 49 0.23 2.05 12.23
CA ASP E 49 1.42 2.19 11.35
C ASP E 49 2.62 2.75 12.12
N GLY E 50 2.42 3.72 13.03
CA GLY E 50 3.50 4.51 13.66
C GLY E 50 4.17 3.78 14.82
N ASP E 51 4.52 4.51 15.90
CA ASP E 51 5.15 3.93 17.12
C ASP E 51 4.10 3.36 18.07
N GLU E 52 2.81 3.37 17.70
CA GLU E 52 1.73 2.90 18.61
C GLU E 52 2.13 1.51 19.12
N PHE E 53 2.22 1.37 20.45
CA PHE E 53 2.47 0.10 21.20
C PHE E 53 3.85 -0.46 20.85
N LYS E 54 4.87 0.40 20.90
CA LYS E 54 6.29 0.03 20.64
C LYS E 54 7.06 0.06 21.97
N GLY E 55 7.50 -1.11 22.44
CA GLY E 55 8.30 -1.26 23.67
C GLY E 55 9.69 -0.67 23.47
N SER E 56 10.33 -0.22 24.55
CA SER E 56 11.67 0.41 24.54
C SER E 56 12.77 -0.62 24.82
N ALA E 57 12.49 -1.68 25.58
CA ALA E 57 13.51 -2.64 26.05
C ALA E 57 12.85 -3.95 26.45
N VAL E 58 13.64 -5.03 26.58
CA VAL E 58 13.13 -6.34 27.03
C VAL E 58 14.01 -6.87 28.16
N ILE E 59 13.37 -7.44 29.19
CA ILE E 59 14.07 -8.10 30.31
C ILE E 59 13.60 -9.55 30.38
N TRP E 60 14.55 -10.46 30.59
CA TRP E 60 14.28 -11.90 30.75
C TRP E 60 14.62 -12.29 32.18
N PRO E 61 13.73 -12.00 33.16
CA PRO E 61 14.01 -12.36 34.54
C PRO E 61 14.13 -13.88 34.62
N GLY E 62 14.81 -14.37 35.65
CA GLY E 62 15.08 -15.81 35.88
C GLY E 62 14.39 -16.35 37.12
N SER E 63 13.71 -15.51 37.89
CA SER E 63 13.11 -15.91 39.20
C SER E 63 12.18 -14.81 39.73
N THR E 64 11.47 -15.12 40.81
CA THR E 64 10.54 -14.16 41.45
C THR E 64 11.31 -12.92 41.91
N GLU E 65 12.51 -13.09 42.48
CA GLU E 65 13.29 -11.96 43.08
C GLU E 65 13.61 -10.96 41.96
N ASP E 66 14.07 -11.45 40.81
CA ASP E 66 14.38 -10.62 39.62
C ASP E 66 13.17 -9.74 39.34
N VAL E 67 11.96 -10.30 39.35
CA VAL E 67 10.71 -9.51 39.11
C VAL E 67 10.58 -8.47 40.23
N GLN E 68 10.75 -8.87 41.49
CA GLN E 68 10.66 -7.91 42.62
C GLN E 68 11.54 -6.70 42.27
N VAL E 69 12.83 -6.94 42.05
CA VAL E 69 13.85 -5.87 41.92
C VAL E 69 13.53 -5.04 40.66
N ILE E 70 13.09 -5.69 39.58
CA ILE E 70 12.72 -4.98 38.32
C ILE E 70 11.64 -3.95 38.70
N VAL E 71 10.65 -4.37 39.48
CA VAL E 71 9.45 -3.55 39.82
C VAL E 71 9.85 -2.34 40.69
N ARG E 72 10.70 -2.54 41.70
CA ARG E 72 11.19 -1.44 42.56
C ARG E 72 11.88 -0.38 41.68
N ILE E 73 12.84 -0.80 40.84
CA ILE E 73 13.64 0.14 40.01
C ILE E 73 12.68 0.95 39.14
N ALA E 74 11.68 0.29 38.52
CA ALA E 74 10.66 0.96 37.67
C ALA E 74 9.95 2.03 38.50
N ASN E 75 9.61 1.70 39.75
CA ASN E 75 8.89 2.61 40.69
C ASN E 75 9.73 3.89 40.89
N LYS E 76 10.99 3.77 41.34
CA LYS E 76 11.89 4.93 41.61
C LYS E 76 12.03 5.79 40.34
N TYR E 77 12.05 5.19 39.15
CA TYR E 77 12.25 5.94 37.88
C TYR E 77 10.91 6.26 37.18
N GLY E 78 9.80 5.71 37.66
CA GLY E 78 8.47 5.93 37.07
C GLY E 78 8.41 5.43 35.63
N ILE E 79 8.98 4.25 35.38
CA ILE E 79 9.06 3.60 34.04
C ILE E 79 8.01 2.50 33.98
N PRO E 80 6.99 2.62 33.10
CA PRO E 80 5.97 1.59 32.96
C PRO E 80 6.52 0.22 32.53
N LEU E 81 5.93 -0.84 33.10
CA LEU E 81 6.22 -2.24 32.76
C LEU E 81 5.00 -2.85 32.08
N HIS E 82 5.21 -3.87 31.26
CA HIS E 82 4.16 -4.78 30.77
C HIS E 82 4.73 -6.18 30.82
N ALA E 83 4.39 -6.92 31.87
CA ALA E 83 4.83 -8.33 32.04
C ALA E 83 3.86 -9.25 31.30
N PHE E 84 4.40 -10.30 30.68
CA PHE E 84 3.62 -11.38 30.04
C PHE E 84 4.36 -12.71 30.21
N SER E 85 3.66 -13.80 29.86
CA SER E 85 4.10 -15.20 30.04
C SER E 85 4.71 -15.73 28.74
N GLY E 86 3.94 -15.72 27.63
CA GLY E 86 4.40 -16.19 26.31
C GLY E 86 4.60 -15.07 25.30
N GLY E 87 3.86 -13.95 25.44
CA GLY E 87 3.92 -12.80 24.50
C GLY E 87 3.27 -13.10 23.16
N ARG E 88 2.35 -14.09 23.12
CA ARG E 88 1.71 -14.58 21.87
C ARG E 88 0.19 -14.36 21.93
N ASN E 89 -0.24 -13.27 22.57
CA ASN E 89 -1.65 -12.81 22.68
C ASN E 89 -2.07 -12.21 21.33
N LEU E 90 -1.95 -13.00 20.25
CA LEU E 90 -2.25 -12.59 18.86
C LEU E 90 -3.73 -12.21 18.75
N GLY E 91 -4.04 -11.16 18.01
CA GLY E 91 -5.43 -10.70 17.80
C GLY E 91 -5.86 -9.82 18.93
N TYR E 92 -5.02 -9.74 19.97
CA TYR E 92 -5.27 -8.87 21.14
C TYR E 92 -4.01 -8.04 21.45
N GLY E 93 -2.98 -8.10 20.59
CA GLY E 93 -1.79 -7.23 20.68
C GLY E 93 -0.50 -7.99 20.89
N GLY E 94 -0.57 -9.32 21.04
CA GLY E 94 0.60 -10.19 21.19
C GLY E 94 1.40 -9.86 22.44
N SER E 95 2.62 -9.36 22.26
CA SER E 95 3.52 -8.96 23.37
C SER E 95 3.61 -7.44 23.47
N SER E 96 2.94 -6.69 22.59
CA SER E 96 3.02 -5.20 22.58
C SER E 96 2.35 -4.62 23.82
N PRO E 97 2.90 -3.54 24.43
CA PRO E 97 2.31 -2.90 25.61
C PRO E 97 1.29 -1.83 25.24
N MET E 98 0.66 -1.20 26.22
CA MET E 98 -0.43 -0.22 26.01
C MET E 98 0.15 1.15 25.64
N LEU E 99 1.28 1.53 26.26
CA LEU E 99 1.94 2.84 26.06
C LEU E 99 3.28 2.60 25.36
N THR E 100 3.62 3.48 24.42
CA THR E 100 4.96 3.53 23.78
C THR E 100 6.02 3.75 24.86
N GLY E 101 7.12 2.98 24.77
CA GLY E 101 8.34 3.18 25.57
C GLY E 101 8.36 2.28 26.78
N THR E 102 7.31 1.47 26.96
CA THR E 102 7.20 0.53 28.10
C THR E 102 8.38 -0.44 28.06
N VAL E 103 8.99 -0.71 29.21
CA VAL E 103 9.95 -1.83 29.37
C VAL E 103 9.12 -3.12 29.51
N LEU E 104 9.37 -4.09 28.62
CA LEU E 104 8.62 -5.37 28.58
C LEU E 104 9.36 -6.39 29.45
N LEU E 105 8.61 -7.20 30.20
CA LEU E 105 9.15 -8.33 31.00
C LEU E 105 8.65 -9.63 30.38
N HIS E 106 9.52 -10.38 29.68
CA HIS E 106 9.18 -11.69 29.08
C HIS E 106 9.54 -12.80 30.09
N LEU E 107 8.61 -13.03 31.02
CA LEU E 107 8.76 -13.98 32.15
C LEU E 107 9.05 -15.38 31.60
N GLY E 108 8.38 -15.74 30.50
CA GLY E 108 8.32 -17.11 29.96
C GLY E 108 9.66 -17.63 29.48
N LYS E 109 10.51 -16.78 28.92
CA LYS E 109 11.77 -17.23 28.26
C LYS E 109 12.57 -18.11 29.23
N ARG E 110 12.74 -17.72 30.49
CA ARG E 110 13.62 -18.47 31.44
C ARG E 110 12.82 -19.24 32.50
N MET E 111 11.69 -18.68 32.97
CA MET E 111 10.82 -19.31 34.00
C MET E 111 9.76 -20.15 33.29
N ASN E 112 10.06 -21.43 33.03
CA ASN E 112 9.31 -22.28 32.07
C ASN E 112 9.31 -23.73 32.55
N ARG E 113 9.26 -23.91 33.86
CA ARG E 113 9.36 -25.22 34.55
C ARG E 113 7.96 -25.69 34.93
N VAL E 114 7.71 -26.99 34.82
CA VAL E 114 6.55 -27.70 35.46
C VAL E 114 7.03 -28.17 36.85
N LEU E 115 6.58 -27.51 37.92
CA LEU E 115 7.17 -27.66 39.28
C LEU E 115 6.58 -28.88 39.98
N GLU E 116 5.35 -29.23 39.61
CA GLU E 116 4.48 -30.19 40.34
C GLU E 116 3.52 -30.78 39.31
N ILE E 117 3.41 -32.11 39.30
CA ILE E 117 2.23 -32.80 38.72
C ILE E 117 1.75 -33.76 39.82
N ASN E 118 0.48 -33.60 40.21
CA ASN E 118 -0.16 -34.37 41.30
C ASN E 118 -1.26 -35.22 40.67
N GLU E 119 -1.08 -36.53 40.64
CA GLU E 119 -2.12 -37.43 40.08
C GLU E 119 -3.25 -37.56 41.09
N LYS E 120 -2.93 -37.81 42.37
CA LYS E 120 -3.93 -38.02 43.44
C LYS E 120 -4.96 -36.87 43.45
N LEU E 121 -4.52 -35.61 43.33
CA LEU E 121 -5.41 -34.41 43.48
C LEU E 121 -5.51 -33.60 42.18
N ALA E 122 -5.02 -34.16 41.06
CA ALA E 122 -5.39 -33.76 39.68
C ALA E 122 -5.10 -32.28 39.44
N TYR E 123 -3.89 -31.82 39.73
CA TYR E 123 -3.44 -30.45 39.38
C TYR E 123 -1.94 -30.45 39.07
N ALA E 124 -1.53 -29.46 38.29
CA ALA E 124 -0.12 -29.17 38.00
C ALA E 124 0.15 -27.75 38.49
N VAL E 125 1.43 -27.43 38.71
CA VAL E 125 1.90 -26.06 39.02
C VAL E 125 2.89 -25.67 37.93
N VAL E 126 2.69 -24.50 37.33
CA VAL E 126 3.43 -24.07 36.13
C VAL E 126 4.04 -22.71 36.40
N GLU E 127 5.14 -22.41 35.70
CA GLU E 127 5.76 -21.07 35.64
C GLU E 127 5.24 -20.39 34.39
N PRO E 128 5.49 -19.08 34.19
CA PRO E 128 4.89 -18.35 33.06
C PRO E 128 5.16 -18.98 31.67
N GLY E 129 6.27 -19.72 31.53
CA GLY E 129 6.80 -20.15 30.21
C GLY E 129 6.18 -21.44 29.73
N VAL E 130 5.66 -22.26 30.64
CA VAL E 130 5.00 -23.56 30.28
C VAL E 130 3.88 -23.23 29.31
N ASP E 131 3.99 -23.73 28.07
CA ASP E 131 2.93 -23.67 27.03
C ASP E 131 2.22 -25.03 27.00
N TYR E 132 1.08 -25.08 26.32
CA TYR E 132 0.16 -26.25 26.32
C TYR E 132 0.94 -27.49 25.90
N LYS E 133 1.82 -27.35 24.89
CA LYS E 133 2.60 -28.50 24.38
C LYS E 133 3.49 -29.04 25.50
N THR E 134 4.29 -28.17 26.12
CA THR E 134 5.25 -28.57 27.19
C THR E 134 4.46 -29.27 28.30
N LEU E 135 3.34 -28.69 28.74
CA LEU E 135 2.56 -29.22 29.88
C LEU E 135 2.01 -30.59 29.49
N TYR E 136 1.49 -30.70 28.26
CA TYR E 136 0.99 -31.97 27.68
C TYR E 136 2.04 -33.05 27.90
N GLU E 137 3.25 -32.79 27.42
CA GLU E 137 4.39 -33.76 27.42
C GLU E 137 4.81 -34.11 28.85
N ALA E 138 4.82 -33.16 29.78
CA ALA E 138 5.21 -33.39 31.19
C ALA E 138 4.22 -34.36 31.84
N VAL E 139 2.90 -34.12 31.68
CA VAL E 139 1.84 -34.99 32.25
C VAL E 139 2.02 -36.38 31.63
N ARG E 140 2.29 -36.36 30.34
CA ARG E 140 2.51 -37.52 29.46
C ARG E 140 3.68 -38.39 29.99
N ASP E 141 4.80 -37.80 30.40
CA ASP E 141 6.00 -38.51 30.92
C ASP E 141 5.75 -39.01 32.34
N SER E 142 4.99 -38.25 33.14
CA SER E 142 4.70 -38.57 34.56
C SER E 142 3.85 -39.85 34.61
N GLY E 143 3.17 -40.20 33.51
CA GLY E 143 2.20 -41.31 33.48
C GLY E 143 0.94 -40.96 34.26
N ALA E 144 0.94 -39.81 34.94
CA ALA E 144 -0.21 -39.27 35.71
C ALA E 144 -1.44 -39.34 34.80
N LYS E 145 -2.55 -39.96 35.24
CA LYS E 145 -3.65 -40.21 34.27
C LYS E 145 -4.64 -39.03 34.27
N LEU E 146 -4.13 -37.93 33.69
CA LEU E 146 -4.76 -36.60 33.60
C LEU E 146 -4.68 -36.08 32.16
N MET E 147 -5.52 -35.12 31.84
CA MET E 147 -5.48 -34.41 30.53
C MET E 147 -5.53 -32.91 30.79
N ILE E 148 -4.84 -32.15 29.95
CA ILE E 148 -4.81 -30.66 29.95
C ILE E 148 -6.02 -30.15 29.18
N ASP E 149 -6.30 -28.85 29.23
CA ASP E 149 -7.37 -28.20 28.43
C ASP E 149 -6.71 -27.15 27.55
N PRO E 150 -6.25 -27.50 26.33
CA PRO E 150 -5.46 -26.58 25.52
C PRO E 150 -6.39 -25.66 24.75
N ALA E 151 -5.85 -24.52 24.33
CA ALA E 151 -6.45 -23.59 23.36
C ALA E 151 -6.04 -24.06 21.96
N GLU E 152 -6.28 -23.19 20.98
CA GLU E 152 -6.06 -23.41 19.52
C GLU E 152 -4.61 -23.80 19.23
N LEU E 153 -3.67 -22.99 19.75
CA LEU E 153 -2.23 -23.00 19.39
C LEU E 153 -1.42 -23.52 20.59
N ASP E 154 -0.59 -24.56 20.39
CA ASP E 154 0.10 -25.28 21.49
C ASP E 154 1.21 -24.40 22.08
N TRP E 155 1.55 -23.30 21.41
CA TRP E 155 2.53 -22.29 21.92
C TRP E 155 1.86 -21.31 22.90
N GLY E 156 0.53 -21.36 23.02
CA GLY E 156 -0.20 -20.62 24.06
C GLY E 156 0.34 -20.94 25.45
N SER E 157 0.51 -19.92 26.29
CA SER E 157 0.93 -20.05 27.70
C SER E 157 -0.27 -20.54 28.53
N VAL E 158 -0.16 -21.71 29.17
CA VAL E 158 -1.15 -22.17 30.18
C VAL E 158 -1.42 -20.96 31.08
N MET E 159 -0.38 -20.30 31.59
CA MET E 159 -0.57 -19.18 32.55
C MET E 159 -1.16 -17.96 31.83
N GLY E 160 -0.46 -17.47 30.80
CA GLY E 160 -0.82 -16.25 30.05
C GLY E 160 -2.26 -16.30 29.59
N ASN E 161 -2.71 -17.46 29.09
CA ASN E 161 -4.08 -17.66 28.56
C ASN E 161 -5.09 -17.44 29.70
N THR E 162 -4.86 -18.03 30.88
CA THR E 162 -5.68 -17.83 32.10
C THR E 162 -5.83 -16.34 32.43
N MET E 163 -4.76 -15.55 32.31
CA MET E 163 -4.72 -14.11 32.70
C MET E 163 -5.69 -13.32 31.81
N GLU E 164 -6.06 -13.84 30.62
CA GLU E 164 -6.87 -13.10 29.62
C GLU E 164 -8.32 -13.60 29.56
N HIS E 165 -8.75 -14.43 30.53
CA HIS E 165 -10.06 -15.14 30.54
C HIS E 165 -10.16 -16.04 29.31
N GLY E 166 -9.04 -16.60 28.87
CA GLY E 166 -8.97 -17.50 27.70
C GLY E 166 -9.69 -18.81 28.00
N VAL E 167 -10.02 -19.56 26.94
CA VAL E 167 -10.82 -20.81 27.04
C VAL E 167 -10.33 -21.87 26.04
N GLY E 168 -10.49 -23.13 26.43
CA GLY E 168 -10.33 -24.30 25.55
C GLY E 168 -11.69 -24.93 25.26
N TYR E 169 -11.74 -26.26 25.14
CA TYR E 169 -12.89 -26.96 24.52
C TYR E 169 -13.28 -28.26 25.23
N THR E 170 -12.55 -28.68 26.27
CA THR E 170 -12.92 -29.87 27.08
C THR E 170 -13.93 -29.38 28.12
N PRO E 171 -14.48 -30.24 28.99
CA PRO E 171 -15.31 -29.76 30.09
C PRO E 171 -14.58 -28.79 31.04
N TYR E 172 -13.25 -28.73 31.00
CA TYR E 172 -12.42 -27.75 31.76
C TYR E 172 -12.11 -26.51 30.90
N ALA E 173 -12.99 -26.21 29.94
CA ALA E 173 -12.79 -25.16 28.93
C ALA E 173 -12.59 -23.81 29.63
N ASP E 174 -13.35 -23.53 30.68
CA ASP E 174 -13.25 -22.25 31.43
C ASP E 174 -11.99 -22.28 32.27
N HIS E 175 -10.90 -21.65 31.81
CA HIS E 175 -9.54 -21.76 32.39
C HIS E 175 -9.44 -21.00 33.72
N SER E 176 -10.15 -19.88 33.84
CA SER E 176 -10.29 -19.07 35.08
C SER E 176 -10.84 -19.94 36.22
N MET E 177 -11.76 -20.84 35.93
CA MET E 177 -12.41 -21.71 36.94
C MET E 177 -11.36 -22.63 37.55
N TRP E 178 -10.42 -23.15 36.75
CA TRP E 178 -9.50 -24.24 37.17
C TRP E 178 -8.11 -23.68 37.55
N ARG E 179 -7.90 -22.37 37.34
CA ARG E 179 -6.81 -21.62 38.02
C ARG E 179 -7.08 -21.72 39.52
N CYS E 180 -6.04 -21.95 40.32
CA CYS E 180 -6.15 -22.08 41.78
C CYS E 180 -4.76 -22.00 42.40
N GLY E 181 -4.46 -20.87 43.04
CA GLY E 181 -3.19 -20.62 43.75
C GLY E 181 -2.20 -19.92 42.84
N MET E 182 -2.10 -18.60 42.97
CA MET E 182 -1.13 -17.75 42.23
C MET E 182 -0.04 -17.26 43.20
N GLU E 183 1.20 -17.17 42.74
CA GLU E 183 2.25 -16.33 43.35
C GLU E 183 2.33 -15.07 42.50
N VAL E 184 2.17 -13.90 43.13
CA VAL E 184 2.01 -12.61 42.42
C VAL E 184 2.97 -11.62 43.05
N VAL E 185 3.77 -10.95 42.22
CA VAL E 185 4.55 -9.77 42.64
C VAL E 185 3.66 -8.54 42.41
N LEU E 186 3.44 -7.77 43.46
CA LEU E 186 2.60 -6.56 43.42
C LEU E 186 3.47 -5.39 42.92
N ALA E 187 2.84 -4.26 42.62
CA ALA E 187 3.47 -3.09 41.96
C ALA E 187 4.47 -2.40 42.89
N ASP E 188 4.55 -2.78 44.16
CA ASP E 188 5.54 -2.24 45.13
C ASP E 188 6.63 -3.28 45.42
N GLY E 189 6.62 -4.41 44.71
CA GLY E 189 7.71 -5.40 44.78
C GLY E 189 7.46 -6.47 45.81
N GLU E 190 6.33 -6.39 46.53
CA GLU E 190 5.99 -7.40 47.58
C GLU E 190 5.45 -8.66 46.92
N VAL E 191 5.79 -9.82 47.49
CA VAL E 191 5.30 -11.14 47.00
C VAL E 191 4.01 -11.48 47.75
N LEU E 192 2.94 -11.72 46.99
CA LEU E 192 1.63 -12.20 47.51
C LEU E 192 1.44 -13.66 47.08
N ARG E 193 0.97 -14.50 48.00
CA ARG E 193 0.41 -15.84 47.71
C ARG E 193 -1.09 -15.80 47.98
N THR E 194 -1.89 -15.96 46.93
CA THR E 194 -3.37 -15.92 46.99
C THR E 194 -3.90 -17.15 47.74
N GLY E 195 -5.13 -17.03 48.23
CA GLY E 195 -5.86 -18.15 48.85
C GLY E 195 -5.04 -18.80 49.94
N MET E 196 -5.08 -20.12 50.00
CA MET E 196 -4.45 -20.93 51.08
C MET E 196 -2.91 -20.85 50.98
N GLY E 197 -2.39 -20.23 49.92
CA GLY E 197 -0.95 -19.91 49.83
C GLY E 197 -0.50 -18.96 50.93
N GLY E 198 -1.38 -18.09 51.40
CA GLY E 198 -1.11 -17.12 52.49
C GLY E 198 -0.89 -17.80 53.83
N LEU E 199 -1.27 -19.07 54.00
CA LEU E 199 -1.14 -19.79 55.30
C LEU E 199 0.04 -20.76 55.23
N PRO E 200 1.15 -20.47 55.95
CA PRO E 200 2.32 -21.34 55.96
C PRO E 200 1.95 -22.77 56.39
N GLY E 201 2.48 -23.78 55.69
CA GLY E 201 2.25 -25.20 55.96
C GLY E 201 1.10 -25.78 55.16
N SER E 202 0.28 -24.94 54.52
CA SER E 202 -1.01 -25.35 53.89
C SER E 202 -0.74 -26.06 52.57
N GLU E 203 -1.25 -27.29 52.44
CA GLU E 203 -1.17 -28.08 51.18
C GLU E 203 -2.40 -27.79 50.30
N ALA E 204 -3.23 -26.80 50.64
CA ALA E 204 -4.49 -26.53 49.91
C ALA E 204 -4.34 -25.36 48.93
N TRP E 205 -3.11 -24.85 48.76
CA TRP E 205 -2.83 -23.69 47.87
C TRP E 205 -3.44 -23.92 46.49
N HIS E 206 -3.32 -25.12 45.93
CA HIS E 206 -3.81 -25.40 44.55
C HIS E 206 -5.09 -26.26 44.60
N LEU E 207 -5.70 -26.42 45.79
CA LEU E 207 -6.89 -27.27 46.01
C LEU E 207 -8.16 -26.40 46.14
N TYR E 208 -8.15 -25.41 47.04
CA TYR E 208 -9.35 -24.62 47.41
C TYR E 208 -9.13 -23.13 47.12
N PRO E 209 -9.87 -22.55 46.15
CA PRO E 209 -9.64 -21.17 45.72
C PRO E 209 -10.26 -20.21 46.74
N GLY E 210 -9.81 -20.29 47.98
CA GLY E 210 -10.49 -19.62 49.09
C GLY E 210 -9.57 -19.38 50.25
N GLN E 211 -10.07 -18.58 51.19
CA GLN E 211 -9.32 -17.97 52.31
C GLN E 211 -10.36 -17.22 53.13
N LEU E 212 -9.97 -16.77 54.32
CA LEU E 212 -10.86 -15.85 55.07
C LEU E 212 -10.92 -14.54 54.31
N GLY E 213 -12.12 -14.03 54.08
CA GLY E 213 -12.30 -12.72 53.44
C GLY E 213 -12.39 -12.87 51.93
N PRO E 214 -12.29 -11.77 51.15
CA PRO E 214 -12.57 -11.80 49.72
C PRO E 214 -11.47 -12.56 48.98
N SER E 215 -11.85 -13.23 47.90
CA SER E 215 -10.91 -13.86 46.92
C SER E 215 -10.44 -12.77 45.96
N ILE E 216 -9.13 -12.61 45.75
CA ILE E 216 -8.57 -11.54 44.88
C ILE E 216 -7.90 -12.12 43.62
N GLU E 217 -7.82 -13.44 43.46
CA GLU E 217 -7.23 -14.09 42.24
C GLU E 217 -7.91 -13.56 40.97
N GLY E 218 -9.22 -13.36 41.02
CA GLY E 218 -10.04 -12.85 39.91
C GLY E 218 -9.61 -11.47 39.46
N LEU E 219 -8.94 -10.70 40.33
CA LEU E 219 -8.57 -9.27 40.09
C LEU E 219 -7.43 -9.18 39.06
N PHE E 220 -6.57 -10.20 39.01
CA PHE E 220 -5.31 -10.19 38.21
C PHE E 220 -5.56 -10.67 36.78
N GLU E 221 -6.80 -10.62 36.29
CA GLU E 221 -7.03 -11.04 34.88
C GLU E 221 -7.64 -9.87 34.10
N GLN E 222 -7.12 -9.70 32.87
CA GLN E 222 -7.30 -8.53 31.98
C GLN E 222 -7.06 -7.25 32.78
N SER E 223 -6.01 -7.23 33.59
CA SER E 223 -5.73 -6.16 34.57
C SER E 223 -4.22 -5.90 34.62
N ASN E 224 -3.85 -4.83 35.31
CA ASN E 224 -2.46 -4.30 35.41
C ASN E 224 -2.15 -4.06 36.90
N PHE E 225 -2.37 -5.07 37.75
CA PHE E 225 -2.31 -4.96 39.24
C PHE E 225 -1.16 -5.77 39.84
N GLY E 226 -0.61 -6.72 39.10
CA GLY E 226 0.46 -7.61 39.61
C GLY E 226 1.09 -8.40 38.49
N ILE E 227 2.15 -9.14 38.82
CA ILE E 227 2.99 -9.91 37.86
C ILE E 227 3.13 -11.34 38.42
N CYS E 228 2.39 -12.27 37.83
CA CYS E 228 2.27 -13.68 38.30
C CYS E 228 3.52 -14.45 37.87
N THR E 229 4.16 -15.15 38.80
CA THR E 229 5.42 -15.92 38.61
C THR E 229 5.19 -17.43 38.79
N ARG E 230 4.02 -17.83 39.30
CA ARG E 230 3.69 -19.26 39.58
C ARG E 230 2.17 -19.40 39.74
N MET E 231 1.61 -20.47 39.18
CA MET E 231 0.14 -20.70 39.17
C MET E 231 -0.15 -22.20 39.11
N GLY E 232 -1.06 -22.67 39.97
CA GLY E 232 -1.62 -24.03 39.96
C GLY E 232 -2.79 -24.14 38.99
N MET E 233 -2.83 -25.21 38.19
CA MET E 233 -3.89 -25.47 37.18
C MET E 233 -4.47 -26.86 37.42
N GLN E 234 -5.74 -26.94 37.81
CA GLN E 234 -6.39 -28.25 38.05
C GLN E 234 -6.74 -28.86 36.69
N LEU E 235 -6.48 -30.16 36.56
CA LEU E 235 -6.59 -30.94 35.29
C LEU E 235 -7.65 -32.04 35.42
N MET E 236 -8.43 -32.22 34.35
CA MET E 236 -9.55 -33.20 34.33
C MET E 236 -8.99 -34.61 34.45
N PRO E 237 -9.48 -35.44 35.40
CA PRO E 237 -9.16 -36.87 35.40
C PRO E 237 -9.63 -37.47 34.08
N THR E 238 -8.72 -38.18 33.41
CA THR E 238 -8.92 -38.73 32.05
C THR E 238 -10.07 -39.73 32.11
N PRO E 239 -11.16 -39.52 31.32
CA PRO E 239 -12.32 -40.42 31.34
C PRO E 239 -12.04 -41.75 30.63
N PRO E 240 -12.91 -42.78 30.77
CA PRO E 240 -12.61 -44.10 30.19
C PRO E 240 -12.55 -44.05 28.66
N GLU E 241 -13.48 -43.35 28.00
CA GLU E 241 -13.50 -43.20 26.51
C GLU E 241 -13.89 -41.76 26.14
N MET E 242 -13.62 -41.39 24.88
CA MET E 242 -13.98 -40.08 24.30
C MET E 242 -14.35 -40.27 22.81
N LEU E 243 -15.46 -39.69 22.37
CA LEU E 243 -15.94 -39.82 20.97
C LEU E 243 -16.39 -38.44 20.48
N SER E 244 -15.71 -37.94 19.45
CA SER E 244 -16.03 -36.62 18.81
C SER E 244 -17.04 -36.83 17.69
N PHE E 245 -17.63 -35.74 17.21
CA PHE E 245 -18.62 -35.72 16.11
C PHE E 245 -18.57 -34.38 15.39
N ALA E 246 -18.98 -34.37 14.13
CA ALA E 246 -19.34 -33.16 13.36
C ALA E 246 -20.78 -33.30 12.88
N ILE E 247 -21.52 -32.19 12.83
CA ILE E 247 -22.85 -32.10 12.17
C ILE E 247 -22.77 -30.99 11.12
N TYR E 248 -23.04 -31.35 9.87
CA TYR E 248 -22.95 -30.44 8.70
C TYR E 248 -24.36 -29.98 8.34
N PHE E 249 -24.54 -28.68 8.12
CA PHE E 249 -25.82 -28.02 7.80
C PHE E 249 -25.71 -27.39 6.41
N GLU E 250 -26.83 -27.37 5.70
CA GLU E 250 -26.86 -27.20 4.23
C GLU E 250 -26.90 -25.70 3.87
N ASN E 251 -27.27 -24.81 4.81
CA ASN E 251 -27.77 -23.44 4.52
C ASN E 251 -27.16 -22.36 5.44
N GLU E 252 -26.89 -21.15 4.92
CA GLU E 252 -26.69 -19.89 5.70
C GLU E 252 -27.67 -19.83 6.87
N ASP E 253 -28.89 -20.31 6.60
CA ASP E 253 -30.13 -19.98 7.33
C ASP E 253 -30.33 -20.94 8.51
N ASP E 254 -29.58 -22.04 8.56
CA ASP E 254 -29.74 -23.07 9.63
C ASP E 254 -29.26 -22.54 10.99
N LEU E 255 -28.60 -21.37 11.04
CA LEU E 255 -27.93 -20.88 12.26
C LEU E 255 -28.95 -20.76 13.41
N PRO E 256 -30.07 -20.01 13.27
CA PRO E 256 -31.11 -20.00 14.30
C PRO E 256 -31.51 -21.39 14.84
N ALA E 257 -31.74 -22.36 13.95
CA ALA E 257 -32.17 -23.73 14.32
C ALA E 257 -31.08 -24.42 15.13
N ILE E 258 -29.80 -24.23 14.78
CA ILE E 258 -28.64 -24.91 15.44
C ILE E 258 -28.60 -24.48 16.92
N MET E 259 -28.74 -23.18 17.20
CA MET E 259 -28.65 -22.60 18.57
C MET E 259 -29.87 -23.05 19.40
N GLU E 260 -31.07 -23.02 18.80
CA GLU E 260 -32.34 -23.42 19.48
C GLU E 260 -32.21 -24.87 19.94
N THR E 261 -31.70 -25.74 19.05
CA THR E 261 -31.48 -27.19 19.29
C THR E 261 -30.42 -27.36 20.39
N THR E 262 -29.36 -26.55 20.37
CA THR E 262 -28.19 -26.73 21.26
C THR E 262 -28.57 -26.42 22.72
N LEU E 263 -29.27 -25.30 22.97
CA LEU E 263 -29.44 -24.74 24.34
C LEU E 263 -30.00 -25.81 25.27
N PRO E 264 -31.20 -26.40 25.04
CA PRO E 264 -31.71 -27.42 25.96
C PRO E 264 -30.77 -28.61 26.19
N LEU E 265 -29.85 -28.92 25.26
CA LEU E 265 -28.93 -30.10 25.34
C LEU E 265 -27.65 -29.76 26.10
N ARG E 266 -27.32 -28.47 26.22
CA ARG E 266 -26.07 -27.98 26.87
C ARG E 266 -26.37 -27.58 28.33
N ILE E 267 -27.48 -26.90 28.58
CA ILE E 267 -27.77 -26.23 29.88
C ILE E 267 -27.62 -27.22 31.05
N GLY E 268 -27.95 -28.50 30.86
CA GLY E 268 -27.93 -29.53 31.91
C GLY E 268 -26.57 -30.22 32.03
N MET E 269 -25.58 -29.77 31.25
CA MET E 269 -24.23 -30.38 31.11
C MET E 269 -24.33 -31.80 30.51
N ALA E 270 -25.50 -32.18 29.96
CA ALA E 270 -25.80 -33.49 29.33
C ALA E 270 -26.98 -33.32 28.38
N PRO E 271 -26.99 -33.93 27.16
CA PRO E 271 -25.93 -34.84 26.70
C PRO E 271 -24.67 -34.16 26.16
N LEU E 272 -24.71 -32.83 25.94
CA LEU E 272 -23.52 -31.99 25.65
C LEU E 272 -22.76 -31.72 26.95
N GLN E 273 -21.71 -32.50 27.20
CA GLN E 273 -20.87 -32.41 28.42
C GLN E 273 -19.81 -31.32 28.26
N ALA E 274 -19.56 -30.87 27.03
CA ALA E 274 -18.60 -29.81 26.70
C ALA E 274 -19.25 -28.83 25.74
N ALA E 275 -18.84 -27.58 25.81
CA ALA E 275 -19.40 -26.48 24.98
C ALA E 275 -19.10 -26.78 23.52
N PRO E 276 -20.12 -27.07 22.68
CA PRO E 276 -19.89 -27.35 21.27
C PRO E 276 -19.58 -26.02 20.57
N ILE E 277 -18.88 -26.13 19.45
CA ILE E 277 -18.55 -24.98 18.56
C ILE E 277 -19.49 -25.04 17.36
N VAL E 278 -19.90 -23.86 16.90
CA VAL E 278 -20.74 -23.69 15.68
C VAL E 278 -19.97 -22.75 14.77
N ARG E 279 -19.14 -23.27 13.88
CA ARG E 279 -18.37 -22.37 12.98
C ARG E 279 -18.76 -22.58 11.52
N ASN E 280 -18.65 -21.49 10.76
CA ASN E 280 -19.07 -21.38 9.33
C ASN E 280 -17.98 -22.01 8.45
N VAL E 281 -18.30 -22.13 7.16
CA VAL E 281 -17.43 -22.81 6.14
C VAL E 281 -16.13 -22.02 5.96
N THR E 282 -16.22 -20.70 5.81
CA THR E 282 -15.02 -19.85 5.60
C THR E 282 -13.98 -20.21 6.66
N PHE E 283 -14.40 -20.46 7.91
CA PHE E 283 -13.49 -20.81 9.03
C PHE E 283 -12.83 -22.17 8.77
N ASP E 284 -13.62 -23.20 8.48
CA ASP E 284 -13.07 -24.55 8.21
C ASP E 284 -12.19 -24.49 6.97
N ALA E 285 -12.61 -23.75 5.93
CA ALA E 285 -11.85 -23.59 4.66
C ALA E 285 -10.42 -23.14 4.97
N ALA E 286 -10.26 -22.10 5.79
CA ALA E 286 -8.96 -21.47 6.10
C ALA E 286 -8.05 -22.45 6.86
N CYS E 287 -8.59 -23.51 7.47
CA CYS E 287 -7.80 -24.51 8.22
C CYS E 287 -7.25 -25.60 7.29
N VAL E 288 -7.71 -25.67 6.03
CA VAL E 288 -7.41 -26.81 5.11
C VAL E 288 -7.10 -26.34 3.68
N SER E 289 -6.97 -25.04 3.40
CA SER E 289 -6.76 -24.54 2.02
C SER E 289 -6.50 -23.04 1.97
N LYS E 290 -6.03 -22.55 0.82
CA LYS E 290 -5.79 -21.11 0.55
C LYS E 290 -7.07 -20.52 -0.03
N ARG E 291 -7.24 -19.22 0.14
CA ARG E 291 -8.45 -18.46 -0.25
C ARG E 291 -8.67 -18.59 -1.77
N GLU E 292 -7.70 -18.18 -2.59
CA GLU E 292 -7.93 -18.04 -4.05
C GLU E 292 -7.84 -19.41 -4.74
N GLU E 293 -7.86 -20.52 -3.99
CA GLU E 293 -8.41 -21.80 -4.51
C GLU E 293 -9.92 -21.66 -4.75
N TRP E 294 -10.58 -20.65 -4.16
CA TRP E 294 -12.04 -20.43 -4.28
C TRP E 294 -12.38 -19.08 -4.90
N GLN E 295 -11.50 -18.09 -4.80
CA GLN E 295 -11.77 -16.75 -5.38
C GLN E 295 -10.45 -16.04 -5.70
N THR E 296 -10.22 -15.69 -6.97
CA THR E 296 -9.02 -14.90 -7.38
C THR E 296 -9.33 -13.40 -7.31
N GLU E 297 -10.60 -12.97 -7.31
CA GLU E 297 -10.95 -11.52 -7.19
C GLU E 297 -10.63 -11.06 -5.76
N PRO E 298 -10.04 -9.87 -5.55
CA PRO E 298 -9.55 -9.47 -4.22
C PRO E 298 -10.68 -9.00 -3.29
N GLY E 299 -11.87 -8.77 -3.86
CA GLY E 299 -13.04 -8.23 -3.13
C GLY E 299 -13.67 -9.24 -2.17
N PRO E 300 -14.82 -8.88 -1.56
CA PRO E 300 -15.53 -9.75 -0.62
C PRO E 300 -15.78 -11.14 -1.20
N LEU E 301 -15.81 -12.16 -0.34
CA LEU E 301 -16.16 -13.56 -0.74
C LEU E 301 -17.60 -13.58 -1.26
N THR E 302 -17.80 -14.14 -2.46
CA THR E 302 -19.13 -14.24 -3.13
C THR E 302 -19.85 -15.49 -2.63
N ASP E 303 -21.19 -15.47 -2.75
CA ASP E 303 -22.10 -16.57 -2.32
C ASP E 303 -21.67 -17.87 -3.00
N GLU E 304 -21.21 -17.75 -4.25
CA GLU E 304 -20.70 -18.85 -5.10
C GLU E 304 -19.43 -19.44 -4.48
N ALA E 305 -18.52 -18.59 -3.98
CA ALA E 305 -17.19 -19.02 -3.48
C ALA E 305 -17.41 -19.95 -2.28
N LYS E 306 -18.23 -19.50 -1.32
CA LYS E 306 -18.52 -20.27 -0.07
C LYS E 306 -19.18 -21.59 -0.46
N GLN E 307 -20.11 -21.58 -1.41
CA GLN E 307 -20.85 -22.81 -1.83
C GLN E 307 -19.85 -23.86 -2.32
N ARG E 308 -18.80 -23.46 -3.05
CA ARG E 308 -17.83 -24.44 -3.58
C ARG E 308 -16.98 -25.02 -2.44
N MET E 309 -16.62 -24.18 -1.45
CA MET E 309 -15.93 -24.66 -0.21
C MET E 309 -16.77 -25.82 0.33
N VAL E 310 -18.07 -25.58 0.54
CA VAL E 310 -19.04 -26.56 1.13
C VAL E 310 -19.02 -27.85 0.32
N ASP E 311 -19.11 -27.77 -1.01
CA ASP E 311 -19.28 -28.95 -1.90
C ASP E 311 -17.97 -29.74 -2.00
N GLU E 312 -16.86 -29.06 -2.28
CA GLU E 312 -15.53 -29.68 -2.53
C GLU E 312 -14.93 -30.22 -1.24
N LEU E 313 -15.09 -29.51 -0.12
CA LEU E 313 -14.58 -29.96 1.20
C LEU E 313 -15.51 -31.03 1.76
N GLY E 314 -16.76 -31.09 1.29
CA GLY E 314 -17.76 -32.09 1.73
C GLY E 314 -18.18 -31.82 3.15
N ILE E 315 -18.45 -30.56 3.47
CA ILE E 315 -18.83 -30.06 4.83
C ILE E 315 -20.13 -29.27 4.68
N GLY E 316 -20.42 -28.32 5.58
CA GLY E 316 -21.65 -27.51 5.54
C GLY E 316 -21.35 -26.03 5.56
N HIS E 317 -22.36 -25.20 5.25
CA HIS E 317 -22.33 -23.74 5.49
C HIS E 317 -22.05 -23.52 6.97
N TRP E 318 -22.63 -24.37 7.82
CA TRP E 318 -22.36 -24.44 9.28
C TRP E 318 -21.86 -25.83 9.62
N ILE E 319 -20.87 -25.89 10.52
CA ILE E 319 -20.41 -27.17 11.10
C ILE E 319 -20.42 -27.00 12.61
N VAL E 320 -20.96 -28.01 13.30
CA VAL E 320 -20.94 -28.14 14.78
C VAL E 320 -19.94 -29.24 15.12
N TYR E 321 -19.00 -28.98 16.02
CA TYR E 321 -18.06 -30.00 16.54
C TYR E 321 -18.28 -30.11 18.03
N GLY E 322 -18.25 -31.35 18.53
CA GLY E 322 -18.43 -31.62 19.96
C GLY E 322 -17.80 -32.94 20.30
N THR E 323 -17.74 -33.25 21.59
CA THR E 323 -17.14 -34.50 22.10
C THR E 323 -17.95 -34.97 23.31
N CYS E 324 -18.20 -36.27 23.41
CA CYS E 324 -18.82 -36.89 24.61
C CYS E 324 -17.73 -37.66 25.35
N TYR E 325 -17.81 -37.64 26.67
CA TYR E 325 -16.78 -38.15 27.59
C TYR E 325 -17.45 -39.17 28.49
N GLY E 326 -16.70 -40.19 28.88
CA GLY E 326 -17.11 -41.16 29.90
C GLY E 326 -17.08 -42.57 29.34
N PRO E 327 -17.77 -43.51 30.01
CA PRO E 327 -17.90 -44.88 29.52
C PRO E 327 -18.68 -44.95 28.19
N ARG E 328 -18.52 -46.05 27.45
CA ARG E 328 -19.18 -46.21 26.13
C ARG E 328 -20.70 -46.31 26.33
N TRP E 329 -21.17 -46.90 27.43
CA TRP E 329 -22.63 -47.03 27.69
C TRP E 329 -23.24 -45.63 27.84
N GLN E 330 -22.50 -44.69 28.44
CA GLN E 330 -22.93 -43.27 28.61
C GLN E 330 -22.74 -42.52 27.28
N ILE E 331 -21.59 -42.68 26.63
CA ILE E 331 -21.29 -41.98 25.34
C ILE E 331 -22.37 -42.37 24.33
N ASP E 332 -22.74 -43.65 24.27
CA ASP E 332 -23.72 -44.20 23.28
C ASP E 332 -25.07 -43.49 23.46
N LYS E 333 -25.54 -43.37 24.70
CA LYS E 333 -26.83 -42.71 24.99
C LYS E 333 -26.75 -41.24 24.58
N TYR E 334 -25.64 -40.57 24.88
CA TYR E 334 -25.48 -39.11 24.62
C TYR E 334 -25.41 -38.86 23.12
N ILE E 335 -24.55 -39.60 22.42
CA ILE E 335 -24.29 -39.41 20.96
C ILE E 335 -25.62 -39.50 20.22
N GLU E 336 -26.45 -40.47 20.59
CA GLU E 336 -27.78 -40.66 19.95
C GLU E 336 -28.68 -39.45 20.19
N MET E 337 -28.86 -39.05 21.46
CA MET E 337 -29.71 -37.90 21.85
C MET E 337 -29.27 -36.70 21.01
N ILE E 338 -27.95 -36.56 20.78
CA ILE E 338 -27.38 -35.43 19.97
C ILE E 338 -27.76 -35.64 18.51
N ARG E 339 -27.52 -36.84 17.95
CA ARG E 339 -27.85 -37.23 16.53
C ARG E 339 -29.32 -36.86 16.23
N ASP E 340 -30.26 -37.44 16.97
CA ASP E 340 -31.72 -37.33 16.73
C ASP E 340 -32.16 -35.86 16.80
N ALA E 341 -31.67 -35.12 17.80
CA ALA E 341 -32.04 -33.71 18.04
C ALA E 341 -31.57 -32.84 16.87
N TYR E 342 -30.34 -33.05 16.38
CA TYR E 342 -29.73 -32.19 15.32
C TYR E 342 -30.22 -32.64 13.92
N LEU E 343 -30.37 -33.96 13.65
CA LEU E 343 -30.85 -34.46 12.32
C LEU E 343 -32.33 -34.05 12.08
N GLN E 344 -32.99 -33.33 12.97
CA GLN E 344 -34.37 -32.83 12.69
C GLN E 344 -34.31 -31.47 11.98
N ILE E 345 -33.13 -30.84 11.88
CA ILE E 345 -32.92 -29.70 10.93
C ILE E 345 -32.81 -30.34 9.56
N PRO E 346 -33.70 -30.01 8.58
CA PRO E 346 -33.69 -30.68 7.28
C PRO E 346 -32.34 -30.47 6.57
N GLY E 347 -31.75 -31.56 6.06
CA GLY E 347 -30.48 -31.51 5.29
C GLY E 347 -29.24 -31.60 6.16
N ALA E 348 -29.40 -31.79 7.47
CA ALA E 348 -28.27 -32.04 8.41
C ALA E 348 -27.66 -33.40 8.07
N ARG E 349 -26.41 -33.60 8.45
CA ARG E 349 -25.60 -34.81 8.14
C ARG E 349 -24.60 -34.95 9.28
N PHE E 350 -24.66 -36.05 10.02
CA PHE E 350 -23.88 -36.28 11.26
C PHE E 350 -22.71 -37.20 10.92
N GLU E 351 -21.56 -37.02 11.58
CA GLU E 351 -20.40 -37.96 11.50
C GLU E 351 -19.76 -38.06 12.88
N THR E 352 -18.99 -39.13 13.08
CA THR E 352 -18.14 -39.42 14.27
C THR E 352 -16.69 -39.50 13.78
N ASN E 353 -15.71 -39.48 14.70
CA ASN E 353 -14.27 -39.65 14.38
C ASN E 353 -13.95 -41.13 14.12
N GLU E 354 -14.96 -42.00 14.26
CA GLU E 354 -14.91 -43.44 13.89
C GLU E 354 -15.53 -43.66 12.49
N THR E 355 -16.64 -42.98 12.18
CA THR E 355 -17.34 -43.06 10.87
C THR E 355 -16.66 -42.16 9.83
N LEU E 356 -15.87 -41.17 10.26
CA LEU E 356 -15.08 -40.27 9.37
C LEU E 356 -13.67 -40.18 9.95
N PRO E 357 -12.90 -41.30 9.96
CA PRO E 357 -11.58 -41.30 10.57
C PRO E 357 -10.62 -40.47 9.70
N LEU E 358 -9.45 -40.15 10.24
CA LEU E 358 -8.42 -39.31 9.57
C LEU E 358 -7.88 -40.06 8.34
N ARG E 359 -8.00 -39.48 7.14
CA ARG E 359 -7.38 -39.99 5.87
C ARG E 359 -6.62 -38.87 5.14
N GLU E 360 -5.53 -39.27 4.46
CA GLU E 360 -4.85 -38.55 3.34
C GLU E 360 -5.91 -37.92 2.43
N GLY E 361 -5.77 -36.62 2.10
CA GLY E 361 -6.51 -35.91 1.05
C GLY E 361 -7.92 -35.51 1.47
N ASP E 362 -8.53 -36.29 2.36
CA ASP E 362 -9.93 -36.12 2.83
C ASP E 362 -9.95 -34.95 3.82
N ARG E 363 -10.22 -33.75 3.31
CA ARG E 363 -10.01 -32.51 4.08
C ARG E 363 -11.05 -32.43 5.21
N ALA E 364 -12.25 -32.98 5.01
CA ALA E 364 -13.34 -33.00 6.02
C ALA E 364 -12.95 -33.85 7.25
N SER E 365 -12.17 -34.91 7.05
CA SER E 365 -11.71 -35.84 8.13
C SER E 365 -10.59 -35.18 8.93
N GLU E 366 -9.81 -34.32 8.27
CA GLU E 366 -8.62 -33.64 8.84
C GLU E 366 -9.06 -32.67 9.92
N LEU E 367 -9.90 -31.70 9.56
CA LEU E 367 -10.45 -30.63 10.45
C LEU E 367 -11.35 -31.22 11.55
N LEU E 368 -11.88 -32.44 11.38
CA LEU E 368 -12.62 -33.17 12.46
C LEU E 368 -11.61 -33.76 13.45
N ASN E 369 -10.57 -34.41 12.95
CA ASN E 369 -9.52 -35.04 13.79
C ASN E 369 -8.91 -33.95 14.68
N ALA E 370 -8.65 -32.77 14.11
CA ALA E 370 -8.00 -31.60 14.76
C ALA E 370 -8.80 -31.17 15.99
N ARG E 371 -10.10 -30.96 15.82
CA ARG E 371 -11.04 -30.62 16.93
C ARG E 371 -11.07 -31.77 17.92
N HIS E 372 -11.15 -33.01 17.45
CA HIS E 372 -11.17 -34.23 18.29
C HIS E 372 -9.95 -34.23 19.22
N GLU E 373 -8.80 -33.80 18.70
CA GLU E 373 -7.52 -33.68 19.45
C GLU E 373 -7.65 -32.59 20.52
N LEU E 374 -8.14 -31.41 20.15
CA LEU E 374 -8.34 -30.27 21.08
C LEU E 374 -9.34 -30.65 22.16
N ASN E 375 -10.40 -31.38 21.81
CA ASN E 375 -11.48 -31.72 22.78
C ASN E 375 -10.99 -32.84 23.71
N THR E 376 -9.89 -33.50 23.36
CA THR E 376 -9.37 -34.69 24.10
C THR E 376 -8.05 -34.35 24.79
N GLY E 377 -7.72 -33.07 24.94
CA GLY E 377 -6.54 -32.60 25.69
C GLY E 377 -5.22 -32.91 24.98
N VAL E 378 -5.25 -32.98 23.63
CA VAL E 378 -4.04 -33.12 22.76
C VAL E 378 -3.80 -31.79 22.05
N PRO E 379 -2.82 -30.98 22.53
CA PRO E 379 -2.55 -29.69 21.91
C PRO E 379 -1.97 -29.91 20.52
N ASN E 380 -2.31 -29.04 19.57
CA ASN E 380 -1.82 -29.09 18.17
C ASN E 380 -1.74 -27.66 17.65
N ARG E 381 -1.23 -27.51 16.41
CA ARG E 381 -0.84 -26.23 15.79
C ARG E 381 -1.80 -25.95 14.62
N HIS E 382 -2.80 -26.83 14.44
CA HIS E 382 -3.56 -27.02 13.18
C HIS E 382 -4.37 -25.78 12.80
N SER E 383 -4.84 -24.98 13.76
CA SER E 383 -5.62 -23.74 13.46
C SER E 383 -4.71 -22.65 12.90
N ALA E 384 -3.37 -22.84 13.00
CA ALA E 384 -2.35 -21.89 12.50
C ALA E 384 -2.42 -21.76 10.98
N ALA E 385 -3.01 -22.74 10.30
CA ALA E 385 -3.10 -22.78 8.82
C ALA E 385 -3.76 -21.50 8.28
N VAL E 386 -4.62 -20.83 9.07
CA VAL E 386 -5.39 -19.62 8.65
C VAL E 386 -4.44 -18.48 8.28
N PHE E 387 -3.18 -18.52 8.71
CA PHE E 387 -2.13 -17.57 8.28
C PHE E 387 -1.85 -17.75 6.78
N ASP E 388 -2.24 -18.92 6.23
CA ASP E 388 -2.01 -19.32 4.82
C ASP E 388 -3.25 -19.04 3.96
N TRP E 389 -4.35 -18.57 4.53
CA TRP E 389 -5.52 -18.13 3.72
C TRP E 389 -4.98 -17.28 2.57
N PHE E 390 -4.10 -16.34 2.89
CA PHE E 390 -3.28 -15.61 1.90
C PHE E 390 -1.99 -15.18 2.60
N PRO E 391 -0.93 -14.81 1.85
CA PRO E 391 0.31 -14.30 2.44
C PRO E 391 0.10 -13.15 3.46
N ASN E 392 0.61 -13.33 4.68
CA ASN E 392 0.57 -12.33 5.79
C ASN E 392 -0.84 -12.19 6.37
N ALA E 393 -1.67 -13.23 6.28
CA ALA E 393 -3.03 -13.24 6.85
C ALA E 393 -2.92 -13.27 8.39
N GLY E 394 -3.46 -12.27 9.06
CA GLY E 394 -3.54 -12.22 10.52
C GLY E 394 -4.94 -11.87 10.94
N HIS E 395 -5.22 -11.85 12.24
CA HIS E 395 -6.57 -11.57 12.79
C HIS E 395 -6.53 -10.50 13.87
N PHE E 396 -7.71 -10.09 14.31
CA PHE E 396 -8.00 -8.88 15.14
C PHE E 396 -9.43 -8.97 15.70
N PHE E 397 -9.61 -9.74 16.79
CA PHE E 397 -10.90 -10.33 17.22
C PHE E 397 -11.93 -9.27 17.65
N TYR E 398 -13.16 -9.45 17.17
CA TYR E 398 -14.41 -8.88 17.72
C TYR E 398 -15.21 -10.04 18.35
N ALA E 399 -15.32 -10.07 19.69
CA ALA E 399 -15.82 -11.25 20.45
C ALA E 399 -16.87 -10.83 21.46
N PRO E 400 -18.12 -10.51 21.04
CA PRO E 400 -19.20 -10.22 21.98
C PRO E 400 -19.79 -11.46 22.68
N VAL E 401 -20.40 -11.24 23.85
CA VAL E 401 -21.14 -12.27 24.63
C VAL E 401 -22.61 -11.87 24.66
N SER E 402 -23.51 -12.86 24.57
CA SER E 402 -24.98 -12.65 24.48
C SER E 402 -25.74 -13.87 25.02
N ALA E 403 -27.04 -13.69 25.24
CA ALA E 403 -28.00 -14.77 25.57
C ALA E 403 -28.07 -15.74 24.38
N PRO E 404 -27.87 -17.07 24.58
CA PRO E 404 -27.74 -18.01 23.48
C PRO E 404 -29.11 -18.29 22.83
N SER E 405 -29.36 -17.62 21.71
CA SER E 405 -30.66 -17.62 20.99
C SER E 405 -30.39 -17.78 19.50
N GLY E 406 -31.20 -18.57 18.80
CA GLY E 406 -31.19 -18.57 17.32
C GLY E 406 -31.38 -17.16 16.83
N GLU E 407 -32.26 -16.43 17.52
CA GLU E 407 -32.64 -15.01 17.25
C GLU E 407 -31.41 -14.12 17.48
N ASP E 408 -30.53 -14.51 18.41
CA ASP E 408 -29.27 -13.78 18.71
C ASP E 408 -28.25 -14.05 17.60
N ALA E 409 -27.97 -15.32 17.30
CA ALA E 409 -26.91 -15.74 16.34
C ALA E 409 -27.15 -15.06 14.99
N ALA E 410 -28.38 -15.04 14.48
CA ALA E 410 -28.71 -14.52 13.12
C ALA E 410 -28.64 -12.98 13.11
N LYS E 411 -29.09 -12.30 14.16
CA LYS E 411 -28.87 -10.83 14.28
C LYS E 411 -27.38 -10.55 14.06
N GLN E 412 -26.51 -11.35 14.70
CA GLN E 412 -25.07 -11.05 14.81
C GLN E 412 -24.34 -11.38 13.50
N TYR E 413 -24.53 -12.58 12.96
CA TYR E 413 -23.87 -13.05 11.72
C TYR E 413 -24.12 -12.04 10.60
N GLU E 414 -25.38 -11.69 10.40
CA GLU E 414 -25.93 -10.93 9.24
C GLU E 414 -25.45 -9.47 9.35
N ASP E 415 -25.23 -8.98 10.58
CA ASP E 415 -24.69 -7.62 10.86
C ASP E 415 -23.17 -7.60 10.60
N THR E 416 -22.45 -8.58 11.13
CA THR E 416 -20.98 -8.70 10.96
C THR E 416 -20.66 -9.00 9.50
N LYS E 417 -21.47 -9.82 8.82
CA LYS E 417 -21.27 -10.19 7.40
C LYS E 417 -21.37 -8.92 6.52
N ARG E 418 -22.39 -8.08 6.70
CA ARG E 418 -22.64 -6.91 5.81
C ARG E 418 -21.59 -5.82 6.08
N ILE E 419 -21.15 -5.65 7.32
CA ILE E 419 -20.12 -4.62 7.69
C ILE E 419 -18.73 -5.12 7.27
N SER E 420 -18.41 -6.41 7.47
CA SER E 420 -17.11 -7.01 7.04
C SER E 420 -17.00 -6.95 5.51
N ASP E 421 -18.09 -7.18 4.79
CA ASP E 421 -18.16 -7.04 3.30
C ASP E 421 -17.98 -5.57 2.89
N ASP E 422 -18.54 -4.63 3.67
CA ASP E 422 -18.36 -3.17 3.43
C ASP E 422 -16.87 -2.81 3.44
N HIS E 423 -16.04 -3.51 4.21
CA HIS E 423 -14.59 -3.18 4.34
C HIS E 423 -13.74 -4.22 3.60
N GLY E 424 -14.38 -5.15 2.88
CA GLY E 424 -13.73 -6.16 2.03
C GLY E 424 -12.85 -7.13 2.82
N ILE E 425 -13.16 -7.35 4.10
CA ILE E 425 -12.38 -8.19 5.02
C ILE E 425 -13.09 -9.53 5.17
N ASP E 426 -12.36 -10.64 5.07
CA ASP E 426 -12.93 -11.99 5.25
C ASP E 426 -13.38 -12.14 6.71
N TYR E 427 -14.51 -12.83 6.89
CA TYR E 427 -15.25 -12.99 8.16
C TYR E 427 -15.33 -14.48 8.49
N LEU E 428 -14.44 -14.93 9.36
CA LEU E 428 -14.44 -16.29 9.96
C LEU E 428 -15.25 -16.25 11.26
N ALA E 429 -16.25 -17.10 11.36
CA ALA E 429 -17.29 -17.01 12.41
C ALA E 429 -17.26 -18.27 13.25
N GLN E 430 -17.28 -18.11 14.57
CA GLN E 430 -17.50 -19.21 15.54
C GLN E 430 -18.35 -18.73 16.71
N PHE E 431 -19.55 -19.27 16.81
CA PHE E 431 -20.37 -19.23 18.05
C PHE E 431 -19.97 -20.44 18.90
N ILE E 432 -19.85 -20.22 20.21
CA ILE E 432 -19.68 -21.29 21.23
C ILE E 432 -20.81 -21.16 22.23
N ILE E 433 -21.60 -22.21 22.43
CA ILE E 433 -22.61 -22.20 23.53
C ILE E 433 -21.94 -22.70 24.80
N GLY E 434 -21.84 -21.84 25.82
CA GLY E 434 -21.20 -22.17 27.11
C GLY E 434 -22.07 -23.12 27.91
N LEU E 435 -23.22 -22.62 28.35
CA LEU E 435 -24.13 -23.30 29.30
C LEU E 435 -25.39 -22.42 29.38
N ARG E 436 -25.21 -21.15 29.72
CA ARG E 436 -26.30 -20.14 29.66
C ARG E 436 -25.88 -18.94 28.80
N GLU E 437 -24.68 -18.98 28.22
CA GLU E 437 -24.10 -17.81 27.52
C GLU E 437 -23.46 -18.23 26.20
N MET E 438 -23.46 -17.29 25.26
CA MET E 438 -22.95 -17.47 23.88
C MET E 438 -21.82 -16.47 23.64
N HIS E 439 -20.64 -16.97 23.28
CA HIS E 439 -19.54 -16.21 22.65
C HIS E 439 -19.73 -16.20 21.14
N HIS E 440 -19.73 -15.02 20.53
CA HIS E 440 -19.52 -14.81 19.08
C HIS E 440 -18.05 -14.42 18.86
N ILE E 441 -17.25 -15.29 18.24
CA ILE E 441 -15.86 -15.00 17.82
C ILE E 441 -15.88 -14.62 16.34
N CYS E 442 -15.79 -13.33 16.03
CA CYS E 442 -15.55 -12.82 14.65
C CYS E 442 -14.03 -12.77 14.45
N LEU E 443 -13.49 -13.69 13.65
CA LEU E 443 -12.05 -13.76 13.32
C LEU E 443 -11.85 -13.16 11.93
N PRO E 444 -11.54 -11.86 11.78
CA PRO E 444 -11.30 -11.29 10.46
C PRO E 444 -9.89 -11.70 10.03
N LEU E 445 -9.68 -11.92 8.74
CA LEU E 445 -8.34 -12.13 8.14
C LEU E 445 -8.03 -10.92 7.24
N TYR E 446 -7.03 -10.14 7.65
CA TYR E 446 -6.44 -9.02 6.87
C TYR E 446 -4.96 -9.28 6.59
N ASP E 447 -4.43 -8.46 5.69
CA ASP E 447 -3.00 -8.39 5.34
C ASP E 447 -2.30 -7.53 6.40
N THR E 448 -1.59 -8.19 7.32
CA THR E 448 -0.87 -7.54 8.45
C THR E 448 0.25 -6.63 7.92
N ALA E 449 0.68 -6.85 6.67
CA ALA E 449 1.80 -6.13 6.02
C ALA E 449 1.29 -5.01 5.12
N ASP E 450 -0.03 -4.75 5.07
CA ASP E 450 -0.62 -3.71 4.19
C ASP E 450 -1.31 -2.66 5.04
N PRO E 451 -0.78 -1.41 5.08
CA PRO E 451 -1.44 -0.30 5.77
C PRO E 451 -2.91 -0.03 5.39
N ALA E 452 -3.30 -0.27 4.14
CA ALA E 452 -4.70 -0.07 3.68
C ALA E 452 -5.63 -1.04 4.42
N SER E 453 -5.29 -2.34 4.46
CA SER E 453 -6.13 -3.39 5.10
C SER E 453 -6.07 -3.27 6.64
N ARG E 454 -4.98 -2.73 7.21
CA ARG E 454 -4.95 -2.40 8.66
C ARG E 454 -6.08 -1.41 8.94
N LYS E 455 -6.08 -0.26 8.25
CA LYS E 455 -7.11 0.80 8.43
C LYS E 455 -8.53 0.24 8.18
N GLU E 456 -8.72 -0.62 7.18
CA GLU E 456 -10.06 -1.21 6.88
C GLU E 456 -10.51 -2.06 8.06
N THR E 457 -9.63 -2.89 8.62
CA THR E 457 -9.95 -3.85 9.71
C THR E 457 -10.22 -3.09 11.01
N LEU E 458 -9.38 -2.11 11.36
CA LEU E 458 -9.62 -1.23 12.54
C LEU E 458 -10.98 -0.55 12.38
N ASP E 459 -11.23 0.10 11.25
CA ASP E 459 -12.50 0.81 10.98
C ASP E 459 -13.69 -0.15 11.01
N MET E 460 -13.53 -1.36 10.49
CA MET E 460 -14.58 -2.40 10.54
C MET E 460 -14.81 -2.76 12.02
N THR E 461 -13.74 -3.15 12.73
CA THR E 461 -13.84 -3.69 14.10
C THR E 461 -14.35 -2.60 15.06
N ARG E 462 -14.07 -1.33 14.79
CA ARG E 462 -14.62 -0.20 15.58
C ARG E 462 -16.11 0.01 15.31
N GLU E 463 -16.60 -0.41 14.14
CA GLU E 463 -18.02 -0.22 13.73
C GLU E 463 -18.82 -1.44 14.16
N LEU E 464 -18.19 -2.62 14.27
CA LEU E 464 -18.83 -3.82 14.87
C LEU E 464 -19.12 -3.53 16.35
N ILE E 465 -18.24 -2.79 17.02
CA ILE E 465 -18.33 -2.52 18.48
C ILE E 465 -19.55 -1.62 18.70
N ARG E 466 -19.72 -0.59 17.85
CA ARG E 466 -20.85 0.39 17.91
C ARG E 466 -22.16 -0.37 17.64
N ALA E 467 -22.15 -1.37 16.77
CA ALA E 467 -23.34 -2.17 16.41
C ALA E 467 -23.72 -3.12 17.56
N GLY E 468 -22.79 -3.95 18.04
CA GLY E 468 -22.95 -4.77 19.25
C GLY E 468 -23.51 -3.96 20.42
N ALA E 469 -23.04 -2.73 20.59
CA ALA E 469 -23.42 -1.83 21.70
C ALA E 469 -24.95 -1.73 21.83
N GLU E 470 -25.72 -1.47 20.76
CA GLU E 470 -27.17 -1.39 20.97
C GLU E 470 -27.93 -2.64 20.52
N GLU E 471 -27.24 -3.66 20.02
CA GLU E 471 -27.81 -5.03 19.96
C GLU E 471 -27.85 -5.51 21.43
N GLY E 472 -27.03 -4.90 22.30
CA GLY E 472 -26.95 -5.17 23.75
C GLY E 472 -25.85 -6.16 24.08
N TYR E 473 -24.81 -6.30 23.24
CA TYR E 473 -23.73 -7.32 23.38
C TYR E 473 -22.39 -6.67 23.71
N GLY E 474 -21.80 -7.09 24.82
CA GLY E 474 -20.52 -6.56 25.31
C GLY E 474 -19.36 -7.45 24.91
N ILE E 475 -18.23 -6.83 24.58
CA ILE E 475 -16.92 -7.52 24.35
C ILE E 475 -16.35 -7.84 25.73
N TYR E 476 -15.79 -9.03 25.91
CA TYR E 476 -15.13 -9.46 27.18
C TYR E 476 -13.62 -9.49 27.01
N ARG E 477 -13.12 -9.25 25.80
CA ARG E 477 -11.68 -9.33 25.45
C ARG E 477 -11.42 -8.51 24.19
N ALA E 478 -10.47 -7.58 24.25
CA ALA E 478 -10.23 -6.61 23.16
C ALA E 478 -8.74 -6.35 23.01
N HIS E 479 -8.33 -6.04 21.80
CA HIS E 479 -6.95 -5.60 21.45
C HIS E 479 -6.66 -4.30 22.21
N ASN E 480 -5.38 -4.01 22.39
CA ASN E 480 -4.88 -2.76 23.00
C ASN E 480 -5.56 -1.55 22.35
N VAL E 481 -5.76 -1.56 21.04
CA VAL E 481 -6.28 -0.39 20.28
C VAL E 481 -7.77 -0.23 20.57
N LEU E 482 -8.46 -1.31 20.93
CA LEU E 482 -9.93 -1.30 21.16
C LEU E 482 -10.23 -1.01 22.63
N ALA E 483 -9.25 -1.15 23.54
CA ALA E 483 -9.47 -1.07 25.00
C ALA E 483 -10.38 0.11 25.36
N ASP E 484 -10.00 1.36 25.07
CA ASP E 484 -10.73 2.58 25.52
C ASP E 484 -12.16 2.61 24.95
N GLN E 485 -12.38 2.11 23.72
CA GLN E 485 -13.71 2.11 23.06
C GLN E 485 -14.63 1.08 23.73
N VAL E 486 -14.14 -0.15 23.92
CA VAL E 486 -14.91 -1.26 24.56
C VAL E 486 -15.16 -0.92 26.04
N ALA E 487 -14.17 -0.36 26.74
CA ALA E 487 -14.32 0.11 28.14
C ALA E 487 -15.46 1.12 28.22
N GLU E 488 -15.63 1.97 27.21
CA GLU E 488 -16.68 3.03 27.21
C GLU E 488 -18.07 2.41 27.23
N THR E 489 -18.27 1.24 26.60
CA THR E 489 -19.61 0.65 26.32
C THR E 489 -20.27 0.20 27.63
N TYR E 490 -19.50 -0.12 28.67
CA TYR E 490 -20.00 -0.50 30.02
C TYR E 490 -20.32 0.78 30.79
N SER E 491 -21.28 1.55 30.27
CA SER E 491 -21.47 3.01 30.52
C SER E 491 -22.37 3.26 31.74
N PHE E 492 -23.00 2.21 32.28
CA PHE E 492 -23.99 2.30 33.39
C PHE E 492 -23.45 3.19 34.51
N ASN E 493 -24.24 4.19 34.92
CA ASN E 493 -23.95 5.08 36.06
C ASN E 493 -22.60 5.75 35.87
N ASN E 494 -22.36 6.35 34.70
CA ASN E 494 -21.10 7.08 34.38
C ASN E 494 -19.91 6.15 34.58
N HIS E 495 -19.93 4.99 33.90
CA HIS E 495 -18.79 4.04 33.80
C HIS E 495 -18.29 3.67 35.20
N ILE E 496 -19.22 3.33 36.10
CA ILE E 496 -18.90 2.97 37.51
C ILE E 496 -17.95 1.75 37.53
N GLN E 497 -18.02 0.88 36.52
CA GLN E 497 -17.10 -0.29 36.43
C GLN E 497 -15.66 0.22 36.27
N ARG E 498 -15.44 1.10 35.29
CA ARG E 498 -14.11 1.68 34.96
C ARG E 498 -13.59 2.46 36.18
N ARG E 499 -14.36 3.43 36.70
CA ARG E 499 -13.95 4.25 37.87
C ARG E 499 -13.61 3.35 39.06
N SER E 500 -14.35 2.25 39.26
CA SER E 500 -14.14 1.26 40.36
C SER E 500 -12.84 0.49 40.08
N HIS E 501 -12.62 0.05 38.84
CA HIS E 501 -11.35 -0.61 38.44
C HIS E 501 -10.18 0.36 38.70
N GLU E 502 -10.41 1.66 38.46
CA GLU E 502 -9.37 2.71 38.62
C GLU E 502 -9.05 2.94 40.10
N ARG E 503 -10.07 3.07 40.96
CA ARG E 503 -9.91 3.20 42.43
C ARG E 503 -9.04 2.05 42.95
N ILE E 504 -9.32 0.82 42.51
CA ILE E 504 -8.55 -0.39 42.95
C ILE E 504 -7.10 -0.24 42.46
N LYS E 505 -6.93 0.08 41.17
CA LYS E 505 -5.62 0.28 40.51
C LYS E 505 -4.74 1.21 41.37
N ASP E 506 -5.31 2.33 41.82
CA ASP E 506 -4.60 3.40 42.58
C ASP E 506 -4.23 2.91 43.98
N ALA E 507 -5.03 2.03 44.58
CA ALA E 507 -4.72 1.39 45.88
C ALA E 507 -3.50 0.46 45.72
N LEU E 508 -3.48 -0.40 44.69
CA LEU E 508 -2.48 -1.49 44.54
C LEU E 508 -1.29 -1.05 43.70
N ASP E 509 -1.37 0.07 42.98
CA ASP E 509 -0.25 0.56 42.13
C ASP E 509 -0.22 2.09 42.18
N PRO E 510 0.14 2.69 43.34
CA PRO E 510 0.06 4.13 43.53
C PRO E 510 0.95 4.98 42.61
N ASN E 511 1.97 4.38 42.00
CA ASN E 511 2.86 5.10 41.05
C ASN E 511 2.37 4.95 39.61
N GLY E 512 1.52 3.95 39.33
CA GLY E 512 0.98 3.68 37.98
C GLY E 512 2.00 2.99 37.07
N ILE E 513 2.84 2.13 37.63
CA ILE E 513 3.93 1.41 36.89
C ILE E 513 3.35 0.43 35.87
N LEU E 514 2.48 -0.50 36.29
CA LEU E 514 2.07 -1.67 35.47
C LEU E 514 1.15 -1.25 34.33
N ASN E 515 1.62 -1.47 33.08
CA ASN E 515 0.92 -1.43 31.77
C ASN E 515 -0.28 -0.49 31.80
N PRO E 516 -0.07 0.81 32.10
CA PRO E 516 -1.18 1.76 32.16
C PRO E 516 -2.19 1.65 31.00
N GLY E 517 -3.49 1.51 31.33
CA GLY E 517 -4.58 1.61 30.35
C GLY E 517 -5.10 0.24 29.88
N LYS E 518 -4.50 -0.87 30.33
CA LYS E 518 -4.99 -2.24 30.04
C LYS E 518 -6.49 -2.31 30.37
N SER E 519 -7.31 -2.76 29.42
CA SER E 519 -8.79 -2.92 29.57
C SER E 519 -9.46 -1.57 29.90
N GLY E 520 -8.81 -0.44 29.58
CA GLY E 520 -9.30 0.93 29.84
C GLY E 520 -8.98 1.44 31.25
N ILE E 521 -8.12 0.77 32.01
CA ILE E 521 -7.82 1.11 33.43
C ILE E 521 -6.51 1.92 33.47
N TRP E 522 -6.64 3.24 33.54
CA TRP E 522 -5.50 4.20 33.63
C TRP E 522 -5.20 4.53 35.08
N PRO E 523 -3.92 4.67 35.47
CA PRO E 523 -3.56 5.09 36.82
C PRO E 523 -3.78 6.60 36.91
N GLU E 524 -3.78 7.17 38.12
CA GLU E 524 -4.25 8.55 38.39
C GLU E 524 -3.49 9.56 37.53
N ARG E 525 -2.16 9.49 37.53
CA ARG E 525 -1.26 10.52 36.95
C ARG E 525 -1.33 10.54 35.41
N LEU E 526 -2.15 9.68 34.77
CA LEU E 526 -2.35 9.70 33.29
C LEU E 526 -3.69 10.34 32.93
N ARG E 527 -4.26 11.18 33.81
CA ARG E 527 -5.40 12.08 33.47
C ARG E 527 -4.95 13.54 33.62
N PHE F 3 -29.91 5.71 74.36
CA PHE F 3 -29.29 4.78 73.36
C PHE F 3 -28.59 3.63 74.08
N ARG F 4 -28.84 2.40 73.61
CA ARG F 4 -28.40 1.13 74.25
C ARG F 4 -26.88 1.01 74.14
N THR F 5 -26.29 1.43 73.03
CA THR F 5 -24.82 1.50 72.83
C THR F 5 -24.50 2.69 71.92
N LEU F 6 -23.23 3.04 71.82
CA LEU F 6 -22.75 4.05 70.84
C LEU F 6 -21.43 3.57 70.27
N PRO F 7 -21.16 3.83 68.98
CA PRO F 7 -19.85 3.53 68.41
C PRO F 7 -18.74 4.32 69.12
N ASP F 8 -17.48 3.88 69.00
CA ASP F 8 -16.32 4.56 69.64
C ASP F 8 -16.08 5.88 68.89
N GLY F 9 -15.75 6.94 69.61
CA GLY F 9 -15.57 8.31 69.07
C GLY F 9 -16.89 9.04 68.89
N VAL F 10 -17.98 8.46 69.37
CA VAL F 10 -19.38 8.82 68.98
C VAL F 10 -20.18 9.19 70.22
N SER F 11 -20.72 10.41 70.24
CA SER F 11 -21.50 10.97 71.37
C SER F 11 -22.98 10.85 71.07
N ALA F 12 -23.80 10.73 72.14
CA ALA F 12 -25.28 10.65 72.10
C ALA F 12 -25.85 11.76 71.22
N GLU F 13 -25.15 12.88 71.13
CA GLU F 13 -25.63 14.07 70.42
C GLU F 13 -25.53 13.91 68.90
N GLN F 14 -24.38 13.43 68.41
CA GLN F 14 -24.12 13.24 66.95
C GLN F 14 -24.98 12.07 66.46
N PHE F 15 -25.04 10.99 67.23
CA PHE F 15 -25.89 9.82 66.91
C PHE F 15 -27.34 10.31 66.68
N ALA F 16 -27.86 11.08 67.64
CA ALA F 16 -29.27 11.56 67.66
C ALA F 16 -29.52 12.38 66.39
N ASN F 17 -28.58 13.25 66.00
CA ASN F 17 -28.71 14.07 64.76
C ASN F 17 -28.72 13.16 63.54
N ALA F 18 -27.86 12.14 63.53
CA ALA F 18 -27.80 11.12 62.46
C ALA F 18 -29.11 10.34 62.40
N ILE F 19 -29.52 9.76 63.54
CA ILE F 19 -30.78 8.96 63.68
C ILE F 19 -31.95 9.81 63.16
N SER F 20 -32.03 11.07 63.60
CA SER F 20 -33.10 11.98 63.15
C SER F 20 -33.11 11.97 61.61
N GLU F 21 -31.93 12.04 60.98
CA GLU F 21 -31.77 12.13 59.49
C GLU F 21 -32.15 10.79 58.83
N PHE F 22 -31.91 9.66 59.48
CA PHE F 22 -32.41 8.35 58.98
C PHE F 22 -33.94 8.39 58.97
N SER F 23 -34.56 8.96 60.01
CA SER F 23 -36.04 9.08 60.17
C SER F 23 -36.59 10.09 59.16
N GLU F 24 -35.85 11.18 58.94
CA GLU F 24 -36.17 12.30 58.02
C GLU F 24 -36.45 11.76 56.62
N THR F 25 -35.69 10.74 56.18
CA THR F 25 -35.50 10.34 54.76
C THR F 25 -36.11 8.96 54.46
N ILE F 26 -36.07 8.03 55.42
CA ILE F 26 -36.49 6.61 55.22
C ILE F 26 -37.92 6.43 55.73
N GLY F 27 -38.29 7.18 56.78
CA GLY F 27 -39.56 7.04 57.52
C GLY F 27 -39.30 6.65 58.95
N SER F 28 -40.05 7.21 59.91
CA SER F 28 -39.80 7.02 61.36
C SER F 28 -40.05 5.56 61.73
N GLU F 29 -41.10 4.95 61.14
CA GLU F 29 -41.46 3.52 61.39
C GLU F 29 -40.36 2.57 60.93
N TYR F 30 -39.33 3.04 60.21
CA TYR F 30 -38.25 2.17 59.65
C TYR F 30 -36.92 2.38 60.36
N VAL F 31 -36.87 3.23 61.39
CA VAL F 31 -35.60 3.48 62.15
C VAL F 31 -35.88 3.24 63.63
N ARG F 32 -35.37 2.14 64.16
CA ARG F 32 -35.70 1.67 65.53
C ARG F 32 -34.43 1.74 66.40
N VAL F 33 -34.52 2.40 67.54
CA VAL F 33 -33.41 2.48 68.54
C VAL F 33 -33.86 1.92 69.89
N ASP F 34 -35.09 1.41 69.99
CA ASP F 34 -35.67 0.86 71.25
C ASP F 34 -34.99 -0.47 71.61
N GLU F 35 -34.74 -0.69 72.91
CA GLU F 35 -34.00 -1.86 73.43
C GLU F 35 -34.70 -3.15 72.96
N ALA F 36 -36.03 -3.20 72.98
CA ALA F 36 -36.83 -4.41 72.64
C ALA F 36 -36.57 -4.84 71.19
N THR F 37 -36.69 -3.94 70.20
CA THR F 37 -36.48 -4.29 68.77
C THR F 37 -35.00 -4.57 68.49
N VAL F 38 -34.08 -3.70 68.90
CA VAL F 38 -32.64 -3.79 68.50
C VAL F 38 -32.01 -5.05 69.12
N SER F 39 -32.43 -5.43 70.34
CA SER F 39 -31.88 -6.60 71.06
C SER F 39 -32.16 -7.87 70.25
N GLU F 40 -33.29 -7.91 69.52
CA GLU F 40 -33.64 -9.04 68.62
C GLU F 40 -32.44 -9.37 67.73
N TYR F 41 -31.66 -8.35 67.34
CA TYR F 41 -30.52 -8.46 66.40
C TYR F 41 -29.18 -8.72 67.11
N ASP F 42 -29.15 -8.87 68.44
CA ASP F 42 -27.93 -9.34 69.12
C ASP F 42 -27.69 -10.79 68.72
N ASP F 43 -26.42 -11.21 68.70
CA ASP F 43 -26.01 -12.57 68.28
C ASP F 43 -26.80 -13.54 69.15
N LYS F 44 -27.56 -14.46 68.53
CA LYS F 44 -28.35 -15.50 69.20
C LYS F 44 -27.41 -16.46 69.92
N PHE F 45 -26.22 -16.70 69.36
CA PHE F 45 -25.21 -17.65 69.92
C PHE F 45 -23.98 -16.89 70.37
N PRO F 46 -24.08 -16.05 71.44
CA PRO F 46 -22.95 -15.25 71.87
C PRO F 46 -21.98 -16.16 72.65
N VAL F 47 -20.72 -15.72 72.69
CA VAL F 47 -19.61 -16.37 73.43
C VAL F 47 -18.91 -15.32 74.31
N THR F 48 -19.44 -14.09 74.33
CA THR F 48 -19.00 -12.97 75.21
C THR F 48 -20.18 -12.60 76.11
N ASP F 49 -19.95 -11.75 77.12
CA ASP F 49 -20.92 -11.45 78.20
C ASP F 49 -21.38 -9.98 78.14
N GLY F 50 -20.58 -9.04 77.63
CA GLY F 50 -20.77 -7.59 77.85
C GLY F 50 -21.44 -6.85 76.70
N ASP F 51 -20.81 -5.78 76.21
CA ASP F 51 -21.34 -4.92 75.12
C ASP F 51 -20.72 -5.31 73.78
N GLU F 52 -19.85 -6.32 73.74
CA GLU F 52 -19.15 -6.71 72.49
C GLU F 52 -20.22 -7.07 71.45
N PHE F 53 -20.11 -6.50 70.26
CA PHE F 53 -20.90 -6.90 69.07
C PHE F 53 -22.38 -6.58 69.29
N LYS F 54 -22.67 -5.49 70.02
CA LYS F 54 -24.05 -5.04 70.33
C LYS F 54 -24.38 -3.84 69.45
N GLY F 55 -25.22 -4.03 68.44
CA GLY F 55 -25.69 -2.94 67.56
C GLY F 55 -26.45 -1.87 68.33
N SER F 56 -26.43 -0.63 67.83
CA SER F 56 -27.04 0.55 68.49
C SER F 56 -28.47 0.74 68.00
N ALA F 57 -28.74 0.41 66.73
CA ALA F 57 -30.01 0.74 66.05
C ALA F 57 -30.21 -0.25 64.92
N VAL F 58 -31.41 -0.30 64.36
CA VAL F 58 -31.72 -1.14 63.18
C VAL F 58 -32.57 -0.32 62.21
N ILE F 59 -32.32 -0.51 60.92
CA ILE F 59 -33.01 0.23 59.84
C ILE F 59 -33.54 -0.80 58.84
N TRP F 60 -34.75 -0.56 58.35
CA TRP F 60 -35.47 -1.45 57.42
C TRP F 60 -35.69 -0.68 56.12
N PRO F 61 -34.65 -0.57 55.29
CA PRO F 61 -34.79 0.08 53.99
C PRO F 61 -35.73 -0.73 53.08
N GLY F 62 -36.43 -0.03 52.19
CA GLY F 62 -37.46 -0.61 51.32
C GLY F 62 -37.07 -0.55 49.84
N SER F 63 -35.86 -0.09 49.54
CA SER F 63 -35.36 0.01 48.15
C SER F 63 -33.86 0.30 48.16
N THR F 64 -33.24 0.11 47.00
CA THR F 64 -31.86 0.50 46.67
C THR F 64 -31.65 1.98 46.95
N GLU F 65 -32.66 2.81 46.70
CA GLU F 65 -32.58 4.29 46.89
C GLU F 65 -32.32 4.58 48.38
N ASP F 66 -33.07 3.91 49.26
CA ASP F 66 -32.99 4.07 50.73
C ASP F 66 -31.63 3.59 51.22
N VAL F 67 -31.06 2.55 50.59
CA VAL F 67 -29.71 2.04 50.99
C VAL F 67 -28.69 3.13 50.65
N GLN F 68 -28.75 3.65 49.42
CA GLN F 68 -27.88 4.76 48.92
C GLN F 68 -27.89 5.89 49.94
N VAL F 69 -29.09 6.38 50.28
CA VAL F 69 -29.25 7.57 51.16
C VAL F 69 -28.55 7.24 52.48
N ILE F 70 -28.87 6.09 53.08
CA ILE F 70 -28.31 5.66 54.39
C ILE F 70 -26.79 5.70 54.30
N VAL F 71 -26.22 5.17 53.22
CA VAL F 71 -24.75 5.17 53.03
C VAL F 71 -24.26 6.62 52.95
N ARG F 72 -24.97 7.51 52.26
CA ARG F 72 -24.54 8.94 52.18
C ARG F 72 -24.60 9.59 53.56
N ILE F 73 -25.70 9.40 54.29
CA ILE F 73 -25.88 9.85 55.71
C ILE F 73 -24.69 9.38 56.57
N ALA F 74 -24.40 8.07 56.57
CA ALA F 74 -23.34 7.44 57.39
C ALA F 74 -21.99 8.10 57.09
N ASN F 75 -21.65 8.31 55.81
CA ASN F 75 -20.40 9.00 55.42
C ASN F 75 -20.41 10.38 56.06
N LYS F 76 -21.50 11.12 55.84
CA LYS F 76 -21.62 12.51 56.35
C LYS F 76 -21.30 12.52 57.85
N TYR F 77 -21.81 11.56 58.64
CA TYR F 77 -21.74 11.55 60.14
C TYR F 77 -20.61 10.66 60.67
N GLY F 78 -19.94 9.88 59.80
CA GLY F 78 -18.90 8.93 60.22
C GLY F 78 -19.47 7.91 61.19
N ILE F 79 -20.54 7.22 60.76
CA ILE F 79 -21.26 6.21 61.57
C ILE F 79 -21.10 4.86 60.89
N PRO F 80 -20.47 3.86 61.55
CA PRO F 80 -20.29 2.55 60.96
C PRO F 80 -21.65 1.86 60.76
N LEU F 81 -21.78 1.10 59.66
CA LEU F 81 -22.97 0.29 59.27
C LEU F 81 -22.58 -1.19 59.21
N HIS F 82 -23.57 -2.07 59.34
CA HIS F 82 -23.44 -3.52 59.09
C HIS F 82 -24.70 -3.99 58.38
N ALA F 83 -24.61 -4.27 57.09
CA ALA F 83 -25.76 -4.63 56.24
C ALA F 83 -25.77 -6.14 56.08
N PHE F 84 -26.95 -6.75 56.30
CA PHE F 84 -27.17 -8.20 56.12
C PHE F 84 -28.49 -8.43 55.37
N SER F 85 -28.65 -9.66 54.89
CA SER F 85 -29.83 -10.12 54.12
C SER F 85 -30.85 -10.71 55.10
N GLY F 86 -30.55 -11.85 55.71
CA GLY F 86 -31.42 -12.51 56.70
C GLY F 86 -31.04 -12.20 58.15
N GLY F 87 -29.76 -11.95 58.41
CA GLY F 87 -29.23 -11.77 59.78
C GLY F 87 -29.27 -13.06 60.58
N ARG F 88 -29.35 -14.22 59.90
CA ARG F 88 -29.46 -15.56 60.56
C ARG F 88 -28.16 -16.34 60.32
N ASN F 89 -27.03 -15.65 60.38
CA ASN F 89 -25.66 -16.19 60.20
C ASN F 89 -25.20 -16.83 61.52
N LEU F 90 -25.94 -17.82 62.00
CA LEU F 90 -25.70 -18.45 63.31
C LEU F 90 -24.38 -19.24 63.25
N GLY F 91 -23.62 -19.25 64.34
CA GLY F 91 -22.30 -19.90 64.40
C GLY F 91 -21.19 -18.95 63.96
N TYR F 92 -21.56 -17.81 63.38
CA TYR F 92 -20.61 -16.77 62.90
C TYR F 92 -21.02 -15.35 63.36
N GLY F 93 -22.00 -15.20 64.25
CA GLY F 93 -22.36 -13.88 64.81
C GLY F 93 -23.78 -13.45 64.44
N GLY F 94 -24.50 -14.25 63.66
CA GLY F 94 -25.90 -13.97 63.29
C GLY F 94 -26.06 -12.62 62.61
N SER F 95 -26.66 -11.65 63.30
CA SER F 95 -26.88 -10.28 62.78
C SER F 95 -25.96 -9.29 63.52
N SER F 96 -25.18 -9.76 64.49
CA SER F 96 -24.28 -8.94 65.33
C SER F 96 -23.17 -8.31 64.49
N PRO F 97 -22.86 -7.00 64.69
CA PRO F 97 -21.80 -6.33 63.95
C PRO F 97 -20.43 -6.62 64.60
N MET F 98 -19.37 -6.17 63.92
CA MET F 98 -17.97 -6.34 64.41
C MET F 98 -17.70 -5.37 65.55
N LEU F 99 -18.20 -4.14 65.44
CA LEU F 99 -17.96 -3.02 66.41
C LEU F 99 -19.24 -2.72 67.19
N THR F 100 -19.09 -2.52 68.49
CA THR F 100 -20.16 -2.01 69.39
C THR F 100 -20.68 -0.67 68.87
N GLY F 101 -22.00 -0.51 68.84
CA GLY F 101 -22.68 0.76 68.50
C GLY F 101 -22.99 0.88 67.02
N THR F 102 -22.59 -0.13 66.23
CA THR F 102 -22.79 -0.11 64.76
C THR F 102 -24.29 -0.07 64.47
N VAL F 103 -24.72 0.77 63.52
CA VAL F 103 -26.12 0.79 63.00
C VAL F 103 -26.30 -0.38 62.03
N LEU F 104 -27.34 -1.18 62.25
CA LEU F 104 -27.65 -2.41 61.48
C LEU F 104 -28.66 -2.13 60.39
N LEU F 105 -28.36 -2.58 59.17
CA LEU F 105 -29.26 -2.57 57.99
C LEU F 105 -29.78 -3.99 57.79
N HIS F 106 -31.06 -4.21 58.09
CA HIS F 106 -31.73 -5.51 57.80
C HIS F 106 -32.50 -5.35 56.48
N LEU F 107 -31.84 -5.53 55.34
CA LEU F 107 -32.46 -5.31 54.00
C LEU F 107 -33.61 -6.31 53.82
N GLY F 108 -33.45 -7.52 54.38
CA GLY F 108 -34.36 -8.66 54.17
C GLY F 108 -35.78 -8.35 54.61
N LYS F 109 -35.97 -7.56 55.66
CA LYS F 109 -37.30 -7.34 56.26
C LYS F 109 -38.27 -6.82 55.19
N ARG F 110 -37.92 -5.79 54.41
CA ARG F 110 -38.85 -5.21 53.39
C ARG F 110 -38.45 -5.62 51.98
N MET F 111 -37.15 -5.67 51.67
CA MET F 111 -36.67 -6.09 50.33
C MET F 111 -36.57 -7.61 50.28
N ASN F 112 -37.65 -8.31 49.89
CA ASN F 112 -37.77 -9.79 50.01
C ASN F 112 -38.54 -10.42 48.84
N ARG F 113 -38.55 -9.76 47.69
CA ARG F 113 -39.31 -10.19 46.47
C ARG F 113 -38.40 -11.06 45.60
N VAL F 114 -38.94 -12.15 45.04
CA VAL F 114 -38.29 -12.86 43.91
C VAL F 114 -38.63 -12.06 42.65
N LEU F 115 -37.66 -11.42 42.00
CA LEU F 115 -37.91 -10.46 40.89
C LEU F 115 -38.12 -11.18 39.54
N GLU F 116 -37.61 -12.40 39.37
CA GLU F 116 -37.72 -13.12 38.06
C GLU F 116 -37.27 -14.59 38.21
N ILE F 117 -38.06 -15.49 37.64
CA ILE F 117 -37.65 -16.89 37.35
C ILE F 117 -37.66 -17.07 35.83
N ASN F 118 -36.51 -17.43 35.28
CA ASN F 118 -36.32 -17.64 33.83
C ASN F 118 -36.09 -19.13 33.63
N GLU F 119 -37.06 -19.83 33.05
CA GLU F 119 -36.92 -21.31 32.87
C GLU F 119 -35.93 -21.59 31.74
N LYS F 120 -36.08 -20.90 30.60
CA LYS F 120 -35.29 -21.14 29.36
C LYS F 120 -33.79 -21.10 29.71
N LEU F 121 -33.35 -20.09 30.47
CA LEU F 121 -31.92 -19.86 30.80
C LEU F 121 -31.59 -20.23 32.26
N ALA F 122 -32.56 -20.80 33.01
CA ALA F 122 -32.32 -21.52 34.27
C ALA F 122 -31.56 -20.63 35.26
N TYR F 123 -32.15 -19.49 35.59
CA TYR F 123 -31.65 -18.57 36.64
C TYR F 123 -32.83 -17.87 37.31
N ALA F 124 -32.63 -17.48 38.56
CA ALA F 124 -33.58 -16.63 39.32
C ALA F 124 -32.88 -15.33 39.64
N VAL F 125 -33.63 -14.29 39.97
CA VAL F 125 -33.09 -12.99 40.44
C VAL F 125 -33.84 -12.64 41.73
N VAL F 126 -33.10 -12.45 42.81
CA VAL F 126 -33.69 -12.32 44.17
C VAL F 126 -33.24 -11.01 44.81
N GLU F 127 -34.04 -10.55 45.78
CA GLU F 127 -33.70 -9.46 46.71
C GLU F 127 -33.21 -10.11 48.01
N PRO F 128 -32.58 -9.32 48.90
CA PRO F 128 -31.95 -9.86 50.11
C PRO F 128 -32.80 -10.76 51.00
N GLY F 129 -34.10 -10.49 51.10
CA GLY F 129 -35.00 -11.13 52.08
C GLY F 129 -35.39 -12.54 51.68
N VAL F 130 -35.20 -12.90 50.41
CA VAL F 130 -35.61 -14.23 49.88
C VAL F 130 -34.78 -15.32 50.54
N ASP F 131 -35.45 -16.19 51.31
CA ASP F 131 -34.84 -17.40 51.92
C ASP F 131 -35.16 -18.62 51.05
N TYR F 132 -34.43 -19.71 51.25
CA TYR F 132 -34.57 -20.96 50.48
C TYR F 132 -36.06 -21.35 50.41
N LYS F 133 -36.80 -21.32 51.52
CA LYS F 133 -38.25 -21.67 51.52
C LYS F 133 -38.95 -20.79 50.49
N THR F 134 -38.79 -19.47 50.54
CA THR F 134 -39.50 -18.52 49.63
C THR F 134 -39.12 -18.81 48.18
N LEU F 135 -37.82 -19.03 47.89
CA LEU F 135 -37.37 -19.28 46.49
C LEU F 135 -37.91 -20.63 45.99
N TYR F 136 -37.85 -21.66 46.83
CA TYR F 136 -38.44 -22.99 46.50
C TYR F 136 -39.90 -22.82 46.09
N GLU F 137 -40.68 -22.05 46.87
CA GLU F 137 -42.15 -21.94 46.70
C GLU F 137 -42.50 -21.09 45.48
N ALA F 138 -41.66 -20.12 45.11
CA ALA F 138 -41.88 -19.27 43.90
C ALA F 138 -41.60 -20.09 42.64
N VAL F 139 -40.58 -20.96 42.69
CA VAL F 139 -40.09 -21.77 41.52
C VAL F 139 -41.09 -22.89 41.23
N ARG F 140 -41.57 -23.59 42.26
CA ARG F 140 -42.59 -24.66 42.10
C ARG F 140 -43.88 -24.04 41.54
N ASP F 141 -44.28 -22.86 42.03
CA ASP F 141 -45.53 -22.17 41.63
C ASP F 141 -45.46 -21.66 40.19
N SER F 142 -44.26 -21.36 39.66
CA SER F 142 -44.08 -20.84 38.28
C SER F 142 -44.15 -21.98 37.26
N GLY F 143 -44.13 -23.23 37.72
CA GLY F 143 -44.15 -24.42 36.85
C GLY F 143 -42.80 -24.70 36.20
N ALA F 144 -41.79 -23.85 36.43
CA ALA F 144 -40.41 -24.02 35.90
C ALA F 144 -39.81 -25.32 36.43
N LYS F 145 -39.22 -26.13 35.53
CA LYS F 145 -38.56 -27.42 35.87
C LYS F 145 -37.15 -27.13 36.39
N LEU F 146 -37.04 -26.30 37.44
CA LEU F 146 -35.75 -25.91 38.04
C LEU F 146 -35.77 -26.31 39.53
N MET F 147 -34.58 -26.45 40.12
CA MET F 147 -34.46 -26.68 41.58
C MET F 147 -33.37 -25.78 42.19
N ILE F 148 -33.66 -25.30 43.40
CA ILE F 148 -32.74 -24.49 44.24
C ILE F 148 -31.75 -25.43 44.93
N ASP F 149 -30.65 -24.85 45.42
CA ASP F 149 -29.63 -25.54 46.23
C ASP F 149 -29.62 -24.87 47.60
N PRO F 150 -30.35 -25.42 48.60
CA PRO F 150 -30.43 -24.80 49.92
C PRO F 150 -29.36 -25.37 50.86
N ALA F 151 -29.05 -24.62 51.91
CA ALA F 151 -28.27 -25.10 53.07
C ALA F 151 -29.23 -25.76 54.07
N GLU F 152 -28.72 -26.18 55.23
CA GLU F 152 -29.43 -27.02 56.23
C GLU F 152 -30.75 -26.37 56.63
N LEU F 153 -30.79 -25.03 56.75
CA LEU F 153 -31.93 -24.27 57.31
C LEU F 153 -32.62 -23.43 56.21
N ASP F 154 -33.93 -23.63 56.05
CA ASP F 154 -34.75 -23.04 54.95
C ASP F 154 -35.00 -21.55 55.20
N TRP F 155 -34.56 -21.00 56.34
CA TRP F 155 -34.63 -19.53 56.60
C TRP F 155 -33.36 -18.82 56.10
N GLY F 156 -32.31 -19.54 55.77
CA GLY F 156 -31.06 -18.94 55.23
C GLY F 156 -31.41 -18.08 54.04
N SER F 157 -30.75 -16.94 53.87
CA SER F 157 -30.97 -16.04 52.73
C SER F 157 -30.19 -16.58 51.54
N VAL F 158 -30.82 -16.65 50.38
CA VAL F 158 -30.15 -17.07 49.12
C VAL F 158 -28.96 -16.14 48.88
N MET F 159 -29.19 -14.84 49.05
CA MET F 159 -28.16 -13.78 48.83
C MET F 159 -27.15 -13.79 49.98
N GLY F 160 -27.63 -13.66 51.21
CA GLY F 160 -26.77 -13.62 52.41
C GLY F 160 -25.79 -14.78 52.44
N ASN F 161 -26.29 -15.99 52.17
CA ASN F 161 -25.46 -17.22 52.27
C ASN F 161 -24.37 -17.18 51.21
N THR F 162 -24.68 -16.78 49.97
CA THR F 162 -23.69 -16.63 48.87
C THR F 162 -22.55 -15.69 49.31
N MET F 163 -22.89 -14.58 49.97
CA MET F 163 -21.96 -13.48 50.36
C MET F 163 -21.11 -13.86 51.59
N GLU F 164 -21.43 -14.96 52.27
CA GLU F 164 -20.58 -15.53 53.35
C GLU F 164 -19.77 -16.71 52.78
N HIS F 165 -19.85 -16.94 51.46
CA HIS F 165 -19.23 -18.07 50.71
C HIS F 165 -19.78 -19.41 51.21
N GLY F 166 -21.08 -19.46 51.51
CA GLY F 166 -21.76 -20.64 52.07
C GLY F 166 -22.07 -21.65 50.99
N VAL F 167 -22.42 -22.87 51.38
CA VAL F 167 -22.58 -24.01 50.42
C VAL F 167 -23.81 -24.82 50.80
N GLY F 168 -24.37 -25.51 49.79
CA GLY F 168 -25.43 -26.52 49.94
C GLY F 168 -24.89 -27.89 49.56
N TYR F 169 -25.73 -28.74 48.97
CA TYR F 169 -25.47 -30.21 48.87
C TYR F 169 -25.89 -30.81 47.52
N THR F 170 -26.38 -30.02 46.57
CA THR F 170 -26.63 -30.54 45.21
C THR F 170 -25.34 -30.37 44.44
N PRO F 171 -25.25 -30.83 43.18
CA PRO F 171 -24.12 -30.44 42.33
C PRO F 171 -23.92 -28.92 42.24
N TYR F 172 -24.94 -28.10 42.49
CA TYR F 172 -24.80 -26.61 42.56
C TYR F 172 -24.52 -26.14 43.99
N ALA F 173 -23.86 -26.96 44.82
CA ALA F 173 -23.55 -26.70 46.25
C ALA F 173 -22.67 -25.47 46.41
N ASP F 174 -21.74 -25.20 45.50
CA ASP F 174 -20.81 -24.04 45.58
C ASP F 174 -21.56 -22.76 45.17
N HIS F 175 -22.22 -22.08 46.12
CA HIS F 175 -23.15 -20.94 45.85
C HIS F 175 -22.45 -19.78 45.13
N SER F 176 -21.20 -19.51 45.48
CA SER F 176 -20.39 -18.41 44.88
C SER F 176 -20.27 -18.62 43.36
N MET F 177 -20.10 -19.87 42.92
CA MET F 177 -19.88 -20.22 41.50
C MET F 177 -21.11 -19.84 40.65
N TRP F 178 -22.33 -19.94 41.21
CA TRP F 178 -23.60 -19.85 40.43
C TRP F 178 -24.32 -18.52 40.66
N ARG F 179 -23.92 -17.71 41.65
CA ARG F 179 -24.36 -16.30 41.70
C ARG F 179 -23.88 -15.67 40.40
N CYS F 180 -24.63 -14.76 39.79
CA CYS F 180 -24.19 -14.07 38.55
C CYS F 180 -25.00 -12.79 38.35
N GLY F 181 -24.32 -11.66 38.43
CA GLY F 181 -24.92 -10.33 38.22
C GLY F 181 -25.48 -9.78 39.52
N MET F 182 -24.73 -8.91 40.19
CA MET F 182 -25.14 -8.24 41.45
C MET F 182 -25.38 -6.76 41.17
N GLU F 183 -26.41 -6.22 41.81
CA GLU F 183 -26.55 -4.75 42.04
C GLU F 183 -25.96 -4.47 43.43
N VAL F 184 -24.92 -3.63 43.47
CA VAL F 184 -24.19 -3.34 44.72
C VAL F 184 -24.17 -1.83 44.93
N VAL F 185 -24.53 -1.37 46.12
CA VAL F 185 -24.34 0.03 46.54
C VAL F 185 -22.96 0.11 47.19
N LEU F 186 -22.10 0.94 46.63
CA LEU F 186 -20.70 1.14 47.10
C LEU F 186 -20.71 2.16 48.23
N ALA F 187 -19.67 2.13 49.06
CA ALA F 187 -19.58 2.86 50.35
C ALA F 187 -19.66 4.38 50.17
N ASP F 188 -19.67 4.89 48.93
CA ASP F 188 -19.84 6.34 48.60
C ASP F 188 -21.27 6.62 48.12
N GLY F 189 -22.13 5.60 48.10
CA GLY F 189 -23.57 5.74 47.80
C GLY F 189 -23.90 5.55 46.33
N GLU F 190 -22.90 5.24 45.50
CA GLU F 190 -23.13 4.96 44.05
C GLU F 190 -23.49 3.49 43.85
N VAL F 191 -24.37 3.24 42.89
CA VAL F 191 -24.84 1.88 42.48
C VAL F 191 -23.84 1.36 41.46
N LEU F 192 -23.37 0.12 41.64
CA LEU F 192 -22.57 -0.66 40.67
C LEU F 192 -23.39 -1.88 40.25
N ARG F 193 -23.44 -2.13 38.94
CA ARG F 193 -23.93 -3.40 38.35
C ARG F 193 -22.73 -4.17 37.85
N THR F 194 -22.48 -5.34 38.42
CA THR F 194 -21.32 -6.21 38.11
C THR F 194 -21.49 -6.86 36.72
N GLY F 195 -20.37 -7.22 36.10
CA GLY F 195 -20.37 -8.04 34.86
C GLY F 195 -21.07 -7.32 33.71
N MET F 196 -21.96 -8.03 33.02
CA MET F 196 -22.60 -7.52 31.78
C MET F 196 -23.73 -6.54 32.14
N GLY F 197 -23.99 -6.32 33.44
CA GLY F 197 -24.95 -5.32 33.92
C GLY F 197 -24.47 -3.90 33.66
N GLY F 198 -23.16 -3.69 33.55
CA GLY F 198 -22.56 -2.37 33.28
C GLY F 198 -22.90 -1.88 31.88
N LEU F 199 -23.20 -2.81 30.95
CA LEU F 199 -23.58 -2.52 29.54
C LEU F 199 -25.08 -2.32 29.46
N PRO F 200 -25.59 -1.09 29.22
CA PRO F 200 -27.03 -0.88 29.08
C PRO F 200 -27.59 -1.85 28.02
N GLY F 201 -28.72 -2.48 28.34
CA GLY F 201 -29.46 -3.32 27.40
C GLY F 201 -28.87 -4.71 27.24
N SER F 202 -27.83 -5.07 27.99
CA SER F 202 -27.26 -6.44 27.94
C SER F 202 -28.23 -7.41 28.61
N GLU F 203 -28.43 -8.59 28.04
CA GLU F 203 -29.32 -9.63 28.62
C GLU F 203 -28.49 -10.71 29.30
N ALA F 204 -27.17 -10.53 29.40
CA ALA F 204 -26.23 -11.52 29.97
C ALA F 204 -25.85 -11.17 31.41
N TRP F 205 -26.42 -10.10 31.99
CA TRP F 205 -26.14 -9.68 33.39
C TRP F 205 -26.03 -10.96 34.25
N HIS F 206 -27.04 -11.83 34.18
CA HIS F 206 -27.15 -13.04 35.05
C HIS F 206 -26.82 -14.33 34.26
N LEU F 207 -26.24 -14.20 33.05
CA LEU F 207 -25.78 -15.37 32.25
C LEU F 207 -24.26 -15.51 32.35
N TYR F 208 -23.54 -14.40 32.15
CA TYR F 208 -22.07 -14.37 32.00
C TYR F 208 -21.42 -13.58 33.15
N PRO F 209 -20.64 -14.24 34.02
CA PRO F 209 -19.94 -13.57 35.12
C PRO F 209 -18.69 -12.79 34.67
N GLY F 210 -18.81 -11.96 33.63
CA GLY F 210 -17.63 -11.38 32.99
C GLY F 210 -17.94 -10.07 32.29
N GLN F 211 -16.88 -9.49 31.74
CA GLN F 211 -16.80 -8.12 31.19
C GLN F 211 -15.33 -7.86 30.86
N LEU F 212 -15.04 -6.79 30.12
CA LEU F 212 -13.64 -6.38 29.89
C LEU F 212 -13.03 -6.02 31.23
N GLY F 213 -11.87 -6.59 31.51
CA GLY F 213 -11.14 -6.31 32.75
C GLY F 213 -11.55 -7.30 33.83
N PRO F 214 -11.13 -7.04 35.08
CA PRO F 214 -11.28 -8.02 36.15
C PRO F 214 -12.74 -8.15 36.59
N SER F 215 -13.18 -9.38 36.86
CA SER F 215 -14.41 -9.71 37.63
C SER F 215 -14.21 -9.27 39.08
N ILE F 216 -15.08 -8.40 39.62
CA ILE F 216 -14.99 -7.88 41.02
C ILE F 216 -16.13 -8.40 41.89
N GLU F 217 -16.96 -9.31 41.39
CA GLU F 217 -18.00 -9.99 42.21
C GLU F 217 -17.35 -10.73 43.39
N GLY F 218 -16.21 -11.39 43.18
CA GLY F 218 -15.52 -12.17 44.22
C GLY F 218 -15.12 -11.30 45.40
N LEU F 219 -14.92 -10.00 45.17
CA LEU F 219 -14.54 -9.01 46.21
C LEU F 219 -15.64 -8.95 47.28
N PHE F 220 -16.92 -8.90 46.90
CA PHE F 220 -18.06 -8.69 47.83
C PHE F 220 -18.38 -9.98 48.59
N GLU F 221 -17.41 -10.87 48.71
CA GLU F 221 -17.55 -12.12 49.50
C GLU F 221 -16.79 -11.93 50.82
N GLN F 222 -17.48 -12.10 51.95
CA GLN F 222 -16.87 -12.11 53.30
C GLN F 222 -16.01 -10.87 53.50
N SER F 223 -16.50 -9.72 53.06
CA SER F 223 -15.76 -8.45 53.09
C SER F 223 -16.70 -7.34 53.58
N ASN F 224 -16.21 -6.12 53.63
CA ASN F 224 -16.96 -4.93 54.08
C ASN F 224 -16.74 -3.81 53.06
N PHE F 225 -17.02 -4.06 51.79
CA PHE F 225 -16.74 -3.13 50.66
C PHE F 225 -18.02 -2.52 50.09
N GLY F 226 -19.18 -3.18 50.28
CA GLY F 226 -20.41 -2.78 49.59
C GLY F 226 -21.65 -3.45 50.16
N ILE F 227 -22.80 -3.03 49.68
CA ILE F 227 -24.12 -3.53 50.13
C ILE F 227 -24.87 -3.99 48.89
N CYS F 228 -25.13 -5.29 48.79
CA CYS F 228 -25.84 -5.89 47.65
C CYS F 228 -27.36 -5.75 47.86
N THR F 229 -28.09 -5.28 46.84
CA THR F 229 -29.55 -5.08 46.88
C THR F 229 -30.27 -6.02 45.91
N ARG F 230 -29.53 -6.71 45.04
CA ARG F 230 -30.11 -7.64 44.03
C ARG F 230 -29.04 -8.57 43.45
N MET F 231 -29.39 -9.84 43.26
CA MET F 231 -28.44 -10.91 42.87
C MET F 231 -29.15 -11.93 41.98
N GLY F 232 -28.46 -12.31 40.91
CA GLY F 232 -28.79 -13.44 40.03
C GLY F 232 -28.20 -14.70 40.59
N MET F 233 -29.02 -15.73 40.69
CA MET F 233 -28.65 -17.08 41.18
C MET F 233 -29.06 -18.10 40.11
N GLN F 234 -28.08 -18.74 39.47
CA GLN F 234 -28.30 -19.76 38.42
C GLN F 234 -28.82 -21.03 39.09
N LEU F 235 -29.77 -21.70 38.44
CA LEU F 235 -30.51 -22.85 39.01
C LEU F 235 -30.28 -24.09 38.15
N MET F 236 -29.97 -25.21 38.79
CA MET F 236 -29.81 -26.52 38.13
C MET F 236 -31.15 -26.91 37.51
N PRO F 237 -31.20 -27.28 36.20
CA PRO F 237 -32.40 -27.84 35.58
C PRO F 237 -32.69 -29.22 36.19
N THR F 238 -33.96 -29.47 36.52
CA THR F 238 -34.39 -30.69 37.25
C THR F 238 -34.09 -31.91 36.39
N PRO F 239 -33.25 -32.86 36.87
CA PRO F 239 -32.93 -34.03 36.07
C PRO F 239 -34.13 -34.96 36.12
N PRO F 240 -34.19 -35.99 35.23
CA PRO F 240 -35.31 -36.94 35.19
C PRO F 240 -35.61 -37.56 36.56
N GLU F 241 -34.60 -38.09 37.27
CA GLU F 241 -34.82 -38.70 38.61
C GLU F 241 -33.62 -38.46 39.53
N MET F 242 -33.80 -38.75 40.81
CA MET F 242 -32.79 -38.50 41.88
C MET F 242 -32.94 -39.58 42.95
N LEU F 243 -31.82 -40.14 43.41
CA LEU F 243 -31.83 -41.23 44.43
C LEU F 243 -30.74 -40.94 45.47
N SER F 244 -31.14 -40.84 46.74
CA SER F 244 -30.27 -40.54 47.89
C SER F 244 -29.83 -41.86 48.50
N PHE F 245 -28.75 -41.85 49.25
CA PHE F 245 -28.23 -43.07 49.93
C PHE F 245 -27.53 -42.68 51.23
N ALA F 246 -27.59 -43.59 52.19
CA ALA F 246 -26.81 -43.55 53.46
C ALA F 246 -25.89 -44.77 53.51
N ILE F 247 -24.68 -44.57 54.03
CA ILE F 247 -23.69 -45.66 54.26
C ILE F 247 -23.25 -45.61 55.72
N TYR F 248 -23.66 -46.61 56.49
CA TYR F 248 -23.40 -46.73 57.95
C TYR F 248 -22.11 -47.53 58.17
N PHE F 249 -21.15 -46.93 58.87
CA PHE F 249 -19.84 -47.54 59.25
C PHE F 249 -19.85 -47.85 60.76
N GLU F 250 -19.45 -49.07 61.13
CA GLU F 250 -19.62 -49.58 62.51
C GLU F 250 -18.42 -49.20 63.39
N ASN F 251 -17.33 -48.65 62.84
CA ASN F 251 -16.11 -48.35 63.64
C ASN F 251 -15.71 -46.89 63.51
N GLU F 252 -15.47 -46.23 64.65
CA GLU F 252 -14.92 -44.86 64.75
C GLU F 252 -13.65 -44.74 63.88
N ASP F 253 -12.86 -45.82 63.79
CA ASP F 253 -11.55 -45.84 63.09
C ASP F 253 -11.71 -46.01 61.58
N ASP F 254 -12.93 -46.11 61.05
CA ASP F 254 -13.17 -46.28 59.60
C ASP F 254 -12.91 -44.97 58.87
N LEU F 255 -12.84 -43.84 59.59
CA LEU F 255 -12.86 -42.48 58.96
C LEU F 255 -11.79 -42.37 57.86
N PRO F 256 -10.50 -42.72 58.11
CA PRO F 256 -9.50 -42.64 57.06
C PRO F 256 -9.97 -43.38 55.78
N ALA F 257 -10.36 -44.65 55.92
CA ALA F 257 -10.85 -45.50 54.80
C ALA F 257 -11.96 -44.79 54.02
N ILE F 258 -12.88 -44.11 54.72
CA ILE F 258 -14.06 -43.44 54.11
C ILE F 258 -13.58 -42.29 53.20
N MET F 259 -12.57 -41.54 53.63
CA MET F 259 -12.06 -40.38 52.85
C MET F 259 -11.22 -40.93 51.69
N GLU F 260 -10.41 -41.96 51.96
CA GLU F 260 -9.50 -42.60 50.97
C GLU F 260 -10.34 -43.20 49.84
N THR F 261 -11.43 -43.90 50.17
CA THR F 261 -12.40 -44.44 49.19
C THR F 261 -13.08 -43.31 48.41
N THR F 262 -13.46 -42.22 49.09
CA THR F 262 -14.32 -41.15 48.52
C THR F 262 -13.56 -40.41 47.41
N LEU F 263 -12.27 -40.11 47.59
CA LEU F 263 -11.62 -39.12 46.71
C LEU F 263 -11.83 -39.53 45.25
N PRO F 264 -11.36 -40.72 44.80
CA PRO F 264 -11.33 -41.01 43.38
C PRO F 264 -12.75 -41.10 42.78
N LEU F 265 -13.75 -41.38 43.60
CA LEU F 265 -15.16 -41.44 43.16
C LEU F 265 -15.74 -40.02 43.01
N ARG F 266 -15.13 -39.01 43.63
CA ARG F 266 -15.64 -37.62 43.59
C ARG F 266 -14.87 -36.80 42.56
N ILE F 267 -13.56 -37.01 42.45
CA ILE F 267 -12.67 -36.06 41.72
C ILE F 267 -13.10 -35.96 40.25
N GLY F 268 -13.72 -37.00 39.68
CA GLY F 268 -14.15 -37.04 38.27
C GLY F 268 -15.59 -36.54 38.08
N MET F 269 -16.21 -36.03 39.14
CA MET F 269 -17.63 -35.56 39.17
C MET F 269 -18.59 -36.73 38.91
N ALA F 270 -18.10 -37.98 39.01
CA ALA F 270 -18.85 -39.24 38.82
C ALA F 270 -18.00 -40.37 39.42
N PRO F 271 -18.58 -41.39 40.10
CA PRO F 271 -20.02 -41.56 40.22
C PRO F 271 -20.66 -40.64 41.28
N LEU F 272 -19.86 -39.97 42.12
CA LEU F 272 -20.33 -38.94 43.09
C LEU F 272 -20.49 -37.60 42.35
N GLN F 273 -21.71 -37.31 41.88
CA GLN F 273 -22.08 -36.09 41.10
C GLN F 273 -22.23 -34.90 42.06
N ALA F 274 -22.39 -35.16 43.35
CA ALA F 274 -22.42 -34.10 44.39
C ALA F 274 -21.44 -34.47 45.49
N ALA F 275 -20.98 -33.47 46.25
CA ALA F 275 -20.09 -33.67 47.41
C ALA F 275 -20.91 -34.37 48.49
N PRO F 276 -20.55 -35.62 48.86
CA PRO F 276 -21.21 -36.27 49.97
C PRO F 276 -20.77 -35.57 51.25
N ILE F 277 -21.51 -35.81 52.32
CA ILE F 277 -21.17 -35.40 53.70
C ILE F 277 -20.80 -36.67 54.46
N VAL F 278 -19.90 -36.55 55.43
CA VAL F 278 -19.54 -37.67 56.35
C VAL F 278 -19.82 -37.17 57.76
N ARG F 279 -20.92 -37.65 58.32
CA ARG F 279 -21.44 -37.21 59.63
C ARG F 279 -20.93 -38.20 60.66
N ASN F 280 -20.60 -37.71 61.86
CA ASN F 280 -20.36 -38.60 63.03
C ASN F 280 -21.71 -38.90 63.68
N VAL F 281 -21.73 -39.93 64.53
CA VAL F 281 -22.95 -40.46 65.20
C VAL F 281 -23.57 -39.35 66.07
N THR F 282 -22.75 -38.53 66.72
CA THR F 282 -23.24 -37.43 67.61
C THR F 282 -24.03 -36.42 66.79
N PHE F 283 -23.62 -36.17 65.56
CA PHE F 283 -24.33 -35.19 64.69
C PHE F 283 -25.77 -35.68 64.44
N ASP F 284 -25.92 -36.92 63.95
CA ASP F 284 -27.25 -37.46 63.55
C ASP F 284 -28.12 -37.66 64.81
N ALA F 285 -27.54 -38.11 65.91
CA ALA F 285 -28.28 -38.23 67.19
C ALA F 285 -28.95 -36.88 67.49
N ALA F 286 -28.19 -35.78 67.39
CA ALA F 286 -28.63 -34.42 67.77
C ALA F 286 -29.84 -33.99 66.93
N CYS F 287 -30.05 -34.60 65.75
CA CYS F 287 -31.13 -34.19 64.83
C CYS F 287 -32.45 -34.90 65.18
N VAL F 288 -32.43 -35.96 66.00
CA VAL F 288 -33.61 -36.86 66.19
C VAL F 288 -33.77 -37.27 67.65
N SER F 289 -33.01 -36.68 68.57
CA SER F 289 -33.09 -37.02 70.02
C SER F 289 -32.43 -35.93 70.86
N LYS F 290 -32.70 -35.98 72.16
CA LYS F 290 -32.07 -35.09 73.16
C LYS F 290 -30.93 -35.88 73.80
N ARG F 291 -29.97 -35.16 74.36
CA ARG F 291 -28.71 -35.70 74.93
C ARG F 291 -29.01 -36.53 76.17
N GLU F 292 -30.19 -36.42 76.79
CA GLU F 292 -30.51 -37.21 78.01
C GLU F 292 -30.52 -38.70 77.66
N GLU F 293 -31.32 -39.12 76.67
CA GLU F 293 -31.46 -40.55 76.28
C GLU F 293 -30.13 -41.30 76.37
N TRP F 294 -29.01 -40.64 76.03
CA TRP F 294 -27.69 -41.31 75.85
C TRP F 294 -26.84 -41.13 77.10
N GLN F 295 -26.86 -39.95 77.72
CA GLN F 295 -26.01 -39.63 78.90
C GLN F 295 -26.69 -38.55 79.76
N THR F 296 -26.84 -38.84 81.05
CA THR F 296 -27.33 -37.91 82.11
C THR F 296 -26.12 -37.19 82.74
N GLU F 297 -25.04 -37.95 82.97
CA GLU F 297 -23.70 -37.48 83.44
C GLU F 297 -23.31 -36.22 82.67
N PRO F 298 -23.33 -34.99 83.26
CA PRO F 298 -23.12 -33.78 82.46
C PRO F 298 -21.74 -33.56 81.81
N GLY F 299 -20.75 -34.43 82.03
CA GLY F 299 -19.39 -34.30 81.45
C GLY F 299 -19.29 -34.72 79.99
N PRO F 300 -18.08 -34.77 79.40
CA PRO F 300 -17.88 -35.29 78.04
C PRO F 300 -18.60 -36.61 77.76
N LEU F 301 -19.21 -36.74 76.58
CA LEU F 301 -19.90 -37.95 76.09
C LEU F 301 -18.92 -39.12 76.16
N THR F 302 -19.28 -40.16 76.91
CA THR F 302 -18.48 -41.42 77.04
C THR F 302 -18.70 -42.26 75.78
N ASP F 303 -17.74 -43.14 75.48
CA ASP F 303 -17.79 -43.97 74.25
C ASP F 303 -19.03 -44.87 74.28
N GLU F 304 -19.35 -45.47 75.43
CA GLU F 304 -20.45 -46.48 75.51
C GLU F 304 -21.77 -45.78 75.15
N ALA F 305 -21.88 -44.47 75.48
CA ALA F 305 -23.05 -43.61 75.17
C ALA F 305 -23.13 -43.37 73.65
N LYS F 306 -22.03 -42.99 73.00
CA LYS F 306 -21.97 -42.90 71.52
C LYS F 306 -22.36 -44.25 70.91
N GLN F 307 -21.87 -45.36 71.46
CA GLN F 307 -22.19 -46.74 71.00
C GLN F 307 -23.70 -47.02 71.17
N ARG F 308 -24.33 -46.47 72.22
CA ARG F 308 -25.79 -46.60 72.42
C ARG F 308 -26.53 -45.83 71.31
N MET F 309 -25.96 -44.72 70.84
CA MET F 309 -26.53 -43.92 69.72
C MET F 309 -26.47 -44.79 68.45
N VAL F 310 -25.32 -45.44 68.21
CA VAL F 310 -25.09 -46.30 67.03
C VAL F 310 -26.09 -47.46 67.06
N ASP F 311 -26.21 -48.11 68.22
CA ASP F 311 -26.97 -49.38 68.39
C ASP F 311 -28.48 -49.10 68.36
N GLU F 312 -28.95 -48.02 68.97
CA GLU F 312 -30.42 -47.76 69.12
C GLU F 312 -31.00 -47.05 67.90
N LEU F 313 -30.28 -46.12 67.25
CA LEU F 313 -30.81 -45.43 66.04
C LEU F 313 -30.62 -46.35 64.81
N GLY F 314 -29.74 -47.35 64.89
CA GLY F 314 -29.48 -48.32 63.81
C GLY F 314 -28.69 -47.69 62.68
N ILE F 315 -27.69 -46.87 63.03
CA ILE F 315 -26.83 -46.13 62.07
C ILE F 315 -25.39 -46.62 62.25
N GLY F 316 -24.40 -45.73 62.11
CA GLY F 316 -22.97 -46.04 62.31
C GLY F 316 -22.26 -45.00 63.15
N HIS F 317 -20.98 -45.23 63.43
CA HIS F 317 -20.07 -44.23 64.05
C HIS F 317 -19.78 -43.12 63.05
N TRP F 318 -19.81 -43.46 61.76
CA TRP F 318 -19.78 -42.48 60.65
C TRP F 318 -20.92 -42.78 59.68
N ILE F 319 -21.52 -41.74 59.10
CA ILE F 319 -22.61 -41.91 58.11
C ILE F 319 -22.27 -41.04 56.89
N VAL F 320 -22.28 -41.64 55.71
CA VAL F 320 -22.07 -40.97 54.40
C VAL F 320 -23.44 -40.84 53.74
N TYR F 321 -23.86 -39.62 53.43
CA TYR F 321 -25.08 -39.31 52.64
C TYR F 321 -24.63 -38.80 51.27
N GLY F 322 -25.35 -39.17 50.22
CA GLY F 322 -25.11 -38.64 48.88
C GLY F 322 -26.34 -38.83 48.03
N THR F 323 -26.28 -38.40 46.78
CA THR F 323 -27.39 -38.51 45.82
C THR F 323 -26.82 -38.62 44.41
N CYS F 324 -27.46 -39.42 43.57
CA CYS F 324 -27.17 -39.51 42.13
C CYS F 324 -28.35 -38.89 41.39
N TYR F 325 -28.05 -38.23 40.28
CA TYR F 325 -29.02 -37.45 39.47
C TYR F 325 -28.96 -37.95 38.02
N GLY F 326 -30.11 -37.99 37.37
CA GLY F 326 -30.24 -38.31 35.93
C GLY F 326 -31.19 -39.47 35.68
N PRO F 327 -31.14 -40.08 34.48
CA PRO F 327 -32.02 -41.20 34.16
C PRO F 327 -31.61 -42.45 34.94
N ARG F 328 -32.59 -43.33 35.15
CA ARG F 328 -32.45 -44.63 35.83
C ARG F 328 -31.27 -45.41 35.26
N TRP F 329 -31.03 -45.33 33.96
CA TRP F 329 -29.90 -46.06 33.33
C TRP F 329 -28.58 -45.50 33.86
N GLN F 330 -28.52 -44.19 34.19
CA GLN F 330 -27.28 -43.55 34.72
C GLN F 330 -27.19 -43.78 36.24
N ILE F 331 -28.25 -43.49 36.99
CA ILE F 331 -28.27 -43.59 38.48
C ILE F 331 -27.89 -45.02 38.88
N ASP F 332 -28.50 -46.02 38.25
CA ASP F 332 -28.33 -47.45 38.62
C ASP F 332 -26.85 -47.81 38.47
N LYS F 333 -26.22 -47.30 37.41
CA LYS F 333 -24.77 -47.48 37.10
C LYS F 333 -23.92 -46.81 38.20
N TYR F 334 -24.24 -45.56 38.56
CA TYR F 334 -23.50 -44.76 39.57
C TYR F 334 -23.72 -45.36 40.96
N ILE F 335 -24.93 -45.82 41.26
CA ILE F 335 -25.27 -46.36 42.61
C ILE F 335 -24.41 -47.59 42.90
N GLU F 336 -24.26 -48.50 41.93
CA GLU F 336 -23.54 -49.79 42.15
C GLU F 336 -22.03 -49.53 42.24
N MET F 337 -21.46 -48.61 41.43
CA MET F 337 -20.05 -48.13 41.55
C MET F 337 -19.79 -47.66 42.98
N ILE F 338 -20.68 -46.80 43.50
CA ILE F 338 -20.60 -46.21 44.87
C ILE F 338 -20.80 -47.35 45.86
N ARG F 339 -21.78 -48.21 45.62
CA ARG F 339 -22.07 -49.33 46.55
C ARG F 339 -20.84 -50.25 46.63
N ASP F 340 -20.29 -50.72 45.50
CA ASP F 340 -19.12 -51.64 45.43
C ASP F 340 -17.91 -51.05 46.16
N ALA F 341 -17.66 -49.75 46.01
CA ALA F 341 -16.48 -49.06 46.59
C ALA F 341 -16.59 -49.04 48.11
N TYR F 342 -17.66 -48.48 48.67
CA TYR F 342 -17.80 -48.28 50.14
C TYR F 342 -18.04 -49.62 50.85
N LEU F 343 -18.75 -50.58 50.24
CA LEU F 343 -19.09 -51.88 50.91
C LEU F 343 -17.83 -52.73 51.09
N GLN F 344 -16.65 -52.23 50.75
CA GLN F 344 -15.37 -52.94 50.96
C GLN F 344 -14.75 -52.57 52.30
N ILE F 345 -15.33 -51.59 53.01
CA ILE F 345 -14.90 -51.24 54.39
C ILE F 345 -15.67 -52.18 55.32
N PRO F 346 -14.96 -53.12 55.97
CA PRO F 346 -15.60 -54.12 56.84
C PRO F 346 -16.68 -53.50 57.74
N GLY F 347 -17.86 -54.12 57.78
CA GLY F 347 -18.98 -53.68 58.63
C GLY F 347 -19.81 -52.58 58.00
N ALA F 348 -19.41 -52.02 56.85
CA ALA F 348 -20.19 -50.97 56.15
C ALA F 348 -21.50 -51.58 55.67
N ARG F 349 -22.56 -50.78 55.65
CA ARG F 349 -23.86 -51.21 55.06
C ARG F 349 -24.55 -50.05 54.36
N PHE F 350 -25.23 -50.35 53.25
CA PHE F 350 -25.71 -49.34 52.28
C PHE F 350 -27.23 -49.35 52.19
N GLU F 351 -27.82 -48.15 52.11
CA GLU F 351 -29.28 -47.93 51.96
C GLU F 351 -29.54 -46.84 50.92
N THR F 352 -30.68 -46.94 50.24
CA THR F 352 -31.26 -45.84 49.43
C THR F 352 -32.52 -45.35 50.14
N ASN F 353 -33.10 -44.24 49.68
CA ASN F 353 -34.38 -43.70 50.20
C ASN F 353 -35.58 -44.47 49.61
N GLU F 354 -35.32 -45.49 48.77
CA GLU F 354 -36.32 -46.53 48.37
C GLU F 354 -36.30 -47.70 49.36
N THR F 355 -35.09 -48.12 49.77
CA THR F 355 -34.82 -49.28 50.67
C THR F 355 -35.10 -48.94 52.13
N LEU F 356 -34.84 -47.69 52.55
CA LEU F 356 -35.14 -47.16 53.91
C LEU F 356 -36.02 -45.92 53.77
N PRO F 357 -37.26 -46.08 53.28
CA PRO F 357 -38.11 -44.93 52.99
C PRO F 357 -38.54 -44.22 54.29
N LEU F 358 -39.06 -43.00 54.16
CA LEU F 358 -39.54 -42.20 55.31
C LEU F 358 -40.64 -42.99 55.99
N ARG F 359 -40.43 -43.36 57.25
CA ARG F 359 -41.43 -44.10 58.07
C ARG F 359 -41.55 -43.47 59.47
N GLU F 360 -42.75 -43.61 60.02
CA GLU F 360 -43.21 -43.11 61.35
C GLU F 360 -42.38 -43.75 62.47
N GLY F 361 -41.64 -42.93 63.23
CA GLY F 361 -40.86 -43.41 64.39
C GLY F 361 -39.54 -44.03 63.99
N ASP F 362 -39.28 -44.15 62.68
CA ASP F 362 -37.98 -44.60 62.14
C ASP F 362 -37.05 -43.39 62.00
N ARG F 363 -36.20 -43.17 63.00
CA ARG F 363 -35.41 -41.91 63.11
C ARG F 363 -34.31 -41.92 62.05
N ALA F 364 -33.69 -43.07 61.79
CA ALA F 364 -32.68 -43.23 60.71
C ALA F 364 -33.28 -42.82 59.36
N SER F 365 -34.53 -43.21 59.10
CA SER F 365 -35.26 -42.92 57.85
C SER F 365 -35.56 -41.42 57.76
N GLU F 366 -35.85 -40.77 58.88
CA GLU F 366 -36.08 -39.31 58.97
C GLU F 366 -34.77 -38.58 58.65
N LEU F 367 -33.64 -39.10 59.11
CA LEU F 367 -32.29 -38.50 58.86
C LEU F 367 -31.99 -38.60 57.36
N LEU F 368 -32.25 -39.76 56.76
CA LEU F 368 -31.99 -40.01 55.31
C LEU F 368 -32.97 -39.19 54.50
N ASN F 369 -34.21 -39.10 54.96
CA ASN F 369 -35.25 -38.24 54.34
C ASN F 369 -34.77 -36.79 54.43
N ALA F 370 -34.15 -36.40 55.55
CA ALA F 370 -33.65 -35.03 55.79
C ALA F 370 -32.65 -34.66 54.70
N ARG F 371 -31.62 -35.49 54.51
CA ARG F 371 -30.55 -35.26 53.50
C ARG F 371 -31.14 -35.36 52.09
N HIS F 372 -32.02 -36.33 51.87
CA HIS F 372 -32.65 -36.57 50.56
C HIS F 372 -33.31 -35.28 50.09
N GLU F 373 -34.04 -34.61 50.99
CA GLU F 373 -34.78 -33.37 50.69
C GLU F 373 -33.76 -32.29 50.28
N LEU F 374 -32.70 -32.09 51.06
CA LEU F 374 -31.67 -31.04 50.80
C LEU F 374 -30.97 -31.33 49.48
N ASN F 375 -30.54 -32.58 49.26
CA ASN F 375 -29.76 -32.99 48.05
C ASN F 375 -30.65 -32.91 46.79
N THR F 376 -31.98 -32.93 46.94
CA THR F 376 -32.91 -32.88 45.77
C THR F 376 -33.49 -31.46 45.61
N GLY F 377 -33.03 -30.47 46.38
CA GLY F 377 -33.38 -29.04 46.22
C GLY F 377 -34.69 -28.67 46.89
N VAL F 378 -35.06 -29.42 47.94
CA VAL F 378 -36.24 -29.18 48.83
C VAL F 378 -35.72 -28.72 50.18
N PRO F 379 -35.87 -27.43 50.54
CA PRO F 379 -35.34 -26.93 51.81
C PRO F 379 -36.18 -27.46 52.99
N ASN F 380 -35.55 -27.56 54.16
CA ASN F 380 -36.21 -28.07 55.40
C ASN F 380 -35.53 -27.43 56.62
N ARG F 381 -36.05 -27.70 57.82
CA ARG F 381 -35.55 -27.10 59.09
C ARG F 381 -35.04 -28.20 60.02
N HIS F 382 -34.65 -29.34 59.47
CA HIS F 382 -34.37 -30.58 60.26
C HIS F 382 -33.25 -30.37 61.27
N SER F 383 -32.19 -29.68 60.86
CA SER F 383 -30.99 -29.48 61.70
C SER F 383 -31.28 -28.52 62.86
N ALA F 384 -32.39 -27.77 62.83
CA ALA F 384 -32.78 -26.92 63.98
C ALA F 384 -32.99 -27.81 65.21
N ALA F 385 -33.30 -29.09 65.02
CA ALA F 385 -33.48 -30.08 66.10
C ALA F 385 -32.21 -30.18 66.96
N VAL F 386 -31.02 -29.84 66.44
CA VAL F 386 -29.76 -29.86 67.25
C VAL F 386 -29.84 -28.79 68.35
N PHE F 387 -30.66 -27.75 68.18
CA PHE F 387 -30.88 -26.69 69.21
C PHE F 387 -31.65 -27.22 70.41
N ASP F 388 -32.23 -28.43 70.34
CA ASP F 388 -32.94 -29.09 71.47
C ASP F 388 -32.10 -30.24 72.01
N TRP F 389 -30.84 -30.38 71.60
CA TRP F 389 -29.90 -31.37 72.18
C TRP F 389 -29.95 -31.22 73.71
N PHE F 390 -29.87 -29.98 74.19
CA PHE F 390 -30.02 -29.62 75.63
C PHE F 390 -30.50 -28.17 75.72
N PRO F 391 -31.09 -27.74 76.85
CA PRO F 391 -31.66 -26.41 76.93
C PRO F 391 -30.65 -25.34 76.46
N ASN F 392 -31.05 -24.52 75.48
CA ASN F 392 -30.28 -23.37 74.93
C ASN F 392 -29.03 -23.83 74.17
N ALA F 393 -29.11 -24.97 73.47
CA ALA F 393 -28.01 -25.45 72.61
C ALA F 393 -27.78 -24.41 71.52
N GLY F 394 -26.52 -24.02 71.33
CA GLY F 394 -26.06 -23.21 70.19
C GLY F 394 -24.77 -23.76 69.65
N HIS F 395 -24.25 -23.21 68.55
CA HIS F 395 -22.99 -23.65 67.92
C HIS F 395 -22.12 -22.45 67.56
N PHE F 396 -20.85 -22.76 67.26
CA PHE F 396 -19.72 -21.80 67.17
C PHE F 396 -18.60 -22.44 66.35
N PHE F 397 -18.65 -22.24 65.04
CA PHE F 397 -18.02 -23.11 64.02
C PHE F 397 -16.49 -22.94 63.98
N TYR F 398 -15.82 -24.08 64.09
CA TYR F 398 -14.42 -24.31 63.66
C TYR F 398 -14.47 -25.02 62.32
N ALA F 399 -14.16 -24.31 61.22
CA ALA F 399 -14.36 -24.81 59.85
C ALA F 399 -13.05 -24.71 59.07
N PRO F 400 -12.06 -25.57 59.39
CA PRO F 400 -10.82 -25.61 58.61
C PRO F 400 -11.01 -26.36 57.29
N VAL F 401 -10.25 -25.95 56.27
CA VAL F 401 -10.16 -26.63 54.94
C VAL F 401 -8.79 -27.29 54.81
N SER F 402 -8.74 -28.50 54.26
CA SER F 402 -7.49 -29.28 54.11
C SER F 402 -7.56 -30.21 52.89
N ALA F 403 -6.43 -30.82 52.54
CA ALA F 403 -6.26 -31.81 51.45
C ALA F 403 -6.99 -33.09 51.81
N PRO F 404 -7.83 -33.67 50.89
CA PRO F 404 -8.63 -34.85 51.20
C PRO F 404 -7.70 -36.04 51.41
N SER F 405 -7.45 -36.41 52.66
CA SER F 405 -6.50 -37.48 53.05
C SER F 405 -7.06 -38.25 54.25
N GLY F 406 -6.94 -39.57 54.23
CA GLY F 406 -7.38 -40.45 55.33
C GLY F 406 -6.72 -40.08 56.66
N GLU F 407 -5.42 -39.80 56.66
CA GLU F 407 -4.66 -39.38 57.88
C GLU F 407 -5.13 -38.00 58.35
N ASP F 408 -5.27 -37.06 57.40
CA ASP F 408 -5.70 -35.65 57.62
C ASP F 408 -7.08 -35.62 58.30
N ALA F 409 -8.02 -36.43 57.80
CA ALA F 409 -9.38 -36.54 58.40
C ALA F 409 -9.25 -37.08 59.83
N ALA F 410 -8.39 -38.09 60.03
CA ALA F 410 -8.25 -38.80 61.33
C ALA F 410 -7.47 -37.92 62.31
N LYS F 411 -6.55 -37.09 61.81
CA LYS F 411 -5.73 -36.16 62.64
C LYS F 411 -6.64 -35.09 63.26
N GLN F 412 -7.49 -34.47 62.43
CA GLN F 412 -8.41 -33.38 62.84
C GLN F 412 -9.49 -33.92 63.77
N TYR F 413 -10.06 -35.09 63.47
CA TYR F 413 -11.04 -35.76 64.36
C TYR F 413 -10.37 -35.97 65.72
N GLU F 414 -9.17 -36.55 65.72
CA GLU F 414 -8.50 -37.03 66.95
C GLU F 414 -8.23 -35.82 67.86
N ASP F 415 -7.67 -34.72 67.33
CA ASP F 415 -7.36 -33.56 68.20
C ASP F 415 -8.66 -32.88 68.61
N THR F 416 -9.53 -32.55 67.66
CA THR F 416 -10.73 -31.72 67.96
C THR F 416 -11.51 -32.38 69.11
N LYS F 417 -11.57 -33.70 69.11
CA LYS F 417 -12.38 -34.50 70.08
C LYS F 417 -11.74 -34.46 71.47
N ARG F 418 -10.43 -34.70 71.56
CA ARG F 418 -9.73 -34.70 72.87
C ARG F 418 -9.49 -33.25 73.33
N ILE F 419 -9.42 -32.26 72.41
CA ILE F 419 -9.41 -30.81 72.75
C ILE F 419 -10.82 -30.38 73.20
N SER F 420 -11.88 -30.86 72.54
CA SER F 420 -13.29 -30.55 72.90
C SER F 420 -13.63 -31.21 74.24
N ASP F 421 -13.13 -32.43 74.47
CA ASP F 421 -13.32 -33.19 75.74
C ASP F 421 -12.60 -32.50 76.90
N ASP F 422 -11.44 -31.89 76.63
CA ASP F 422 -10.67 -31.13 77.64
C ASP F 422 -11.53 -29.99 78.19
N HIS F 423 -12.42 -29.40 77.39
CA HIS F 423 -13.24 -28.22 77.77
C HIS F 423 -14.69 -28.61 78.09
N GLY F 424 -15.05 -29.89 77.93
CA GLY F 424 -16.37 -30.44 78.28
C GLY F 424 -17.45 -30.02 77.28
N ILE F 425 -17.08 -29.88 75.99
CA ILE F 425 -18.00 -29.42 74.91
C ILE F 425 -18.27 -30.59 73.97
N ASP F 426 -19.55 -30.76 73.58
CA ASP F 426 -20.00 -31.83 72.66
C ASP F 426 -19.48 -31.55 71.25
N TYR F 427 -18.96 -32.59 70.59
CA TYR F 427 -18.31 -32.45 69.26
C TYR F 427 -19.18 -33.13 68.20
N LEU F 428 -19.85 -32.32 67.40
CA LEU F 428 -20.56 -32.76 66.17
C LEU F 428 -19.63 -32.51 64.98
N ALA F 429 -19.38 -33.55 64.19
CA ALA F 429 -18.41 -33.58 63.08
C ALA F 429 -19.16 -33.84 61.77
N GLN F 430 -18.85 -33.04 60.75
CA GLN F 430 -19.33 -33.23 59.35
C GLN F 430 -18.20 -32.86 58.39
N PHE F 431 -17.62 -33.88 57.75
CA PHE F 431 -16.65 -33.76 56.64
C PHE F 431 -17.41 -33.76 55.32
N ILE F 432 -17.10 -32.79 54.47
CA ILE F 432 -17.59 -32.69 53.07
C ILE F 432 -16.38 -32.73 52.18
N ILE F 433 -16.31 -33.62 51.19
CA ILE F 433 -15.15 -33.56 50.25
C ILE F 433 -15.63 -33.06 48.89
N GLY F 434 -15.07 -31.91 48.50
CA GLY F 434 -15.61 -31.00 47.46
C GLY F 434 -15.31 -31.52 46.08
N LEU F 435 -14.04 -31.78 45.79
CA LEU F 435 -13.56 -32.23 44.45
C LEU F 435 -12.07 -32.54 44.58
N ARG F 436 -11.31 -31.58 45.12
CA ARG F 436 -9.88 -31.73 45.47
C ARG F 436 -9.59 -31.20 46.87
N GLU F 437 -10.59 -30.66 47.57
CA GLU F 437 -10.40 -30.14 48.95
C GLU F 437 -11.36 -30.83 49.91
N MET F 438 -11.00 -30.80 51.19
CA MET F 438 -11.78 -31.36 52.33
C MET F 438 -12.15 -30.20 53.26
N HIS F 439 -13.45 -30.04 53.51
CA HIS F 439 -14.03 -29.21 54.59
C HIS F 439 -14.27 -30.07 55.83
N HIS F 440 -13.72 -29.66 56.97
CA HIS F 440 -14.08 -30.20 58.31
C HIS F 440 -14.92 -29.16 59.05
N ILE F 441 -16.23 -29.42 59.20
CA ILE F 441 -17.12 -28.59 60.06
C ILE F 441 -17.14 -29.22 61.45
N CYS F 442 -16.37 -28.66 62.38
CA CYS F 442 -16.52 -28.87 63.84
C CYS F 442 -17.66 -27.97 64.32
N LEU F 443 -18.77 -28.59 64.72
CA LEU F 443 -19.97 -27.94 65.28
C LEU F 443 -20.02 -28.27 66.77
N PRO F 444 -19.50 -27.40 67.66
CA PRO F 444 -19.65 -27.64 69.09
C PRO F 444 -21.07 -27.24 69.50
N LEU F 445 -21.69 -27.99 70.40
CA LEU F 445 -22.97 -27.61 71.05
C LEU F 445 -22.66 -27.22 72.50
N TYR F 446 -22.90 -25.95 72.84
CA TYR F 446 -22.66 -25.40 74.19
C TYR F 446 -23.92 -24.67 74.65
N ASP F 447 -24.02 -24.43 75.96
CA ASP F 447 -25.13 -23.65 76.60
C ASP F 447 -24.89 -22.18 76.28
N THR F 448 -25.75 -21.57 75.46
CA THR F 448 -25.60 -20.16 75.01
C THR F 448 -26.02 -19.20 76.11
N ALA F 449 -26.66 -19.69 77.19
CA ALA F 449 -27.17 -18.86 78.30
C ALA F 449 -26.21 -18.83 79.51
N ASP F 450 -25.14 -19.63 79.52
CA ASP F 450 -24.23 -19.74 80.70
C ASP F 450 -22.87 -19.11 80.37
N PRO F 451 -22.43 -18.04 81.10
CA PRO F 451 -21.11 -17.46 80.88
C PRO F 451 -19.98 -18.50 80.96
N ALA F 452 -20.10 -19.49 81.86
CA ALA F 452 -19.08 -20.54 82.07
C ALA F 452 -18.90 -21.37 80.79
N SER F 453 -20.00 -21.73 80.14
CA SER F 453 -20.02 -22.59 78.93
C SER F 453 -19.57 -21.77 77.71
N ARG F 454 -19.80 -20.46 77.72
CA ARG F 454 -19.32 -19.53 76.67
C ARG F 454 -17.79 -19.51 76.66
N LYS F 455 -17.18 -19.21 77.82
CA LYS F 455 -15.71 -19.07 77.98
C LYS F 455 -15.02 -20.38 77.59
N GLU F 456 -15.65 -21.53 77.92
CA GLU F 456 -15.12 -22.89 77.62
C GLU F 456 -15.09 -23.10 76.10
N THR F 457 -16.10 -22.60 75.38
CA THR F 457 -16.20 -22.71 73.90
C THR F 457 -15.19 -21.75 73.24
N LEU F 458 -15.16 -20.48 73.63
CA LEU F 458 -14.19 -19.49 73.09
C LEU F 458 -12.75 -20.00 73.27
N ASP F 459 -12.40 -20.48 74.47
CA ASP F 459 -11.04 -21.00 74.79
C ASP F 459 -10.74 -22.24 73.95
N MET F 460 -11.62 -23.25 74.00
CA MET F 460 -11.56 -24.44 73.11
C MET F 460 -11.31 -23.97 71.67
N THR F 461 -12.19 -23.14 71.10
CA THR F 461 -12.12 -22.77 69.67
C THR F 461 -10.80 -22.03 69.41
N ARG F 462 -10.42 -21.05 70.23
CA ARG F 462 -9.10 -20.36 70.07
C ARG F 462 -7.96 -21.40 70.05
N GLU F 463 -8.04 -22.47 70.86
CA GLU F 463 -7.02 -23.55 70.88
C GLU F 463 -7.08 -24.34 69.55
N LEU F 464 -8.27 -24.61 69.00
CA LEU F 464 -8.44 -25.33 67.71
C LEU F 464 -7.83 -24.51 66.57
N ILE F 465 -8.08 -23.20 66.52
CA ILE F 465 -7.56 -22.34 65.41
C ILE F 465 -6.03 -22.44 65.38
N ARG F 466 -5.33 -22.27 66.51
CA ARG F 466 -3.84 -22.27 66.55
C ARG F 466 -3.33 -23.72 66.43
N ALA F 467 -4.12 -24.73 66.80
CA ALA F 467 -3.76 -26.16 66.60
C ALA F 467 -3.82 -26.49 65.11
N GLY F 468 -4.92 -26.16 64.45
CA GLY F 468 -5.07 -26.32 62.98
C GLY F 468 -4.00 -25.55 62.23
N ALA F 469 -3.83 -24.26 62.53
CA ALA F 469 -2.86 -23.34 61.87
C ALA F 469 -1.48 -24.01 61.86
N GLU F 470 -1.11 -24.57 63.00
CA GLU F 470 0.19 -25.22 63.31
C GLU F 470 0.43 -26.38 62.33
N GLU F 471 -0.59 -26.88 61.63
CA GLU F 471 -0.47 -28.05 60.72
C GLU F 471 -0.91 -27.72 59.28
N GLY F 472 -1.19 -26.46 58.98
CA GLY F 472 -1.51 -26.01 57.61
C GLY F 472 -2.99 -26.13 57.29
N TYR F 473 -3.87 -26.14 58.29
CA TYR F 473 -5.35 -26.14 58.12
C TYR F 473 -5.89 -24.75 58.41
N GLY F 474 -6.44 -24.12 57.38
CA GLY F 474 -6.95 -22.73 57.44
C GLY F 474 -8.47 -22.69 57.45
N ILE F 475 -9.00 -21.77 58.26
CA ILE F 475 -10.46 -21.44 58.36
C ILE F 475 -10.81 -20.58 57.15
N TYR F 476 -11.90 -20.89 56.45
CA TYR F 476 -12.39 -20.07 55.29
C TYR F 476 -13.57 -19.20 55.73
N ARG F 477 -14.00 -19.35 56.98
CA ARG F 477 -15.20 -18.71 57.54
C ARG F 477 -15.13 -18.77 59.07
N ALA F 478 -15.16 -17.61 59.73
CA ALA F 478 -14.97 -17.48 61.18
C ALA F 478 -15.99 -16.52 61.78
N HIS F 479 -16.44 -16.81 62.99
CA HIS F 479 -17.24 -15.90 63.84
C HIS F 479 -16.54 -14.54 63.96
N ASN F 480 -17.31 -13.48 64.20
CA ASN F 480 -16.85 -12.09 64.47
C ASN F 480 -15.65 -12.10 65.44
N VAL F 481 -15.78 -12.80 66.58
CA VAL F 481 -14.81 -12.73 67.71
C VAL F 481 -13.52 -13.48 67.34
N LEU F 482 -13.57 -14.42 66.39
CA LEU F 482 -12.40 -15.22 65.94
C LEU F 482 -11.75 -14.61 64.71
N ALA F 483 -12.33 -13.56 64.12
CA ALA F 483 -11.88 -12.96 62.84
C ALA F 483 -10.40 -12.56 62.92
N ASP F 484 -10.01 -11.83 63.97
CA ASP F 484 -8.62 -11.31 64.15
C ASP F 484 -7.63 -12.48 64.29
N GLN F 485 -7.91 -13.46 65.14
CA GLN F 485 -7.02 -14.65 65.29
C GLN F 485 -6.89 -15.36 63.93
N VAL F 486 -7.99 -15.55 63.20
CA VAL F 486 -8.02 -16.33 61.93
C VAL F 486 -7.35 -15.51 60.82
N ALA F 487 -7.61 -14.20 60.74
CA ALA F 487 -6.96 -13.32 59.74
C ALA F 487 -5.44 -13.33 59.93
N GLU F 488 -4.97 -13.49 61.18
CA GLU F 488 -3.52 -13.44 61.53
C GLU F 488 -2.80 -14.74 61.09
N THR F 489 -3.50 -15.87 60.92
CA THR F 489 -2.86 -17.17 60.55
C THR F 489 -2.32 -17.10 59.11
N TYR F 490 -2.91 -16.28 58.23
CA TYR F 490 -2.49 -16.09 56.81
C TYR F 490 -1.28 -15.14 56.81
N SER F 491 -0.21 -15.59 57.48
CA SER F 491 0.92 -14.79 58.01
C SER F 491 2.02 -14.58 56.96
N PHE F 492 1.94 -15.27 55.84
CA PHE F 492 2.98 -15.24 54.79
C PHE F 492 3.32 -13.80 54.44
N ASN F 493 4.61 -13.46 54.49
CA ASN F 493 5.20 -12.17 54.03
C ASN F 493 4.46 -11.04 54.78
N ASN F 494 4.51 -11.06 56.12
CA ASN F 494 3.93 -10.04 57.03
C ASN F 494 2.48 -9.78 56.66
N HIS F 495 1.65 -10.83 56.66
CA HIS F 495 0.19 -10.71 56.45
C HIS F 495 -0.08 -9.79 55.27
N ILE F 496 0.54 -10.11 54.13
CA ILE F 496 0.30 -9.38 52.85
C ILE F 496 -1.18 -9.54 52.46
N GLN F 497 -1.79 -10.69 52.75
CA GLN F 497 -3.23 -10.93 52.41
C GLN F 497 -4.09 -9.84 53.05
N ARG F 498 -3.96 -9.68 54.37
CA ARG F 498 -4.68 -8.65 55.17
C ARG F 498 -4.42 -7.28 54.55
N ARG F 499 -3.15 -6.91 54.40
CA ARG F 499 -2.73 -5.58 53.89
C ARG F 499 -3.29 -5.37 52.48
N SER F 500 -3.35 -6.42 51.66
CA SER F 500 -3.97 -6.37 50.30
C SER F 500 -5.46 -6.06 50.43
N HIS F 501 -6.19 -6.85 51.24
CA HIS F 501 -7.63 -6.64 51.52
C HIS F 501 -7.84 -5.19 51.97
N GLU F 502 -6.98 -4.72 52.89
CA GLU F 502 -7.08 -3.39 53.53
C GLU F 502 -6.79 -2.27 52.51
N ARG F 503 -5.84 -2.48 51.61
CA ARG F 503 -5.49 -1.49 50.55
C ARG F 503 -6.75 -1.30 49.67
N ILE F 504 -7.54 -2.36 49.46
CA ILE F 504 -8.79 -2.33 48.65
C ILE F 504 -9.91 -1.68 49.48
N LYS F 505 -9.97 -2.01 50.77
CA LYS F 505 -10.89 -1.41 51.77
C LYS F 505 -10.77 0.12 51.74
N ASP F 506 -9.56 0.67 51.70
CA ASP F 506 -9.28 2.13 51.81
C ASP F 506 -9.66 2.81 50.48
N ALA F 507 -9.49 2.11 49.35
CA ALA F 507 -9.89 2.60 48.01
C ALA F 507 -11.43 2.65 47.89
N LEU F 508 -12.10 1.57 48.24
CA LEU F 508 -13.56 1.37 47.97
C LEU F 508 -14.40 1.99 49.10
N ASP F 509 -13.82 2.17 50.30
CA ASP F 509 -14.50 2.76 51.49
C ASP F 509 -13.52 3.69 52.17
N PRO F 510 -13.25 4.91 51.64
CA PRO F 510 -12.24 5.81 52.20
C PRO F 510 -12.57 6.29 53.62
N ASN F 511 -13.85 6.31 54.00
CA ASN F 511 -14.32 6.83 55.32
C ASN F 511 -14.40 5.70 56.36
N GLY F 512 -14.31 4.44 55.94
CA GLY F 512 -14.30 3.28 56.85
C GLY F 512 -15.64 3.06 57.53
N ILE F 513 -16.73 3.24 56.78
CA ILE F 513 -18.14 3.11 57.26
C ILE F 513 -18.53 1.63 57.39
N LEU F 514 -18.21 0.81 56.40
CA LEU F 514 -18.79 -0.55 56.27
C LEU F 514 -18.12 -1.53 57.26
N ASN F 515 -18.96 -2.14 58.10
CA ASN F 515 -18.64 -3.18 59.11
C ASN F 515 -17.13 -3.26 59.34
N PRO F 516 -16.51 -2.23 59.97
CA PRO F 516 -15.08 -2.24 60.23
C PRO F 516 -14.64 -3.55 60.89
N GLY F 517 -13.55 -4.14 60.39
CA GLY F 517 -12.88 -5.30 61.01
C GLY F 517 -13.35 -6.62 60.42
N LYS F 518 -14.36 -6.61 59.56
CA LYS F 518 -14.89 -7.86 58.94
C LYS F 518 -13.71 -8.69 58.42
N SER F 519 -13.61 -9.95 58.85
CA SER F 519 -12.53 -10.89 58.43
C SER F 519 -11.14 -10.28 58.68
N GLY F 520 -11.00 -9.42 59.68
CA GLY F 520 -9.71 -8.79 60.03
C GLY F 520 -9.33 -7.64 59.12
N ILE F 521 -10.28 -7.14 58.32
CA ILE F 521 -10.08 -5.98 57.39
C ILE F 521 -10.53 -4.69 58.10
N TRP F 522 -9.57 -3.94 58.63
CA TRP F 522 -9.78 -2.68 59.39
C TRP F 522 -9.52 -1.50 58.48
N PRO F 523 -10.32 -0.42 58.55
CA PRO F 523 -10.15 0.76 57.71
C PRO F 523 -8.93 1.56 58.20
N GLU F 524 -8.56 2.65 57.51
CA GLU F 524 -7.29 3.38 57.81
C GLU F 524 -7.46 4.20 59.09
N ARG F 525 -8.69 4.41 59.57
CA ARG F 525 -8.98 5.18 60.81
C ARG F 525 -8.52 4.40 62.05
N LEU F 526 -8.45 3.06 62.01
CA LEU F 526 -8.37 2.22 63.24
C LEU F 526 -7.04 1.46 63.35
N ARG F 527 -5.94 2.10 62.93
CA ARG F 527 -4.59 1.46 62.97
C ARG F 527 -3.51 2.54 63.11
N THR G 5 50.36 -35.57 -43.35
CA THR G 5 49.09 -35.73 -42.57
C THR G 5 48.27 -34.45 -42.77
N LEU G 6 47.03 -34.38 -42.24
CA LEU G 6 46.24 -33.11 -42.27
C LEU G 6 45.02 -33.23 -41.36
N PRO G 7 44.72 -32.18 -40.55
CA PRO G 7 43.62 -32.23 -39.60
C PRO G 7 42.25 -32.35 -40.30
N ASP G 8 41.37 -33.16 -39.73
CA ASP G 8 40.03 -33.47 -40.26
C ASP G 8 39.19 -32.18 -40.29
N GLY G 9 38.47 -31.94 -41.40
CA GLY G 9 37.58 -30.76 -41.57
C GLY G 9 38.34 -29.49 -41.93
N VAL G 10 39.57 -29.60 -42.44
CA VAL G 10 40.42 -28.48 -42.94
C VAL G 10 40.85 -28.84 -44.37
N SER G 11 40.58 -28.00 -45.36
CA SER G 11 41.08 -28.20 -46.74
C SER G 11 42.59 -27.92 -46.73
N ALA G 12 43.35 -28.57 -47.61
CA ALA G 12 44.81 -28.34 -47.76
C ALA G 12 45.01 -26.82 -47.86
N GLU G 13 44.00 -26.11 -48.39
CA GLU G 13 44.16 -24.68 -48.76
C GLU G 13 43.91 -23.74 -47.59
N GLN G 14 42.88 -23.95 -46.78
CA GLN G 14 42.71 -23.12 -45.55
C GLN G 14 43.79 -23.47 -44.53
N PHE G 15 44.34 -24.70 -44.55
CA PHE G 15 45.57 -25.07 -43.79
C PHE G 15 46.73 -24.22 -44.31
N ALA G 16 46.84 -24.07 -45.63
CA ALA G 16 47.94 -23.32 -46.27
C ALA G 16 47.79 -21.83 -45.95
N ASN G 17 46.56 -21.33 -45.90
CA ASN G 17 46.27 -19.90 -45.57
C ASN G 17 46.68 -19.60 -44.12
N ALA G 18 46.39 -20.50 -43.17
CA ALA G 18 46.79 -20.36 -41.74
C ALA G 18 48.30 -20.44 -41.62
N ILE G 19 48.91 -21.46 -42.23
CA ILE G 19 50.40 -21.63 -42.22
C ILE G 19 50.98 -20.33 -42.78
N SER G 20 50.40 -19.83 -43.87
CA SER G 20 50.88 -18.60 -44.55
C SER G 20 50.88 -17.48 -43.51
N GLU G 21 49.73 -17.20 -42.89
CA GLU G 21 49.59 -16.06 -41.94
C GLU G 21 50.42 -16.31 -40.67
N PHE G 22 50.67 -17.56 -40.26
CA PHE G 22 51.60 -17.83 -39.13
C PHE G 22 52.98 -17.30 -39.51
N SER G 23 53.48 -17.68 -40.69
CA SER G 23 54.82 -17.27 -41.20
C SER G 23 54.87 -15.75 -41.33
N GLU G 24 53.77 -15.18 -41.81
CA GLU G 24 53.65 -13.77 -42.24
C GLU G 24 53.74 -12.86 -41.00
N THR G 25 53.44 -13.40 -39.80
CA THR G 25 53.32 -12.64 -38.52
C THR G 25 54.37 -13.08 -37.48
N ILE G 26 54.67 -14.37 -37.34
CA ILE G 26 55.63 -14.86 -36.31
C ILE G 26 57.06 -14.84 -36.88
N GLY G 27 57.22 -14.98 -38.20
CA GLY G 27 58.50 -15.23 -38.87
C GLY G 27 58.59 -16.65 -39.38
N SER G 28 59.10 -16.85 -40.60
CA SER G 28 59.05 -18.14 -41.32
C SER G 28 60.01 -19.16 -40.70
N GLU G 29 61.08 -18.70 -40.06
CA GLU G 29 62.05 -19.63 -39.43
C GLU G 29 61.39 -20.30 -38.20
N TYR G 30 60.33 -19.70 -37.66
CA TYR G 30 59.65 -20.14 -36.41
C TYR G 30 58.42 -20.98 -36.72
N VAL G 31 58.11 -21.19 -38.00
CA VAL G 31 56.91 -21.94 -38.47
C VAL G 31 57.41 -23.13 -39.29
N ARG G 32 57.50 -24.30 -38.69
CA ARG G 32 58.18 -25.47 -39.27
C ARG G 32 57.17 -26.52 -39.72
N VAL G 33 57.24 -26.87 -41.01
CA VAL G 33 56.42 -27.94 -41.67
C VAL G 33 57.34 -29.02 -42.22
N ASP G 34 58.66 -28.80 -42.18
CA ASP G 34 59.67 -29.77 -42.68
C ASP G 34 59.62 -31.03 -41.80
N GLU G 35 59.57 -32.20 -42.45
CA GLU G 35 59.43 -33.52 -41.81
C GLU G 35 60.53 -33.71 -40.74
N ALA G 36 61.72 -33.13 -40.94
CA ALA G 36 62.82 -33.22 -39.94
C ALA G 36 62.33 -32.72 -38.59
N THR G 37 61.70 -31.54 -38.55
CA THR G 37 61.34 -30.82 -37.28
C THR G 37 60.01 -31.32 -36.72
N VAL G 38 59.02 -31.59 -37.57
CA VAL G 38 57.70 -32.09 -37.09
C VAL G 38 57.89 -33.46 -36.43
N SER G 39 58.89 -34.22 -36.90
CA SER G 39 59.18 -35.60 -36.41
C SER G 39 59.63 -35.55 -34.95
N GLU G 40 60.55 -34.64 -34.61
CA GLU G 40 61.00 -34.43 -33.21
C GLU G 40 59.79 -34.49 -32.25
N TYR G 41 58.58 -34.12 -32.70
CA TYR G 41 57.42 -33.84 -31.82
C TYR G 41 56.40 -34.99 -31.84
N ASP G 42 56.71 -36.10 -32.50
CA ASP G 42 55.92 -37.35 -32.36
C ASP G 42 56.18 -37.93 -30.96
N ASP G 43 55.26 -38.74 -30.44
CA ASP G 43 55.42 -39.41 -29.13
C ASP G 43 56.63 -40.34 -29.24
N LYS G 44 57.65 -40.13 -28.40
CA LYS G 44 58.93 -40.90 -28.42
C LYS G 44 58.75 -42.26 -27.71
N PHE G 45 57.67 -42.44 -26.94
CA PHE G 45 57.24 -43.75 -26.40
C PHE G 45 55.87 -44.11 -26.98
N PRO G 46 55.79 -44.49 -28.27
CA PRO G 46 54.50 -44.70 -28.90
C PRO G 46 53.99 -46.09 -28.48
N VAL G 47 52.69 -46.27 -28.54
CA VAL G 47 52.01 -47.56 -28.24
C VAL G 47 51.06 -47.89 -29.39
N THR G 48 51.03 -47.06 -30.43
CA THR G 48 50.30 -47.31 -31.69
C THR G 48 51.32 -47.29 -32.84
N ASP G 49 50.88 -47.62 -34.06
CA ASP G 49 51.77 -47.93 -35.22
C ASP G 49 51.58 -46.92 -36.36
N GLY G 50 50.42 -46.26 -36.48
CA GLY G 50 50.01 -45.56 -37.72
C GLY G 50 50.09 -44.03 -37.63
N ASP G 51 49.07 -43.35 -38.16
CA ASP G 51 49.02 -41.88 -38.37
C ASP G 51 48.39 -41.19 -37.16
N GLU G 52 47.94 -41.93 -36.14
CA GLU G 52 47.30 -41.38 -34.92
C GLU G 52 48.35 -40.60 -34.08
N PHE G 53 47.95 -39.42 -33.59
CA PHE G 53 48.72 -38.53 -32.68
C PHE G 53 49.92 -37.91 -33.42
N LYS G 54 49.75 -37.57 -34.69
CA LYS G 54 50.79 -36.97 -35.55
C LYS G 54 50.46 -35.49 -35.80
N GLY G 55 51.22 -34.58 -35.20
CA GLY G 55 51.18 -33.15 -35.53
C GLY G 55 51.46 -32.89 -37.00
N SER G 56 50.87 -31.83 -37.56
CA SER G 56 51.03 -31.41 -38.98
C SER G 56 52.17 -30.41 -39.14
N ALA G 57 52.47 -29.61 -38.11
CA ALA G 57 53.46 -28.51 -38.15
C ALA G 57 53.79 -28.07 -36.72
N VAL G 58 54.85 -27.28 -36.55
CA VAL G 58 55.28 -26.82 -35.20
C VAL G 58 55.59 -25.33 -35.28
N ILE G 59 55.24 -24.59 -34.23
CA ILE G 59 55.54 -23.15 -34.10
C ILE G 59 56.40 -22.95 -32.84
N TRP G 60 57.36 -22.04 -32.93
CA TRP G 60 58.26 -21.63 -31.82
C TRP G 60 57.96 -20.18 -31.48
N PRO G 61 56.81 -19.88 -30.86
CA PRO G 61 56.48 -18.50 -30.51
C PRO G 61 57.56 -17.90 -29.61
N GLY G 62 57.73 -16.59 -29.69
CA GLY G 62 58.77 -15.84 -28.96
C GLY G 62 58.23 -15.04 -27.79
N SER G 63 56.90 -14.98 -27.59
CA SER G 63 56.26 -14.07 -26.60
C SER G 63 54.77 -14.40 -26.41
N THR G 64 54.13 -13.73 -25.45
CA THR G 64 52.67 -13.83 -25.22
C THR G 64 51.95 -13.27 -26.45
N GLU G 65 52.37 -12.10 -26.95
CA GLU G 65 51.75 -11.48 -28.15
C GLU G 65 51.79 -12.48 -29.33
N ASP G 66 52.93 -13.14 -29.53
CA ASP G 66 53.07 -14.20 -30.59
C ASP G 66 52.03 -15.30 -30.35
N VAL G 67 51.85 -15.78 -29.12
CA VAL G 67 50.89 -16.88 -28.80
C VAL G 67 49.49 -16.37 -29.15
N GLN G 68 49.17 -15.15 -28.73
CA GLN G 68 47.87 -14.49 -29.02
C GLN G 68 47.61 -14.56 -30.53
N VAL G 69 48.52 -13.99 -31.33
CA VAL G 69 48.35 -13.89 -32.81
C VAL G 69 48.17 -15.29 -33.38
N ILE G 70 48.93 -16.28 -32.90
CA ILE G 70 48.82 -17.68 -33.40
C ILE G 70 47.40 -18.16 -33.12
N VAL G 71 46.89 -17.86 -31.93
CA VAL G 71 45.58 -18.39 -31.47
C VAL G 71 44.47 -17.78 -32.32
N ARG G 72 44.55 -16.48 -32.63
CA ARG G 72 43.49 -15.77 -33.41
C ARG G 72 43.43 -16.30 -34.84
N ILE G 73 44.58 -16.53 -35.48
CA ILE G 73 44.64 -17.19 -36.82
C ILE G 73 44.00 -18.58 -36.72
N ALA G 74 44.33 -19.37 -35.70
CA ALA G 74 43.80 -20.74 -35.55
C ALA G 74 42.27 -20.71 -35.49
N ASN G 75 41.71 -19.71 -34.79
CA ASN G 75 40.24 -19.50 -34.64
C ASN G 75 39.66 -19.10 -36.00
N LYS G 76 40.34 -18.21 -36.73
CA LYS G 76 39.89 -17.73 -38.06
C LYS G 76 39.68 -18.93 -38.99
N TYR G 77 40.64 -19.86 -39.03
CA TYR G 77 40.71 -20.94 -40.05
C TYR G 77 40.28 -22.30 -39.50
N GLY G 78 40.00 -22.40 -38.20
CA GLY G 78 39.45 -23.60 -37.54
C GLY G 78 40.47 -24.72 -37.48
N ILE G 79 41.63 -24.43 -36.90
CA ILE G 79 42.80 -25.35 -36.90
C ILE G 79 43.18 -25.71 -35.48
N PRO G 80 42.95 -26.98 -35.06
CA PRO G 80 43.32 -27.40 -33.71
C PRO G 80 44.82 -27.17 -33.41
N LEU G 81 45.13 -26.72 -32.19
CA LEU G 81 46.51 -26.54 -31.66
C LEU G 81 46.69 -27.43 -30.43
N HIS G 82 47.93 -27.71 -30.08
CA HIS G 82 48.33 -28.36 -28.81
C HIS G 82 49.63 -27.70 -28.36
N ALA G 83 49.52 -26.83 -27.37
CA ALA G 83 50.65 -26.09 -26.78
C ALA G 83 51.16 -26.87 -25.57
N PHE G 84 52.48 -26.86 -25.39
CA PHE G 84 53.19 -27.45 -24.24
C PHE G 84 54.43 -26.60 -23.97
N SER G 85 55.08 -26.85 -22.83
CA SER G 85 56.20 -26.02 -22.33
C SER G 85 57.54 -26.62 -22.76
N GLY G 86 57.85 -27.84 -22.28
CA GLY G 86 59.05 -28.62 -22.69
C GLY G 86 58.72 -29.64 -23.77
N GLY G 87 57.56 -30.29 -23.68
CA GLY G 87 57.12 -31.37 -24.59
C GLY G 87 57.71 -32.73 -24.25
N ARG G 88 58.27 -32.90 -23.05
CA ARG G 88 58.93 -34.16 -22.60
C ARG G 88 58.01 -34.91 -21.63
N ASN G 89 56.68 -34.80 -21.82
CA ASN G 89 55.66 -35.55 -21.03
C ASN G 89 55.75 -37.05 -21.37
N LEU G 90 56.91 -37.68 -21.12
CA LEU G 90 57.15 -39.10 -21.47
C LEU G 90 56.31 -39.99 -20.55
N GLY G 91 55.71 -41.04 -21.11
CA GLY G 91 54.80 -41.95 -20.40
C GLY G 91 53.34 -41.54 -20.58
N TYR G 92 53.08 -40.31 -21.03
CA TYR G 92 51.70 -39.78 -21.21
C TYR G 92 51.48 -39.23 -22.62
N GLY G 93 52.37 -39.53 -23.58
CA GLY G 93 52.19 -39.12 -24.99
C GLY G 93 53.20 -38.05 -25.40
N GLY G 94 54.15 -37.73 -24.54
CA GLY G 94 55.27 -36.82 -24.84
C GLY G 94 54.75 -35.47 -25.29
N SER G 95 54.89 -35.14 -26.57
CA SER G 95 54.42 -33.86 -27.15
C SER G 95 53.27 -34.11 -28.13
N SER G 96 52.90 -35.38 -28.36
CA SER G 96 51.92 -35.76 -29.41
C SER G 96 50.55 -35.21 -29.05
N PRO G 97 49.81 -34.64 -30.02
CA PRO G 97 48.46 -34.13 -29.80
C PRO G 97 47.44 -35.26 -29.85
N MET G 98 46.19 -34.94 -29.49
CA MET G 98 45.09 -35.92 -29.44
C MET G 98 44.64 -36.22 -30.88
N LEU G 99 44.45 -35.20 -31.72
CA LEU G 99 43.97 -35.35 -33.13
C LEU G 99 45.13 -35.18 -34.11
N THR G 100 45.21 -36.09 -35.08
CA THR G 100 46.19 -36.01 -36.19
C THR G 100 45.93 -34.72 -36.99
N GLY G 101 47.01 -34.01 -37.31
CA GLY G 101 46.96 -32.78 -38.10
C GLY G 101 46.96 -31.54 -37.22
N THR G 102 46.84 -31.71 -35.90
CA THR G 102 46.91 -30.59 -34.94
C THR G 102 48.23 -29.83 -35.20
N VAL G 103 48.19 -28.51 -35.24
CA VAL G 103 49.41 -27.67 -35.28
C VAL G 103 49.95 -27.59 -33.85
N LEU G 104 51.27 -27.74 -33.68
CA LEU G 104 51.91 -27.90 -32.36
C LEU G 104 52.57 -26.58 -31.97
N LEU G 105 52.49 -26.22 -30.69
CA LEU G 105 53.12 -25.00 -30.12
C LEU G 105 54.12 -25.41 -29.03
N HIS G 106 55.40 -25.41 -29.36
CA HIS G 106 56.50 -25.64 -28.39
C HIS G 106 56.91 -24.26 -27.87
N LEU G 107 56.29 -23.83 -26.77
CA LEU G 107 56.47 -22.47 -26.23
C LEU G 107 57.86 -22.38 -25.57
N GLY G 108 58.32 -23.48 -24.97
CA GLY G 108 59.56 -23.53 -24.18
C GLY G 108 60.79 -23.27 -25.03
N LYS G 109 60.75 -23.68 -26.28
CA LYS G 109 61.84 -23.52 -27.28
C LYS G 109 62.47 -22.12 -27.16
N ARG G 110 61.69 -21.04 -27.27
CA ARG G 110 62.25 -19.66 -27.23
C ARG G 110 61.89 -18.98 -25.91
N MET G 111 60.63 -19.09 -25.49
CA MET G 111 60.12 -18.53 -24.20
C MET G 111 60.62 -19.43 -23.06
N ASN G 112 61.78 -19.11 -22.48
CA ASN G 112 62.53 -20.04 -21.59
C ASN G 112 63.38 -19.29 -20.55
N ARG G 113 62.95 -18.09 -20.12
CA ARG G 113 63.71 -17.23 -19.17
C ARG G 113 63.12 -17.39 -17.77
N VAL G 114 64.01 -17.51 -16.77
CA VAL G 114 63.67 -17.38 -15.34
C VAL G 114 63.47 -15.88 -15.10
N LEU G 115 62.23 -15.43 -14.91
CA LEU G 115 61.87 -13.99 -14.99
C LEU G 115 62.22 -13.29 -13.68
N GLU G 116 62.17 -14.00 -12.55
CA GLU G 116 62.14 -13.41 -11.18
C GLU G 116 62.62 -14.45 -10.16
N ILE G 117 63.46 -14.04 -9.22
CA ILE G 117 63.72 -14.80 -7.96
C ILE G 117 63.57 -13.83 -6.79
N ASN G 118 62.66 -14.14 -5.89
CA ASN G 118 62.38 -13.33 -4.68
C ASN G 118 62.75 -14.21 -3.49
N GLU G 119 63.80 -13.84 -2.74
CA GLU G 119 64.15 -14.56 -1.49
C GLU G 119 63.23 -14.09 -0.36
N LYS G 120 63.06 -12.77 -0.23
CA LYS G 120 62.20 -12.13 0.79
C LYS G 120 60.88 -12.91 0.89
N LEU G 121 60.28 -13.31 -0.24
CA LEU G 121 58.94 -13.96 -0.30
C LEU G 121 59.00 -15.35 -0.95
N ALA G 122 60.20 -15.90 -1.16
CA ALA G 122 60.44 -17.33 -1.44
C ALA G 122 59.55 -17.79 -2.60
N TYR G 123 59.74 -17.21 -3.78
CA TYR G 123 59.07 -17.62 -5.04
C TYR G 123 59.97 -17.27 -6.23
N ALA G 124 59.72 -17.95 -7.35
CA ALA G 124 60.34 -17.61 -8.65
C ALA G 124 59.23 -17.52 -9.70
N VAL G 125 59.51 -16.81 -10.78
CA VAL G 125 58.57 -16.65 -11.93
C VAL G 125 59.28 -17.15 -13.17
N VAL G 126 58.69 -18.13 -13.81
CA VAL G 126 59.34 -18.92 -14.88
C VAL G 126 58.50 -18.73 -16.13
N GLU G 127 59.13 -18.92 -17.28
CA GLU G 127 58.46 -19.07 -18.58
C GLU G 127 58.33 -20.57 -18.82
N PRO G 128 57.61 -20.99 -19.89
CA PRO G 128 57.43 -22.42 -20.18
C PRO G 128 58.75 -23.22 -20.28
N GLY G 129 59.79 -22.60 -20.83
CA GLY G 129 61.03 -23.30 -21.21
C GLY G 129 61.91 -23.64 -20.03
N VAL G 130 61.69 -22.99 -18.87
CA VAL G 130 62.50 -23.25 -17.65
C VAL G 130 62.23 -24.70 -17.25
N ASP G 131 63.28 -25.52 -17.26
CA ASP G 131 63.25 -26.89 -16.70
C ASP G 131 63.87 -26.83 -15.30
N TYR G 132 63.84 -27.96 -14.60
CA TYR G 132 64.28 -28.11 -13.19
C TYR G 132 65.76 -27.74 -13.07
N LYS G 133 66.58 -28.18 -14.02
CA LYS G 133 68.04 -27.87 -14.03
C LYS G 133 68.21 -26.34 -14.04
N THR G 134 67.66 -25.67 -15.04
CA THR G 134 67.81 -24.20 -15.26
C THR G 134 67.32 -23.38 -14.06
N LEU G 135 66.21 -23.77 -13.44
CA LEU G 135 65.67 -23.05 -12.26
C LEU G 135 66.62 -23.28 -11.09
N TYR G 136 67.09 -24.52 -10.89
CA TYR G 136 68.08 -24.86 -9.85
C TYR G 136 69.34 -24.01 -10.05
N GLU G 137 69.83 -23.91 -11.29
CA GLU G 137 71.09 -23.19 -11.61
C GLU G 137 70.87 -21.69 -11.37
N ALA G 138 69.74 -21.15 -11.83
CA ALA G 138 69.36 -19.73 -11.63
C ALA G 138 69.23 -19.44 -10.13
N VAL G 139 68.60 -20.32 -9.37
CA VAL G 139 68.41 -20.16 -7.89
C VAL G 139 69.79 -20.13 -7.23
N ARG G 140 70.69 -21.03 -7.63
CA ARG G 140 72.02 -21.23 -6.97
C ARG G 140 72.95 -20.07 -7.34
N ASP G 141 72.84 -19.51 -8.55
CA ASP G 141 73.61 -18.30 -8.97
C ASP G 141 73.09 -17.05 -8.24
N SER G 142 71.81 -16.99 -7.84
CA SER G 142 71.23 -15.84 -7.09
C SER G 142 71.76 -15.86 -5.65
N GLY G 143 72.05 -17.04 -5.11
CA GLY G 143 72.57 -17.22 -3.74
C GLY G 143 71.46 -17.27 -2.70
N ALA G 144 70.21 -17.01 -3.08
CA ALA G 144 69.03 -17.05 -2.17
C ALA G 144 68.90 -18.46 -1.57
N LYS G 145 68.70 -18.56 -0.26
CA LYS G 145 68.61 -19.88 0.45
C LYS G 145 67.23 -20.50 0.17
N LEU G 146 66.99 -20.82 -1.10
CA LEU G 146 65.75 -21.46 -1.62
C LEU G 146 66.10 -22.77 -2.32
N MET G 147 65.18 -23.73 -2.27
CA MET G 147 65.33 -25.02 -2.98
C MET G 147 64.07 -25.34 -3.77
N ILE G 148 64.28 -25.87 -4.97
CA ILE G 148 63.20 -26.22 -5.94
C ILE G 148 62.68 -27.59 -5.55
N ASP G 149 61.57 -28.02 -6.15
CA ASP G 149 61.01 -29.38 -5.95
C ASP G 149 60.91 -30.05 -7.30
N PRO G 150 61.98 -30.71 -7.76
CA PRO G 150 61.98 -31.37 -9.06
C PRO G 150 61.35 -32.75 -8.99
N ALA G 151 60.78 -33.16 -10.12
CA ALA G 151 60.44 -34.57 -10.42
C ALA G 151 61.76 -35.27 -10.76
N GLU G 152 61.70 -36.51 -11.25
CA GLU G 152 62.89 -37.38 -11.41
C GLU G 152 63.83 -36.78 -12.45
N LEU G 153 63.30 -36.22 -13.53
CA LEU G 153 64.11 -35.84 -14.72
C LEU G 153 64.25 -34.33 -14.81
N ASP G 154 65.49 -33.85 -14.81
CA ASP G 154 65.84 -32.40 -14.73
C ASP G 154 65.46 -31.69 -16.04
N TRP G 155 65.11 -32.41 -17.11
CA TRP G 155 64.66 -31.80 -18.38
C TRP G 155 63.15 -31.50 -18.32
N GLY G 156 62.44 -32.06 -17.34
CA GLY G 156 61.03 -31.71 -17.08
C GLY G 156 60.87 -30.21 -16.96
N SER G 157 59.80 -29.67 -17.57
CA SER G 157 59.38 -28.25 -17.46
C SER G 157 58.77 -28.01 -16.07
N VAL G 158 59.27 -26.99 -15.36
CA VAL G 158 58.65 -26.49 -14.10
C VAL G 158 57.18 -26.17 -14.38
N MET G 159 56.91 -25.48 -15.48
CA MET G 159 55.54 -25.03 -15.82
C MET G 159 54.73 -26.22 -16.34
N GLY G 160 55.28 -26.97 -17.28
CA GLY G 160 54.56 -28.08 -17.94
C GLY G 160 54.16 -29.12 -16.91
N ASN G 161 55.11 -29.49 -16.06
CA ASN G 161 54.89 -30.56 -15.05
C ASN G 161 53.74 -30.12 -14.15
N THR G 162 53.73 -28.87 -13.68
CA THR G 162 52.65 -28.32 -12.83
C THR G 162 51.31 -28.67 -13.45
N MET G 163 51.08 -28.28 -14.71
CA MET G 163 49.73 -28.34 -15.33
C MET G 163 49.37 -29.78 -15.70
N GLU G 164 50.22 -30.75 -15.40
CA GLU G 164 49.88 -32.19 -15.55
C GLU G 164 49.57 -32.76 -14.16
N HIS G 165 49.54 -31.94 -13.10
CA HIS G 165 49.43 -32.37 -11.67
C HIS G 165 50.62 -33.23 -11.29
N GLY G 166 51.81 -32.89 -11.80
CA GLY G 166 53.05 -33.65 -11.55
C GLY G 166 53.48 -33.51 -10.12
N VAL G 167 54.41 -34.37 -9.68
CA VAL G 167 54.84 -34.48 -8.25
C VAL G 167 56.38 -34.51 -8.19
N GLY G 168 56.93 -33.89 -7.14
CA GLY G 168 58.32 -34.08 -6.72
C GLY G 168 58.34 -34.82 -5.40
N TYR G 169 59.36 -34.59 -4.57
CA TYR G 169 59.66 -35.46 -3.41
C TYR G 169 60.08 -34.68 -2.18
N THR G 170 60.17 -33.34 -2.23
CA THR G 170 60.43 -32.50 -1.02
C THR G 170 59.07 -32.30 -0.35
N PRO G 171 58.97 -31.57 0.77
CA PRO G 171 57.66 -31.21 1.33
C PRO G 171 56.78 -30.36 0.38
N TYR G 172 57.37 -29.77 -0.65
CA TYR G 172 56.66 -29.01 -1.72
C TYR G 172 56.36 -29.94 -2.92
N ALA G 173 56.10 -31.23 -2.66
CA ALA G 173 55.93 -32.26 -3.71
C ALA G 173 54.70 -31.95 -4.57
N ASP G 174 53.61 -31.46 -3.97
CA ASP G 174 52.35 -31.12 -4.69
C ASP G 174 52.55 -29.81 -5.45
N HIS G 175 52.87 -29.89 -6.74
CA HIS G 175 53.25 -28.73 -7.60
C HIS G 175 52.06 -27.79 -7.81
N SER G 176 50.85 -28.33 -8.03
CA SER G 176 49.61 -27.53 -8.21
C SER G 176 49.45 -26.53 -7.06
N MET G 177 49.72 -26.98 -5.83
CA MET G 177 49.51 -26.24 -4.55
C MET G 177 50.43 -25.01 -4.47
N TRP G 178 51.68 -25.13 -4.91
CA TRP G 178 52.70 -24.06 -4.73
C TRP G 178 52.84 -23.21 -6.00
N ARG G 179 52.11 -23.56 -7.06
CA ARG G 179 51.84 -22.66 -8.22
C ARG G 179 51.03 -21.48 -7.71
N CYS G 180 51.39 -20.27 -8.09
CA CYS G 180 50.68 -19.02 -7.71
C CYS G 180 50.94 -17.93 -8.74
N GLY G 181 49.89 -17.52 -9.44
CA GLY G 181 49.92 -16.43 -10.43
C GLY G 181 50.30 -16.96 -11.80
N MET G 182 49.31 -17.03 -12.68
CA MET G 182 49.49 -17.43 -14.10
C MET G 182 48.98 -16.32 -15.02
N GLU G 183 49.79 -15.97 -16.01
CA GLU G 183 49.35 -15.21 -17.20
C GLU G 183 49.02 -16.26 -18.26
N VAL G 184 47.79 -16.24 -18.74
CA VAL G 184 47.23 -17.30 -19.62
C VAL G 184 46.60 -16.63 -20.82
N VAL G 185 46.89 -17.14 -22.02
CA VAL G 185 46.20 -16.73 -23.27
C VAL G 185 45.00 -17.65 -23.44
N LEU G 186 43.80 -17.06 -23.42
CA LEU G 186 42.51 -17.79 -23.60
C LEU G 186 42.34 -18.19 -25.07
N ALA G 187 41.41 -19.10 -25.33
CA ALA G 187 41.16 -19.72 -26.66
C ALA G 187 40.73 -18.70 -27.72
N ASP G 188 40.34 -17.49 -27.35
CA ASP G 188 39.91 -16.43 -28.30
C ASP G 188 41.04 -15.42 -28.49
N GLY G 189 42.16 -15.61 -27.80
CA GLY G 189 43.41 -14.82 -27.94
C GLY G 189 43.55 -13.71 -26.90
N GLU G 190 42.66 -13.62 -25.92
CA GLU G 190 42.77 -12.54 -24.90
C GLU G 190 43.70 -13.04 -23.78
N VAL G 191 44.43 -12.11 -23.17
CA VAL G 191 45.38 -12.38 -22.07
C VAL G 191 44.66 -12.22 -20.73
N LEU G 192 44.67 -13.28 -19.92
CA LEU G 192 44.15 -13.30 -18.53
C LEU G 192 45.33 -13.40 -17.58
N ARG G 193 45.25 -12.68 -16.47
CA ARG G 193 46.17 -12.81 -15.32
C ARG G 193 45.35 -13.25 -14.11
N THR G 194 45.63 -14.45 -13.61
CA THR G 194 44.83 -15.12 -12.56
C THR G 194 45.03 -14.39 -11.23
N GLY G 195 44.14 -14.67 -10.28
CA GLY G 195 44.25 -14.20 -8.88
C GLY G 195 44.47 -12.70 -8.81
N MET G 196 45.48 -12.29 -8.05
CA MET G 196 45.76 -10.86 -7.79
C MET G 196 46.49 -10.22 -8.98
N GLY G 197 46.83 -10.99 -10.01
CA GLY G 197 47.39 -10.45 -11.26
C GLY G 197 46.37 -9.59 -11.96
N GLY G 198 45.09 -9.82 -11.66
CA GLY G 198 43.95 -9.10 -12.24
C GLY G 198 43.83 -7.68 -11.70
N LEU G 199 44.48 -7.39 -10.57
CA LEU G 199 44.43 -6.05 -9.93
C LEU G 199 45.68 -5.30 -10.31
N PRO G 200 45.57 -4.22 -11.12
CA PRO G 200 46.73 -3.39 -11.45
C PRO G 200 47.55 -2.95 -10.22
N GLY G 201 48.86 -3.25 -10.23
CA GLY G 201 49.82 -2.79 -9.20
C GLY G 201 49.85 -3.71 -7.99
N SER G 202 49.07 -4.78 -7.97
CA SER G 202 49.13 -5.78 -6.87
C SER G 202 50.49 -6.48 -6.93
N GLU G 203 51.22 -6.50 -5.81
CA GLU G 203 52.48 -7.27 -5.72
C GLU G 203 52.21 -8.61 -5.03
N ALA G 204 50.96 -9.09 -5.05
CA ALA G 204 50.55 -10.34 -4.41
C ALA G 204 50.21 -11.43 -5.44
N TRP G 205 50.39 -11.14 -6.73
CA TRP G 205 50.04 -12.08 -7.85
C TRP G 205 50.57 -13.49 -7.54
N HIS G 206 51.84 -13.62 -7.16
CA HIS G 206 52.51 -14.93 -6.90
C HIS G 206 52.53 -15.23 -5.41
N LEU G 207 51.76 -14.49 -4.61
CA LEU G 207 51.73 -14.63 -3.13
C LEU G 207 50.42 -15.32 -2.74
N TYR G 208 49.28 -14.76 -3.11
CA TYR G 208 47.96 -15.23 -2.66
C TYR G 208 47.18 -15.75 -3.87
N PRO G 209 46.80 -17.05 -3.88
CA PRO G 209 46.18 -17.65 -5.04
C PRO G 209 44.69 -17.35 -5.00
N GLY G 210 44.34 -16.06 -4.98
CA GLY G 210 42.97 -15.65 -4.63
C GLY G 210 42.63 -14.26 -5.12
N GLN G 211 41.35 -13.95 -5.03
CA GLN G 211 40.67 -12.80 -5.68
C GLN G 211 39.19 -12.90 -5.36
N LEU G 212 38.45 -11.81 -5.56
CA LEU G 212 36.97 -11.85 -5.41
C LEU G 212 36.38 -12.86 -6.39
N GLY G 213 35.55 -13.76 -5.89
CA GLY G 213 34.88 -14.79 -6.70
C GLY G 213 35.75 -16.04 -6.79
N PRO G 214 35.40 -16.98 -7.68
CA PRO G 214 36.04 -18.30 -7.69
C PRO G 214 37.44 -18.24 -8.31
N SER G 215 38.39 -18.99 -7.72
CA SER G 215 39.75 -19.24 -8.30
C SER G 215 39.60 -20.15 -9.51
N ILE G 216 40.28 -19.86 -10.61
CA ILE G 216 40.15 -20.68 -11.86
C ILE G 216 41.49 -21.29 -12.30
N GLU G 217 42.61 -20.97 -11.64
CA GLU G 217 43.93 -21.55 -11.96
C GLU G 217 43.81 -23.07 -12.11
N GLY G 218 42.97 -23.71 -11.30
CA GLY G 218 42.78 -25.17 -11.31
C GLY G 218 42.20 -25.67 -12.62
N LEU G 219 41.47 -24.84 -13.35
CA LEU G 219 40.82 -25.30 -14.61
C LEU G 219 41.87 -25.57 -15.70
N PHE G 220 43.08 -25.01 -15.59
CA PHE G 220 44.18 -25.20 -16.59
C PHE G 220 45.02 -26.43 -16.24
N GLU G 221 44.47 -27.37 -15.49
CA GLU G 221 45.18 -28.58 -15.01
C GLU G 221 44.61 -29.78 -15.77
N GLN G 222 45.48 -30.53 -16.45
CA GLN G 222 45.15 -31.65 -17.39
C GLN G 222 43.90 -31.28 -18.20
N SER G 223 43.90 -30.11 -18.87
CA SER G 223 42.74 -29.55 -19.61
C SER G 223 43.20 -28.88 -20.91
N ASN G 224 42.26 -28.29 -21.64
CA ASN G 224 42.46 -27.65 -22.98
C ASN G 224 41.67 -26.34 -23.03
N PHE G 225 41.84 -25.46 -22.03
CA PHE G 225 41.07 -24.20 -21.89
C PHE G 225 41.94 -22.96 -22.11
N GLY G 226 43.25 -23.12 -22.06
CA GLY G 226 44.19 -22.00 -22.14
C GLY G 226 45.60 -22.42 -22.48
N ILE G 227 46.46 -21.45 -22.74
CA ILE G 227 47.89 -21.63 -23.05
C ILE G 227 48.62 -20.73 -22.06
N CYS G 228 49.39 -21.30 -21.13
CA CYS G 228 50.10 -20.50 -20.10
C CYS G 228 51.42 -20.00 -20.67
N THR G 229 51.74 -18.72 -20.43
CA THR G 229 52.97 -18.05 -20.95
C THR G 229 53.85 -17.54 -19.80
N ARG G 230 53.38 -17.63 -18.56
CA ARG G 230 54.12 -17.12 -17.38
C ARG G 230 53.47 -17.69 -16.12
N MET G 231 54.29 -18.19 -15.19
CA MET G 231 53.81 -18.91 -13.98
C MET G 231 54.73 -18.59 -12.80
N GLY G 232 54.13 -18.28 -11.66
CA GLY G 232 54.82 -18.20 -10.37
C GLY G 232 54.88 -19.56 -9.73
N MET G 233 56.04 -19.92 -9.22
CA MET G 233 56.24 -21.19 -8.49
C MET G 233 56.87 -20.85 -7.14
N GLN G 234 56.13 -21.07 -6.05
CA GLN G 234 56.59 -20.77 -4.68
C GLN G 234 57.62 -21.82 -4.29
N LEU G 235 58.73 -21.37 -3.70
CA LEU G 235 59.90 -22.24 -3.38
C LEU G 235 60.03 -22.34 -1.86
N MET G 236 60.28 -23.55 -1.41
CA MET G 236 60.55 -23.86 0.01
C MET G 236 61.80 -23.09 0.41
N PRO G 237 61.76 -22.31 1.51
CA PRO G 237 62.98 -21.74 2.08
C PRO G 237 63.84 -22.92 2.59
N THR G 238 65.14 -22.92 2.26
CA THR G 238 66.08 -24.02 2.61
C THR G 238 66.10 -24.19 4.13
N PRO G 239 65.85 -25.41 4.66
CA PRO G 239 65.83 -25.62 6.11
C PRO G 239 67.26 -25.58 6.64
N PRO G 240 67.48 -25.49 7.98
CA PRO G 240 68.81 -25.64 8.54
C PRO G 240 69.59 -26.86 8.01
N GLU G 241 69.00 -28.09 8.02
CA GLU G 241 69.62 -29.28 7.37
C GLU G 241 68.62 -30.39 7.02
N MET G 242 69.13 -31.40 6.31
CA MET G 242 68.38 -32.49 5.65
C MET G 242 69.24 -33.76 5.61
N LEU G 243 68.65 -34.90 5.97
CA LEU G 243 69.31 -36.23 5.91
C LEU G 243 68.35 -37.24 5.27
N SER G 244 68.77 -37.89 4.17
CA SER G 244 67.98 -38.93 3.46
C SER G 244 68.22 -40.29 4.13
N PHE G 245 67.31 -41.24 3.90
CA PHE G 245 67.41 -42.62 4.42
C PHE G 245 66.78 -43.61 3.45
N ALA G 246 67.30 -44.84 3.46
CA ALA G 246 66.73 -46.02 2.79
C ALA G 246 66.42 -47.09 3.83
N ILE G 247 65.31 -47.79 3.66
CA ILE G 247 64.94 -48.95 4.49
C ILE G 247 64.67 -50.12 3.54
N TYR G 248 65.45 -51.20 3.70
CA TYR G 248 65.41 -52.43 2.86
C TYR G 248 64.60 -53.49 3.60
N PHE G 249 63.61 -54.06 2.91
CA PHE G 249 62.72 -55.14 3.40
C PHE G 249 62.91 -56.37 2.50
N GLU G 250 62.92 -57.55 3.10
CA GLU G 250 63.45 -58.80 2.49
C GLU G 250 62.37 -59.66 1.84
N ASN G 251 61.09 -59.32 1.97
CA ASN G 251 59.97 -60.11 1.38
C ASN G 251 59.12 -59.22 0.46
N GLU G 252 58.72 -59.75 -0.70
CA GLU G 252 57.58 -59.25 -1.51
C GLU G 252 56.33 -59.18 -0.61
N ASP G 253 56.31 -59.99 0.44
CA ASP G 253 55.18 -60.21 1.40
C ASP G 253 55.12 -59.07 2.42
N ASP G 254 56.19 -58.27 2.52
CA ASP G 254 56.40 -57.27 3.60
C ASP G 254 55.60 -55.99 3.32
N LEU G 255 55.07 -55.82 2.10
CA LEU G 255 54.46 -54.54 1.66
C LEU G 255 53.34 -54.09 2.60
N PRO G 256 52.32 -54.93 2.94
CA PRO G 256 51.23 -54.47 3.80
C PRO G 256 51.70 -53.80 5.10
N ALA G 257 52.72 -54.37 5.74
CA ALA G 257 53.36 -53.83 6.96
C ALA G 257 53.94 -52.44 6.64
N ILE G 258 54.60 -52.29 5.48
CA ILE G 258 55.33 -51.04 5.09
C ILE G 258 54.33 -49.89 4.97
N MET G 259 53.11 -50.17 4.50
CA MET G 259 52.05 -49.15 4.26
C MET G 259 51.39 -48.73 5.57
N GLU G 260 50.98 -49.68 6.41
CA GLU G 260 50.21 -49.35 7.64
C GLU G 260 51.19 -48.97 8.76
N THR G 261 52.48 -49.25 8.59
CA THR G 261 53.55 -48.60 9.39
C THR G 261 53.60 -47.10 9.01
N THR G 262 53.62 -46.80 7.71
CA THR G 262 53.90 -45.45 7.15
C THR G 262 52.80 -44.46 7.54
N LEU G 263 51.52 -44.86 7.46
CA LEU G 263 50.37 -43.92 7.54
C LEU G 263 50.49 -43.04 8.79
N PRO G 264 50.42 -43.59 10.03
CA PRO G 264 50.43 -42.72 11.21
C PRO G 264 51.68 -41.83 11.29
N LEU G 265 52.80 -42.26 10.70
CA LEU G 265 54.09 -41.51 10.71
C LEU G 265 54.04 -40.34 9.70
N ARG G 266 53.09 -40.32 8.76
CA ARG G 266 53.01 -39.27 7.70
C ARG G 266 51.82 -38.33 7.95
N ILE G 267 50.69 -38.85 8.43
CA ILE G 267 49.37 -38.14 8.40
C ILE G 267 49.43 -36.81 9.15
N GLY G 268 50.38 -36.64 10.08
CA GLY G 268 50.55 -35.41 10.88
C GLY G 268 51.63 -34.50 10.33
N MET G 269 52.21 -34.87 9.16
CA MET G 269 53.33 -34.18 8.47
C MET G 269 54.62 -34.30 9.29
N ALA G 270 54.64 -35.20 10.28
CA ALA G 270 55.81 -35.48 11.15
C ALA G 270 55.62 -36.87 11.75
N PRO G 271 56.70 -37.68 11.89
CA PRO G 271 58.06 -37.29 11.53
C PRO G 271 58.38 -37.34 10.03
N LEU G 272 57.51 -37.95 9.21
CA LEU G 272 57.62 -37.97 7.72
C LEU G 272 57.19 -36.61 7.17
N GLN G 273 58.16 -35.70 7.01
CA GLN G 273 57.94 -34.29 6.60
C GLN G 273 57.70 -34.22 5.08
N ALA G 274 58.12 -35.25 4.35
CA ALA G 274 57.86 -35.42 2.90
C ALA G 274 57.17 -36.76 2.71
N ALA G 275 56.39 -36.90 1.64
CA ALA G 275 55.80 -38.18 1.22
C ALA G 275 56.94 -39.12 0.82
N PRO G 276 57.21 -40.20 1.59
CA PRO G 276 58.25 -41.15 1.20
C PRO G 276 57.73 -42.09 0.10
N ILE G 277 58.65 -42.55 -0.76
CA ILE G 277 58.36 -43.50 -1.87
C ILE G 277 58.65 -44.92 -1.39
N VAL G 278 57.95 -45.90 -1.97
CA VAL G 278 58.18 -47.35 -1.72
C VAL G 278 58.35 -47.99 -3.09
N ARG G 279 59.58 -48.42 -3.36
CA ARG G 279 59.99 -49.02 -4.66
C ARG G 279 60.06 -50.53 -4.50
N ASN G 280 59.66 -51.26 -5.53
CA ASN G 280 60.00 -52.69 -5.70
C ASN G 280 61.47 -52.74 -6.13
N VAL G 281 62.07 -53.92 -6.08
CA VAL G 281 63.51 -54.12 -6.35
C VAL G 281 63.80 -53.85 -7.85
N THR G 282 62.91 -54.31 -8.74
CA THR G 282 63.08 -54.16 -10.21
C THR G 282 63.35 -52.69 -10.53
N PHE G 283 62.63 -51.76 -9.89
CA PHE G 283 62.67 -50.32 -10.22
C PHE G 283 64.10 -49.81 -10.05
N ASP G 284 64.67 -50.01 -8.87
CA ASP G 284 66.03 -49.51 -8.50
C ASP G 284 67.05 -50.21 -9.40
N ALA G 285 66.92 -51.53 -9.59
CA ALA G 285 67.82 -52.32 -10.47
C ALA G 285 67.92 -51.67 -11.85
N ALA G 286 66.79 -51.22 -12.42
CA ALA G 286 66.69 -50.58 -13.76
C ALA G 286 67.43 -49.22 -13.76
N CYS G 287 67.62 -48.61 -12.59
CA CYS G 287 68.32 -47.31 -12.45
C CYS G 287 69.85 -47.48 -12.38
N VAL G 288 70.36 -48.71 -12.18
CA VAL G 288 71.84 -48.93 -11.93
C VAL G 288 72.35 -50.16 -12.69
N SER G 289 71.56 -50.74 -13.59
CA SER G 289 71.90 -52.04 -14.22
C SER G 289 70.92 -52.35 -15.35
N LYS G 290 71.36 -53.24 -16.23
CA LYS G 290 70.58 -53.69 -17.41
C LYS G 290 69.90 -55.01 -17.04
N ARG G 291 69.01 -55.48 -17.91
CA ARG G 291 68.17 -56.68 -17.68
C ARG G 291 68.97 -57.96 -17.97
N GLU G 292 69.88 -57.94 -18.96
CA GLU G 292 70.74 -59.12 -19.28
C GLU G 292 71.52 -59.55 -18.03
N GLU G 293 71.91 -58.59 -17.18
CA GLU G 293 72.64 -58.78 -15.89
C GLU G 293 71.96 -59.86 -15.03
N TRP G 294 70.63 -59.93 -15.02
CA TRP G 294 69.84 -60.77 -14.07
C TRP G 294 69.11 -61.92 -14.78
N GLN G 295 68.71 -61.71 -16.04
CA GLN G 295 67.89 -62.69 -16.82
C GLN G 295 68.19 -62.52 -18.31
N THR G 296 68.35 -63.63 -19.02
CA THR G 296 68.67 -63.67 -20.47
C THR G 296 67.45 -64.18 -21.26
N GLU G 297 66.54 -64.98 -20.66
CA GLU G 297 65.25 -65.39 -21.29
C GLU G 297 64.27 -64.22 -21.29
N PRO G 298 63.81 -63.79 -22.49
CA PRO G 298 62.98 -62.59 -22.65
C PRO G 298 61.53 -62.68 -22.10
N GLY G 299 61.14 -63.82 -21.49
CA GLY G 299 59.83 -63.94 -20.82
C GLY G 299 59.76 -63.05 -19.58
N PRO G 300 58.67 -63.17 -18.77
CA PRO G 300 58.58 -62.46 -17.50
C PRO G 300 59.80 -62.63 -16.58
N LEU G 301 60.10 -61.63 -15.75
CA LEU G 301 61.19 -61.73 -14.73
C LEU G 301 60.78 -62.79 -13.71
N THR G 302 61.67 -63.74 -13.46
CA THR G 302 61.47 -64.90 -12.55
C THR G 302 61.69 -64.48 -11.08
N ASP G 303 61.10 -65.21 -10.14
CA ASP G 303 61.22 -64.96 -8.69
C ASP G 303 62.70 -64.94 -8.27
N GLU G 304 63.49 -65.87 -8.81
CA GLU G 304 64.92 -66.00 -8.49
C GLU G 304 65.67 -64.81 -9.09
N ALA G 305 65.32 -64.41 -10.34
CA ALA G 305 65.94 -63.28 -11.07
C ALA G 305 65.85 -62.01 -10.22
N LYS G 306 64.72 -61.86 -9.50
CA LYS G 306 64.45 -60.71 -8.60
C LYS G 306 65.31 -60.88 -7.33
N GLN G 307 65.33 -62.09 -6.75
CA GLN G 307 66.13 -62.40 -5.52
C GLN G 307 67.62 -62.22 -5.77
N ARG G 308 68.05 -62.26 -7.04
CA ARG G 308 69.49 -62.15 -7.43
C ARG G 308 69.87 -60.66 -7.39
N MET G 309 69.01 -59.80 -7.95
CA MET G 309 69.21 -58.32 -7.88
C MET G 309 69.24 -57.90 -6.39
N VAL G 310 68.26 -58.38 -5.61
CA VAL G 310 68.15 -58.09 -4.15
C VAL G 310 69.51 -58.35 -3.50
N ASP G 311 70.20 -59.42 -3.94
CA ASP G 311 71.45 -59.95 -3.34
C ASP G 311 72.64 -59.10 -3.75
N GLU G 312 72.85 -58.90 -5.06
CA GLU G 312 74.08 -58.26 -5.61
C GLU G 312 74.00 -56.72 -5.50
N LEU G 313 72.79 -56.14 -5.47
CA LEU G 313 72.63 -54.67 -5.34
C LEU G 313 72.70 -54.31 -3.85
N GLY G 314 72.47 -55.28 -2.97
CA GLY G 314 72.51 -55.10 -1.51
C GLY G 314 71.34 -54.25 -1.04
N ILE G 315 70.13 -54.58 -1.51
CA ILE G 315 68.86 -53.84 -1.19
C ILE G 315 67.84 -54.87 -0.69
N GLY G 316 66.55 -54.58 -0.79
CA GLY G 316 65.46 -55.50 -0.43
C GLY G 316 64.49 -55.65 -1.58
N HIS G 317 63.48 -56.51 -1.42
CA HIS G 317 62.37 -56.67 -2.40
C HIS G 317 61.55 -55.37 -2.47
N TRP G 318 61.46 -54.66 -1.34
CA TRP G 318 60.83 -53.31 -1.21
C TRP G 318 61.82 -52.36 -0.55
N ILE G 319 61.97 -51.16 -1.10
CA ILE G 319 62.89 -50.14 -0.56
C ILE G 319 62.09 -48.86 -0.33
N VAL G 320 62.20 -48.33 0.88
CA VAL G 320 61.58 -47.05 1.29
C VAL G 320 62.68 -45.98 1.26
N TYR G 321 62.45 -44.91 0.51
CA TYR G 321 63.29 -43.68 0.51
C TYR G 321 62.49 -42.55 1.15
N GLY G 322 63.16 -41.75 1.97
CA GLY G 322 62.59 -40.56 2.63
C GLY G 322 63.69 -39.63 3.06
N THR G 323 63.31 -38.52 3.68
CA THR G 323 64.23 -37.46 4.12
C THR G 323 63.56 -36.69 5.26
N CYS G 324 64.35 -36.37 6.29
CA CYS G 324 63.94 -35.47 7.38
C CYS G 324 64.67 -34.15 7.19
N TYR G 325 63.95 -33.06 7.44
CA TYR G 325 64.41 -31.67 7.22
C TYR G 325 64.35 -30.94 8.56
N GLY G 326 65.16 -29.90 8.69
CA GLY G 326 65.09 -28.94 9.83
C GLY G 326 66.40 -28.90 10.60
N PRO G 327 66.41 -28.23 11.78
CA PRO G 327 67.56 -28.24 12.67
C PRO G 327 68.03 -29.65 13.03
N ARG G 328 69.35 -29.79 13.27
CA ARG G 328 70.07 -31.06 13.50
C ARG G 328 69.40 -31.79 14.69
N TRP G 329 68.75 -31.04 15.60
CA TRP G 329 68.04 -31.61 16.76
C TRP G 329 66.74 -32.31 16.34
N GLN G 330 65.89 -31.65 15.54
CA GLN G 330 64.55 -32.18 15.12
C GLN G 330 64.75 -33.41 14.24
N ILE G 331 65.73 -33.35 13.34
CA ILE G 331 66.10 -34.47 12.44
C ILE G 331 66.36 -35.73 13.29
N ASP G 332 67.29 -35.61 14.24
CA ASP G 332 67.73 -36.73 15.12
C ASP G 332 66.49 -37.38 15.75
N LYS G 333 65.61 -36.56 16.32
CA LYS G 333 64.43 -37.07 17.08
C LYS G 333 63.46 -37.78 16.11
N TYR G 334 63.33 -37.32 14.87
CA TYR G 334 62.41 -37.93 13.87
C TYR G 334 63.02 -39.25 13.38
N ILE G 335 64.30 -39.23 12.97
CA ILE G 335 64.98 -40.46 12.46
C ILE G 335 64.79 -41.60 13.47
N GLU G 336 64.87 -41.31 14.78
CA GLU G 336 64.66 -42.35 15.83
C GLU G 336 63.31 -43.01 15.59
N MET G 337 62.26 -42.20 15.45
CA MET G 337 60.85 -42.64 15.36
C MET G 337 60.68 -43.46 14.08
N ILE G 338 61.36 -43.06 13.00
CA ILE G 338 61.31 -43.77 11.68
C ILE G 338 62.06 -45.10 11.81
N ARG G 339 63.30 -45.03 12.32
CA ARG G 339 64.23 -46.17 12.59
C ARG G 339 63.54 -47.18 13.50
N ASP G 340 62.96 -46.70 14.60
CA ASP G 340 62.37 -47.58 15.64
C ASP G 340 61.03 -48.13 15.14
N ALA G 341 60.30 -47.39 14.30
CA ALA G 341 58.97 -47.79 13.78
C ALA G 341 59.12 -48.84 12.68
N TYR G 342 60.11 -48.66 11.77
CA TYR G 342 60.28 -49.52 10.58
C TYR G 342 61.15 -50.73 10.89
N LEU G 343 61.84 -50.79 12.04
CA LEU G 343 62.64 -51.99 12.40
C LEU G 343 61.79 -52.92 13.26
N GLN G 344 60.46 -52.78 13.21
CA GLN G 344 59.50 -53.72 13.82
C GLN G 344 59.08 -54.78 12.79
N ILE G 345 59.47 -54.60 11.52
CA ILE G 345 59.21 -55.53 10.38
C ILE G 345 60.40 -56.50 10.34
N PRO G 346 60.16 -57.83 10.35
CA PRO G 346 61.25 -58.80 10.32
C PRO G 346 62.20 -58.61 9.12
N GLY G 347 63.50 -58.60 9.35
CA GLY G 347 64.53 -58.60 8.28
C GLY G 347 64.68 -57.23 7.64
N ALA G 348 64.05 -56.20 8.20
CA ALA G 348 64.22 -54.80 7.76
C ALA G 348 65.55 -54.29 8.32
N ARG G 349 66.17 -53.34 7.62
CA ARG G 349 67.41 -52.65 8.07
C ARG G 349 67.35 -51.18 7.64
N PHE G 350 68.32 -50.38 8.08
CA PHE G 350 68.29 -48.90 7.96
C PHE G 350 69.66 -48.37 7.55
N GLU G 351 69.66 -47.37 6.67
CA GLU G 351 70.84 -46.57 6.30
C GLU G 351 70.42 -45.09 6.20
N THR G 352 71.38 -44.17 6.34
CA THR G 352 71.25 -42.75 5.92
C THR G 352 72.36 -42.47 4.92
N ASN G 353 72.41 -41.25 4.39
CA ASN G 353 73.45 -40.85 3.40
C ASN G 353 74.76 -40.57 4.15
N GLU G 354 74.78 -40.67 5.49
CA GLU G 354 76.03 -40.63 6.30
C GLU G 354 76.54 -42.07 6.52
N THR G 355 75.63 -43.02 6.81
CA THR G 355 75.96 -44.45 7.12
C THR G 355 76.19 -45.24 5.82
N LEU G 356 75.52 -44.85 4.72
CA LEU G 356 75.81 -45.38 3.36
C LEU G 356 76.05 -44.21 2.42
N PRO G 357 77.22 -43.54 2.53
CA PRO G 357 77.51 -42.38 1.70
C PRO G 357 77.87 -42.83 0.27
N LEU G 358 77.60 -41.96 -0.71
CA LEU G 358 77.83 -42.23 -2.16
C LEU G 358 79.26 -42.75 -2.33
N ARG G 359 79.41 -44.06 -2.45
CA ARG G 359 80.70 -44.72 -2.69
C ARG G 359 80.74 -45.24 -4.13
N GLU G 360 81.79 -44.87 -4.86
CA GLU G 360 82.05 -45.30 -6.25
C GLU G 360 81.98 -46.84 -6.29
N GLY G 361 80.87 -47.41 -6.76
CA GLY G 361 80.77 -48.88 -6.93
C GLY G 361 79.67 -49.53 -6.10
N ASP G 362 79.39 -49.04 -4.88
CA ASP G 362 78.28 -49.59 -4.04
C ASP G 362 76.95 -49.05 -4.60
N ARG G 363 76.41 -49.73 -5.60
CA ARG G 363 75.25 -49.26 -6.42
C ARG G 363 74.08 -48.84 -5.53
N ALA G 364 73.81 -49.54 -4.42
CA ALA G 364 72.80 -49.14 -3.40
C ALA G 364 73.10 -47.72 -2.90
N SER G 365 74.39 -47.38 -2.79
CA SER G 365 74.89 -46.04 -2.40
C SER G 365 74.43 -44.96 -3.39
N GLU G 366 74.18 -45.32 -4.66
CA GLU G 366 73.76 -44.38 -5.73
C GLU G 366 72.23 -44.26 -5.80
N LEU G 367 71.55 -45.41 -5.90
CA LEU G 367 70.07 -45.54 -5.75
C LEU G 367 69.60 -44.64 -4.61
N LEU G 368 70.46 -44.45 -3.59
CA LEU G 368 70.23 -43.63 -2.37
C LEU G 368 70.71 -42.20 -2.63
N ASN G 369 71.86 -42.02 -3.30
CA ASN G 369 72.40 -40.66 -3.58
C ASN G 369 71.47 -39.90 -4.55
N ALA G 370 70.90 -40.60 -5.54
CA ALA G 370 69.95 -40.04 -6.52
C ALA G 370 68.69 -39.51 -5.82
N ARG G 371 68.19 -40.29 -4.84
CA ARG G 371 66.96 -39.93 -4.07
C ARG G 371 67.25 -38.77 -3.12
N HIS G 372 68.42 -38.76 -2.48
CA HIS G 372 68.84 -37.68 -1.55
C HIS G 372 68.85 -36.35 -2.31
N GLU G 373 69.35 -36.35 -3.56
CA GLU G 373 69.51 -35.13 -4.41
C GLU G 373 68.14 -34.54 -4.75
N LEU G 374 67.19 -35.36 -5.23
CA LEU G 374 65.80 -34.93 -5.48
C LEU G 374 65.20 -34.41 -4.16
N ASN G 375 65.27 -35.22 -3.10
CA ASN G 375 64.63 -34.93 -1.80
C ASN G 375 65.22 -33.66 -1.17
N THR G 376 66.33 -33.12 -1.68
CA THR G 376 66.99 -31.91 -1.13
C THR G 376 66.99 -30.79 -2.19
N GLY G 377 66.21 -30.95 -3.25
CA GLY G 377 66.04 -29.90 -4.28
C GLY G 377 67.22 -29.83 -5.23
N VAL G 378 67.87 -30.96 -5.49
CA VAL G 378 68.95 -31.12 -6.52
C VAL G 378 68.38 -31.97 -7.66
N PRO G 379 68.06 -31.34 -8.82
CA PRO G 379 67.58 -32.09 -9.98
C PRO G 379 68.73 -32.95 -10.50
N ASN G 380 68.42 -34.03 -11.16
CA ASN G 380 69.42 -34.89 -11.86
C ASN G 380 68.70 -35.61 -12.98
N ARG G 381 69.43 -36.41 -13.76
CA ARG G 381 68.79 -37.23 -14.83
C ARG G 381 69.16 -38.69 -14.61
N HIS G 382 69.29 -39.11 -13.34
CA HIS G 382 69.53 -40.53 -12.96
C HIS G 382 68.45 -41.41 -13.56
N SER G 383 67.20 -41.27 -13.11
CA SER G 383 66.13 -42.28 -13.31
C SER G 383 66.08 -42.70 -14.79
N ALA G 384 66.68 -41.91 -15.70
CA ALA G 384 66.75 -42.14 -17.16
C ALA G 384 67.51 -43.43 -17.50
N ALA G 385 68.26 -44.02 -16.56
CA ALA G 385 69.00 -45.28 -16.80
C ALA G 385 68.01 -46.41 -17.13
N VAL G 386 66.74 -46.25 -16.72
CA VAL G 386 65.65 -47.26 -16.98
C VAL G 386 65.42 -47.39 -18.49
N PHE G 387 65.86 -46.41 -19.30
CA PHE G 387 65.75 -46.44 -20.78
C PHE G 387 66.83 -47.35 -21.40
N ASP G 388 67.73 -47.88 -20.55
CA ASP G 388 68.82 -48.80 -20.96
C ASP G 388 68.66 -50.18 -20.30
N TRP G 389 67.67 -50.36 -19.41
CA TRP G 389 67.22 -51.70 -18.93
C TRP G 389 67.37 -52.73 -20.06
N PHE G 390 66.79 -52.44 -21.23
CA PHE G 390 67.05 -53.12 -22.52
C PHE G 390 66.90 -52.10 -23.65
N PRO G 391 67.45 -52.37 -24.87
CA PRO G 391 67.35 -51.41 -25.96
C PRO G 391 65.91 -50.91 -26.14
N ASN G 392 65.74 -49.58 -26.25
CA ASN G 392 64.47 -48.92 -26.63
C ASN G 392 63.43 -49.07 -25.52
N ALA G 393 63.86 -49.26 -24.26
CA ALA G 393 62.95 -49.37 -23.10
C ALA G 393 62.29 -48.01 -22.87
N GLY G 394 60.97 -47.98 -22.95
CA GLY G 394 60.13 -46.81 -22.61
C GLY G 394 58.98 -47.22 -21.73
N HIS G 395 58.27 -46.26 -21.16
CA HIS G 395 57.18 -46.51 -20.19
C HIS G 395 55.84 -45.95 -20.68
N PHE G 396 54.79 -46.33 -19.96
CA PHE G 396 53.37 -46.15 -20.29
C PHE G 396 52.55 -46.30 -19.00
N PHE G 397 52.32 -45.17 -18.31
CA PHE G 397 51.97 -45.12 -16.87
C PHE G 397 50.54 -45.60 -16.64
N TYR G 398 50.41 -46.47 -15.63
CA TYR G 398 49.14 -46.80 -14.94
C TYR G 398 49.25 -46.33 -13.49
N ALA G 399 48.57 -45.23 -13.13
CA ALA G 399 48.74 -44.50 -11.85
C ALA G 399 47.38 -44.26 -11.19
N PRO G 400 46.79 -45.29 -10.56
CA PRO G 400 45.54 -45.11 -9.82
C PRO G 400 45.88 -44.57 -8.43
N VAL G 401 44.92 -43.86 -7.83
CA VAL G 401 45.02 -43.35 -6.43
C VAL G 401 43.97 -44.10 -5.61
N SER G 402 44.29 -44.39 -4.35
CA SER G 402 43.45 -45.22 -3.46
C SER G 402 43.65 -44.83 -2.00
N ALA G 403 42.81 -45.39 -1.13
CA ALA G 403 42.92 -45.28 0.34
C ALA G 403 44.27 -45.87 0.78
N PRO G 404 45.07 -45.14 1.59
CA PRO G 404 46.48 -45.46 1.81
C PRO G 404 46.76 -46.65 2.74
N SER G 405 46.13 -47.79 2.48
CA SER G 405 46.09 -48.92 3.44
C SER G 405 46.66 -50.19 2.80
N GLY G 406 47.59 -50.86 3.49
CA GLY G 406 48.42 -51.97 2.99
C GLY G 406 47.60 -53.15 2.50
N GLU G 407 46.34 -53.26 2.93
CA GLU G 407 45.39 -54.30 2.43
C GLU G 407 45.08 -54.05 0.95
N ASP G 408 45.04 -52.79 0.51
CA ASP G 408 44.83 -52.40 -0.91
C ASP G 408 46.14 -52.50 -1.69
N ALA G 409 47.24 -52.04 -1.10
CA ALA G 409 48.59 -52.05 -1.72
C ALA G 409 49.01 -53.48 -2.07
N ALA G 410 48.82 -54.45 -1.15
CA ALA G 410 49.27 -55.85 -1.34
C ALA G 410 48.47 -56.47 -2.49
N LYS G 411 47.16 -56.33 -2.47
CA LYS G 411 46.30 -56.83 -3.59
C LYS G 411 46.63 -56.05 -4.85
N GLN G 412 46.95 -54.75 -4.72
CA GLN G 412 47.24 -53.83 -5.85
C GLN G 412 48.53 -54.24 -6.56
N TYR G 413 49.59 -54.51 -5.78
CA TYR G 413 50.91 -54.96 -6.29
C TYR G 413 50.75 -56.30 -7.02
N GLU G 414 50.07 -57.29 -6.41
CA GLU G 414 49.93 -58.60 -7.10
C GLU G 414 48.83 -58.54 -8.16
N ASP G 415 47.91 -57.58 -8.04
CA ASP G 415 46.87 -57.35 -9.08
C ASP G 415 47.63 -57.09 -10.39
N THR G 416 48.62 -56.20 -10.33
CA THR G 416 49.38 -55.65 -11.48
C THR G 416 50.43 -56.66 -11.95
N LYS G 417 51.10 -57.39 -11.05
CA LYS G 417 52.05 -58.48 -11.43
C LYS G 417 51.32 -59.53 -12.26
N ARG G 418 50.15 -59.99 -11.81
CA ARG G 418 49.34 -60.97 -12.60
C ARG G 418 49.26 -60.46 -14.05
N ILE G 419 48.79 -59.22 -14.22
CA ILE G 419 48.36 -58.68 -15.55
C ILE G 419 49.60 -58.41 -16.41
N SER G 420 50.69 -57.91 -15.82
CA SER G 420 51.95 -57.58 -16.54
C SER G 420 52.64 -58.86 -17.02
N ASP G 421 52.56 -59.94 -16.24
CA ASP G 421 53.17 -61.26 -16.57
C ASP G 421 52.37 -61.91 -17.70
N ASP G 422 51.04 -61.93 -17.59
CA ASP G 422 50.12 -62.47 -18.63
C ASP G 422 50.43 -61.84 -19.99
N HIS G 423 50.97 -60.62 -20.02
CA HIS G 423 51.32 -59.87 -21.25
C HIS G 423 52.85 -59.75 -21.38
N GLY G 424 53.61 -60.33 -20.45
CA GLY G 424 55.08 -60.43 -20.52
C GLY G 424 55.75 -59.05 -20.58
N ILE G 425 55.25 -58.10 -19.79
CA ILE G 425 55.79 -56.71 -19.70
C ILE G 425 56.44 -56.52 -18.33
N ASP G 426 57.67 -56.03 -18.31
CA ASP G 426 58.42 -55.77 -17.05
C ASP G 426 57.65 -54.72 -16.25
N TYR G 427 57.44 -54.96 -14.96
CA TYR G 427 56.58 -54.18 -14.05
C TYR G 427 57.43 -53.52 -12.96
N LEU G 428 57.76 -52.23 -13.14
CA LEU G 428 58.42 -51.41 -12.09
C LEU G 428 57.34 -50.70 -11.26
N ALA G 429 57.36 -50.89 -9.94
CA ALA G 429 56.34 -50.36 -9.01
C ALA G 429 56.93 -49.25 -8.15
N GLN G 430 56.13 -48.23 -7.87
CA GLN G 430 56.44 -47.17 -6.88
C GLN G 430 55.14 -46.76 -6.20
N PHE G 431 55.07 -46.97 -4.88
CA PHE G 431 53.99 -46.43 -4.02
C PHE G 431 54.49 -45.16 -3.33
N ILE G 432 53.60 -44.19 -3.17
CA ILE G 432 53.81 -42.95 -2.36
C ILE G 432 52.57 -42.73 -1.50
N ILE G 433 52.73 -42.59 -0.17
CA ILE G 433 51.61 -42.00 0.64
C ILE G 433 51.90 -40.51 0.84
N GLY G 434 51.04 -39.68 0.25
CA GLY G 434 51.15 -38.21 0.25
C GLY G 434 50.90 -37.66 1.63
N LEU G 435 49.74 -37.98 2.20
CA LEU G 435 49.30 -37.53 3.55
C LEU G 435 48.12 -38.39 3.99
N ARG G 436 47.05 -38.38 3.19
CA ARG G 436 45.81 -39.18 3.41
C ARG G 436 45.51 -40.03 2.18
N GLU G 437 46.29 -39.94 1.10
CA GLU G 437 46.05 -40.68 -0.17
C GLU G 437 47.31 -41.44 -0.59
N MET G 438 47.13 -42.51 -1.38
CA MET G 438 48.24 -43.35 -1.87
C MET G 438 48.22 -43.42 -3.40
N HIS G 439 49.35 -43.12 -4.02
CA HIS G 439 49.62 -43.29 -5.47
C HIS G 439 50.39 -44.58 -5.73
N HIS G 440 49.83 -45.49 -6.55
CA HIS G 440 50.56 -46.62 -7.17
C HIS G 440 50.99 -46.19 -8.57
N ILE G 441 52.30 -46.08 -8.79
CA ILE G 441 52.91 -45.78 -10.11
C ILE G 441 53.40 -47.11 -10.70
N CYS G 442 52.60 -47.72 -11.58
CA CYS G 442 52.98 -48.89 -12.39
C CYS G 442 53.72 -48.39 -13.63
N LEU G 443 55.05 -48.51 -13.63
CA LEU G 443 55.94 -48.05 -14.73
C LEU G 443 56.34 -49.28 -15.54
N PRO G 444 55.61 -49.62 -16.63
CA PRO G 444 55.97 -50.76 -17.45
C PRO G 444 57.12 -50.39 -18.40
N LEU G 445 58.08 -51.30 -18.54
CA LEU G 445 59.16 -51.17 -19.54
C LEU G 445 58.86 -52.13 -20.70
N TYR G 446 58.85 -51.58 -21.92
CA TYR G 446 58.57 -52.31 -23.17
C TYR G 446 59.48 -51.78 -24.28
N ASP G 447 59.64 -52.55 -25.36
CA ASP G 447 60.48 -52.16 -26.53
C ASP G 447 59.66 -51.17 -27.38
N THR G 448 59.97 -49.87 -27.26
CA THR G 448 59.28 -48.78 -28.00
C THR G 448 59.37 -49.01 -29.51
N ALA G 449 60.34 -49.81 -29.97
CA ALA G 449 60.66 -49.97 -31.41
C ALA G 449 59.88 -51.14 -32.03
N ASP G 450 59.27 -52.02 -31.22
CA ASP G 450 58.68 -53.30 -31.69
C ASP G 450 57.15 -53.24 -31.61
N PRO G 451 56.41 -53.30 -32.75
CA PRO G 451 54.94 -53.21 -32.72
C PRO G 451 54.26 -54.27 -31.84
N ALA G 452 54.74 -55.50 -31.86
CA ALA G 452 54.23 -56.60 -31.02
C ALA G 452 54.24 -56.15 -29.55
N SER G 453 55.36 -55.61 -29.09
CA SER G 453 55.59 -55.16 -27.69
C SER G 453 54.64 -53.99 -27.39
N ARG G 454 54.40 -53.12 -28.37
CA ARG G 454 53.55 -51.92 -28.21
C ARG G 454 52.13 -52.33 -27.89
N LYS G 455 51.55 -53.20 -28.70
CA LYS G 455 50.17 -53.72 -28.52
C LYS G 455 50.04 -54.42 -27.16
N GLU G 456 51.04 -55.25 -26.78
CA GLU G 456 51.06 -56.00 -25.50
C GLU G 456 50.95 -55.02 -24.32
N THR G 457 51.56 -53.84 -24.42
CA THR G 457 51.59 -52.79 -23.36
C THR G 457 50.24 -52.05 -23.33
N LEU G 458 49.70 -51.71 -24.51
CA LEU G 458 48.39 -51.03 -24.66
C LEU G 458 47.31 -51.90 -24.05
N ASP G 459 47.21 -53.15 -24.53
CA ASP G 459 46.18 -54.15 -24.13
C ASP G 459 46.31 -54.45 -22.63
N MET G 460 47.55 -54.61 -22.15
CA MET G 460 47.84 -54.82 -20.71
C MET G 460 47.20 -53.66 -19.93
N THR G 461 47.58 -52.42 -20.30
CA THR G 461 47.17 -51.19 -19.57
C THR G 461 45.63 -51.06 -19.62
N ARG G 462 44.97 -51.51 -20.69
CA ARG G 462 43.48 -51.41 -20.78
C ARG G 462 42.81 -52.35 -19.77
N GLU G 463 43.49 -53.42 -19.34
CA GLU G 463 42.94 -54.35 -18.33
C GLU G 463 43.24 -53.81 -16.92
N LEU G 464 44.41 -53.20 -16.69
CA LEU G 464 44.77 -52.59 -15.38
C LEU G 464 43.77 -51.45 -15.07
N ILE G 465 43.39 -50.71 -16.10
CA ILE G 465 42.37 -49.63 -16.00
C ILE G 465 41.05 -50.29 -15.54
N ARG G 466 40.54 -51.26 -16.31
CA ARG G 466 39.29 -52.00 -16.00
C ARG G 466 39.36 -52.61 -14.59
N ALA G 467 40.47 -53.28 -14.26
CA ALA G 467 40.71 -53.95 -12.97
C ALA G 467 40.59 -52.95 -11.82
N GLY G 468 41.36 -51.85 -11.86
CA GLY G 468 41.31 -50.78 -10.86
C GLY G 468 39.90 -50.22 -10.71
N ALA G 469 39.27 -49.89 -11.84
CA ALA G 469 37.92 -49.29 -11.92
C ALA G 469 36.95 -50.13 -11.07
N GLU G 470 36.97 -51.45 -11.26
CA GLU G 470 36.08 -52.40 -10.55
C GLU G 470 36.40 -52.39 -9.05
N GLU G 471 37.63 -52.09 -8.65
CA GLU G 471 38.02 -52.11 -7.22
C GLU G 471 37.87 -50.71 -6.60
N GLY G 472 37.52 -49.69 -7.40
CA GLY G 472 37.33 -48.30 -6.94
C GLY G 472 38.62 -47.48 -7.02
N TYR G 473 39.45 -47.71 -8.04
CA TYR G 473 40.76 -47.04 -8.24
C TYR G 473 40.72 -46.16 -9.49
N GLY G 474 40.77 -44.85 -9.28
CA GLY G 474 40.74 -43.85 -10.37
C GLY G 474 42.14 -43.45 -10.73
N ILE G 475 42.46 -43.44 -12.03
CA ILE G 475 43.71 -42.87 -12.58
C ILE G 475 43.54 -41.36 -12.59
N TYR G 476 44.57 -40.61 -12.17
CA TYR G 476 44.55 -39.13 -12.08
C TYR G 476 45.32 -38.53 -13.27
N ARG G 477 45.95 -39.37 -14.09
CA ARG G 477 46.81 -38.96 -15.22
C ARG G 477 46.96 -40.13 -16.18
N ALA G 478 46.70 -39.90 -17.45
CA ALA G 478 46.70 -40.97 -18.45
C ALA G 478 47.29 -40.47 -19.77
N HIS G 479 47.92 -41.38 -20.50
CA HIS G 479 48.34 -41.21 -21.92
C HIS G 479 47.14 -40.81 -22.78
N ASN G 480 47.41 -40.14 -23.91
CA ASN G 480 46.44 -39.72 -24.95
C ASN G 480 45.47 -40.86 -25.32
N VAL G 481 45.97 -42.07 -25.60
CA VAL G 481 45.15 -43.24 -26.08
C VAL G 481 44.17 -43.66 -24.99
N LEU G 482 44.51 -43.40 -23.72
CA LEU G 482 43.74 -43.90 -22.55
C LEU G 482 42.70 -42.86 -22.13
N ALA G 483 42.74 -41.65 -22.69
CA ALA G 483 41.99 -40.46 -22.21
C ALA G 483 40.50 -40.78 -22.12
N ASP G 484 39.91 -41.39 -23.17
CA ASP G 484 38.45 -41.65 -23.26
C ASP G 484 38.05 -42.82 -22.35
N GLN G 485 38.88 -43.88 -22.27
CA GLN G 485 38.59 -45.04 -21.40
C GLN G 485 38.57 -44.62 -19.93
N VAL G 486 39.58 -43.87 -19.46
CA VAL G 486 39.71 -43.44 -18.04
C VAL G 486 38.60 -42.42 -17.74
N ALA G 487 38.30 -41.52 -18.68
CA ALA G 487 37.19 -40.55 -18.55
C ALA G 487 35.89 -41.31 -18.27
N GLU G 488 35.66 -42.43 -18.98
CA GLU G 488 34.42 -43.24 -18.84
C GLU G 488 34.39 -43.95 -17.47
N THR G 489 35.52 -44.12 -16.77
CA THR G 489 35.54 -44.78 -15.42
C THR G 489 34.89 -43.84 -14.40
N TYR G 490 34.88 -42.53 -14.66
CA TYR G 490 34.30 -41.47 -13.78
C TYR G 490 32.83 -41.27 -14.16
N SER G 491 32.03 -42.31 -13.93
CA SER G 491 30.73 -42.58 -14.64
C SER G 491 29.53 -42.04 -13.88
N PHE G 492 29.70 -41.68 -12.61
CA PHE G 492 28.58 -41.34 -11.70
C PHE G 492 27.63 -40.35 -12.38
N ASN G 493 26.34 -40.69 -12.41
CA ASN G 493 25.23 -39.84 -12.88
C ASN G 493 25.50 -39.48 -14.34
N ASN G 494 25.62 -40.49 -15.19
CA ASN G 494 25.77 -40.33 -16.66
C ASN G 494 26.94 -39.41 -16.97
N HIS G 495 28.11 -39.69 -16.36
CA HIS G 495 29.39 -38.97 -16.61
C HIS G 495 29.14 -37.47 -16.44
N ILE G 496 28.54 -37.07 -15.31
CA ILE G 496 28.28 -35.64 -14.98
C ILE G 496 29.62 -34.89 -14.89
N GLN G 497 30.68 -35.56 -14.43
CA GLN G 497 32.04 -34.96 -14.38
C GLN G 497 32.42 -34.54 -15.80
N ARG G 498 32.37 -35.45 -16.77
CA ARG G 498 32.83 -35.16 -18.14
C ARG G 498 31.91 -34.11 -18.78
N ARG G 499 30.59 -34.24 -18.59
CA ARG G 499 29.61 -33.31 -19.21
C ARG G 499 29.79 -31.91 -18.60
N SER G 500 30.19 -31.82 -17.32
CA SER G 500 30.50 -30.53 -16.65
C SER G 500 31.77 -29.93 -17.27
N HIS G 501 32.86 -30.72 -17.35
CA HIS G 501 34.12 -30.32 -18.03
C HIS G 501 33.78 -29.78 -19.42
N GLU G 502 32.87 -30.44 -20.14
CA GLU G 502 32.55 -30.14 -21.55
C GLU G 502 31.80 -28.81 -21.67
N ARG G 503 30.85 -28.52 -20.79
CA ARG G 503 30.10 -27.23 -20.83
C ARG G 503 31.08 -26.09 -20.56
N ILE G 504 32.07 -26.29 -19.67
CA ILE G 504 33.15 -25.29 -19.38
C ILE G 504 34.10 -25.18 -20.58
N LYS G 505 34.43 -26.32 -21.22
CA LYS G 505 35.25 -26.38 -22.47
C LYS G 505 34.55 -25.54 -23.54
N ASP G 506 33.24 -25.75 -23.71
CA ASP G 506 32.42 -25.11 -24.77
C ASP G 506 32.20 -23.64 -24.45
N ALA G 507 32.35 -23.24 -23.17
CA ALA G 507 32.21 -21.84 -22.71
C ALA G 507 33.48 -21.03 -23.01
N LEU G 508 34.67 -21.59 -22.74
CA LEU G 508 35.97 -20.85 -22.81
C LEU G 508 36.60 -20.98 -24.20
N ASP G 509 36.20 -21.98 -24.98
CA ASP G 509 36.80 -22.29 -26.32
C ASP G 509 35.66 -22.67 -27.26
N PRO G 510 34.79 -21.71 -27.63
CA PRO G 510 33.59 -22.02 -28.41
C PRO G 510 33.91 -22.66 -29.77
N ASN G 511 35.04 -22.32 -30.38
CA ASN G 511 35.44 -22.80 -31.73
C ASN G 511 36.13 -24.18 -31.62
N GLY G 512 36.49 -24.63 -30.42
CA GLY G 512 37.03 -25.99 -30.17
C GLY G 512 38.44 -26.16 -30.71
N ILE G 513 39.28 -25.13 -30.55
CA ILE G 513 40.66 -25.05 -31.11
C ILE G 513 41.65 -25.84 -30.25
N LEU G 514 41.58 -25.73 -28.91
CA LEU G 514 42.66 -26.23 -28.02
C LEU G 514 42.53 -27.76 -27.83
N ASN G 515 43.58 -28.47 -28.25
CA ASN G 515 43.83 -29.93 -28.10
C ASN G 515 42.55 -30.71 -27.87
N PRO G 516 41.63 -30.77 -28.85
CA PRO G 516 40.40 -31.53 -28.69
C PRO G 516 40.65 -32.92 -28.12
N GLY G 517 39.84 -33.32 -27.13
CA GLY G 517 39.82 -34.67 -26.57
C GLY G 517 40.80 -34.86 -25.44
N LYS G 518 41.57 -33.83 -25.09
CA LYS G 518 42.43 -33.86 -23.87
C LYS G 518 41.57 -34.29 -22.68
N SER G 519 41.99 -35.34 -21.97
CA SER G 519 41.32 -35.85 -20.75
C SER G 519 39.85 -36.18 -21.04
N GLY G 520 39.52 -36.64 -22.24
CA GLY G 520 38.14 -36.97 -22.63
C GLY G 520 37.26 -35.74 -22.73
N ILE G 521 37.84 -34.54 -22.95
CA ILE G 521 37.10 -33.25 -23.03
C ILE G 521 37.00 -32.81 -24.50
N TRP G 522 35.88 -33.16 -25.15
CA TRP G 522 35.65 -32.91 -26.58
C TRP G 522 34.77 -31.67 -26.76
N PRO G 523 35.09 -30.82 -27.74
CA PRO G 523 34.25 -29.66 -28.02
C PRO G 523 32.91 -30.07 -28.65
N GLU G 524 31.97 -29.12 -28.70
CA GLU G 524 30.60 -29.27 -29.24
C GLU G 524 30.69 -29.86 -30.65
N ARG G 525 31.54 -29.25 -31.48
CA ARG G 525 31.66 -29.60 -32.92
C ARG G 525 32.03 -31.08 -33.08
N LEU G 526 32.77 -31.68 -32.13
CA LEU G 526 33.32 -33.06 -32.27
C LEU G 526 32.41 -34.11 -31.62
N ARG G 527 31.30 -33.71 -30.99
CA ARG G 527 30.37 -34.66 -30.33
C ARG G 527 29.29 -35.06 -31.34
N PHE H 3 2.91 -10.56 -1.32
CA PHE H 3 4.36 -10.90 -1.50
C PHE H 3 5.21 -9.66 -1.25
N ARG H 4 6.19 -9.76 -0.32
CA ARG H 4 6.83 -8.58 0.32
C ARG H 4 7.70 -7.81 -0.69
N THR H 5 8.23 -8.53 -1.68
CA THR H 5 9.12 -8.02 -2.76
C THR H 5 8.98 -8.98 -3.93
N LEU H 6 9.38 -8.59 -5.14
CA LEU H 6 9.31 -9.50 -6.32
C LEU H 6 10.52 -9.31 -7.22
N PRO H 7 11.13 -10.42 -7.70
CA PRO H 7 12.26 -10.32 -8.64
C PRO H 7 11.80 -9.78 -9.99
N ASP H 8 12.59 -8.89 -10.61
CA ASP H 8 12.24 -8.18 -11.88
C ASP H 8 11.93 -9.23 -12.96
N GLY H 9 10.81 -9.06 -13.68
CA GLY H 9 10.39 -9.98 -14.75
C GLY H 9 9.62 -11.17 -14.21
N VAL H 10 9.12 -11.12 -12.97
CA VAL H 10 8.24 -12.17 -12.36
C VAL H 10 6.97 -11.47 -11.87
N SER H 11 5.81 -11.85 -12.43
CA SER H 11 4.49 -11.32 -12.03
C SER H 11 4.02 -12.04 -10.76
N ALA H 12 3.08 -11.44 -10.01
CA ALA H 12 2.49 -12.03 -8.79
C ALA H 12 1.85 -13.38 -9.12
N GLU H 13 1.47 -13.60 -10.39
CA GLU H 13 0.90 -14.89 -10.86
C GLU H 13 2.02 -15.95 -10.93
N GLN H 14 3.14 -15.63 -11.58
CA GLN H 14 4.27 -16.59 -11.75
C GLN H 14 4.80 -17.03 -10.38
N PHE H 15 4.85 -16.10 -9.41
CA PHE H 15 5.36 -16.39 -8.05
C PHE H 15 4.41 -17.34 -7.33
N ALA H 16 3.12 -16.99 -7.25
CA ALA H 16 2.05 -17.79 -6.61
C ALA H 16 2.15 -19.24 -7.11
N ASN H 17 2.33 -19.42 -8.42
CA ASN H 17 2.42 -20.75 -9.07
C ASN H 17 3.72 -21.43 -8.62
N ALA H 18 4.85 -20.72 -8.66
CA ALA H 18 6.16 -21.25 -8.22
C ALA H 18 6.06 -21.61 -6.74
N ILE H 19 5.58 -20.68 -5.90
CA ILE H 19 5.37 -20.91 -4.44
C ILE H 19 4.53 -22.19 -4.29
N SER H 20 3.46 -22.30 -5.08
CA SER H 20 2.46 -23.40 -5.04
C SER H 20 3.15 -24.75 -5.32
N GLU H 21 4.06 -24.79 -6.30
CA GLU H 21 4.72 -26.05 -6.72
C GLU H 21 5.79 -26.45 -5.68
N PHE H 22 6.60 -25.50 -5.21
CA PHE H 22 7.51 -25.68 -4.04
C PHE H 22 6.66 -26.27 -2.91
N SER H 23 5.53 -25.61 -2.69
CA SER H 23 4.62 -25.82 -1.54
C SER H 23 4.05 -27.25 -1.59
N GLU H 24 3.78 -27.79 -2.79
CA GLU H 24 3.19 -29.14 -2.98
C GLU H 24 4.26 -30.23 -2.80
N THR H 25 5.49 -29.99 -3.25
CA THR H 25 6.54 -31.04 -3.43
C THR H 25 7.51 -31.06 -2.25
N ILE H 26 7.76 -29.92 -1.62
CA ILE H 26 8.62 -29.83 -0.39
C ILE H 26 7.69 -29.86 0.84
N GLY H 27 6.46 -29.37 0.69
CA GLY H 27 5.44 -29.29 1.77
C GLY H 27 5.28 -27.87 2.25
N SER H 28 4.04 -27.46 2.57
CA SER H 28 3.68 -26.07 2.96
C SER H 28 4.51 -25.62 4.17
N GLU H 29 4.69 -26.50 5.18
CA GLU H 29 5.50 -26.21 6.39
C GLU H 29 6.85 -25.60 5.98
N TYR H 30 7.45 -26.09 4.88
CA TYR H 30 8.86 -25.82 4.47
C TYR H 30 8.93 -24.71 3.41
N VAL H 31 7.86 -23.95 3.26
CA VAL H 31 7.79 -22.85 2.26
C VAL H 31 7.06 -21.70 2.94
N ARG H 32 7.79 -20.66 3.31
CA ARG H 32 7.16 -19.48 3.97
C ARG H 32 7.36 -18.25 3.07
N VAL H 33 6.32 -17.42 3.03
CA VAL H 33 6.23 -16.12 2.31
C VAL H 33 5.82 -15.02 3.30
N ASP H 34 5.49 -15.40 4.54
CA ASP H 34 4.97 -14.44 5.55
C ASP H 34 6.10 -13.47 5.89
N GLU H 35 5.78 -12.18 6.01
CA GLU H 35 6.75 -11.10 6.31
C GLU H 35 7.48 -11.40 7.62
N ALA H 36 6.80 -12.01 8.59
CA ALA H 36 7.35 -12.29 9.94
C ALA H 36 8.60 -13.19 9.81
N THR H 37 8.50 -14.31 9.09
CA THR H 37 9.54 -15.37 8.98
C THR H 37 10.66 -14.93 8.01
N VAL H 38 10.30 -14.34 6.86
CA VAL H 38 11.27 -13.99 5.78
C VAL H 38 12.15 -12.83 6.25
N SER H 39 11.64 -11.95 7.11
CA SER H 39 12.40 -10.82 7.69
C SER H 39 13.54 -11.32 8.58
N GLU H 40 13.42 -12.51 9.17
CA GLU H 40 14.51 -13.11 10.00
C GLU H 40 15.74 -13.32 9.09
N TYR H 41 15.52 -13.51 7.79
CA TYR H 41 16.55 -13.83 6.76
C TYR H 41 17.00 -12.58 5.99
N ASP H 42 16.66 -11.40 6.49
CA ASP H 42 17.27 -10.16 6.00
C ASP H 42 18.65 -10.03 6.63
N ASP H 43 19.49 -9.20 6.01
CA ASP H 43 20.85 -8.84 6.47
C ASP H 43 20.73 -8.26 7.87
N LYS H 44 21.34 -8.90 8.86
CA LYS H 44 21.34 -8.43 10.27
C LYS H 44 22.12 -7.10 10.39
N PHE H 45 23.14 -6.88 9.54
CA PHE H 45 24.00 -5.66 9.55
C PHE H 45 23.89 -4.94 8.22
N PRO H 46 22.74 -4.31 7.91
CA PRO H 46 22.59 -3.61 6.65
C PRO H 46 23.35 -2.28 6.71
N VAL H 47 23.61 -1.71 5.55
CA VAL H 47 24.13 -0.32 5.37
C VAL H 47 23.25 0.42 4.34
N THR H 48 22.13 -0.20 3.93
CA THR H 48 21.09 0.43 3.07
C THR H 48 19.77 0.46 3.83
N ASP H 49 18.79 1.19 3.29
CA ASP H 49 17.52 1.56 3.99
C ASP H 49 16.27 1.01 3.28
N GLY H 50 16.32 0.84 1.95
CA GLY H 50 15.14 0.52 1.13
C GLY H 50 14.88 -0.98 1.01
N ASP H 51 14.54 -1.41 -0.21
CA ASP H 51 14.12 -2.79 -0.61
C ASP H 51 15.32 -3.62 -1.07
N GLU H 52 16.54 -3.10 -0.90
CA GLU H 52 17.78 -3.78 -1.36
C GLU H 52 17.94 -5.08 -0.57
N PHE H 53 18.30 -6.17 -1.26
CA PHE H 53 18.81 -7.43 -0.66
C PHE H 53 17.75 -8.04 0.27
N LYS H 54 16.48 -7.90 -0.09
CA LYS H 54 15.32 -8.48 0.65
C LYS H 54 14.83 -9.72 -0.10
N GLY H 55 14.91 -10.89 0.55
CA GLY H 55 14.30 -12.12 0.01
C GLY H 55 12.80 -11.97 -0.10
N SER H 56 12.17 -12.72 -1.01
CA SER H 56 10.69 -12.81 -1.19
C SER H 56 10.13 -14.03 -0.42
N ALA H 57 10.95 -15.06 -0.21
CA ALA H 57 10.54 -16.31 0.45
C ALA H 57 11.77 -17.04 1.02
N VAL H 58 11.52 -18.03 1.88
CA VAL H 58 12.56 -18.93 2.43
C VAL H 58 12.00 -20.36 2.34
N ILE H 59 12.86 -21.30 1.97
CA ILE H 59 12.51 -22.73 1.81
C ILE H 59 13.47 -23.56 2.66
N TRP H 60 12.96 -24.57 3.35
CA TRP H 60 13.73 -25.50 4.21
C TRP H 60 13.68 -26.89 3.60
N PRO H 61 14.50 -27.18 2.56
CA PRO H 61 14.51 -28.52 2.00
C PRO H 61 15.05 -29.49 3.06
N GLY H 62 14.80 -30.78 2.86
CA GLY H 62 15.17 -31.88 3.77
C GLY H 62 16.15 -32.90 3.17
N SER H 63 16.38 -32.86 1.85
CA SER H 63 17.25 -33.82 1.12
C SER H 63 17.79 -33.18 -0.17
N THR H 64 18.86 -33.74 -0.71
CA THR H 64 19.42 -33.36 -2.04
C THR H 64 18.28 -33.38 -3.06
N GLU H 65 17.51 -34.47 -3.07
CA GLU H 65 16.30 -34.68 -3.92
C GLU H 65 15.38 -33.47 -3.83
N ASP H 66 15.22 -32.90 -2.63
CA ASP H 66 14.34 -31.73 -2.33
C ASP H 66 14.92 -30.51 -3.05
N VAL H 67 16.23 -30.29 -2.92
CA VAL H 67 16.95 -29.13 -3.54
C VAL H 67 16.79 -29.25 -5.06
N GLN H 68 17.06 -30.44 -5.61
CA GLN H 68 16.94 -30.74 -7.07
C GLN H 68 15.59 -30.26 -7.57
N VAL H 69 14.52 -30.70 -6.90
CA VAL H 69 13.10 -30.42 -7.28
C VAL H 69 12.91 -28.91 -7.29
N ILE H 70 13.43 -28.21 -6.27
CA ILE H 70 13.31 -26.74 -6.11
C ILE H 70 13.99 -26.06 -7.31
N VAL H 71 15.19 -26.52 -7.68
CA VAL H 71 15.98 -25.84 -8.75
C VAL H 71 15.23 -25.98 -10.08
N ARG H 72 14.61 -27.14 -10.31
CA ARG H 72 13.92 -27.45 -11.59
C ARG H 72 12.63 -26.65 -11.66
N ILE H 73 12.13 -26.16 -10.53
CA ILE H 73 10.92 -25.28 -10.49
C ILE H 73 11.36 -23.82 -10.69
N ALA H 74 12.50 -23.42 -10.13
CA ALA H 74 13.12 -22.09 -10.33
C ALA H 74 13.52 -21.91 -11.81
N ASN H 75 14.09 -22.95 -12.42
CA ASN H 75 14.42 -22.95 -13.87
C ASN H 75 13.10 -22.75 -14.64
N LYS H 76 12.08 -23.56 -14.32
CA LYS H 76 10.73 -23.53 -14.92
C LYS H 76 10.15 -22.12 -14.94
N TYR H 77 10.23 -21.37 -13.83
CA TYR H 77 9.49 -20.09 -13.64
C TYR H 77 10.38 -18.87 -13.74
N GLY H 78 11.71 -19.05 -13.88
CA GLY H 78 12.66 -17.93 -14.03
C GLY H 78 12.72 -17.13 -12.75
N ILE H 79 12.96 -17.81 -11.64
CA ILE H 79 12.95 -17.22 -10.27
C ILE H 79 14.31 -17.43 -9.62
N PRO H 80 15.03 -16.33 -9.33
CA PRO H 80 16.35 -16.42 -8.74
C PRO H 80 16.30 -17.14 -7.38
N LEU H 81 17.35 -17.91 -7.09
CA LEU H 81 17.59 -18.61 -5.81
C LEU H 81 18.88 -18.09 -5.16
N HIS H 82 18.94 -18.04 -3.84
CA HIS H 82 20.19 -17.88 -3.07
C HIS H 82 20.23 -18.94 -1.97
N ALA H 83 21.07 -19.96 -2.14
CA ALA H 83 21.18 -21.11 -1.22
C ALA H 83 22.35 -20.89 -0.27
N PHE H 84 22.13 -21.10 1.03
CA PHE H 84 23.20 -20.97 2.06
C PHE H 84 23.06 -22.09 3.10
N SER H 85 24.10 -22.26 3.91
CA SER H 85 24.25 -23.36 4.89
C SER H 85 23.76 -22.90 6.26
N GLY H 86 24.43 -21.92 6.87
CA GLY H 86 23.98 -21.25 8.10
C GLY H 86 23.10 -20.05 7.80
N GLY H 87 23.50 -19.22 6.84
CA GLY H 87 22.89 -17.91 6.57
C GLY H 87 23.30 -16.91 7.63
N ARG H 88 24.50 -17.06 8.19
CA ARG H 88 25.02 -16.21 9.30
C ARG H 88 26.34 -15.55 8.88
N ASN H 89 26.42 -15.15 7.61
CA ASN H 89 27.61 -14.52 6.96
C ASN H 89 27.66 -13.04 7.35
N LEU H 90 27.77 -12.76 8.65
CA LEU H 90 27.71 -11.39 9.17
C LEU H 90 28.95 -10.65 8.68
N GLY H 91 28.78 -9.38 8.32
CA GLY H 91 29.84 -8.50 7.77
C GLY H 91 29.85 -8.53 6.25
N TYR H 92 29.20 -9.53 5.66
CA TYR H 92 29.18 -9.78 4.19
C TYR H 92 27.73 -9.96 3.70
N GLY H 93 26.75 -9.60 4.53
CA GLY H 93 25.32 -9.61 4.15
C GLY H 93 24.52 -10.72 4.81
N GLY H 94 25.14 -11.51 5.70
CA GLY H 94 24.45 -12.59 6.41
C GLY H 94 23.76 -13.55 5.45
N SER H 95 22.42 -13.58 5.46
CA SER H 95 21.61 -14.49 4.62
C SER H 95 20.94 -13.72 3.48
N SER H 96 21.18 -12.42 3.36
CA SER H 96 20.57 -11.57 2.30
C SER H 96 21.04 -12.05 0.94
N PRO H 97 20.17 -12.05 -0.09
CA PRO H 97 20.57 -12.38 -1.46
C PRO H 97 20.98 -11.13 -2.24
N MET H 98 21.52 -11.31 -3.45
CA MET H 98 22.07 -10.18 -4.23
C MET H 98 20.94 -9.33 -4.81
N LEU H 99 19.86 -9.98 -5.27
CA LEU H 99 18.72 -9.32 -5.96
C LEU H 99 17.49 -9.34 -5.05
N THR H 100 16.75 -8.23 -5.04
CA THR H 100 15.40 -8.10 -4.42
C THR H 100 14.45 -9.16 -4.97
N GLY H 101 13.73 -9.83 -4.08
CA GLY H 101 12.67 -10.81 -4.42
C GLY H 101 13.22 -12.20 -4.64
N THR H 102 14.53 -12.40 -4.43
CA THR H 102 15.19 -13.72 -4.55
C THR H 102 14.58 -14.66 -3.52
N VAL H 103 14.27 -15.89 -3.91
CA VAL H 103 13.84 -16.95 -2.97
C VAL H 103 15.09 -17.42 -2.24
N LEU H 104 15.02 -17.55 -0.92
CA LEU H 104 16.17 -17.99 -0.11
C LEU H 104 16.01 -19.48 0.21
N LEU H 105 17.09 -20.25 0.09
CA LEU H 105 17.18 -21.66 0.54
C LEU H 105 18.04 -21.70 1.80
N HIS H 106 17.44 -21.97 2.96
CA HIS H 106 18.17 -22.22 4.24
C HIS H 106 18.27 -23.73 4.43
N LEU H 107 19.30 -24.35 3.85
CA LEU H 107 19.45 -25.83 3.82
C LEU H 107 19.78 -26.31 5.23
N GLY H 108 20.58 -25.53 5.96
CA GLY H 108 21.16 -25.93 7.25
C GLY H 108 20.10 -26.26 8.28
N LYS H 109 18.91 -25.69 8.15
CA LYS H 109 17.83 -25.83 9.17
C LYS H 109 17.47 -27.31 9.38
N ARG H 110 17.18 -28.05 8.32
CA ARG H 110 16.83 -29.49 8.41
C ARG H 110 18.06 -30.36 8.11
N MET H 111 18.82 -30.02 7.05
CA MET H 111 19.96 -30.82 6.53
C MET H 111 21.22 -30.46 7.32
N ASN H 112 21.44 -31.09 8.48
CA ASN H 112 22.40 -30.58 9.49
C ASN H 112 23.09 -31.70 10.27
N ARG H 113 23.28 -32.86 9.65
CA ARG H 113 23.87 -34.06 10.31
C ARG H 113 25.35 -34.18 9.95
N VAL H 114 26.19 -34.50 10.96
CA VAL H 114 27.58 -34.98 10.77
C VAL H 114 27.49 -36.36 10.12
N LEU H 115 27.78 -36.48 8.83
CA LEU H 115 27.51 -37.75 8.08
C LEU H 115 28.56 -38.82 8.42
N GLU H 116 29.79 -38.46 8.80
CA GLU H 116 30.82 -39.46 9.17
C GLU H 116 32.11 -38.81 9.67
N ILE H 117 32.67 -39.34 10.75
CA ILE H 117 34.03 -38.99 11.25
C ILE H 117 34.91 -40.22 11.15
N ASN H 118 35.91 -40.17 10.27
CA ASN H 118 36.86 -41.26 9.98
C ASN H 118 38.16 -40.94 10.73
N GLU H 119 38.53 -41.75 11.72
CA GLU H 119 39.69 -41.50 12.61
C GLU H 119 40.99 -41.89 11.91
N LYS H 120 40.99 -43.04 11.22
CA LYS H 120 42.21 -43.62 10.58
C LYS H 120 42.76 -42.64 9.53
N LEU H 121 41.88 -41.95 8.79
CA LEU H 121 42.25 -41.05 7.65
C LEU H 121 41.90 -39.58 7.97
N ALA H 122 41.51 -39.29 9.21
CA ALA H 122 41.49 -37.95 9.82
C ALA H 122 40.63 -36.96 9.01
N TYR H 123 39.36 -37.25 8.79
CA TYR H 123 38.40 -36.35 8.11
C TYR H 123 36.98 -36.54 8.62
N ALA H 124 36.15 -35.53 8.42
CA ALA H 124 34.69 -35.61 8.67
C ALA H 124 33.94 -35.28 7.37
N VAL H 125 32.68 -35.70 7.30
CA VAL H 125 31.72 -35.39 6.20
C VAL H 125 30.49 -34.73 6.84
N VAL H 126 30.14 -33.52 6.39
CA VAL H 126 29.07 -32.70 7.03
C VAL H 126 27.98 -32.42 6.00
N GLU H 127 26.77 -32.17 6.49
CA GLU H 127 25.65 -31.57 5.75
C GLU H 127 25.77 -30.06 5.96
N PRO H 128 25.00 -29.24 5.22
CA PRO H 128 25.03 -27.80 5.41
C PRO H 128 24.92 -27.31 6.86
N GLY H 129 24.01 -27.88 7.64
CA GLY H 129 23.58 -27.32 8.94
C GLY H 129 24.62 -27.41 10.03
N VAL H 130 25.60 -28.31 9.90
CA VAL H 130 26.65 -28.58 10.92
C VAL H 130 27.51 -27.33 11.11
N ASP H 131 27.39 -26.69 12.28
CA ASP H 131 28.21 -25.52 12.68
C ASP H 131 29.45 -26.03 13.41
N TYR H 132 30.37 -25.14 13.80
CA TYR H 132 31.65 -25.52 14.43
C TYR H 132 31.37 -26.18 15.77
N LYS H 133 30.31 -25.74 16.45
CA LYS H 133 29.89 -26.30 17.76
C LYS H 133 29.47 -27.76 17.58
N THR H 134 28.59 -28.06 16.62
CA THR H 134 28.03 -29.43 16.42
C THR H 134 29.12 -30.43 16.02
N LEU H 135 30.11 -30.04 15.19
CA LEU H 135 31.16 -30.98 14.74
C LEU H 135 32.08 -31.27 15.93
N TYR H 136 32.53 -30.22 16.62
CA TYR H 136 33.41 -30.33 17.81
C TYR H 136 32.91 -31.44 18.74
N GLU H 137 31.61 -31.44 19.00
CA GLU H 137 30.97 -32.34 20.00
C GLU H 137 30.88 -33.76 19.46
N ALA H 138 31.00 -33.96 18.14
CA ALA H 138 30.93 -35.30 17.53
C ALA H 138 32.35 -35.88 17.43
N VAL H 139 33.37 -35.07 17.18
CA VAL H 139 34.79 -35.54 17.23
C VAL H 139 35.08 -36.01 18.66
N ARG H 140 34.79 -35.15 19.64
CA ARG H 140 34.92 -35.47 21.09
C ARG H 140 34.11 -36.74 21.38
N ASP H 141 32.80 -36.77 21.10
CA ASP H 141 31.89 -37.85 21.57
C ASP H 141 32.11 -39.16 20.78
N SER H 142 32.74 -39.11 19.60
CA SER H 142 33.13 -40.31 18.82
C SER H 142 34.45 -40.88 19.35
N GLY H 143 35.11 -40.15 20.25
CA GLY H 143 36.43 -40.50 20.82
C GLY H 143 37.55 -40.28 19.81
N ALA H 144 37.23 -39.89 18.57
CA ALA H 144 38.20 -39.67 17.49
C ALA H 144 39.29 -38.70 17.98
N LYS H 145 40.55 -39.13 17.86
CA LYS H 145 41.77 -38.38 18.22
C LYS H 145 42.08 -37.37 17.09
N LEU H 146 41.08 -36.53 16.78
CA LEU H 146 41.15 -35.49 15.73
C LEU H 146 40.78 -34.14 16.37
N MET H 147 41.20 -33.03 15.77
CA MET H 147 40.70 -31.70 16.20
C MET H 147 40.29 -30.87 15.00
N ILE H 148 39.25 -30.06 15.19
CA ILE H 148 38.64 -29.23 14.11
C ILE H 148 39.45 -27.94 14.00
N ASP H 149 39.08 -27.10 13.03
CA ASP H 149 39.62 -25.73 12.86
C ASP H 149 38.43 -24.77 12.78
N PRO H 150 38.00 -24.18 13.92
CA PRO H 150 36.83 -23.29 13.90
C PRO H 150 37.23 -21.84 13.60
N ALA H 151 36.26 -21.07 13.11
CA ALA H 151 36.32 -19.60 12.95
C ALA H 151 35.99 -18.94 14.30
N GLU H 152 35.85 -17.62 14.33
CA GLU H 152 35.62 -16.83 15.58
C GLU H 152 34.33 -17.29 16.27
N LEU H 153 33.25 -17.47 15.51
CA LEU H 153 31.89 -17.70 16.06
C LEU H 153 31.46 -19.14 15.78
N ASP H 154 31.21 -19.89 16.85
CA ASP H 154 30.95 -21.35 16.80
C ASP H 154 29.63 -21.61 16.07
N TRP H 155 28.84 -20.57 15.75
CA TRP H 155 27.59 -20.77 14.98
C TRP H 155 27.86 -20.77 13.48
N GLY H 156 29.08 -20.43 13.06
CA GLY H 156 29.52 -20.56 11.66
C GLY H 156 29.41 -22.00 11.17
N SER H 157 28.93 -22.21 9.94
CA SER H 157 28.77 -23.54 9.29
C SER H 157 30.13 -24.02 8.79
N VAL H 158 30.53 -25.24 9.14
CA VAL H 158 31.80 -25.86 8.63
C VAL H 158 31.83 -25.65 7.13
N MET H 159 30.74 -26.03 6.47
CA MET H 159 30.62 -26.04 4.99
C MET H 159 30.43 -24.63 4.43
N GLY H 160 29.42 -23.89 4.91
CA GLY H 160 29.07 -22.54 4.41
C GLY H 160 30.23 -21.56 4.55
N ASN H 161 30.99 -21.68 5.63
CA ASN H 161 32.15 -20.79 5.90
C ASN H 161 33.23 -21.08 4.85
N THR H 162 33.47 -22.36 4.57
CA THR H 162 34.47 -22.82 3.57
C THR H 162 34.15 -22.18 2.21
N MET H 163 32.88 -22.19 1.80
CA MET H 163 32.46 -21.79 0.43
C MET H 163 32.65 -20.28 0.23
N GLU H 164 33.10 -19.56 1.25
CA GLU H 164 33.29 -18.09 1.22
C GLU H 164 34.80 -17.77 1.28
N HIS H 165 35.67 -18.80 1.30
CA HIS H 165 37.14 -18.71 1.57
C HIS H 165 37.37 -18.31 3.03
N GLY H 166 36.54 -18.83 3.93
CA GLY H 166 36.66 -18.56 5.38
C GLY H 166 37.95 -19.13 5.94
N VAL H 167 38.43 -18.56 7.04
CA VAL H 167 39.74 -18.92 7.66
C VAL H 167 39.53 -19.15 9.16
N GLY H 168 40.38 -20.00 9.73
CA GLY H 168 40.47 -20.24 11.17
C GLY H 168 41.86 -19.84 11.64
N TYR H 169 42.42 -20.56 12.61
CA TYR H 169 43.68 -20.11 13.26
C TYR H 169 44.60 -21.26 13.66
N THR H 170 44.26 -22.51 13.36
CA THR H 170 45.20 -23.65 13.58
C THR H 170 46.06 -23.74 12.33
N PRO H 171 47.03 -24.68 12.25
CA PRO H 171 47.69 -25.00 10.99
C PRO H 171 46.76 -25.35 9.81
N TYR H 172 45.51 -25.76 10.10
CA TYR H 172 44.45 -26.04 9.08
C TYR H 172 43.53 -24.82 8.88
N ALA H 173 44.05 -23.60 9.03
CA ALA H 173 43.27 -22.34 9.03
C ALA H 173 42.57 -22.15 7.69
N ASP H 174 43.25 -22.50 6.59
CA ASP H 174 42.73 -22.34 5.21
C ASP H 174 41.72 -23.44 4.91
N HIS H 175 40.44 -23.15 5.10
CA HIS H 175 39.34 -24.15 5.00
C HIS H 175 39.24 -24.68 3.57
N SER H 176 39.64 -23.89 2.58
CA SER H 176 39.57 -24.25 1.14
C SER H 176 40.56 -25.37 0.84
N MET H 177 41.71 -25.39 1.51
CA MET H 177 42.77 -26.41 1.28
C MET H 177 42.32 -27.80 1.79
N TRP H 178 41.56 -27.86 2.89
CA TRP H 178 41.18 -29.13 3.55
C TRP H 178 39.73 -29.51 3.25
N ARG H 179 39.00 -28.66 2.52
CA ARG H 179 37.77 -29.11 1.80
C ARG H 179 38.22 -30.25 0.88
N CYS H 180 37.47 -31.33 0.78
CA CYS H 180 37.81 -32.45 -0.14
C CYS H 180 36.60 -33.34 -0.36
N GLY H 181 35.93 -33.18 -1.50
CA GLY H 181 34.82 -34.06 -1.93
C GLY H 181 33.47 -33.45 -1.62
N MET H 182 32.84 -32.84 -2.61
CA MET H 182 31.52 -32.15 -2.45
C MET H 182 30.49 -32.93 -3.27
N GLU H 183 29.25 -32.94 -2.77
CA GLU H 183 28.07 -33.29 -3.59
C GLU H 183 27.35 -31.97 -3.88
N VAL H 184 27.20 -31.66 -5.15
CA VAL H 184 26.75 -30.32 -5.62
C VAL H 184 25.54 -30.54 -6.51
N VAL H 185 24.49 -29.77 -6.29
CA VAL H 185 23.30 -29.72 -7.19
C VAL H 185 23.54 -28.60 -8.20
N LEU H 186 23.70 -28.96 -9.48
CA LEU H 186 23.88 -27.96 -10.56
C LEU H 186 22.55 -27.27 -10.85
N ALA H 187 22.61 -26.21 -11.65
CA ALA H 187 21.52 -25.23 -11.84
C ALA H 187 20.42 -25.85 -12.71
N ASP H 188 20.62 -27.06 -13.24
CA ASP H 188 19.58 -27.82 -13.98
C ASP H 188 18.99 -28.94 -13.10
N GLY H 189 19.51 -29.10 -11.88
CA GLY H 189 19.02 -30.12 -10.92
C GLY H 189 19.87 -31.38 -10.91
N GLU H 190 20.83 -31.51 -11.82
CA GLU H 190 21.70 -32.71 -11.86
C GLU H 190 22.60 -32.71 -10.61
N VAL H 191 22.96 -33.90 -10.15
CA VAL H 191 23.87 -34.10 -8.99
C VAL H 191 25.28 -34.37 -9.55
N LEU H 192 26.26 -33.64 -9.04
CA LEU H 192 27.69 -33.83 -9.38
C LEU H 192 28.42 -34.28 -8.13
N ARG H 193 29.19 -35.35 -8.23
CA ARG H 193 30.15 -35.73 -7.16
C ARG H 193 31.56 -35.39 -7.63
N THR H 194 32.21 -34.46 -6.92
CA THR H 194 33.49 -33.82 -7.30
C THR H 194 34.63 -34.81 -7.07
N GLY H 195 35.81 -34.48 -7.60
CA GLY H 195 37.04 -35.29 -7.48
C GLY H 195 36.75 -36.76 -7.66
N MET H 196 37.20 -37.58 -6.72
CA MET H 196 37.09 -39.06 -6.80
C MET H 196 35.63 -39.51 -6.59
N GLY H 197 34.74 -38.60 -6.19
CA GLY H 197 33.31 -38.88 -6.02
C GLY H 197 32.67 -39.36 -7.30
N GLY H 198 33.25 -39.02 -8.45
CA GLY H 198 32.74 -39.39 -9.78
C GLY H 198 33.02 -40.85 -10.13
N LEU H 199 33.92 -41.53 -9.40
CA LEU H 199 34.26 -42.95 -9.67
C LEU H 199 33.51 -43.86 -8.70
N PRO H 200 32.49 -44.62 -9.17
CA PRO H 200 31.72 -45.51 -8.31
C PRO H 200 32.62 -46.52 -7.60
N GLY H 201 32.47 -46.63 -6.28
CA GLY H 201 33.22 -47.59 -5.45
C GLY H 201 34.53 -47.01 -4.93
N SER H 202 34.91 -45.79 -5.34
CA SER H 202 36.14 -45.12 -4.87
C SER H 202 35.95 -44.71 -3.41
N GLU H 203 36.97 -44.92 -2.58
CA GLU H 203 37.01 -44.52 -1.16
C GLU H 203 37.90 -43.28 -1.00
N ALA H 204 38.28 -42.62 -2.09
CA ALA H 204 39.21 -41.47 -2.09
C ALA H 204 38.46 -40.14 -2.22
N TRP H 205 37.13 -40.17 -2.22
CA TRP H 205 36.27 -38.96 -2.41
C TRP H 205 36.73 -37.82 -1.48
N HIS H 206 37.04 -38.13 -0.22
CA HIS H 206 37.41 -37.10 0.78
C HIS H 206 38.90 -37.18 1.11
N LEU H 207 39.68 -37.95 0.33
CA LEU H 207 41.13 -38.22 0.61
C LEU H 207 42.01 -37.42 -0.37
N TYR H 208 41.68 -37.46 -1.66
CA TYR H 208 42.48 -36.84 -2.76
C TYR H 208 41.57 -35.90 -3.54
N PRO H 209 41.93 -34.59 -3.61
CA PRO H 209 41.08 -33.57 -4.26
C PRO H 209 41.38 -33.49 -5.76
N GLY H 210 41.23 -34.63 -6.45
CA GLY H 210 41.66 -34.76 -7.85
C GLY H 210 40.88 -35.84 -8.58
N GLN H 211 41.20 -35.97 -9.86
CA GLN H 211 40.54 -36.86 -10.87
C GLN H 211 41.23 -36.59 -12.20
N LEU H 212 41.00 -37.41 -13.21
CA LEU H 212 41.42 -37.06 -14.59
C LEU H 212 40.78 -35.72 -14.96
N GLY H 213 41.56 -34.81 -15.54
CA GLY H 213 41.04 -33.51 -15.97
C GLY H 213 41.08 -32.49 -14.84
N PRO H 214 40.38 -31.34 -15.00
CA PRO H 214 40.50 -30.23 -14.06
C PRO H 214 39.63 -30.43 -12.81
N SER H 215 40.15 -30.03 -11.65
CA SER H 215 39.38 -29.94 -10.36
C SER H 215 38.47 -28.72 -10.46
N ILE H 216 37.20 -28.86 -10.11
CA ILE H 216 36.23 -27.74 -10.24
C ILE H 216 35.68 -27.33 -8.86
N GLU H 217 36.18 -27.91 -7.77
CA GLU H 217 35.74 -27.51 -6.39
C GLU H 217 36.03 -26.02 -6.16
N GLY H 218 37.13 -25.49 -6.70
CA GLY H 218 37.47 -24.06 -6.64
C GLY H 218 36.38 -23.18 -7.23
N LEU H 219 35.59 -23.72 -8.18
CA LEU H 219 34.54 -22.96 -8.93
C LEU H 219 33.37 -22.58 -8.02
N PHE H 220 33.11 -23.37 -6.98
CA PHE H 220 31.92 -23.22 -6.10
C PHE H 220 32.22 -22.25 -4.94
N GLU H 221 33.31 -21.49 -5.01
CA GLU H 221 33.68 -20.56 -3.92
C GLU H 221 33.45 -19.11 -4.34
N GLN H 222 32.83 -18.34 -3.45
CA GLN H 222 32.35 -16.97 -3.73
C GLN H 222 31.75 -16.93 -5.13
N SER H 223 30.92 -17.90 -5.47
CA SER H 223 30.33 -18.02 -6.81
C SER H 223 28.85 -18.33 -6.67
N ASN H 224 28.15 -18.43 -7.79
CA ASN H 224 26.70 -18.69 -7.88
C ASN H 224 26.49 -19.74 -8.97
N PHE H 225 27.19 -20.87 -8.86
CA PHE H 225 27.25 -21.94 -9.89
C PHE H 225 26.46 -23.18 -9.45
N GLY H 226 26.34 -23.43 -8.16
CA GLY H 226 25.74 -24.68 -7.67
C GLY H 226 25.38 -24.62 -6.20
N ILE H 227 24.61 -25.61 -5.76
CA ILE H 227 24.14 -25.75 -4.35
C ILE H 227 24.75 -27.04 -3.80
N CYS H 228 25.59 -26.89 -2.78
CA CYS H 228 26.33 -28.00 -2.14
C CYS H 228 25.43 -28.60 -1.06
N THR H 229 25.30 -29.93 -1.03
CA THR H 229 24.44 -30.65 -0.06
C THR H 229 25.26 -31.58 0.82
N ARG H 230 26.57 -31.68 0.58
CA ARG H 230 27.49 -32.56 1.34
C ARG H 230 28.94 -32.18 1.04
N MET H 231 29.80 -32.23 2.05
CA MET H 231 31.22 -31.83 1.91
C MET H 231 32.13 -32.58 2.89
N GLY H 232 33.22 -33.11 2.37
CA GLY H 232 34.33 -33.67 3.16
C GLY H 232 35.23 -32.59 3.71
N MET H 233 35.54 -32.67 4.99
CA MET H 233 36.47 -31.75 5.69
C MET H 233 37.55 -32.58 6.38
N GLN H 234 38.80 -32.43 5.94
CA GLN H 234 39.98 -33.13 6.50
C GLN H 234 40.35 -32.43 7.80
N LEU H 235 40.52 -33.22 8.86
CA LEU H 235 40.74 -32.74 10.26
C LEU H 235 42.18 -33.06 10.65
N MET H 236 42.83 -32.13 11.32
CA MET H 236 44.23 -32.27 11.78
C MET H 236 44.29 -33.33 12.88
N PRO H 237 45.07 -34.42 12.69
CA PRO H 237 45.40 -35.32 13.79
C PRO H 237 45.88 -34.52 15.01
N THR H 238 45.35 -34.88 16.19
CA THR H 238 45.62 -34.21 17.48
C THR H 238 47.09 -34.41 17.84
N PRO H 239 47.84 -33.33 18.12
CA PRO H 239 49.27 -33.46 18.42
C PRO H 239 49.43 -34.00 19.84
N PRO H 240 50.65 -34.31 20.30
CA PRO H 240 50.83 -34.70 21.69
C PRO H 240 50.36 -33.60 22.65
N GLU H 241 50.66 -32.33 22.37
CA GLU H 241 50.45 -31.24 23.36
C GLU H 241 50.48 -29.88 22.65
N MET H 242 49.89 -28.86 23.25
CA MET H 242 49.71 -27.52 22.61
C MET H 242 49.78 -26.41 23.66
N LEU H 243 50.55 -25.36 23.36
CA LEU H 243 50.73 -24.18 24.27
C LEU H 243 50.57 -22.88 23.46
N SER H 244 49.56 -22.09 23.81
CA SER H 244 49.24 -20.77 23.20
C SER H 244 50.07 -19.67 23.87
N PHE H 245 50.23 -18.53 23.19
CA PHE H 245 50.98 -17.37 23.70
C PHE H 245 50.33 -16.07 23.22
N ALA H 246 50.46 -15.02 24.03
CA ALA H 246 50.14 -13.61 23.69
C ALA H 246 51.41 -12.79 23.87
N ILE H 247 51.64 -11.82 22.99
CA ILE H 247 52.79 -10.89 23.10
C ILE H 247 52.28 -9.45 23.03
N TYR H 248 52.53 -8.67 24.09
CA TYR H 248 52.05 -7.28 24.29
C TYR H 248 53.15 -6.30 23.91
N PHE H 249 52.78 -5.35 23.06
CA PHE H 249 53.69 -4.35 22.59
C PHE H 249 53.01 -3.05 22.94
N GLU H 250 53.65 -2.26 23.79
CA GLU H 250 53.00 -1.03 24.25
C GLU H 250 53.25 0.21 23.44
N ASN H 251 53.27 0.09 22.13
CA ASN H 251 53.39 1.26 21.31
C ASN H 251 52.64 1.03 20.04
N GLU H 252 52.07 2.09 19.49
CA GLU H 252 51.35 1.96 18.25
C GLU H 252 52.39 1.81 17.15
N ASP H 253 53.51 2.54 17.27
CA ASP H 253 54.49 2.46 16.16
C ASP H 253 55.15 1.08 16.07
N ASP H 254 54.82 0.13 16.94
CA ASP H 254 55.42 -1.23 16.95
C ASP H 254 55.01 -2.02 15.70
N LEU H 255 53.96 -1.58 14.96
CA LEU H 255 53.31 -2.43 13.92
C LEU H 255 54.35 -2.89 12.91
N PRO H 256 55.12 -2.01 12.24
CA PRO H 256 56.08 -2.47 11.24
C PRO H 256 57.03 -3.49 11.90
N ALA H 257 57.72 -3.09 12.95
CA ALA H 257 58.65 -3.97 13.71
C ALA H 257 57.99 -5.34 13.90
N ILE H 258 56.74 -5.40 14.36
CA ILE H 258 56.03 -6.67 14.65
C ILE H 258 56.04 -7.54 13.37
N MET H 259 55.70 -6.94 12.22
CA MET H 259 55.41 -7.68 10.96
C MET H 259 56.70 -8.27 10.40
N GLU H 260 57.76 -7.47 10.31
CA GLU H 260 59.05 -7.87 9.68
C GLU H 260 59.71 -8.97 10.53
N THR H 261 59.36 -9.04 11.81
CA THR H 261 59.77 -10.13 12.73
C THR H 261 59.06 -11.43 12.32
N THR H 262 57.74 -11.36 12.10
CA THR H 262 56.85 -12.54 11.90
C THR H 262 57.21 -13.28 10.61
N LEU H 263 57.49 -12.53 9.53
CA LEU H 263 57.60 -13.10 8.16
C LEU H 263 58.66 -14.20 8.15
N PRO H 264 59.93 -13.92 8.51
CA PRO H 264 60.96 -14.96 8.44
C PRO H 264 60.69 -16.15 9.38
N LEU H 265 59.92 -15.98 10.46
CA LEU H 265 59.59 -17.08 11.41
C LEU H 265 58.35 -17.86 10.96
N ARG H 266 57.55 -17.32 10.03
CA ARG H 266 56.29 -17.96 9.56
C ARG H 266 56.53 -18.66 8.22
N ILE H 267 57.36 -18.07 7.35
CA ILE H 267 57.46 -18.42 5.90
C ILE H 267 57.90 -19.90 5.75
N GLY H 268 58.76 -20.37 6.65
CA GLY H 268 59.25 -21.76 6.66
C GLY H 268 58.30 -22.71 7.37
N MET H 269 57.16 -22.22 7.86
CA MET H 269 56.17 -23.04 8.63
C MET H 269 56.78 -23.49 9.96
N ALA H 270 57.86 -22.84 10.41
CA ALA H 270 58.50 -23.06 11.72
C ALA H 270 59.41 -21.87 12.03
N PRO H 271 59.42 -21.33 13.27
CA PRO H 271 58.75 -21.93 14.43
C PRO H 271 57.24 -21.61 14.58
N LEU H 272 56.73 -20.61 13.85
CA LEU H 272 55.28 -20.27 13.79
C LEU H 272 54.61 -21.29 12.85
N GLN H 273 54.02 -22.35 13.44
CA GLN H 273 53.44 -23.50 12.69
C GLN H 273 52.02 -23.17 12.23
N ALA H 274 51.43 -22.11 12.79
CA ALA H 274 50.13 -21.55 12.37
C ALA H 274 50.27 -20.03 12.24
N ALA H 275 49.44 -19.43 11.39
CA ALA H 275 49.40 -17.97 11.17
C ALA H 275 48.97 -17.32 12.48
N PRO H 276 49.83 -16.47 13.08
CA PRO H 276 49.43 -15.70 14.25
C PRO H 276 48.52 -14.56 13.80
N ILE H 277 47.75 -14.00 14.73
CA ILE H 277 46.96 -12.76 14.48
C ILE H 277 47.73 -11.58 15.09
N VAL H 278 47.54 -10.39 14.54
CA VAL H 278 48.04 -9.11 15.11
C VAL H 278 46.83 -8.17 15.24
N ARG H 279 46.30 -8.06 16.45
CA ARG H 279 45.12 -7.22 16.78
C ARG H 279 45.58 -5.90 17.39
N ASN H 280 44.80 -4.83 17.18
CA ASN H 280 44.94 -3.54 17.89
C ASN H 280 44.26 -3.67 19.26
N VAL H 281 44.40 -2.65 20.11
CA VAL H 281 43.84 -2.63 21.50
C VAL H 281 42.31 -2.57 21.45
N THR H 282 41.74 -1.84 20.46
CA THR H 282 40.27 -1.61 20.34
C THR H 282 39.54 -2.94 20.13
N PHE H 283 40.16 -3.88 19.43
CA PHE H 283 39.54 -5.18 19.07
C PHE H 283 39.40 -6.02 20.35
N ASP H 284 40.49 -6.15 21.10
CA ASP H 284 40.59 -7.01 22.32
C ASP H 284 39.65 -6.45 23.40
N ALA H 285 39.68 -5.13 23.63
CA ALA H 285 38.79 -4.43 24.60
C ALA H 285 37.32 -4.79 24.29
N ALA H 286 36.95 -4.77 23.00
CA ALA H 286 35.57 -4.94 22.52
C ALA H 286 35.04 -6.36 22.80
N CYS H 287 35.92 -7.32 23.07
CA CYS H 287 35.54 -8.74 23.26
C CYS H 287 35.19 -9.01 24.73
N VAL H 288 35.45 -8.07 25.65
CA VAL H 288 35.37 -8.34 27.11
C VAL H 288 34.67 -7.19 27.86
N SER H 289 34.14 -6.18 27.17
CA SER H 289 33.76 -4.91 27.82
C SER H 289 33.11 -3.93 26.84
N LYS H 290 32.27 -3.03 27.38
CA LYS H 290 31.40 -2.09 26.64
C LYS H 290 32.14 -0.76 26.45
N ARG H 291 31.81 -0.03 25.37
CA ARG H 291 32.59 1.13 24.87
C ARG H 291 32.67 2.27 25.91
N GLU H 292 31.64 2.49 26.74
CA GLU H 292 31.57 3.69 27.62
C GLU H 292 32.64 3.60 28.72
N GLU H 293 33.04 2.38 29.11
CA GLU H 293 34.15 2.12 30.08
C GLU H 293 35.36 3.01 29.75
N TRP H 294 35.57 3.35 28.48
CA TRP H 294 36.74 4.12 28.00
C TRP H 294 36.35 5.53 27.61
N GLN H 295 35.26 5.67 26.87
CA GLN H 295 34.83 6.99 26.34
C GLN H 295 33.31 7.03 26.34
N THR H 296 32.76 8.20 26.71
CA THR H 296 31.31 8.52 26.66
C THR H 296 31.05 9.45 25.47
N GLU H 297 31.99 10.37 25.17
CA GLU H 297 31.91 11.31 24.02
C GLU H 297 31.78 10.50 22.73
N PRO H 298 30.71 10.70 21.92
CA PRO H 298 30.39 9.76 20.84
C PRO H 298 31.26 9.81 19.57
N GLY H 299 32.13 10.81 19.43
CA GLY H 299 33.01 10.97 18.26
C GLY H 299 34.12 9.91 18.20
N PRO H 300 35.10 10.07 17.28
CA PRO H 300 36.25 9.15 17.20
C PRO H 300 36.91 8.86 18.54
N LEU H 301 37.37 7.62 18.73
CA LEU H 301 38.10 7.15 19.94
C LEU H 301 39.44 7.89 20.05
N THR H 302 39.59 8.65 21.13
CA THR H 302 40.78 9.50 21.44
C THR H 302 41.91 8.60 21.93
N ASP H 303 43.15 9.09 21.84
CA ASP H 303 44.39 8.36 22.22
C ASP H 303 44.35 8.03 23.72
N GLU H 304 43.86 8.99 24.51
CA GLU H 304 43.71 8.86 25.99
C GLU H 304 42.90 7.59 26.27
N ALA H 305 41.73 7.44 25.64
CA ALA H 305 40.80 6.29 25.79
C ALA H 305 41.45 5.00 25.26
N LYS H 306 42.06 5.05 24.07
CA LYS H 306 42.82 3.89 23.55
C LYS H 306 43.89 3.53 24.58
N GLN H 307 44.71 4.51 24.99
CA GLN H 307 45.81 4.29 25.97
C GLN H 307 45.19 3.82 27.30
N ARG H 308 44.10 4.46 27.73
CA ARG H 308 43.34 4.03 28.94
C ARG H 308 43.13 2.51 28.85
N MET H 309 42.72 1.97 27.68
CA MET H 309 42.38 0.52 27.45
C MET H 309 43.57 -0.38 27.74
N VAL H 310 44.75 0.04 27.31
CA VAL H 310 46.02 -0.75 27.42
C VAL H 310 46.30 -0.98 28.90
N ASP H 311 46.39 0.12 29.64
CA ASP H 311 46.69 0.15 31.09
C ASP H 311 45.43 -0.32 31.83
N GLU H 312 44.26 0.13 31.36
CA GLU H 312 42.90 -0.39 31.69
C GLU H 312 42.98 -1.91 31.92
N LEU H 313 43.27 -2.66 30.85
CA LEU H 313 43.05 -4.13 30.72
C LEU H 313 44.31 -4.95 31.05
N GLY H 314 45.52 -4.40 30.88
CA GLY H 314 46.77 -5.13 31.15
C GLY H 314 47.22 -5.89 29.93
N ILE H 315 47.32 -5.17 28.80
CA ILE H 315 47.69 -5.69 27.46
C ILE H 315 48.56 -4.64 26.77
N GLY H 316 48.46 -4.50 25.44
CA GLY H 316 49.22 -3.53 24.64
C GLY H 316 48.34 -2.88 23.60
N HIS H 317 48.90 -1.94 22.82
CA HIS H 317 48.26 -1.28 21.65
C HIS H 317 48.18 -2.29 20.49
N TRP H 318 49.14 -3.22 20.45
CA TRP H 318 49.15 -4.41 19.56
C TRP H 318 49.36 -5.67 20.40
N ILE H 319 48.51 -6.67 20.21
CA ILE H 319 48.67 -8.00 20.85
C ILE H 319 48.86 -9.02 19.72
N VAL H 320 49.90 -9.85 19.82
CA VAL H 320 50.08 -11.04 18.95
C VAL H 320 49.61 -12.25 19.73
N TYR H 321 48.70 -13.02 19.14
CA TYR H 321 48.27 -14.35 19.63
C TYR H 321 48.66 -15.40 18.59
N GLY H 322 49.24 -16.50 19.07
CA GLY H 322 49.59 -17.67 18.26
C GLY H 322 49.67 -18.89 19.14
N THR H 323 49.97 -20.04 18.57
CA THR H 323 50.07 -21.32 19.31
C THR H 323 51.13 -22.18 18.63
N CYS H 324 51.86 -22.95 19.43
CA CYS H 324 52.79 -24.00 18.97
C CYS H 324 52.17 -25.36 19.30
N TYR H 325 52.45 -26.35 18.45
CA TYR H 325 51.80 -27.69 18.46
C TYR H 325 52.89 -28.76 18.39
N GLY H 326 52.65 -29.89 19.07
CA GLY H 326 53.51 -31.08 19.01
C GLY H 326 53.96 -31.55 20.39
N PRO H 327 55.10 -32.28 20.46
CA PRO H 327 55.67 -32.73 21.72
C PRO H 327 56.52 -31.61 22.32
N ARG H 328 56.62 -31.54 23.65
CA ARG H 328 57.18 -30.37 24.37
C ARG H 328 58.67 -30.17 24.02
N TRP H 329 59.43 -31.22 23.70
CA TRP H 329 60.85 -31.10 23.26
C TRP H 329 60.93 -30.14 22.06
N GLN H 330 59.98 -30.27 21.12
CA GLN H 330 59.80 -29.44 19.90
C GLN H 330 59.29 -28.05 20.27
N ILE H 331 58.17 -28.03 21.01
CA ILE H 331 57.40 -26.81 21.41
C ILE H 331 58.31 -25.86 22.19
N ASP H 332 59.01 -26.38 23.20
CA ASP H 332 59.80 -25.56 24.16
C ASP H 332 60.88 -24.79 23.39
N LYS H 333 61.34 -25.32 22.24
CA LYS H 333 62.32 -24.63 21.36
C LYS H 333 61.61 -23.63 20.44
N TYR H 334 60.39 -23.94 19.99
CA TYR H 334 59.58 -23.00 19.17
C TYR H 334 59.25 -21.78 20.04
N ILE H 335 58.77 -22.02 21.27
CA ILE H 335 58.36 -20.92 22.21
C ILE H 335 59.56 -19.98 22.40
N GLU H 336 60.75 -20.55 22.64
CA GLU H 336 61.99 -19.78 22.95
C GLU H 336 62.43 -18.96 21.73
N MET H 337 62.43 -19.57 20.53
CA MET H 337 62.83 -18.89 19.26
C MET H 337 61.87 -17.72 19.04
N ILE H 338 60.57 -17.98 19.16
CA ILE H 338 59.51 -16.94 18.98
C ILE H 338 59.83 -15.83 19.98
N ARG H 339 59.97 -16.17 21.27
CA ARG H 339 60.09 -15.17 22.36
C ARG H 339 61.19 -14.16 22.03
N ASP H 340 62.40 -14.65 21.76
CA ASP H 340 63.56 -13.80 21.37
C ASP H 340 63.09 -12.81 20.31
N ALA H 341 62.59 -13.34 19.19
CA ALA H 341 62.21 -12.54 18.01
C ALA H 341 61.42 -11.32 18.47
N TYR H 342 60.27 -11.53 19.14
CA TYR H 342 59.33 -10.43 19.50
C TYR H 342 59.92 -9.57 20.63
N LEU H 343 60.49 -10.18 21.69
CA LEU H 343 61.09 -9.39 22.79
C LEU H 343 62.44 -8.79 22.34
N GLN H 344 62.62 -8.48 21.06
CA GLN H 344 63.72 -7.60 20.58
C GLN H 344 63.13 -6.28 20.08
N ILE H 345 61.83 -6.09 20.33
CA ILE H 345 61.15 -4.77 20.20
C ILE H 345 61.10 -4.18 21.61
N PRO H 346 61.53 -2.91 21.80
CA PRO H 346 61.44 -2.25 23.10
C PRO H 346 60.02 -2.26 23.68
N GLY H 347 59.85 -2.82 24.89
CA GLY H 347 58.59 -2.77 25.65
C GLY H 347 57.74 -4.03 25.48
N ALA H 348 58.20 -4.99 24.69
CA ALA H 348 57.51 -6.28 24.51
C ALA H 348 57.44 -7.01 25.84
N ARG H 349 56.49 -7.94 25.94
CA ARG H 349 56.17 -8.75 27.12
C ARG H 349 55.63 -10.06 26.56
N PHE H 350 56.13 -11.20 27.02
CA PHE H 350 55.71 -12.52 26.49
C PHE H 350 54.97 -13.29 27.58
N GLU H 351 53.79 -13.82 27.24
CA GLU H 351 53.01 -14.68 28.15
C GLU H 351 52.57 -15.93 27.40
N THR H 352 52.25 -16.98 28.15
CA THR H 352 51.62 -18.22 27.63
C THR H 352 50.27 -18.34 28.33
N ASN H 353 49.46 -19.34 27.96
CA ASN H 353 48.21 -19.71 28.69
C ASN H 353 48.56 -20.39 30.03
N GLU H 354 49.84 -20.70 30.24
CA GLU H 354 50.38 -21.38 31.46
C GLU H 354 50.82 -20.34 32.49
N THR H 355 51.36 -19.20 32.03
CA THR H 355 51.78 -18.07 32.91
C THR H 355 50.58 -17.15 33.17
N LEU H 356 49.51 -17.30 32.39
CA LEU H 356 48.29 -16.43 32.45
C LEU H 356 47.04 -17.28 32.40
N PRO H 357 46.95 -18.33 33.25
CA PRO H 357 45.75 -19.16 33.34
C PRO H 357 44.46 -18.36 33.23
N LEU H 358 43.39 -19.05 32.82
CA LEU H 358 42.01 -18.52 32.92
C LEU H 358 41.70 -18.25 34.39
N ARG H 359 41.61 -16.97 34.75
CA ARG H 359 41.27 -16.52 36.12
C ARG H 359 40.20 -15.43 35.97
N GLU H 360 38.95 -15.76 36.34
CA GLU H 360 37.80 -14.82 36.30
C GLU H 360 38.27 -13.47 36.85
N GLY H 361 37.79 -12.37 36.26
CA GLY H 361 38.17 -11.01 36.64
C GLY H 361 39.27 -10.45 35.75
N ASP H 362 40.37 -11.18 35.57
CA ASP H 362 41.43 -10.78 34.59
C ASP H 362 40.85 -10.99 33.20
N ARG H 363 40.67 -9.89 32.45
CA ARG H 363 40.15 -9.91 31.06
C ARG H 363 41.32 -10.11 30.07
N ALA H 364 42.55 -9.72 30.44
CA ALA H 364 43.79 -10.00 29.66
C ALA H 364 43.97 -11.53 29.54
N SER H 365 43.62 -12.27 30.59
CA SER H 365 43.73 -13.76 30.67
C SER H 365 42.57 -14.42 29.93
N GLU H 366 41.40 -13.76 29.90
CA GLU H 366 40.15 -14.30 29.33
C GLU H 366 40.21 -14.16 27.80
N LEU H 367 40.97 -13.16 27.32
CA LEU H 367 41.21 -12.90 25.86
C LEU H 367 42.12 -13.99 25.27
N LEU H 368 43.21 -14.31 25.96
CA LEU H 368 44.16 -15.35 25.47
C LEU H 368 43.50 -16.73 25.57
N ASN H 369 42.67 -16.95 26.58
CA ASN H 369 41.95 -18.24 26.72
C ASN H 369 41.03 -18.43 25.51
N ALA H 370 40.44 -17.33 25.01
CA ALA H 370 39.57 -17.33 23.82
C ALA H 370 40.37 -17.80 22.60
N ARG H 371 41.61 -17.30 22.47
CA ARG H 371 42.56 -17.64 21.38
C ARG H 371 43.08 -19.06 21.59
N HIS H 372 43.44 -19.42 22.82
CA HIS H 372 43.91 -20.79 23.16
C HIS H 372 42.86 -21.79 22.66
N GLU H 373 41.58 -21.52 22.99
CA GLU H 373 40.40 -22.37 22.64
C GLU H 373 40.29 -22.54 21.11
N LEU H 374 40.40 -21.44 20.35
CA LEU H 374 40.25 -21.43 18.86
C LEU H 374 41.47 -22.09 18.19
N ASN H 375 42.66 -21.86 18.72
CA ASN H 375 43.94 -22.36 18.13
C ASN H 375 44.11 -23.86 18.44
N THR H 376 43.29 -24.44 19.33
CA THR H 376 43.42 -25.87 19.74
C THR H 376 42.12 -26.63 19.46
N GLY H 377 41.21 -26.04 18.66
CA GLY H 377 40.07 -26.76 18.06
C GLY H 377 38.86 -26.76 18.98
N VAL H 378 38.75 -25.76 19.86
CA VAL H 378 37.57 -25.55 20.75
C VAL H 378 36.86 -24.27 20.28
N PRO H 379 35.66 -24.40 19.67
CA PRO H 379 34.90 -23.23 19.22
C PRO H 379 34.22 -22.51 20.39
N ASN H 380 34.13 -21.19 20.32
CA ASN H 380 33.52 -20.36 21.39
C ASN H 380 32.71 -19.23 20.75
N ARG H 381 32.32 -18.24 21.55
CA ARG H 381 31.59 -17.04 21.10
C ARG H 381 32.17 -15.78 21.73
N HIS H 382 33.45 -15.79 22.12
CA HIS H 382 34.06 -14.56 22.69
C HIS H 382 33.63 -13.35 21.86
N SER H 383 33.89 -13.44 20.56
CA SER H 383 33.91 -12.28 19.64
C SER H 383 32.54 -11.61 19.62
N ALA H 384 31.47 -12.37 19.89
CA ALA H 384 30.08 -11.85 19.89
C ALA H 384 29.95 -10.64 20.82
N ALA H 385 30.80 -10.53 21.85
CA ALA H 385 30.86 -9.43 22.84
C ALA H 385 31.00 -8.07 22.12
N VAL H 386 31.64 -8.04 20.94
CA VAL H 386 31.77 -6.81 20.11
C VAL H 386 30.38 -6.30 19.74
N PHE H 387 29.40 -7.20 19.59
CA PHE H 387 27.98 -6.85 19.28
C PHE H 387 27.38 -6.01 20.41
N ASP H 388 27.94 -6.10 21.62
CA ASP H 388 27.52 -5.31 22.82
C ASP H 388 28.47 -4.14 23.07
N TRP H 389 29.48 -3.92 22.22
CA TRP H 389 30.41 -2.76 22.31
C TRP H 389 29.56 -1.50 22.61
N PHE H 390 28.46 -1.34 21.88
CA PHE H 390 27.33 -0.44 22.23
C PHE H 390 26.06 -1.07 21.66
N PRO H 391 24.85 -0.59 22.03
CA PRO H 391 23.61 -1.09 21.45
C PRO H 391 23.57 -1.07 19.91
N ASN H 392 23.35 -2.24 19.29
CA ASN H 392 23.19 -2.45 17.83
C ASN H 392 24.53 -2.45 17.10
N ALA H 393 25.61 -2.83 17.78
CA ALA H 393 26.97 -2.91 17.18
C ALA H 393 26.98 -4.05 16.16
N GLY H 394 27.28 -3.72 14.90
CA GLY H 394 27.56 -4.67 13.79
C GLY H 394 28.83 -4.30 13.03
N HIS H 395 29.24 -5.14 12.08
CA HIS H 395 30.43 -4.89 11.22
C HIS H 395 30.11 -5.11 9.74
N PHE H 396 31.12 -4.79 8.93
CA PHE H 396 31.05 -4.49 7.48
C PHE H 396 32.48 -4.45 6.95
N PHE H 397 32.98 -5.61 6.54
CA PHE H 397 34.43 -5.89 6.37
C PHE H 397 35.00 -5.14 5.17
N TYR H 398 36.17 -4.54 5.38
CA TYR H 398 37.16 -4.16 4.36
C TYR H 398 38.40 -5.03 4.58
N ALA H 399 38.60 -6.10 3.80
CA ALA H 399 39.64 -7.12 4.05
C ALA H 399 40.56 -7.27 2.85
N PRO H 400 41.47 -6.31 2.59
CA PRO H 400 42.40 -6.44 1.48
C PRO H 400 43.50 -7.46 1.81
N VAL H 401 44.17 -7.95 0.77
CA VAL H 401 45.40 -8.77 0.86
C VAL H 401 46.53 -7.97 0.23
N SER H 402 47.73 -8.07 0.78
CA SER H 402 48.93 -7.35 0.31
C SER H 402 50.16 -8.21 0.56
N ALA H 403 51.29 -7.83 -0.03
CA ALA H 403 52.61 -8.43 0.26
C ALA H 403 52.89 -8.26 1.74
N PRO H 404 53.42 -9.30 2.44
CA PRO H 404 53.62 -9.28 3.89
C PRO H 404 54.82 -8.38 4.23
N SER H 405 54.59 -7.19 4.79
CA SER H 405 55.68 -6.20 4.98
C SER H 405 55.27 -5.06 5.92
N GLY H 406 56.21 -4.65 6.77
CA GLY H 406 56.08 -3.55 7.75
C GLY H 406 55.86 -2.21 7.07
N GLU H 407 56.43 -2.04 5.87
CA GLU H 407 56.13 -0.92 4.93
C GLU H 407 54.60 -0.86 4.72
N ASP H 408 54.05 -1.90 4.09
CA ASP H 408 52.66 -1.98 3.55
C ASP H 408 51.63 -1.92 4.68
N ALA H 409 51.96 -2.33 5.91
CA ALA H 409 51.00 -2.33 7.05
C ALA H 409 50.83 -0.90 7.57
N ALA H 410 51.70 -0.41 8.46
CA ALA H 410 51.56 0.94 9.08
C ALA H 410 50.97 1.90 8.04
N LYS H 411 51.26 1.66 6.76
CA LYS H 411 50.56 2.25 5.59
C LYS H 411 49.03 2.07 5.71
N GLN H 412 48.55 0.83 5.81
CA GLN H 412 47.10 0.46 5.83
C GLN H 412 46.47 0.96 7.14
N TYR H 413 47.19 0.88 8.27
CA TYR H 413 46.73 1.39 9.60
C TYR H 413 46.48 2.90 9.47
N GLU H 414 47.42 3.66 8.91
CA GLU H 414 47.28 5.12 8.70
C GLU H 414 46.16 5.40 7.70
N ASP H 415 46.12 4.68 6.57
CA ASP H 415 45.04 4.87 5.56
C ASP H 415 43.69 4.67 6.23
N THR H 416 43.49 3.52 6.89
CA THR H 416 42.17 3.12 7.42
C THR H 416 41.85 3.97 8.66
N LYS H 417 42.82 4.26 9.54
CA LYS H 417 42.57 5.07 10.77
C LYS H 417 42.24 6.53 10.37
N ARG H 418 42.95 7.10 9.40
CA ARG H 418 42.66 8.46 8.86
C ARG H 418 41.20 8.48 8.37
N ILE H 419 40.82 7.46 7.60
CA ILE H 419 39.51 7.36 6.88
C ILE H 419 38.41 7.02 7.88
N SER H 420 38.68 6.11 8.83
CA SER H 420 37.72 5.69 9.88
C SER H 420 37.35 6.91 10.73
N ASP H 421 38.35 7.63 11.26
CA ASP H 421 38.14 8.80 12.15
C ASP H 421 37.28 9.84 11.42
N ASP H 422 37.53 10.05 10.12
CA ASP H 422 36.83 11.05 9.26
C ASP H 422 35.33 10.76 9.16
N HIS H 423 34.88 9.56 9.50
CA HIS H 423 33.43 9.18 9.47
C HIS H 423 32.91 8.90 10.89
N GLY H 424 33.78 8.95 11.90
CA GLY H 424 33.42 8.73 13.31
C GLY H 424 33.06 7.28 13.58
N ILE H 425 33.61 6.35 12.80
CA ILE H 425 33.32 4.89 12.91
C ILE H 425 34.46 4.26 13.70
N ASP H 426 34.12 3.39 14.64
CA ASP H 426 35.10 2.66 15.46
C ASP H 426 35.86 1.68 14.59
N TYR H 427 37.15 1.56 14.87
CA TYR H 427 38.17 0.86 14.05
C TYR H 427 38.71 -0.35 14.81
N LEU H 428 38.25 -1.55 14.49
CA LEU H 428 38.85 -2.80 14.99
C LEU H 428 39.76 -3.34 13.88
N ALA H 429 41.04 -3.59 14.19
CA ALA H 429 42.11 -3.95 13.23
C ALA H 429 42.63 -5.35 13.55
N GLN H 430 42.92 -6.11 12.50
CA GLN H 430 43.67 -7.39 12.59
C GLN H 430 44.52 -7.52 11.33
N PHE H 431 45.82 -7.79 11.51
CA PHE H 431 46.74 -8.24 10.43
C PHE H 431 47.04 -9.72 10.64
N ILE H 432 47.12 -10.47 9.54
CA ILE H 432 47.49 -11.92 9.53
C ILE H 432 48.51 -12.16 8.44
N ILE H 433 49.66 -12.76 8.77
CA ILE H 433 50.53 -13.34 7.72
C ILE H 433 50.17 -14.82 7.57
N GLY H 434 49.62 -15.19 6.41
CA GLY H 434 49.21 -16.55 6.06
C GLY H 434 50.41 -17.47 5.87
N LEU H 435 51.37 -17.05 5.03
CA LEU H 435 52.63 -17.80 4.78
C LEU H 435 53.58 -16.90 3.97
N ARG H 436 53.12 -16.41 2.82
CA ARG H 436 53.86 -15.47 1.94
C ARG H 436 53.01 -14.23 1.68
N GLU H 437 51.82 -14.15 2.28
CA GLU H 437 50.81 -13.08 2.01
C GLU H 437 50.28 -12.54 3.34
N MET H 438 49.68 -11.35 3.27
CA MET H 438 49.19 -10.57 4.45
C MET H 438 47.71 -10.21 4.26
N HIS H 439 46.88 -10.60 5.22
CA HIS H 439 45.45 -10.22 5.32
C HIS H 439 45.29 -9.05 6.29
N HIS H 440 44.78 -7.92 5.81
CA HIS H 440 44.32 -6.78 6.65
C HIS H 440 42.80 -6.91 6.81
N ILE H 441 42.33 -7.19 8.02
CA ILE H 441 40.88 -7.31 8.34
C ILE H 441 40.47 -6.05 9.11
N CYS H 442 39.73 -5.16 8.44
CA CYS H 442 39.13 -3.92 9.02
C CYS H 442 37.68 -4.23 9.41
N LEU H 443 37.45 -4.37 10.71
CA LEU H 443 36.12 -4.63 11.31
C LEU H 443 35.64 -3.31 11.91
N PRO H 444 34.79 -2.51 11.22
CA PRO H 444 34.22 -1.30 11.80
C PRO H 444 33.00 -1.63 12.67
N LEU H 445 32.79 -0.86 13.74
CA LEU H 445 31.63 -1.03 14.63
C LEU H 445 30.75 0.21 14.54
N TYR H 446 29.53 0.02 14.05
CA TYR H 446 28.57 1.10 13.73
C TYR H 446 27.19 0.70 14.25
N ASP H 447 26.32 1.70 14.39
CA ASP H 447 24.92 1.52 14.86
C ASP H 447 24.08 1.04 13.67
N THR H 448 23.79 -0.27 13.60
CA THR H 448 23.06 -0.90 12.46
C THR H 448 21.60 -0.45 12.47
N ALA H 449 21.14 0.15 13.58
CA ALA H 449 19.75 0.61 13.78
C ALA H 449 19.58 2.06 13.32
N ASP H 450 20.68 2.76 13.02
CA ASP H 450 20.67 4.21 12.71
C ASP H 450 21.02 4.43 11.23
N PRO H 451 20.15 5.06 10.43
CA PRO H 451 20.48 5.41 9.04
C PRO H 451 21.73 6.28 8.85
N ALA H 452 21.97 7.27 9.71
CA ALA H 452 23.16 8.16 9.64
C ALA H 452 24.43 7.32 9.69
N SER H 453 24.54 6.46 10.71
CA SER H 453 25.71 5.58 10.91
C SER H 453 25.92 4.69 9.67
N ARG H 454 24.83 4.13 9.12
CA ARG H 454 24.90 3.18 7.99
C ARG H 454 25.56 3.84 6.79
N LYS H 455 25.06 4.99 6.38
CA LYS H 455 25.50 5.73 5.17
C LYS H 455 26.98 6.06 5.29
N GLU H 456 27.43 6.47 6.48
CA GLU H 456 28.85 6.84 6.69
C GLU H 456 29.70 5.57 6.85
N THR H 457 29.12 4.42 7.20
CA THR H 457 29.84 3.12 7.13
C THR H 457 29.97 2.71 5.65
N LEU H 458 28.89 2.82 4.87
CA LEU H 458 28.93 2.54 3.42
C LEU H 458 29.97 3.45 2.75
N ASP H 459 29.89 4.75 3.00
CA ASP H 459 30.77 5.75 2.34
C ASP H 459 32.24 5.53 2.76
N MET H 460 32.45 5.18 4.02
CA MET H 460 33.81 4.94 4.57
C MET H 460 34.44 3.78 3.81
N THR H 461 33.72 2.65 3.69
CA THR H 461 34.23 1.37 3.13
C THR H 461 34.44 1.52 1.61
N ARG H 462 33.62 2.32 0.91
CA ARG H 462 33.77 2.55 -0.56
C ARG H 462 35.00 3.42 -0.83
N GLU H 463 35.50 4.16 0.17
CA GLU H 463 36.73 4.97 0.06
C GLU H 463 37.96 4.11 0.36
N LEU H 464 37.86 3.22 1.34
CA LEU H 464 38.93 2.25 1.69
C LEU H 464 39.21 1.38 0.47
N ILE H 465 38.19 1.06 -0.34
CA ILE H 465 38.30 0.20 -1.55
C ILE H 465 39.07 0.96 -2.64
N ARG H 466 38.62 2.18 -2.96
CA ARG H 466 39.35 3.17 -3.80
C ARG H 466 40.83 3.18 -3.41
N ALA H 467 41.12 3.34 -2.12
CA ALA H 467 42.49 3.56 -1.58
C ALA H 467 43.32 2.30 -1.79
N GLY H 468 42.81 1.14 -1.34
CA GLY H 468 43.44 -0.17 -1.54
C GLY H 468 43.76 -0.42 -3.01
N ALA H 469 42.87 -0.01 -3.92
CA ALA H 469 43.03 -0.14 -5.40
C ALA H 469 44.13 0.81 -5.92
N GLU H 470 44.25 2.00 -5.31
CA GLU H 470 45.25 3.03 -5.67
C GLU H 470 46.66 2.50 -5.38
N GLU H 471 46.80 1.58 -4.40
CA GLU H 471 48.10 1.04 -3.91
C GLU H 471 48.30 -0.41 -4.33
N GLY H 472 47.34 -1.04 -5.03
CA GLY H 472 47.44 -2.44 -5.46
C GLY H 472 47.10 -3.42 -4.35
N TYR H 473 46.07 -3.13 -3.55
CA TYR H 473 45.54 -4.02 -2.48
C TYR H 473 44.15 -4.51 -2.87
N GLY H 474 44.03 -5.81 -3.10
CA GLY H 474 42.80 -6.46 -3.58
C GLY H 474 41.97 -6.99 -2.43
N ILE H 475 40.67 -6.65 -2.39
CA ILE H 475 39.68 -7.28 -1.48
C ILE H 475 39.53 -8.74 -1.93
N TYR H 476 39.54 -9.69 -0.99
CA TYR H 476 39.33 -11.12 -1.31
C TYR H 476 37.93 -11.57 -0.88
N ARG H 477 37.22 -10.73 -0.11
CA ARG H 477 35.86 -11.02 0.42
C ARG H 477 35.10 -9.72 0.66
N ALA H 478 33.90 -9.59 0.09
CA ALA H 478 33.13 -8.32 0.16
C ALA H 478 31.65 -8.60 0.36
N HIS H 479 31.02 -7.70 1.12
CA HIS H 479 29.55 -7.59 1.31
C HIS H 479 28.87 -7.57 -0.06
N ASN H 480 27.62 -8.05 -0.13
CA ASN H 480 26.74 -7.97 -1.32
C ASN H 480 26.81 -6.57 -1.94
N VAL H 481 26.66 -5.54 -1.11
CA VAL H 481 26.52 -4.12 -1.56
C VAL H 481 27.83 -3.65 -2.18
N LEU H 482 28.97 -4.25 -1.82
CA LEU H 482 30.32 -3.89 -2.32
C LEU H 482 30.70 -4.73 -3.54
N ALA H 483 29.90 -5.73 -3.93
CA ALA H 483 30.28 -6.77 -4.92
C ALA H 483 30.71 -6.12 -6.24
N ASP H 484 29.90 -5.22 -6.81
CA ASP H 484 30.19 -4.61 -8.14
C ASP H 484 31.42 -3.71 -8.06
N GLN H 485 31.58 -2.90 -7.01
CA GLN H 485 32.76 -2.01 -6.88
C GLN H 485 34.04 -2.84 -6.79
N VAL H 486 34.08 -3.84 -5.91
CA VAL H 486 35.30 -4.69 -5.70
C VAL H 486 35.64 -5.36 -7.03
N ALA H 487 34.65 -6.01 -7.65
CA ALA H 487 34.82 -6.73 -8.95
C ALA H 487 35.43 -5.78 -9.98
N GLU H 488 35.04 -4.50 -9.97
CA GLU H 488 35.54 -3.45 -10.91
C GLU H 488 37.04 -3.14 -10.69
N THR H 489 37.61 -3.42 -9.52
CA THR H 489 39.04 -3.13 -9.21
C THR H 489 39.96 -4.12 -9.93
N TYR H 490 39.48 -5.34 -10.22
CA TYR H 490 40.21 -6.41 -10.96
C TYR H 490 40.07 -6.16 -12.46
N SER H 491 40.66 -5.06 -12.94
CA SER H 491 40.35 -4.40 -14.23
C SER H 491 41.29 -4.81 -15.36
N PHE H 492 42.32 -5.62 -15.09
CA PHE H 492 43.37 -5.99 -16.09
C PHE H 492 42.68 -6.45 -17.37
N ASN H 493 43.09 -5.87 -18.50
CA ASN H 493 42.58 -6.23 -19.86
C ASN H 493 41.05 -6.14 -19.86
N ASN H 494 40.50 -4.97 -19.51
CA ASN H 494 39.03 -4.73 -19.52
C ASN H 494 38.29 -5.84 -18.79
N HIS H 495 38.64 -6.08 -17.52
CA HIS H 495 37.95 -7.02 -16.59
C HIS H 495 37.81 -8.41 -17.22
N ILE H 496 38.92 -8.95 -17.74
CA ILE H 496 38.96 -10.32 -18.33
C ILE H 496 38.57 -11.33 -17.26
N GLN H 497 38.93 -11.08 -15.99
CA GLN H 497 38.59 -11.98 -14.85
C GLN H 497 37.06 -12.04 -14.66
N ARG H 498 36.38 -10.89 -14.58
CA ARG H 498 34.90 -10.87 -14.44
C ARG H 498 34.26 -11.51 -15.66
N ARG H 499 34.77 -11.20 -16.87
CA ARG H 499 34.20 -11.71 -18.15
C ARG H 499 34.43 -13.22 -18.24
N SER H 500 35.57 -13.73 -17.75
CA SER H 500 35.85 -15.18 -17.65
C SER H 500 34.87 -15.85 -16.68
N HIS H 501 34.67 -15.26 -15.49
CA HIS H 501 33.68 -15.72 -14.50
C HIS H 501 32.31 -15.81 -15.19
N GLU H 502 31.95 -14.77 -15.96
CA GLU H 502 30.61 -14.64 -16.59
C GLU H 502 30.48 -15.64 -17.74
N ARG H 503 31.58 -16.03 -18.37
CA ARG H 503 31.60 -17.13 -19.38
C ARG H 503 31.13 -18.41 -18.69
N ILE H 504 31.79 -18.75 -17.58
CA ILE H 504 31.56 -20.01 -16.81
C ILE H 504 30.12 -20.01 -16.27
N LYS H 505 29.65 -18.86 -15.78
CA LYS H 505 28.27 -18.69 -15.22
C LYS H 505 27.24 -19.08 -16.30
N ASP H 506 27.40 -18.59 -17.52
CA ASP H 506 26.44 -18.85 -18.63
C ASP H 506 26.40 -20.35 -18.89
N ALA H 507 27.55 -21.02 -18.85
CA ALA H 507 27.69 -22.46 -19.19
C ALA H 507 26.99 -23.33 -18.13
N LEU H 508 27.13 -22.97 -16.86
CA LEU H 508 26.71 -23.80 -15.71
C LEU H 508 25.29 -23.42 -15.27
N ASP H 509 24.83 -22.20 -15.54
CA ASP H 509 23.51 -21.68 -15.09
C ASP H 509 22.87 -20.85 -16.21
N PRO H 510 22.45 -21.51 -17.33
CA PRO H 510 22.06 -20.80 -18.55
C PRO H 510 20.81 -19.90 -18.43
N ASN H 511 19.93 -20.18 -17.47
CA ASN H 511 18.71 -19.35 -17.25
C ASN H 511 19.00 -18.28 -16.20
N GLY H 512 20.18 -18.30 -15.57
CA GLY H 512 20.62 -17.26 -14.61
C GLY H 512 19.87 -17.32 -13.30
N ILE H 513 19.68 -18.54 -12.76
CA ILE H 513 18.83 -18.82 -11.56
C ILE H 513 19.59 -18.49 -10.27
N LEU H 514 20.83 -18.97 -10.11
CA LEU H 514 21.57 -18.89 -8.82
C LEU H 514 22.09 -17.46 -8.57
N ASN H 515 21.68 -16.91 -7.42
CA ASN H 515 22.09 -15.63 -6.79
C ASN H 515 22.77 -14.69 -7.80
N PRO H 516 22.04 -14.18 -8.81
CA PRO H 516 22.65 -13.33 -9.82
C PRO H 516 23.40 -12.16 -9.19
N GLY H 517 24.65 -11.95 -9.58
CA GLY H 517 25.48 -10.80 -9.16
C GLY H 517 26.51 -11.15 -8.09
N LYS H 518 26.45 -12.35 -7.49
CA LYS H 518 27.40 -12.77 -6.42
C LYS H 518 28.81 -12.57 -6.95
N SER H 519 29.62 -11.76 -6.27
CA SER H 519 31.02 -11.46 -6.66
C SER H 519 31.07 -10.70 -8.00
N GLY H 520 29.97 -10.09 -8.43
CA GLY H 520 29.93 -9.30 -9.68
C GLY H 520 29.69 -10.16 -10.90
N ILE H 521 29.27 -11.41 -10.71
CA ILE H 521 29.05 -12.41 -11.80
C ILE H 521 27.56 -12.40 -12.14
N TRP H 522 27.20 -11.67 -13.19
CA TRP H 522 25.80 -11.58 -13.69
C TRP H 522 25.55 -12.64 -14.76
N PRO H 523 24.28 -13.07 -14.92
CA PRO H 523 23.86 -13.93 -16.02
C PRO H 523 23.64 -13.13 -17.32
N GLU H 524 23.63 -13.81 -18.47
CA GLU H 524 23.41 -13.17 -19.79
C GLU H 524 22.15 -12.31 -19.73
N ARG H 525 21.05 -12.83 -19.17
CA ARG H 525 19.70 -12.21 -19.29
C ARG H 525 19.63 -10.90 -18.51
N LEU H 526 20.66 -10.52 -17.76
CA LEU H 526 20.64 -9.30 -16.91
C LEU H 526 21.60 -8.22 -17.43
N ARG H 527 22.76 -8.58 -18.00
CA ARG H 527 23.85 -7.62 -18.32
C ARG H 527 23.39 -6.49 -19.25
PA FAD I . 25.89 13.45 -58.87
O1A FAD I . 25.80 12.41 -59.95
O2A FAD I . 26.74 14.66 -59.12
O5B FAD I . 24.41 13.92 -58.45
C5B FAD I . 23.29 12.98 -58.42
C4B FAD I . 22.00 13.65 -58.80
O4B FAD I . 21.59 14.62 -57.80
C3B FAD I . 21.98 14.46 -60.11
O3B FAD I . 21.74 13.68 -61.28
C2B FAD I . 20.79 15.39 -59.84
O2B FAD I . 19.56 14.70 -59.80
C1B FAD I . 21.08 15.79 -58.41
N9A FAD I . 22.04 16.87 -58.26
C8A FAD I . 23.39 16.77 -57.94
N7A FAD I . 23.99 17.93 -57.84
C5A FAD I . 22.98 18.86 -58.08
C6A FAD I . 22.97 20.26 -58.12
N6A FAD I . 24.05 21.01 -57.87
N1A FAD I . 21.80 20.88 -58.39
C2A FAD I . 20.71 20.12 -58.61
N3A FAD I . 20.59 18.80 -58.60
C4A FAD I . 21.78 18.21 -58.34
N1 FAD I . 25.87 6.04 -52.72
C2 FAD I . 25.69 6.36 -51.41
O2 FAD I . 24.99 7.33 -51.10
N3 FAD I . 26.27 5.67 -50.40
C4 FAD I . 27.07 4.58 -50.62
O4 FAD I . 27.59 4.00 -49.66
C4X FAD I . 27.26 4.18 -51.97
N5 FAD I . 28.01 3.14 -52.22
C5X FAD I . 28.17 2.76 -53.53
C6 FAD I . 28.95 1.62 -53.79
C7 FAD I . 29.18 1.17 -55.07
C7M FAD I . 30.01 -0.06 -55.30
C8 FAD I . 28.60 1.87 -56.17
C8M FAD I . 28.84 1.41 -57.59
C9 FAD I . 27.83 3.02 -55.91
C9A FAD I . 27.60 3.49 -54.60
N10 FAD I . 26.84 4.62 -54.30
C10 FAD I . 26.61 4.99 -52.98
C1' FAD I . 26.20 5.41 -55.37
C2' FAD I . 27.08 6.57 -55.92
O2' FAD I . 28.41 6.14 -56.17
C3' FAD I . 27.14 7.79 -54.99
O3' FAD I . 25.84 8.10 -54.51
C4' FAD I . 27.76 9.04 -55.64
O4' FAD I . 28.21 9.95 -54.64
C5' FAD I . 26.81 9.78 -56.55
O5' FAD I . 27.58 10.54 -57.54
P FAD I . 27.86 12.08 -57.30
O1P FAD I . 28.82 12.59 -58.32
O2P FAD I . 28.17 12.29 -55.85
O3P FAD I . 26.40 12.70 -57.57
CAA H7Y J . 27.46 -0.79 -50.93
CAD H7Y J . 26.44 0.26 -50.66
CAE H7Y J . 25.83 0.95 -51.87
CAJ H7Y J . 24.85 1.90 -51.70
CAH H7Y J . 24.61 2.28 -50.40
CAF H7Y J . 24.12 2.43 -52.76
CAG H7Y J . 23.15 3.38 -52.49
CAK H7Y J . 22.92 3.76 -51.18
OAC H7Y J . 21.97 4.70 -50.91
CAL H7Y J . 23.66 3.22 -50.12
OAI H7Y J . 23.43 3.60 -48.83
CAB H7Y J . 24.36 3.12 -47.81
PA FAD K . -2.13 24.55 -32.00
O1A FAD K . -2.72 25.86 -31.58
O2A FAD K . -3.10 23.43 -32.12
O5B FAD K . -1.34 24.72 -33.37
C5B FAD K . -0.54 25.88 -33.64
C4B FAD K . -0.61 26.19 -35.11
O4B FAD K . -0.10 25.07 -35.86
C3B FAD K . -2.00 26.44 -35.68
O3B FAD K . -2.40 27.80 -35.55
C2B FAD K . -1.79 26.07 -37.15
O2B FAD K . -1.14 27.10 -37.86
C1B FAD K . -0.88 24.85 -37.02
N9A FAD K . -1.59 23.60 -36.87
C8A FAD K . -1.86 22.97 -35.67
N7A FAD K . -2.52 21.85 -35.82
C5A FAD K . -2.71 21.74 -37.19
C6A FAD K . -3.35 20.77 -37.97
N6A FAD K . -3.93 19.68 -37.45
N1A FAD K . -3.37 20.97 -39.30
C2A FAD K . -2.78 22.07 -39.80
N3A FAD K . -2.14 23.04 -39.16
C4A FAD K . -2.14 22.82 -37.84
N1 FAD K . 6.16 26.39 -27.26
C2 FAD K . 7.15 25.50 -27.46
O2 FAD K . 7.26 24.92 -28.55
N3 FAD K . 8.03 25.17 -26.50
C4 FAD K . 8.00 25.75 -25.26
O4 FAD K . 8.82 25.39 -24.42
C4X FAD K . 7.00 26.71 -25.01
N5 FAD K . 6.95 27.28 -23.83
C5X FAD K . 5.96 28.21 -23.63
C6 FAD K . 5.90 28.82 -22.36
C7 FAD K . 4.94 29.74 -22.05
C7M FAD K . 4.91 30.37 -20.69
C8 FAD K . 3.98 30.09 -23.04
C8M FAD K . 2.93 31.12 -22.74
C9 FAD K . 4.02 29.50 -24.28
C9A FAD K . 5.01 28.55 -24.60
N10 FAD K . 5.09 27.93 -25.85
C10 FAD K . 6.08 26.98 -26.09
C1' FAD K . 4.09 28.22 -26.90
C2' FAD K . 2.86 27.28 -26.82
O2' FAD K . 2.43 27.12 -25.45
C3' FAD K . 3.10 25.87 -27.38
O3' FAD K . 3.93 25.90 -28.52
C4' FAD K . 1.82 25.10 -27.73
O4' FAD K . 2.11 23.70 -27.80
C5' FAD K . 1.20 25.49 -29.05
O5' FAD K . -0.24 25.29 -28.97
P FAD K . -0.88 23.91 -29.45
O1P FAD K . -2.27 23.89 -28.89
O2P FAD K . 0.03 22.77 -29.13
O3P FAD K . -0.92 24.13 -31.03
CAA H7Y L . 9.99 29.36 -21.73
CAD H7Y L . 10.05 28.89 -23.17
CAE H7Y L . 9.23 29.64 -24.23
CAJ H7Y L . 9.27 29.22 -25.54
CAH H7Y L . 10.22 28.29 -25.84
CAF H7Y L . 8.40 29.69 -26.55
CAG H7Y L . 8.51 29.19 -27.84
CAK H7Y L . 9.47 28.23 -28.12
OAC H7Y L . 9.60 27.70 -29.37
CAL H7Y L . 10.32 27.78 -27.11
OAI H7Y L . 11.28 26.82 -27.40
CAB H7Y L . 12.07 26.26 -26.29
PA FAD M . -55.32 33.26 21.47
O1A FAD M . -55.24 33.09 22.94
O2A FAD M . -56.27 34.27 20.92
O5B FAD M . -53.86 33.56 20.88
C5B FAD M . -52.69 32.93 21.46
C4B FAD M . -51.51 33.87 21.35
O4B FAD M . -51.20 34.13 19.96
C3B FAD M . -51.69 35.25 21.98
O3B FAD M . -51.37 35.20 23.37
C2B FAD M . -50.69 36.08 21.18
O2B FAD M . -49.38 35.90 21.65
C1B FAD M . -50.87 35.49 19.79
N9A FAD M . -51.94 36.13 19.06
C8A FAD M . -53.25 35.73 18.95
N7A FAD M . -53.97 36.54 18.22
C5A FAD M . -53.09 37.55 17.85
C6A FAD M . -53.27 38.72 17.08
N6A FAD M . -54.42 39.09 16.52
N1A FAD M . -52.17 39.50 16.91
C2A FAD M . -51.01 39.13 17.48
N3A FAD M . -50.73 38.06 18.21
C4A FAD M . -51.83 37.30 18.36
N1 FAD M . -53.73 23.56 20.78
C2 FAD M . -53.57 23.09 19.52
O2 FAD M . -52.97 23.74 18.67
N3 FAD M . -54.08 21.87 19.12
C4 FAD M . -54.76 21.06 20.00
O4 FAD M . -55.23 19.99 19.60
C4X FAD M . -54.94 21.53 21.33
N5 FAD M . -55.59 20.77 22.18
C5X FAD M . -55.73 21.23 23.46
C6 FAD M . -56.42 20.41 24.37
C7 FAD M . -56.62 20.79 25.68
C7M FAD M . -57.35 19.87 26.62
C8 FAD M . -56.12 22.03 26.10
C8M FAD M . -56.31 22.44 27.54
C9 FAD M . -55.46 22.85 25.22
C9A FAD M . -55.23 22.47 23.88
N10 FAD M . -54.55 23.26 22.95
C10 FAD M . -54.36 22.82 21.65
C1' FAD M . -54.03 24.60 23.34
C2' FAD M . -55.08 25.71 23.15
O2' FAD M . -56.36 25.31 23.66
C3' FAD M . -55.27 26.16 21.70
O3' FAD M . -54.01 26.34 21.08
C4' FAD M . -56.11 27.42 21.48
O4' FAD M . -56.63 27.37 20.16
C5' FAD M . -55.35 28.72 21.63
O5' FAD M . -56.21 29.80 22.15
P FAD M . -56.91 30.87 21.18
O1P FAD M . -57.96 31.68 21.86
O2P FAD M . -57.34 30.12 19.97
O3P FAD M . -55.67 31.83 20.83
CAA H7Y N . -55.07 17.36 23.07
CAD H7Y N . -53.96 18.15 22.36
CAE H7Y N . -52.92 18.95 23.17
CAJ H7Y N . -52.06 19.77 22.46
CAH H7Y N . -51.84 19.42 21.16
CAF H7Y N . -51.47 20.95 22.96
CAG H7Y N . -50.64 21.74 22.15
CAK H7Y N . -50.41 21.36 20.83
OAC H7Y N . -49.62 22.09 19.97
CAL H7Y N . -51.02 20.19 20.34
OAI H7Y N . -50.81 19.80 19.05
CAB H7Y N . -51.70 18.79 18.49
PA FAD O . -27.83 30.57 -7.93
O1A FAD O . -27.47 31.43 -9.10
O2A FAD O . -26.70 29.91 -7.21
O5B FAD O . -28.68 31.42 -6.85
C5B FAD O . -29.71 32.38 -7.19
C4B FAD O . -29.74 33.50 -6.18
O4B FAD O . -30.15 32.98 -4.88
C3B FAD O . -28.42 34.23 -5.92
O3B FAD O . -28.23 35.37 -6.75
C2B FAD O . -28.60 34.72 -4.48
O2B FAD O . -29.33 35.92 -4.47
C1B FAD O . -29.35 33.54 -3.85
N9A FAD O . -28.48 32.49 -3.31
C8A FAD O . -28.09 31.34 -3.95
N7A FAD O . -27.29 30.60 -3.22
C5A FAD O . -27.14 31.30 -2.04
C6A FAD O . -26.40 31.03 -0.86
N6A FAD O . -25.66 29.95 -0.70
N1A FAD O . -26.46 31.96 0.12
C2A FAD O . -27.23 33.06 -0.05
N3A FAD O . -27.97 33.41 -1.11
C4A FAD O . -27.87 32.48 -2.08
N1 FAD O . -36.14 28.09 -12.52
C2 FAD O . -37.00 27.35 -11.81
O2 FAD O . -37.11 27.50 -10.61
N3 FAD O . -37.76 26.37 -12.39
C4 FAD O . -37.71 26.10 -13.73
O4 FAD O . -38.43 25.22 -14.19
C4X FAD O . -36.82 26.88 -14.52
N5 FAD O . -36.75 26.65 -15.81
C5X FAD O . -35.87 27.42 -16.55
C6 FAD O . -35.79 27.18 -17.93
C7 FAD O . -34.94 27.89 -18.74
C7M FAD O . -34.92 27.59 -20.22
C8 FAD O . -34.13 28.91 -18.19
C8M FAD O . -33.19 29.70 -19.06
C9 FAD O . -34.18 29.15 -16.82
C9A FAD O . -35.06 28.42 -15.97
N10 FAD O . -35.16 28.63 -14.59
C10 FAD O . -36.04 27.88 -13.83
C1' FAD O . -34.33 29.67 -13.93
C2' FAD O . -32.94 29.17 -13.51
O2' FAD O . -32.35 28.39 -14.57
C3' FAD O . -32.93 28.31 -12.22
O3' FAD O . -33.76 28.92 -11.23
C4' FAD O . -31.53 28.03 -11.67
O4' FAD O . -31.52 26.81 -10.92
C5' FAD O . -31.00 29.12 -10.76
O5' FAD O . -29.54 29.06 -10.75
P FAD O . -28.78 28.32 -9.54
O1P FAD O . -27.35 28.08 -9.91
O2P FAD O . -29.55 27.12 -9.13
O3P FAD O . -28.87 29.45 -8.40
CAA H7Y P . -40.32 27.28 -18.65
CAD H7Y P . -40.35 27.66 -17.21
CAE H7Y P . -39.28 28.61 -16.66
CAJ H7Y P . -39.36 28.99 -15.35
CAH H7Y P . -40.15 28.23 -14.53
CAF H7Y P . -38.71 30.11 -14.85
CAG H7Y P . -38.84 30.45 -13.52
CAK H7Y P . -39.63 29.69 -12.70
OAC H7Y P . -39.77 30.00 -11.36
CAL H7Y P . -40.30 28.56 -13.20
OAI H7Y P . -41.09 27.80 -12.36
CAB H7Y P . -41.97 26.76 -12.89
PA FAD Q . 0.51 -13.74 27.15
O1A FAD Q . 0.75 -12.80 26.01
O2A FAD Q . 1.70 -14.29 27.89
O5B FAD Q . -0.48 -13.04 28.20
C5B FAD Q . -1.60 -12.24 27.74
C4B FAD Q . -1.76 -11.03 28.62
O4B FAD Q . -2.07 -11.42 29.99
C3B FAD Q . -0.52 -10.14 28.75
O3B FAD Q . -0.51 -9.19 27.68
C2B FAD Q . -0.75 -9.49 30.12
O2B FAD Q . -1.65 -8.39 30.04
C1B FAD Q . -1.33 -10.65 30.91
N9A FAD Q . -0.34 -11.54 31.55
C8A FAD Q . 0.17 -12.70 31.01
N7A FAD Q . 1.04 -13.29 31.81
C5A FAD Q . 1.09 -12.47 32.94
C6A FAD Q . 1.82 -12.57 34.13
N6A FAD Q . 2.67 -13.58 34.40
N1A FAD Q . 1.66 -11.58 35.05
C2A FAD Q . 0.80 -10.58 34.77
N3A FAD Q . 0.05 -10.39 33.68
C4A FAD Q . 0.25 -11.39 32.78
N1 FAD Q . -7.22 -17.63 22.84
C2 FAD Q . -8.02 -18.42 23.59
O2 FAD Q . -8.11 -18.28 24.80
N3 FAD Q . -8.76 -19.42 23.04
C4 FAD Q . -8.76 -19.66 21.69
O4 FAD Q . -9.43 -20.57 21.24
C4X FAD Q . -7.94 -18.85 20.88
N5 FAD Q . -7.91 -19.07 19.59
C5X FAD Q . -7.09 -18.29 18.83
C6 FAD Q . -7.07 -18.55 17.45
C7 FAD Q . -6.27 -17.83 16.59
C7M FAD Q . -6.29 -18.16 15.13
C8 FAD Q . -5.47 -16.77 17.11
C8M FAD Q . -4.59 -15.93 16.20
C9 FAD Q . -5.49 -16.51 18.48
C9A FAD Q . -6.30 -17.26 19.35
N10 FAD Q . -6.37 -17.03 20.73
C10 FAD Q . -7.17 -17.83 21.54
C1' FAD Q . -5.48 -16.03 21.37
C2' FAD Q . -4.19 -16.73 21.77
O2' FAD Q . -3.99 -17.89 20.93
C3' FAD Q . -4.14 -17.27 23.20
O3' FAD Q . -5.03 -16.57 24.07
C4' FAD Q . -2.72 -17.23 23.75
O4' FAD Q . -2.51 -18.31 24.67
C5' FAD Q . -2.41 -15.90 24.42
O5' FAD Q . -0.99 -15.67 24.38
P FAD Q . -0.10 -16.18 25.60
O1P FAD Q . 1.31 -16.12 25.10
O2P FAD Q . -0.66 -17.46 26.14
O3P FAD Q . -0.36 -14.99 26.66
CAA H7Y R . -11.01 -19.15 16.55
CAD H7Y R . -11.19 -18.83 18.01
CAE H7Y R . -10.56 -17.54 18.54
CAJ H7Y R . -10.70 -17.18 19.87
CAH H7Y R . -11.55 -17.92 20.66
CAF H7Y R . -10.00 -16.10 20.42
CAG H7Y R . -10.16 -15.78 21.76
CAK H7Y R . -11.03 -16.53 22.55
OAC H7Y R . -11.22 -16.24 23.88
CAL H7Y R . -11.72 -17.61 22.00
OAI H7Y R . -12.56 -18.32 22.82
CAB H7Y R . -13.11 -19.55 22.28
PA FAD S . -26.87 -13.09 56.47
O1A FAD S . -26.68 -13.10 57.95
O2A FAD S . -27.97 -12.25 55.95
O5B FAD S . -25.49 -12.68 55.75
C5B FAD S . -24.18 -13.09 56.22
C4B FAD S . -23.20 -11.94 56.10
O4B FAD S . -22.93 -11.66 54.69
C3B FAD S . -23.69 -10.60 56.64
O3B FAD S . -23.51 -10.52 58.04
C2B FAD S . -22.76 -9.66 55.86
O2B FAD S . -21.43 -9.73 56.30
C1B FAD S . -22.88 -10.27 54.47
N9A FAD S . -24.07 -9.87 53.74
C8A FAD S . -25.29 -10.50 53.70
N7A FAD S . -26.16 -9.89 52.92
C5A FAD S . -25.47 -8.80 52.41
C6A FAD S . -25.84 -7.76 51.53
N6A FAD S . -27.04 -7.67 50.97
N1A FAD S . -24.91 -6.81 51.24
C2A FAD S . -23.71 -6.92 51.81
N3A FAD S . -23.24 -7.85 52.65
C4A FAD S . -24.19 -8.77 52.91
N1 FAD S . -24.29 -22.39 56.49
C2 FAD S . -23.97 -22.89 55.27
O2 FAD S . -23.51 -22.17 54.39
N3 FAD S . -24.15 -24.20 54.98
C4 FAD S . -24.64 -25.09 55.89
O4 FAD S . -24.79 -26.26 55.57
C4X FAD S . -24.97 -24.61 57.18
N5 FAD S . -25.44 -25.45 58.06
C5X FAD S . -25.74 -24.97 59.31
C6 FAD S . -26.22 -25.88 60.25
C7 FAD S . -26.55 -25.49 61.53
C7M FAD S . -27.05 -26.51 62.52
C8 FAD S . -26.38 -24.13 61.89
C8M FAD S . -26.71 -23.68 63.30
C9 FAD S . -25.92 -23.21 60.96
C9A FAD S . -25.58 -23.60 59.64
N10 FAD S . -25.09 -22.73 58.67
C10 FAD S . -24.76 -23.21 57.41
C1' FAD S . -24.92 -21.29 58.95
C2' FAD S . -26.17 -20.43 58.63
O2' FAD S . -27.37 -21.06 59.09
C3' FAD S . -26.36 -20.12 57.13
O3' FAD S . -25.11 -19.99 56.47
C4' FAD S . -27.22 -18.87 56.85
O4' FAD S . -27.68 -18.89 55.49
C5' FAD S . -26.48 -17.55 57.03
O5' FAD S . -27.42 -16.51 57.45
P FAD S . -28.19 -15.66 56.34
O1P FAD S . -29.37 -14.97 56.96
O2P FAD S . -28.43 -16.52 55.14
O3P FAD S . -27.06 -14.60 55.98
CAA H7Y T . -23.79 -28.83 59.67
CAD H7Y T . -23.08 -27.96 58.65
CAE H7Y T . -22.52 -26.60 59.08
CAJ H7Y T . -21.89 -25.76 58.18
CAH H7Y T . -21.56 -26.27 56.94
CAF H7Y T . -21.57 -24.43 58.48
CAG H7Y T . -20.93 -23.63 57.52
CAK H7Y T . -20.62 -24.16 56.27
OAC H7Y T . -19.99 -23.44 55.29
CAL H7Y T . -20.94 -25.48 55.98
OAI H7Y T . -20.61 -25.99 54.74
CAB H7Y T . -21.53 -27.02 54.26
PA FAD U . 55.07 -30.70 -21.08
O1A FAD U . 55.11 -31.81 -22.08
O2A FAD U . 55.65 -29.39 -21.47
O5B FAD U . 53.57 -30.49 -20.57
C5B FAD U . 52.68 -31.63 -20.53
C4B FAD U . 51.27 -31.15 -20.71
O4B FAD U . 51.11 -29.89 -20.03
C3B FAD U . 50.83 -30.88 -22.16
O3B FAD U . 50.26 -32.06 -22.70
C2B FAD U . 49.77 -29.77 -22.01
O2B FAD U . 48.46 -30.28 -21.88
C1B FAD U . 50.19 -29.06 -20.72
N9A FAD U . 50.85 -27.80 -20.89
C8A FAD U . 52.19 -27.58 -20.74
N7A FAD U . 52.51 -26.33 -20.96
C5A FAD U . 51.31 -25.70 -21.24
C6A FAD U . 51.01 -24.36 -21.54
N6A FAD U . 51.92 -23.40 -21.61
N1A FAD U . 49.70 -24.06 -21.77
C2A FAD U . 48.80 -25.05 -21.70
N3A FAD U . 48.97 -26.35 -21.42
C4A FAD U . 50.27 -26.60 -21.19
N1 FAD U . 56.29 -37.02 -13.69
C2 FAD U . 56.08 -36.49 -12.47
O2 FAD U . 55.21 -35.65 -12.29
N3 FAD U . 56.84 -36.86 -11.39
C4 FAD U . 57.84 -37.79 -11.49
O4 FAD U . 58.49 -38.08 -10.49
C4X FAD U . 58.07 -38.37 -12.74
N5 FAD U . 59.01 -39.25 -12.85
C5X FAD U . 59.21 -39.82 -14.08
C6 FAD U . 60.21 -40.80 -14.20
C7 FAD U . 60.46 -41.43 -15.39
C7M FAD U . 61.53 -42.49 -15.46
C8 FAD U . 59.69 -41.08 -16.54
C8M FAD U . 59.92 -41.78 -17.87
C9 FAD U . 58.71 -40.10 -16.44
C9A FAD U . 58.45 -39.46 -15.21
N10 FAD U . 57.47 -38.47 -15.07
C10 FAD U . 57.23 -37.92 -13.82
C1' FAD U . 56.63 -38.05 -16.21
C2' FAD U . 57.19 -36.85 -17.02
O2' FAD U . 58.49 -37.16 -17.55
C3' FAD U . 57.29 -35.52 -16.25
O3' FAD U . 56.08 -35.26 -15.56
C4' FAD U . 57.61 -34.28 -17.09
O4' FAD U . 57.84 -33.19 -16.20
C5' FAD U . 56.54 -33.85 -18.07
O5' FAD U . 57.14 -33.23 -19.27
P FAD U . 57.28 -31.63 -19.36
O1P FAD U . 58.18 -31.25 -20.47
O2P FAD U . 57.62 -31.17 -17.98
O3P FAD U . 55.77 -31.19 -19.72
PA FAD V . 26.66 -19.24 5.11
O1A FAD V . 25.93 -17.99 5.48
O2A FAD V . 25.91 -20.52 5.13
O5B FAD V . 27.34 -19.09 3.67
C5B FAD V . 27.91 -17.85 3.20
C4B FAD V . 27.84 -17.84 1.69
O4B FAD V . 28.48 -19.04 1.20
C3B FAD V . 26.43 -17.85 1.08
O3B FAD V . 25.94 -16.55 0.83
C2B FAD V . 26.64 -18.60 -0.23
O2B FAD V . 27.01 -17.74 -1.28
C1B FAD V . 27.77 -19.58 0.12
N9A FAD V . 27.27 -20.90 0.50
C8A FAD V . 27.17 -21.42 1.78
N7A FAD V . 26.63 -22.62 1.78
C5A FAD V . 26.35 -22.89 0.45
C6A FAD V . 25.77 -23.99 -0.18
N6A FAD V . 25.33 -25.06 0.46
N1A FAD V . 25.62 -23.92 -1.53
C2A FAD V . 26.06 -22.83 -2.16
N3A FAD V . 26.62 -21.73 -1.68
C4A FAD V . 26.74 -21.82 -0.34
N1 FAD V . 34.67 -15.37 9.08
C2 FAD V . 35.80 -16.13 8.95
O2 FAD V . 35.98 -16.87 7.98
N3 FAD V . 36.78 -16.11 9.91
C4 FAD V . 36.68 -15.33 11.03
O4 FAD V . 37.58 -15.34 11.86
C4X FAD V . 35.54 -14.53 11.17
N5 FAD V . 35.46 -13.77 12.23
C5X FAD V . 34.36 -12.98 12.36
C6 FAD V . 34.28 -12.16 13.50
C7 FAD V . 33.20 -11.35 13.71
C7M FAD V . 33.15 -10.47 14.94
C8 FAD V . 32.15 -11.33 12.76
C8M FAD V . 30.98 -10.41 12.96
C9 FAD V . 32.22 -12.12 11.63
C9A FAD V . 33.32 -12.97 11.41
N10 FAD V . 33.43 -13.79 10.30
C10 FAD V . 34.55 -14.59 10.14
C1' FAD V . 32.36 -13.80 9.28
C2' FAD V . 31.24 -14.79 9.59
O2' FAD V . 30.89 -14.81 10.98
C3' FAD V . 31.62 -16.21 9.15
O3' FAD V . 32.33 -16.15 7.93
C4' FAD V . 30.41 -17.13 9.00
O4' FAD V . 30.81 -18.47 9.26
C5' FAD V . 29.80 -17.07 7.62
O5' FAD V . 28.41 -17.50 7.66
P FAD V . 28.10 -19.07 7.59
O1P FAD V . 26.75 -19.30 8.20
O2P FAD V . 29.32 -19.75 8.11
O3P FAD V . 27.98 -19.32 6.02
#